data_4BLD
#
_entry.id   4BLD
#
_cell.length_a   116.610
_cell.length_b   136.550
_cell.length_c   116.740
_cell.angle_alpha   90.00
_cell.angle_beta   105.25
_cell.angle_gamma   90.00
#
_symmetry.space_group_name_H-M   'P 1 21 1'
#
loop_
_entity.id
_entity.type
_entity.pdbx_description
1 polymer 'MALTOSE-BINDING PERIPLASMIC PROTEIN, SUPPRESSOR OF FUSED HOMOLOG'
2 polymer 'TRANSCRIPTIONAL ACTIVATOR GLI3'
3 branched alpha-D-glucopyranose-(1-4)-alpha-D-glucopyranose
4 non-polymer 'ZINC ION'
#
loop_
_entity_poly.entity_id
_entity_poly.type
_entity_poly.pdbx_seq_one_letter_code
_entity_poly.pdbx_strand_id
1 'polypeptide(L)'
;MKTEEGKLVIWINGDKGYNGLAEVGKKFEKDTGIKVTVEHPDKLEEKFPQVAATGDGPDIIFWAHDRFGGYAQSGLLAEI
TPDKAFQDKLYPFTWDAVRYNGKLIAYPIAVEALSLIYNKDLLPNPPKTWEEIPALDKELKAKGKSALMFNLQEPYFTWP
LIAADGGYAFKYENGKYDIKDVGVDNAGAKAGLTFLVDLIKNKHMNADTDYSIAEHAFNHGETAMTINGPWAWSNIDTSK
VNYGVTVLPTFKGQPSKPFVGVLSAGINAASPNKELAKEFLENYLLTDEGLEAVNKDKPLGAVALKSYEEELAKDPRIAA
TMENAQKGEIMPNIPQMSAFWYAVRTAVINAASGRQTVDAALAAAQTNAAAPGLHAIYGECRRLYPDQPNPLQVTAIVKY
DSFGPDPLDYVSMYRNVGSPSANIPEHWHYISFGLSDLYGDNRVHEFTGTDGPSGFGFELTFRLKRETGESAPPTWPAEL
MQGLARYVFQSENTFCSGDHVSWHSPLDNSESRIQHMLLTEDPQMQPVQTPFGVVTFLQIVGVCTEELHSAQQWNGQGIL
ELLRTVPIAGGPWLITDMRRGETIFEIDPHLQERVDKGIETDGSNLSGVSAKCAWDDLPSRGEDPIRTRQLESVHLKFNQ
ESGALIPLCLRGRLLHGRHFTYKSITGDMAITFVSTGVEGAFATEEHPYAAHGPWLQILLTEEFVEKMLEDLEDLTSAAL
PKEYSWPEKKLKVSILPDVVFDSPLVEHHHHHH
;
A,B,C,D
2 'polypeptide(L)' SSASGSYGHLSASAISP E,F,G,H
#
# COMPACT_ATOMS: atom_id res chain seq x y z
N MET A 1 -18.20 57.95 49.31
CA MET A 1 -17.17 58.95 49.04
C MET A 1 -15.82 58.28 48.86
N LYS A 2 -15.03 58.79 47.92
CA LYS A 2 -13.73 58.21 47.66
C LYS A 2 -12.61 59.19 47.98
N THR A 3 -11.68 58.75 48.82
CA THR A 3 -10.54 59.56 49.23
C THR A 3 -9.29 58.85 48.76
N GLU A 4 -8.95 59.08 47.50
CA GLU A 4 -7.93 58.33 46.80
C GLU A 4 -7.76 58.96 45.43
N GLU A 5 -6.66 58.61 44.79
CA GLU A 5 -6.41 59.05 43.43
C GLU A 5 -6.62 57.85 42.52
N GLY A 6 -7.17 58.11 41.34
CA GLY A 6 -7.45 57.06 40.39
C GLY A 6 -6.20 56.79 39.59
N LYS A 7 -6.31 55.84 38.67
CA LYS A 7 -5.21 55.51 37.78
C LYS A 7 -5.83 55.04 36.48
N LEU A 8 -5.00 54.87 35.46
CA LEU A 8 -5.53 54.37 34.19
C LEU A 8 -4.70 53.22 33.69
N VAL A 9 -5.32 52.06 33.50
CA VAL A 9 -4.66 50.97 32.82
C VAL A 9 -5.25 50.88 31.41
N ILE A 10 -4.39 50.83 30.40
CA ILE A 10 -4.86 50.85 29.02
C ILE A 10 -4.30 49.64 28.28
N TRP A 11 -5.17 48.97 27.53
CA TRP A 11 -4.77 47.87 26.65
C TRP A 11 -4.89 48.26 25.19
N ILE A 12 -3.81 48.03 24.44
CA ILE A 12 -3.79 48.27 23.02
C ILE A 12 -2.96 47.17 22.37
N ASN A 13 -3.28 46.82 21.14
CA ASN A 13 -2.59 45.71 20.49
C ASN A 13 -1.12 46.07 20.21
N GLY A 14 -0.25 45.05 20.29
CA GLY A 14 1.18 45.24 20.13
C GLY A 14 1.68 45.75 18.79
N ASP A 15 0.83 45.71 17.77
CA ASP A 15 1.20 46.23 16.45
C ASP A 15 0.86 47.72 16.29
N LYS A 16 0.27 48.32 17.33
CA LYS A 16 -0.14 49.71 17.31
C LYS A 16 0.86 50.63 18.03
N GLY A 17 0.68 51.94 17.88
CA GLY A 17 1.59 52.94 18.41
C GLY A 17 1.46 53.19 19.90
N TYR A 18 1.81 52.19 20.71
CA TYR A 18 1.58 52.23 22.16
C TYR A 18 2.54 53.11 22.97
N ASN A 19 3.74 53.34 22.44
CA ASN A 19 4.66 54.31 23.04
C ASN A 19 4.17 55.76 22.89
N GLY A 20 3.61 56.08 21.74
CA GLY A 20 3.01 57.39 21.54
C GLY A 20 1.82 57.57 22.48
N LEU A 21 1.01 56.53 22.60
CA LEU A 21 -0.06 56.54 23.58
C LEU A 21 0.47 56.70 24.99
N ALA A 22 1.61 56.07 25.28
CA ALA A 22 2.22 56.24 26.59
C ALA A 22 2.70 57.68 26.78
N GLU A 23 3.13 58.31 25.70
CA GLU A 23 3.48 59.73 25.75
C GLU A 23 2.26 60.62 26.03
N VAL A 24 1.13 60.32 25.39
CA VAL A 24 -0.11 61.04 25.69
C VAL A 24 -0.50 60.82 27.15
N GLY A 25 -0.26 59.61 27.65
CA GLY A 25 -0.52 59.33 29.06
C GLY A 25 0.44 60.07 29.98
N LYS A 26 1.68 60.21 29.53
CA LYS A 26 2.68 60.96 30.29
C LYS A 26 2.22 62.41 30.40
N LYS A 27 1.69 62.97 29.31
CA LYS A 27 1.15 64.33 29.37
C LYS A 27 -0.05 64.40 30.31
N PHE A 28 -0.93 63.41 30.23
CA PHE A 28 -2.07 63.35 31.15
C PHE A 28 -1.55 63.38 32.59
N GLU A 29 -0.51 62.60 32.87
CA GLU A 29 0.05 62.56 34.21
C GLU A 29 0.63 63.92 34.57
N LYS A 30 1.30 64.57 33.63
CA LYS A 30 1.84 65.89 33.93
C LYS A 30 0.72 66.86 34.34
N ASP A 31 -0.34 66.91 33.55
CA ASP A 31 -1.40 67.89 33.81
C ASP A 31 -2.29 67.53 34.99
N THR A 32 -2.53 66.24 35.19
CA THR A 32 -3.52 65.78 36.15
C THR A 32 -2.92 65.10 37.39
N GLY A 33 -1.72 64.55 37.26
CA GLY A 33 -1.10 63.83 38.36
C GLY A 33 -1.49 62.36 38.43
N ILE A 34 -2.35 61.94 37.50
CA ILE A 34 -2.85 60.57 37.45
C ILE A 34 -2.00 59.72 36.52
N LYS A 35 -1.45 58.64 37.07
CA LYS A 35 -0.59 57.78 36.29
C LYS A 35 -1.39 56.96 35.29
N VAL A 36 -0.81 56.80 34.11
CA VAL A 36 -1.40 56.06 33.02
C VAL A 36 -0.43 54.96 32.63
N THR A 37 -0.86 53.71 32.74
CA THR A 37 -0.03 52.56 32.40
C THR A 37 -0.56 51.90 31.13
N VAL A 38 0.23 51.98 30.06
CA VAL A 38 -0.13 51.36 28.79
C VAL A 38 0.51 49.98 28.67
N GLU A 39 -0.33 48.97 28.41
CA GLU A 39 0.15 47.60 28.23
C GLU A 39 -0.34 47.06 26.91
N HIS A 40 0.44 46.14 26.33
CA HIS A 40 0.08 45.50 25.07
C HIS A 40 0.18 43.98 25.17
N PRO A 41 -0.70 43.38 25.99
CA PRO A 41 -0.69 41.92 26.19
C PRO A 41 -1.07 41.16 24.93
N ASP A 42 -0.58 39.93 24.80
CA ASP A 42 -0.91 39.09 23.66
C ASP A 42 -2.35 38.60 23.82
N LYS A 43 -3.02 38.40 22.70
CA LYS A 43 -4.41 37.93 22.70
C LYS A 43 -5.35 38.77 23.58
N LEU A 44 -5.13 40.09 23.60
CA LEU A 44 -5.85 40.95 24.52
C LEU A 44 -7.35 40.91 24.21
N GLU A 45 -7.70 40.68 22.95
CA GLU A 45 -9.11 40.56 22.58
C GLU A 45 -9.75 39.32 23.21
N GLU A 46 -8.95 38.27 23.44
CA GLU A 46 -9.45 37.09 24.14
C GLU A 46 -9.33 37.24 25.65
N LYS A 47 -8.27 37.90 26.11
CA LYS A 47 -8.04 38.05 27.55
C LYS A 47 -9.03 39.00 28.23
N PHE A 48 -9.34 40.12 27.56
CA PHE A 48 -10.19 41.15 28.14
C PHE A 48 -11.46 40.55 28.75
N PRO A 49 -12.23 39.78 27.96
CA PRO A 49 -13.46 39.22 28.55
C PRO A 49 -13.16 38.27 29.74
N GLN A 50 -11.99 37.64 29.71
CA GLN A 50 -11.54 36.72 30.78
C GLN A 50 -11.25 37.47 32.09
N VAL A 51 -10.50 38.58 31.96
CA VAL A 51 -10.06 39.39 33.10
C VAL A 51 -11.16 40.30 33.64
N ALA A 52 -12.01 40.83 32.77
CA ALA A 52 -13.10 41.68 33.24
C ALA A 52 -13.99 40.90 34.21
N ALA A 53 -14.14 39.60 34.00
CA ALA A 53 -14.98 38.80 34.90
C ALA A 53 -14.34 38.73 36.29
N THR A 54 -13.02 38.79 36.34
CA THR A 54 -12.29 38.84 37.62
C THR A 54 -12.25 40.26 38.19
N GLY A 55 -12.59 41.25 37.38
CA GLY A 55 -12.57 42.63 37.81
C GLY A 55 -11.18 43.23 37.66
N ASP A 56 -10.28 42.49 37.02
CA ASP A 56 -8.87 42.90 36.91
C ASP A 56 -8.49 43.37 35.51
N GLY A 57 -9.48 43.78 34.71
CA GLY A 57 -9.20 44.30 33.38
C GLY A 57 -8.86 45.78 33.43
N PRO A 58 -8.50 46.35 32.26
CA PRO A 58 -8.05 47.74 32.17
C PRO A 58 -9.22 48.71 32.29
N ASP A 59 -8.92 49.98 32.48
CA ASP A 59 -9.96 51.00 32.50
C ASP A 59 -10.42 51.20 31.06
N ILE A 60 -9.46 51.21 30.14
CA ILE A 60 -9.71 51.43 28.72
C ILE A 60 -9.12 50.30 27.87
N ILE A 61 -9.89 49.82 26.90
CA ILE A 61 -9.41 48.81 25.95
C ILE A 61 -9.53 49.31 24.52
N PHE A 62 -8.41 49.26 23.80
CA PHE A 62 -8.39 49.61 22.39
C PHE A 62 -8.47 48.35 21.52
N TRP A 63 -9.35 48.38 20.53
CA TRP A 63 -9.41 47.34 19.50
C TRP A 63 -10.24 47.81 18.32
N ALA A 64 -10.16 47.10 17.20
CA ALA A 64 -11.10 47.33 16.11
C ALA A 64 -12.52 47.13 16.62
N HIS A 65 -13.48 47.83 16.02
CA HIS A 65 -14.84 47.88 16.55
C HIS A 65 -15.61 46.56 16.58
N ASP A 66 -15.15 45.59 15.79
CA ASP A 66 -15.92 44.37 15.59
C ASP A 66 -16.06 43.53 16.85
N ARG A 67 -15.13 43.69 17.77
CA ARG A 67 -15.16 42.96 19.02
C ARG A 67 -16.07 43.58 20.07
N PHE A 68 -16.41 44.85 19.90
CA PHE A 68 -16.97 45.58 21.05
C PHE A 68 -18.44 45.28 21.34
N GLY A 69 -19.19 44.85 20.33
CA GLY A 69 -20.58 44.46 20.50
C GLY A 69 -20.73 43.23 21.38
N GLY A 70 -19.82 42.28 21.19
CA GLY A 70 -19.77 41.11 22.05
C GLY A 70 -19.49 41.50 23.48
N TYR A 71 -18.50 42.35 23.69
CA TYR A 71 -18.16 42.79 25.04
C TYR A 71 -19.34 43.55 25.66
N ALA A 72 -19.94 44.42 24.85
CA ALA A 72 -21.12 45.17 25.26
C ALA A 72 -22.31 44.29 25.64
N GLN A 73 -22.63 43.34 24.77
CA GLN A 73 -23.73 42.43 25.01
C GLN A 73 -23.48 41.68 26.33
N SER A 74 -22.19 41.44 26.61
CA SER A 74 -21.77 40.73 27.82
C SER A 74 -21.69 41.66 29.02
N GLY A 75 -21.99 42.95 28.81
CA GLY A 75 -21.99 43.93 29.87
C GLY A 75 -20.63 44.38 30.36
N LEU A 76 -19.66 44.44 29.45
CA LEU A 76 -18.26 44.68 29.82
C LEU A 76 -17.84 46.13 29.53
N LEU A 77 -18.72 46.88 28.89
CA LEU A 77 -18.38 48.22 28.41
C LEU A 77 -19.34 49.23 29.00
N ALA A 78 -18.79 50.35 29.45
CA ALA A 78 -19.58 51.49 29.85
C ALA A 78 -20.07 52.24 28.63
N GLU A 79 -21.30 52.74 28.70
CA GLU A 79 -21.82 53.59 27.65
C GLU A 79 -21.05 54.91 27.68
N ILE A 80 -20.65 55.38 26.50
CA ILE A 80 -19.92 56.64 26.39
C ILE A 80 -20.92 57.75 26.06
N THR A 81 -20.71 58.91 26.67
CA THR A 81 -21.71 59.98 26.64
C THR A 81 -21.10 61.32 26.25
N PRO A 82 -20.60 61.41 25.00
CA PRO A 82 -20.04 62.69 24.54
C PRO A 82 -21.15 63.67 24.20
N ASP A 83 -20.92 64.96 24.45
CA ASP A 83 -21.86 65.99 24.04
C ASP A 83 -21.86 66.12 22.53
N LYS A 84 -22.84 66.84 22.00
CA LYS A 84 -22.95 67.02 20.55
C LYS A 84 -21.72 67.62 19.88
N ALA A 85 -21.11 68.63 20.47
CA ALA A 85 -19.91 69.27 19.91
C ALA A 85 -18.76 68.29 19.65
N PHE A 86 -18.53 67.41 20.62
CA PHE A 86 -17.50 66.42 20.47
C PHE A 86 -17.92 65.38 19.44
N GLN A 87 -19.17 64.95 19.47
CA GLN A 87 -19.63 64.02 18.45
C GLN A 87 -19.44 64.70 17.11
N ASP A 88 -19.70 66.01 17.09
CA ASP A 88 -19.52 66.81 15.88
C ASP A 88 -18.07 66.83 15.42
N LYS A 89 -17.12 66.70 16.35
CA LYS A 89 -15.72 66.70 15.90
C LYS A 89 -15.31 65.44 15.12
N LEU A 90 -16.02 64.33 15.30
CA LEU A 90 -15.69 63.08 14.57
C LEU A 90 -16.72 62.74 13.52
N TYR A 91 -16.29 61.96 12.53
CA TYR A 91 -17.15 61.56 11.42
C TYR A 91 -18.29 60.63 11.87
N PRO A 92 -19.53 60.90 11.40
CA PRO A 92 -20.71 60.08 11.72
C PRO A 92 -20.60 58.56 11.48
N PHE A 93 -20.00 58.14 10.37
CA PHE A 93 -19.81 56.71 10.10
C PHE A 93 -19.05 55.97 11.22
N THR A 94 -18.07 56.63 11.83
CA THR A 94 -17.29 56.00 12.86
C THR A 94 -18.12 55.88 14.15
N TRP A 95 -18.94 56.89 14.43
CA TRP A 95 -19.85 56.77 15.56
C TRP A 95 -20.80 55.63 15.23
N ASP A 96 -21.29 55.58 13.99
CA ASP A 96 -22.08 54.44 13.53
C ASP A 96 -21.36 53.13 13.83
N ALA A 97 -20.05 53.10 13.55
CA ALA A 97 -19.26 51.89 13.74
C ALA A 97 -19.21 51.46 15.20
N VAL A 98 -19.26 52.43 16.10
CA VAL A 98 -19.15 52.12 17.54
C VAL A 98 -20.51 52.16 18.23
N ARG A 99 -21.57 51.88 17.47
CA ARG A 99 -22.94 51.94 17.98
C ARG A 99 -23.51 50.53 18.07
N TYR A 100 -24.04 50.21 19.25
CA TYR A 100 -24.66 48.91 19.50
C TYR A 100 -25.96 49.07 20.27
N ASN A 101 -27.00 48.51 19.69
CA ASN A 101 -28.36 48.57 20.23
C ASN A 101 -28.70 49.99 20.68
N GLY A 102 -28.47 50.94 19.78
CA GLY A 102 -28.80 52.33 20.01
C GLY A 102 -27.93 53.06 21.02
N LYS A 103 -26.81 52.46 21.41
CA LYS A 103 -25.91 53.08 22.37
C LYS A 103 -24.50 53.16 21.80
N LEU A 104 -23.78 54.21 22.19
CA LEU A 104 -22.34 54.31 21.93
C LEU A 104 -21.56 53.59 23.02
N ILE A 105 -20.74 52.63 22.62
CA ILE A 105 -20.06 51.75 23.56
C ILE A 105 -18.54 51.89 23.47
N ALA A 106 -18.09 52.82 22.63
CA ALA A 106 -16.67 53.10 22.50
C ALA A 106 -16.49 54.40 21.75
N TYR A 107 -15.31 54.99 21.92
CA TYR A 107 -14.89 56.15 21.14
C TYR A 107 -14.20 55.67 19.87
N PRO A 108 -14.65 56.13 18.70
CA PRO A 108 -13.89 55.73 17.52
C PRO A 108 -12.61 56.56 17.39
N ILE A 109 -11.53 55.91 17.00
CA ILE A 109 -10.21 56.52 16.93
C ILE A 109 -9.75 56.66 15.50
N ALA A 110 -9.78 55.55 14.76
CA ALA A 110 -9.24 55.60 13.39
C ALA A 110 -9.76 54.51 12.47
N VAL A 111 -9.84 54.85 11.19
CA VAL A 111 -10.21 53.90 10.14
C VAL A 111 -9.02 53.15 9.57
N GLU A 112 -9.15 51.83 9.54
CA GLU A 112 -8.14 50.92 9.05
C GLU A 112 -8.71 50.17 7.86
N ALA A 113 -7.85 49.97 6.86
CA ALA A 113 -8.13 49.06 5.76
C ALA A 113 -6.80 48.58 5.20
N LEU A 114 -6.77 47.36 4.69
CA LEU A 114 -5.58 46.82 4.07
C LEU A 114 -5.35 47.47 2.70
N SER A 115 -4.07 47.61 2.33
CA SER A 115 -3.70 48.07 0.98
C SER A 115 -2.59 47.20 0.44
N LEU A 116 -2.38 47.25 -0.87
CA LEU A 116 -1.22 46.59 -1.46
C LEU A 116 0.02 47.46 -1.22
N ILE A 117 1.02 46.91 -0.53
CA ILE A 117 2.29 47.63 -0.38
C ILE A 117 3.31 46.97 -1.29
N TYR A 118 4.05 47.78 -2.02
CA TYR A 118 4.97 47.24 -3.04
C TYR A 118 6.29 47.98 -3.14
N ASN A 119 7.35 47.22 -3.40
CA ASN A 119 8.69 47.75 -3.63
C ASN A 119 8.80 48.33 -5.04
N LYS A 120 8.96 49.64 -5.14
CA LYS A 120 9.06 50.32 -6.42
C LYS A 120 10.30 49.93 -7.22
N ASP A 121 11.38 49.61 -6.52
CA ASP A 121 12.62 49.23 -7.17
C ASP A 121 12.53 47.84 -7.81
N LEU A 122 12.01 46.87 -7.06
CA LEU A 122 11.81 45.52 -7.58
C LEU A 122 10.66 45.48 -8.57
N LEU A 123 9.70 46.38 -8.38
CA LEU A 123 8.46 46.36 -9.15
C LEU A 123 7.92 47.79 -9.29
N PRO A 124 8.36 48.50 -10.33
CA PRO A 124 7.92 49.88 -10.55
C PRO A 124 6.45 49.99 -10.95
N ASN A 125 5.96 48.97 -11.65
CA ASN A 125 4.55 48.87 -12.01
C ASN A 125 3.89 47.68 -11.31
N PRO A 126 3.12 47.95 -10.22
CA PRO A 126 2.46 46.85 -9.50
C PRO A 126 1.27 46.28 -10.26
N PRO A 127 0.98 44.98 -10.09
CA PRO A 127 -0.09 44.31 -10.83
C PRO A 127 -1.48 44.77 -10.42
N LYS A 128 -2.36 44.94 -11.41
CA LYS A 128 -3.72 45.40 -11.13
C LYS A 128 -4.61 44.21 -10.77
N THR A 129 -4.16 43.01 -11.10
CA THR A 129 -4.94 41.79 -10.87
C THR A 129 -4.18 40.74 -10.06
N TRP A 130 -4.92 39.91 -9.33
CA TRP A 130 -4.34 38.79 -8.59
C TRP A 130 -3.79 37.76 -9.56
N GLU A 131 -4.50 37.57 -10.68
CA GLU A 131 -4.14 36.58 -11.69
C GLU A 131 -2.75 36.80 -12.28
N GLU A 132 -2.31 38.05 -12.30
CA GLU A 132 -0.96 38.39 -12.77
C GLU A 132 0.15 37.77 -11.92
N ILE A 133 -0.11 37.63 -10.61
CA ILE A 133 0.94 37.40 -9.62
C ILE A 133 1.77 36.12 -9.82
N PRO A 134 1.13 34.99 -10.16
CA PRO A 134 1.88 33.76 -10.44
C PRO A 134 2.94 33.92 -11.53
N ALA A 135 2.61 34.65 -12.59
CA ALA A 135 3.57 34.91 -13.66
C ALA A 135 4.69 35.84 -13.19
N LEU A 136 4.33 36.86 -12.41
CA LEU A 136 5.29 37.78 -11.83
C LEU A 136 6.26 37.10 -10.88
N ASP A 137 5.74 36.13 -10.13
CA ASP A 137 6.57 35.40 -9.20
C ASP A 137 7.67 34.61 -9.91
N LYS A 138 7.35 33.93 -11.00
CA LYS A 138 8.38 33.21 -11.75
C LYS A 138 9.53 34.15 -12.12
N GLU A 139 9.19 35.31 -12.70
CA GLU A 139 10.18 36.31 -13.05
C GLU A 139 11.02 36.73 -11.86
N LEU A 140 10.37 37.05 -10.75
CA LEU A 140 11.11 37.48 -9.57
C LEU A 140 11.95 36.32 -8.99
N LYS A 141 11.42 35.11 -9.12
CA LYS A 141 12.11 33.88 -8.70
C LYS A 141 13.37 33.62 -9.49
N ALA A 142 13.33 33.96 -10.78
CA ALA A 142 14.50 33.82 -11.63
C ALA A 142 15.69 34.59 -11.03
N LYS A 143 15.41 35.73 -10.41
CA LYS A 143 16.46 36.52 -9.76
C LYS A 143 16.39 36.44 -8.24
N GLY A 144 15.99 35.28 -7.73
CA GLY A 144 16.06 35.00 -6.31
C GLY A 144 15.13 35.81 -5.40
N LYS A 145 13.94 36.15 -5.88
CA LYS A 145 13.04 36.99 -5.08
C LYS A 145 11.64 36.40 -5.18
N SER A 146 10.72 36.92 -4.38
CA SER A 146 9.32 36.50 -4.46
C SER A 146 8.40 37.69 -4.73
N ALA A 147 7.24 37.41 -5.31
CA ALA A 147 6.28 38.45 -5.66
C ALA A 147 5.52 38.98 -4.46
N LEU A 148 4.91 38.09 -3.69
CA LEU A 148 4.00 38.48 -2.61
C LEU A 148 4.15 37.61 -1.38
N MET A 149 4.21 38.25 -0.22
CA MET A 149 4.19 37.58 1.07
C MET A 149 3.33 38.35 2.07
N PHE A 150 2.40 37.65 2.69
CA PHE A 150 1.60 38.26 3.74
C PHE A 150 1.05 37.24 4.73
N ASN A 151 0.49 37.76 5.82
CA ASN A 151 0.05 36.93 6.94
C ASN A 151 -1.13 36.01 6.60
N LEU A 152 -0.86 34.71 6.57
CA LEU A 152 -1.89 33.70 6.28
C LEU A 152 -2.45 33.06 7.53
N GLN A 153 -2.01 33.53 8.70
CA GLN A 153 -2.45 32.97 9.97
C GLN A 153 -3.67 33.72 10.49
N GLU A 154 -3.88 34.93 9.98
CA GLU A 154 -5.05 35.70 10.41
C GLU A 154 -5.93 35.91 9.17
N PRO A 155 -7.21 35.49 9.23
CA PRO A 155 -8.11 35.56 8.06
C PRO A 155 -8.39 36.98 7.57
N TYR A 156 -8.17 37.93 8.46
CA TYR A 156 -8.22 39.36 8.17
C TYR A 156 -7.46 39.72 6.89
N PHE A 157 -6.30 39.09 6.69
CA PHE A 157 -5.43 39.45 5.59
C PHE A 157 -5.85 38.75 4.28
N THR A 158 -6.48 37.59 4.40
CA THR A 158 -6.93 36.82 3.24
C THR A 158 -8.37 37.17 2.85
N TRP A 159 -9.11 37.74 3.78
CA TRP A 159 -10.52 38.08 3.57
C TRP A 159 -10.81 38.98 2.35
N PRO A 160 -9.94 39.97 2.09
CA PRO A 160 -10.18 40.84 0.92
C PRO A 160 -10.34 40.04 -0.38
N LEU A 161 -9.52 39.01 -0.54
CA LEU A 161 -9.64 38.11 -1.68
C LEU A 161 -10.93 37.27 -1.65
N ILE A 162 -11.22 36.69 -0.49
CA ILE A 162 -12.42 35.88 -0.32
C ILE A 162 -13.69 36.67 -0.60
N ALA A 163 -13.75 37.89 -0.09
CA ALA A 163 -14.91 38.75 -0.29
C ALA A 163 -15.04 39.26 -1.73
N ALA A 164 -13.93 39.26 -2.47
CA ALA A 164 -13.89 39.87 -3.79
C ALA A 164 -14.99 39.40 -4.75
N ASP A 165 -15.12 38.10 -4.94
CA ASP A 165 -16.09 37.56 -5.90
C ASP A 165 -17.46 37.27 -5.30
N GLY A 166 -17.64 37.62 -4.03
CA GLY A 166 -18.96 37.55 -3.40
C GLY A 166 -18.99 36.82 -2.08
N GLY A 167 -17.85 36.68 -1.41
CA GLY A 167 -17.86 36.21 -0.04
C GLY A 167 -18.32 37.30 0.91
N TYR A 168 -19.06 36.90 1.93
CA TYR A 168 -19.44 37.83 3.00
C TYR A 168 -19.62 37.15 4.35
N ALA A 169 -19.65 37.97 5.39
CA ALA A 169 -19.75 37.49 6.76
C ALA A 169 -21.23 37.23 7.03
N PHE A 170 -22.01 38.30 7.18
CA PHE A 170 -23.45 38.19 7.37
C PHE A 170 -24.15 39.16 6.43
N LYS A 171 -25.30 38.77 5.90
CA LYS A 171 -26.00 39.57 4.90
C LYS A 171 -26.69 40.78 5.54
N TYR A 172 -26.26 41.98 5.15
CA TYR A 172 -26.90 43.22 5.57
C TYR A 172 -28.11 43.69 4.77
N GLU A 173 -29.30 43.69 5.37
CA GLU A 173 -30.49 44.02 4.60
C GLU A 173 -31.50 44.72 5.53
N ASN A 174 -32.08 45.83 5.08
CA ASN A 174 -33.08 46.55 5.88
C ASN A 174 -32.63 46.91 7.31
N GLY A 175 -31.40 47.41 7.40
CA GLY A 175 -30.80 47.87 8.64
C GLY A 175 -30.28 46.88 9.69
N LYS A 176 -30.23 45.58 9.38
CA LYS A 176 -29.67 44.60 10.32
C LYS A 176 -29.01 43.41 9.64
N TYR A 177 -28.22 42.70 10.43
CA TYR A 177 -27.58 41.45 10.05
C TYR A 177 -28.41 40.18 10.30
N ASP A 178 -28.47 39.30 9.31
CA ASP A 178 -29.11 37.99 9.46
C ASP A 178 -28.07 36.96 9.93
N ILE A 179 -28.18 36.50 11.18
CA ILE A 179 -27.11 35.71 11.79
C ILE A 179 -27.03 34.25 11.31
N LYS A 180 -28.05 33.80 10.57
CA LYS A 180 -28.04 32.48 9.93
C LYS A 180 -27.63 32.51 8.45
N ASP A 181 -27.72 33.69 7.83
CA ASP A 181 -27.26 33.85 6.45
C ASP A 181 -25.78 34.25 6.39
N VAL A 182 -24.91 33.24 6.28
CA VAL A 182 -23.46 33.42 6.18
C VAL A 182 -22.98 33.14 4.76
N GLY A 183 -22.16 34.03 4.22
CA GLY A 183 -21.68 33.90 2.85
C GLY A 183 -20.26 33.39 2.69
N VAL A 184 -19.84 32.43 3.53
CA VAL A 184 -18.48 31.90 3.42
C VAL A 184 -18.32 30.67 2.51
N ASP A 185 -19.41 29.97 2.17
CA ASP A 185 -19.30 28.73 1.40
C ASP A 185 -19.98 28.89 0.04
N ASN A 186 -20.07 30.13 -0.42
CA ASN A 186 -20.60 30.41 -1.72
C ASN A 186 -19.48 30.38 -2.76
N ALA A 187 -19.85 30.37 -4.04
CA ALA A 187 -18.87 30.23 -5.12
C ALA A 187 -17.75 31.27 -5.10
N GLY A 188 -18.08 32.50 -4.72
CA GLY A 188 -17.08 33.55 -4.66
C GLY A 188 -16.02 33.33 -3.60
N ALA A 189 -16.44 32.85 -2.43
CA ALA A 189 -15.52 32.57 -1.34
C ALA A 189 -14.65 31.36 -1.68
N LYS A 190 -15.30 30.33 -2.23
CA LYS A 190 -14.58 29.15 -2.68
C LYS A 190 -13.56 29.55 -3.74
N ALA A 191 -13.96 30.43 -4.65
CA ALA A 191 -13.08 30.88 -5.71
C ALA A 191 -11.85 31.63 -5.15
N GLY A 192 -12.10 32.57 -4.25
CA GLY A 192 -11.01 33.31 -3.63
C GLY A 192 -10.01 32.45 -2.87
N LEU A 193 -10.56 31.53 -2.08
CA LEU A 193 -9.70 30.67 -1.28
C LEU A 193 -8.99 29.68 -2.20
N THR A 194 -9.71 29.13 -3.17
CA THR A 194 -9.10 28.29 -4.18
C THR A 194 -7.93 28.99 -4.86
N PHE A 195 -8.08 30.27 -5.18
CA PHE A 195 -6.97 31.02 -5.77
C PHE A 195 -5.78 31.07 -4.79
N LEU A 196 -6.06 31.37 -3.53
CA LEU A 196 -4.98 31.40 -2.53
C LEU A 196 -4.28 30.04 -2.46
N VAL A 197 -5.05 28.97 -2.35
CA VAL A 197 -4.49 27.63 -2.24
C VAL A 197 -3.72 27.26 -3.51
N ASP A 198 -4.18 27.76 -4.66
CA ASP A 198 -3.43 27.51 -5.89
C ASP A 198 -2.10 28.26 -5.83
N LEU A 199 -2.11 29.50 -5.32
CA LEU A 199 -0.85 30.21 -5.13
C LEU A 199 0.12 29.41 -4.27
N ILE A 200 -0.39 28.74 -3.24
CA ILE A 200 0.51 27.94 -2.38
C ILE A 200 0.97 26.62 -3.03
N LYS A 201 0.03 25.91 -3.67
CA LYS A 201 0.29 24.68 -4.42
C LYS A 201 1.41 24.83 -5.46
N ASN A 202 1.34 25.92 -6.22
CA ASN A 202 2.29 26.22 -7.28
C ASN A 202 3.53 26.95 -6.73
N LYS A 203 3.66 26.96 -5.41
CA LYS A 203 4.84 27.45 -4.70
C LYS A 203 5.13 28.94 -4.88
N HIS A 204 4.08 29.74 -5.06
CA HIS A 204 4.24 31.19 -5.06
C HIS A 204 4.12 31.81 -3.66
N MET A 205 3.46 31.08 -2.76
CA MET A 205 3.38 31.44 -1.35
C MET A 205 3.51 30.21 -0.43
N ASN A 206 3.80 30.44 0.84
CA ASN A 206 3.88 29.35 1.82
C ASN A 206 2.75 29.46 2.85
N ALA A 207 2.14 28.31 3.16
CA ALA A 207 0.97 28.26 4.03
C ALA A 207 1.26 28.71 5.46
N ASP A 208 2.49 28.48 5.90
CA ASP A 208 2.93 28.78 7.26
C ASP A 208 3.32 30.24 7.46
N THR A 209 3.24 31.04 6.40
CA THR A 209 3.64 32.43 6.47
C THR A 209 2.76 33.21 7.42
N ASP A 210 3.40 33.94 8.33
CA ASP A 210 2.71 34.74 9.32
C ASP A 210 3.15 36.20 9.21
N TYR A 211 2.67 37.01 10.15
CA TYR A 211 2.93 38.45 10.15
C TYR A 211 4.41 38.84 10.12
N SER A 212 5.19 38.24 11.03
CA SER A 212 6.59 38.61 11.19
C SER A 212 7.43 38.16 10.00
N ILE A 213 7.12 36.99 9.45
CA ILE A 213 7.84 36.49 8.28
C ILE A 213 7.59 37.40 7.08
N ALA A 214 6.33 37.71 6.82
CA ALA A 214 5.96 38.62 5.75
C ALA A 214 6.63 39.98 5.94
N GLU A 215 6.60 40.48 7.17
CA GLU A 215 7.20 41.77 7.46
C GLU A 215 8.70 41.74 7.17
N HIS A 216 9.39 40.75 7.72
CA HIS A 216 10.82 40.60 7.50
C HIS A 216 11.12 40.50 6.00
N ALA A 217 10.30 39.72 5.30
CA ALA A 217 10.51 39.48 3.88
C ALA A 217 10.42 40.78 3.10
N PHE A 218 9.35 41.54 3.30
CA PHE A 218 9.20 42.78 2.57
C PHE A 218 10.26 43.82 2.99
N ASN A 219 10.48 43.95 4.30
CA ASN A 219 11.41 44.95 4.79
C ASN A 219 12.88 44.66 4.47
N HIS A 220 13.22 43.40 4.19
CA HIS A 220 14.56 43.09 3.68
C HIS A 220 14.66 43.05 2.16
N GLY A 221 13.55 43.29 1.45
CA GLY A 221 13.56 43.33 0.00
C GLY A 221 13.57 41.96 -0.61
N GLU A 222 13.18 40.96 0.18
CA GLU A 222 13.18 39.59 -0.27
C GLU A 222 11.91 39.27 -1.05
N THR A 223 10.87 40.08 -0.81
CA THR A 223 9.62 39.95 -1.55
C THR A 223 9.19 41.31 -2.12
N ALA A 224 8.59 41.27 -3.30
CA ALA A 224 8.25 42.49 -4.03
C ALA A 224 7.00 43.20 -3.50
N MET A 225 6.09 42.43 -2.91
CA MET A 225 4.85 42.99 -2.39
C MET A 225 4.48 42.39 -1.05
N THR A 226 3.65 43.12 -0.31
CA THR A 226 2.99 42.58 0.85
C THR A 226 1.64 43.24 1.01
N ILE A 227 0.83 42.67 1.89
CA ILE A 227 -0.50 43.20 2.21
C ILE A 227 -0.53 43.48 3.70
N ASN A 228 -0.74 44.73 4.06
CA ASN A 228 -0.75 45.12 5.48
C ASN A 228 -1.48 46.45 5.64
N GLY A 229 -1.59 46.91 6.89
CA GLY A 229 -2.26 48.17 7.19
C GLY A 229 -1.30 49.30 7.53
N PRO A 230 -1.82 50.51 7.76
CA PRO A 230 -1.03 51.70 8.06
C PRO A 230 0.00 51.52 9.19
N TRP A 231 -0.39 50.87 10.27
CA TRP A 231 0.49 50.58 11.39
C TRP A 231 1.84 50.00 10.96
N ALA A 232 1.83 49.26 9.87
CA ALA A 232 3.03 48.60 9.36
C ALA A 232 4.07 49.56 8.75
N TRP A 233 3.66 50.75 8.34
CA TRP A 233 4.56 51.63 7.57
C TRP A 233 5.82 52.13 8.29
N SER A 234 5.72 52.39 9.59
CA SER A 234 6.83 52.96 10.37
C SER A 234 8.07 52.10 10.25
N ASN A 235 7.85 50.79 10.36
CA ASN A 235 8.93 49.82 10.26
C ASN A 235 9.50 49.75 8.84
N ILE A 236 8.68 50.01 7.82
CA ILE A 236 9.19 49.98 6.45
C ILE A 236 10.12 51.17 6.22
N ASP A 237 9.71 52.33 6.70
CA ASP A 237 10.54 53.54 6.66
C ASP A 237 11.93 53.26 7.23
N THR A 238 11.96 52.57 8.36
CA THR A 238 13.22 52.22 9.02
C THR A 238 14.05 51.31 8.14
N SER A 239 13.40 50.47 7.34
CA SER A 239 14.12 49.53 6.49
C SER A 239 14.75 50.26 5.32
N LYS A 240 14.30 51.50 5.11
CA LYS A 240 14.77 52.35 4.04
C LYS A 240 14.42 51.73 2.67
N VAL A 241 13.42 50.86 2.63
CA VAL A 241 12.90 50.34 1.37
C VAL A 241 12.04 51.38 0.64
N ASN A 242 12.29 51.54 -0.66
CA ASN A 242 11.49 52.45 -1.47
C ASN A 242 10.18 51.78 -1.84
N TYR A 243 9.12 52.13 -1.13
CA TYR A 243 7.85 51.43 -1.27
C TYR A 243 6.70 52.37 -1.60
N GLY A 244 5.67 51.80 -2.21
CA GLY A 244 4.43 52.49 -2.47
C GLY A 244 3.25 51.75 -1.89
N VAL A 245 2.24 52.52 -1.48
CA VAL A 245 0.99 51.97 -1.00
C VAL A 245 -0.10 52.22 -2.03
N THR A 246 -0.71 51.14 -2.49
CA THR A 246 -1.66 51.21 -3.59
C THR A 246 -2.90 50.35 -3.37
N VAL A 247 -3.80 50.45 -4.35
CA VAL A 247 -5.03 49.67 -4.38
C VAL A 247 -4.71 48.18 -4.45
N LEU A 248 -5.50 47.38 -3.75
CA LEU A 248 -5.34 45.93 -3.77
C LEU A 248 -5.67 45.41 -5.16
N PRO A 249 -5.04 44.29 -5.56
CA PRO A 249 -5.31 43.76 -6.90
C PRO A 249 -6.75 43.27 -7.03
N THR A 250 -7.30 43.32 -8.23
CA THR A 250 -8.63 42.79 -8.49
C THR A 250 -8.59 41.26 -8.59
N PHE A 251 -9.75 40.65 -8.40
CA PHE A 251 -9.92 39.21 -8.58
C PHE A 251 -11.17 38.95 -9.44
N LYS A 252 -10.97 38.29 -10.57
CA LYS A 252 -12.04 38.02 -11.53
C LYS A 252 -12.65 39.33 -12.02
N GLY A 253 -11.79 40.31 -12.26
CA GLY A 253 -12.24 41.60 -12.75
C GLY A 253 -13.03 42.36 -11.69
N GLN A 254 -12.63 42.23 -10.42
CA GLN A 254 -13.35 42.87 -9.32
C GLN A 254 -12.40 43.36 -8.24
N PRO A 255 -12.72 44.48 -7.58
CA PRO A 255 -11.85 44.96 -6.52
C PRO A 255 -11.87 44.04 -5.30
N SER A 256 -10.70 43.79 -4.75
CA SER A 256 -10.58 43.19 -3.43
C SER A 256 -11.35 43.99 -2.39
N LYS A 257 -12.01 43.28 -1.49
CA LYS A 257 -12.89 43.87 -0.50
C LYS A 257 -12.40 43.66 0.92
N PRO A 258 -11.48 44.51 1.40
CA PRO A 258 -11.02 44.31 2.77
C PRO A 258 -12.04 44.74 3.81
N PHE A 259 -12.15 44.04 4.93
CA PHE A 259 -13.01 44.51 6.00
C PHE A 259 -12.41 45.78 6.57
N VAL A 260 -13.20 46.85 6.60
CA VAL A 260 -12.80 48.10 7.22
C VAL A 260 -12.97 48.01 8.72
N GLY A 261 -11.89 48.33 9.44
CA GLY A 261 -11.92 48.34 10.88
C GLY A 261 -11.79 49.75 11.39
N VAL A 262 -12.49 50.06 12.48
CA VAL A 262 -12.33 51.36 13.11
C VAL A 262 -11.70 51.10 14.46
N LEU A 263 -10.44 51.48 14.59
CA LEU A 263 -9.78 51.41 15.89
C LEU A 263 -10.58 52.25 16.83
N SER A 264 -11.01 51.60 17.91
CA SER A 264 -11.93 52.16 18.88
C SER A 264 -11.38 51.94 20.29
N ALA A 265 -11.78 52.81 21.20
CA ALA A 265 -11.41 52.73 22.61
C ALA A 265 -12.66 52.64 23.49
N GLY A 266 -12.83 51.49 24.13
CA GLY A 266 -13.93 51.30 25.04
C GLY A 266 -13.51 51.45 26.49
N ILE A 267 -14.47 51.83 27.33
CA ILE A 267 -14.25 51.98 28.77
C ILE A 267 -14.90 50.83 29.51
N ASN A 268 -14.09 50.09 30.27
CA ASN A 268 -14.57 48.99 31.10
C ASN A 268 -15.74 49.42 31.99
N ALA A 269 -16.83 48.66 31.94
CA ALA A 269 -18.00 48.90 32.78
C ALA A 269 -17.71 48.81 34.29
N ALA A 270 -16.71 48.02 34.65
CA ALA A 270 -16.33 47.82 36.05
C ALA A 270 -15.30 48.84 36.55
N SER A 271 -14.86 49.72 35.66
CA SER A 271 -13.88 50.74 35.99
C SER A 271 -14.42 51.77 36.98
N PRO A 272 -13.64 52.08 38.03
CA PRO A 272 -14.00 53.20 38.90
C PRO A 272 -13.46 54.54 38.38
N ASN A 273 -12.95 54.54 37.16
CA ASN A 273 -12.29 55.72 36.58
C ASN A 273 -12.91 56.19 35.27
N LYS A 274 -14.23 56.06 35.13
CA LYS A 274 -14.86 56.32 33.84
C LYS A 274 -14.72 57.80 33.40
N GLU A 275 -14.74 58.71 34.38
CA GLU A 275 -14.57 60.14 34.10
C GLU A 275 -13.14 60.50 33.73
N LEU A 276 -12.17 60.00 34.50
CA LEU A 276 -10.77 60.20 34.14
C LEU A 276 -10.55 59.63 32.75
N ALA A 277 -11.20 58.50 32.46
CA ALA A 277 -11.08 57.85 31.16
C ALA A 277 -11.69 58.72 30.08
N LYS A 278 -12.87 59.26 30.35
CA LYS A 278 -13.53 60.17 29.42
C LYS A 278 -12.68 61.41 29.15
N GLU A 279 -12.17 62.00 30.23
CA GLU A 279 -11.31 63.16 30.12
C GLU A 279 -10.10 62.85 29.24
N PHE A 280 -9.42 61.75 29.56
CA PHE A 280 -8.23 61.35 28.82
C PHE A 280 -8.56 61.17 27.33
N LEU A 281 -9.60 60.39 27.05
CA LEU A 281 -9.92 60.06 25.67
C LEU A 281 -10.39 61.29 24.88
N GLU A 282 -11.35 62.03 25.43
CA GLU A 282 -11.90 63.18 24.74
C GLU A 282 -10.94 64.36 24.62
N ASN A 283 -10.30 64.73 25.73
CA ASN A 283 -9.56 65.99 25.80
C ASN A 283 -8.05 65.87 25.62
N TYR A 284 -7.53 64.65 25.54
CA TYR A 284 -6.08 64.44 25.41
C TYR A 284 -5.71 63.60 24.18
N LEU A 285 -6.30 62.41 24.07
CA LEU A 285 -6.05 61.55 22.92
C LEU A 285 -6.68 62.08 21.65
N LEU A 286 -7.99 62.32 21.67
CA LEU A 286 -8.70 62.75 20.47
C LEU A 286 -8.51 64.24 20.21
N THR A 287 -7.25 64.63 20.08
CA THR A 287 -6.86 65.97 19.69
C THR A 287 -5.76 65.84 18.64
N ASP A 288 -5.45 66.93 17.96
CA ASP A 288 -4.36 66.93 16.98
C ASP A 288 -3.07 66.43 17.62
N GLU A 289 -2.75 66.94 18.81
CA GLU A 289 -1.49 66.59 19.44
C GLU A 289 -1.43 65.13 19.91
N GLY A 290 -2.54 64.63 20.45
CA GLY A 290 -2.58 63.24 20.89
C GLY A 290 -2.50 62.24 19.76
N LEU A 291 -3.38 62.41 18.77
CA LEU A 291 -3.38 61.51 17.64
C LEU A 291 -2.08 61.66 16.85
N GLU A 292 -1.52 62.87 16.86
CA GLU A 292 -0.23 63.06 16.22
C GLU A 292 0.85 62.26 16.96
N ALA A 293 0.81 62.32 18.28
CA ALA A 293 1.76 61.60 19.11
C ALA A 293 1.67 60.09 18.87
N VAL A 294 0.46 59.56 18.73
CA VAL A 294 0.28 58.13 18.45
C VAL A 294 0.66 57.77 17.01
N ASN A 295 0.23 58.60 16.06
CA ASN A 295 0.50 58.37 14.63
C ASN A 295 1.99 58.40 14.30
N LYS A 296 2.73 59.28 14.96
CA LYS A 296 4.18 59.32 14.80
C LYS A 296 4.83 57.99 15.16
N ASP A 297 4.37 57.36 16.22
CA ASP A 297 4.87 56.04 16.62
C ASP A 297 4.51 55.05 15.51
N LYS A 298 3.21 54.76 15.37
CA LYS A 298 2.73 53.88 14.30
C LYS A 298 1.51 54.52 13.65
N PRO A 299 1.53 54.70 12.32
CA PRO A 299 0.39 55.36 11.65
C PRO A 299 -0.95 54.69 11.94
N LEU A 300 -1.95 55.50 12.27
CA LEU A 300 -3.27 55.02 12.62
C LEU A 300 -4.15 54.73 11.40
N GLY A 301 -3.79 55.33 10.27
CA GLY A 301 -4.62 55.30 9.07
C GLY A 301 -5.41 56.58 8.92
N ALA A 302 -6.69 56.46 8.58
CA ALA A 302 -7.55 57.64 8.45
C ALA A 302 -8.31 57.91 9.75
N VAL A 303 -7.81 58.87 10.52
CA VAL A 303 -8.35 59.15 11.85
C VAL A 303 -9.78 59.67 11.82
N ALA A 304 -10.55 59.35 12.86
CA ALA A 304 -11.95 59.76 12.93
C ALA A 304 -12.08 61.26 13.15
N LEU A 305 -11.07 61.85 13.78
CA LEU A 305 -11.02 63.29 14.02
C LEU A 305 -10.74 64.07 12.73
N LYS A 306 -11.74 64.85 12.31
CA LYS A 306 -11.71 65.59 11.05
C LYS A 306 -10.45 66.43 10.81
N SER A 307 -10.07 67.23 11.81
CA SER A 307 -8.96 68.18 11.68
C SER A 307 -7.66 67.49 11.30
N TYR A 308 -7.37 66.37 11.97
CA TYR A 308 -6.14 65.66 11.71
C TYR A 308 -6.34 64.86 10.43
N GLU A 309 -7.57 64.48 10.11
CA GLU A 309 -7.82 63.82 8.83
C GLU A 309 -7.56 64.72 7.64
N GLU A 310 -8.02 65.96 7.70
CA GLU A 310 -7.69 66.85 6.60
C GLU A 310 -6.18 66.98 6.58
N GLU A 311 -5.58 67.08 7.77
CA GLU A 311 -4.12 67.15 7.83
C GLU A 311 -3.41 65.89 7.30
N LEU A 312 -3.99 64.70 7.46
CA LEU A 312 -3.28 63.50 7.01
C LEU A 312 -3.77 63.07 5.64
N ALA A 313 -4.87 63.66 5.18
CA ALA A 313 -5.53 63.24 3.95
C ALA A 313 -4.63 63.49 2.74
N LYS A 314 -3.70 64.44 2.90
CA LYS A 314 -2.76 64.76 1.84
C LYS A 314 -1.93 63.56 1.49
N ASP A 315 -1.56 62.81 2.52
CA ASP A 315 -0.78 61.58 2.40
C ASP A 315 -1.38 60.66 1.33
N PRO A 316 -0.64 60.34 0.27
CA PRO A 316 -1.24 59.48 -0.76
C PRO A 316 -1.44 58.04 -0.27
N ARG A 317 -0.74 57.68 0.80
CA ARG A 317 -0.93 56.39 1.44
C ARG A 317 -2.31 56.34 2.12
N ILE A 318 -2.70 57.43 2.77
CA ILE A 318 -4.02 57.50 3.38
C ILE A 318 -5.08 57.52 2.28
N ALA A 319 -4.83 58.25 1.19
CA ALA A 319 -5.75 58.26 0.07
C ALA A 319 -5.96 56.84 -0.45
N ALA A 320 -4.88 56.07 -0.51
CA ALA A 320 -4.96 54.69 -0.96
C ALA A 320 -5.68 53.82 0.07
N THR A 321 -5.39 54.09 1.36
CA THR A 321 -6.10 53.42 2.44
C THR A 321 -7.60 53.63 2.27
N MET A 322 -8.01 54.87 2.03
CA MET A 322 -9.43 55.18 1.89
C MET A 322 -10.01 54.63 0.59
N GLU A 323 -9.21 54.52 -0.46
CA GLU A 323 -9.71 53.89 -1.67
C GLU A 323 -10.02 52.42 -1.40
N ASN A 324 -9.10 51.73 -0.73
CA ASN A 324 -9.38 50.34 -0.39
C ASN A 324 -10.49 50.16 0.65
N ALA A 325 -10.50 51.02 1.67
CA ALA A 325 -11.58 51.00 2.64
C ALA A 325 -12.93 51.19 1.96
N GLN A 326 -12.97 52.18 1.06
CA GLN A 326 -14.16 52.44 0.25
C GLN A 326 -14.61 51.22 -0.54
N LYS A 327 -13.67 50.54 -1.20
CA LYS A 327 -14.09 49.42 -2.04
C LYS A 327 -14.47 48.20 -1.19
N GLY A 328 -14.10 48.21 0.09
CA GLY A 328 -14.47 47.12 0.98
C GLY A 328 -15.71 47.47 1.81
N GLU A 329 -15.89 46.74 2.91
CA GLU A 329 -17.02 46.89 3.83
C GLU A 329 -16.54 47.04 5.26
N ILE A 330 -17.25 47.86 6.01
CA ILE A 330 -17.01 47.97 7.43
C ILE A 330 -17.49 46.69 8.12
N MET A 331 -16.70 46.23 9.08
CA MET A 331 -17.07 45.04 9.86
C MET A 331 -18.33 45.28 10.65
N PRO A 332 -19.21 44.26 10.69
CA PRO A 332 -20.26 44.29 11.71
C PRO A 332 -19.63 44.24 13.09
N ASN A 333 -20.35 44.74 14.08
CA ASN A 333 -19.93 44.65 15.47
C ASN A 333 -20.80 43.71 16.29
N ILE A 334 -21.64 42.94 15.60
CA ILE A 334 -22.55 42.03 16.31
C ILE A 334 -21.77 40.98 17.10
N PRO A 335 -22.35 40.50 18.21
CA PRO A 335 -21.71 39.49 19.07
C PRO A 335 -21.19 38.23 18.36
N GLN A 336 -21.82 37.83 17.25
CA GLN A 336 -21.47 36.58 16.57
C GLN A 336 -20.18 36.67 15.77
N MET A 337 -19.54 37.84 15.75
CA MET A 337 -18.30 38.00 14.99
C MET A 337 -17.10 37.17 15.46
N SER A 338 -16.93 36.96 16.76
CA SER A 338 -15.79 36.14 17.22
C SER A 338 -15.90 34.66 16.84
N ALA A 339 -17.11 34.12 16.86
CA ALA A 339 -17.34 32.76 16.38
C ALA A 339 -17.07 32.66 14.89
N PHE A 340 -17.53 33.67 14.18
CA PHE A 340 -17.30 33.80 12.76
C PHE A 340 -15.79 33.86 12.47
N TRP A 341 -15.06 34.65 13.24
CA TRP A 341 -13.62 34.77 13.02
C TRP A 341 -12.87 33.48 13.32
N TYR A 342 -13.23 32.77 14.40
CA TYR A 342 -12.63 31.48 14.68
C TYR A 342 -12.85 30.52 13.51
N ALA A 343 -14.07 30.49 13.02
CA ALA A 343 -14.48 29.59 11.95
C ALA A 343 -13.66 29.82 10.68
N VAL A 344 -13.55 31.08 10.27
CA VAL A 344 -12.85 31.44 9.04
C VAL A 344 -11.34 31.22 9.20
N ARG A 345 -10.79 31.55 10.37
CA ARG A 345 -9.39 31.31 10.64
C ARG A 345 -9.00 29.85 10.39
N THR A 346 -9.78 28.94 10.96
CA THR A 346 -9.48 27.52 10.86
C THR A 346 -9.58 27.06 9.42
N ALA A 347 -10.59 27.54 8.71
CA ALA A 347 -10.80 27.14 7.33
C ALA A 347 -9.63 27.56 6.44
N VAL A 348 -9.20 28.81 6.56
CA VAL A 348 -8.08 29.29 5.76
C VAL A 348 -6.78 28.56 6.07
N ILE A 349 -6.51 28.31 7.35
CA ILE A 349 -5.29 27.61 7.75
C ILE A 349 -5.30 26.17 7.22
N ASN A 350 -6.43 25.50 7.39
CA ASN A 350 -6.59 24.11 6.98
C ASN A 350 -6.59 23.94 5.47
N ALA A 351 -7.24 24.87 4.76
CA ALA A 351 -7.21 24.81 3.30
C ALA A 351 -5.83 25.13 2.76
N ALA A 352 -5.17 26.14 3.32
CA ALA A 352 -3.83 26.51 2.88
C ALA A 352 -2.78 25.43 3.19
N SER A 353 -2.98 24.70 4.29
CA SER A 353 -2.10 23.62 4.68
C SER A 353 -2.31 22.35 3.89
N GLY A 354 -3.48 22.23 3.26
CA GLY A 354 -3.81 21.00 2.59
C GLY A 354 -4.39 19.99 3.57
N ARG A 355 -4.69 20.41 4.79
CA ARG A 355 -5.27 19.50 5.77
C ARG A 355 -6.68 19.17 5.30
N GLN A 356 -7.30 20.16 4.67
CA GLN A 356 -8.62 20.04 4.10
C GLN A 356 -8.75 20.72 2.76
N THR A 357 -9.72 20.27 1.99
CA THR A 357 -10.03 20.90 0.72
C THR A 357 -10.76 22.20 1.07
N VAL A 358 -10.88 23.09 0.11
CA VAL A 358 -11.58 24.37 0.29
C VAL A 358 -13.05 24.16 0.61
N ASP A 359 -13.69 23.25 -0.11
CA ASP A 359 -15.10 22.97 0.08
C ASP A 359 -15.38 22.49 1.50
N ALA A 360 -14.61 21.53 1.99
CA ALA A 360 -14.85 20.98 3.33
C ALA A 360 -14.57 22.04 4.40
N ALA A 361 -13.50 22.80 4.20
CA ALA A 361 -13.12 23.86 5.13
C ALA A 361 -14.18 24.95 5.23
N LEU A 362 -14.67 25.42 4.09
CA LEU A 362 -15.61 26.52 4.10
C LEU A 362 -17.01 26.04 4.50
N ALA A 363 -17.35 24.81 4.15
CA ALA A 363 -18.61 24.25 4.64
C ALA A 363 -18.61 24.18 6.16
N ALA A 364 -17.50 23.70 6.74
CA ALA A 364 -17.45 23.69 8.18
C ALA A 364 -17.45 25.10 8.74
N ALA A 365 -16.74 26.02 8.12
CA ALA A 365 -16.79 27.41 8.63
C ALA A 365 -18.17 28.07 8.58
N GLN A 366 -18.89 27.84 7.49
CA GLN A 366 -20.26 28.34 7.34
C GLN A 366 -21.15 27.82 8.47
N THR A 367 -21.15 26.50 8.67
CA THR A 367 -21.97 25.90 9.72
C THR A 367 -21.53 26.34 11.12
N ASN A 368 -20.22 26.31 11.31
CA ASN A 368 -19.54 26.70 12.53
C ASN A 368 -19.88 28.10 13.02
N ALA A 369 -19.81 29.08 12.14
CA ALA A 369 -20.13 30.45 12.54
C ALA A 369 -21.56 30.51 13.10
N ALA A 370 -22.52 29.82 12.48
CA ALA A 370 -23.91 29.87 12.97
C ALA A 370 -24.18 28.99 14.22
N ALA A 371 -23.15 28.61 14.99
CA ALA A 371 -23.30 27.56 16.02
C ALA A 371 -22.85 27.92 17.45
N PRO A 372 -23.76 28.46 18.28
CA PRO A 372 -23.42 28.90 19.64
C PRO A 372 -22.98 27.82 20.65
N GLY A 373 -23.64 26.66 20.67
CA GLY A 373 -23.30 25.63 21.63
C GLY A 373 -21.90 25.12 21.38
N LEU A 374 -21.60 24.99 20.10
CA LEU A 374 -20.29 24.58 19.66
C LEU A 374 -19.26 25.61 20.09
N HIS A 375 -19.60 26.88 19.96
CA HIS A 375 -18.63 27.95 20.19
C HIS A 375 -18.36 28.05 21.69
N ALA A 376 -19.39 27.82 22.50
CA ALA A 376 -19.22 27.74 23.95
C ALA A 376 -18.28 26.59 24.34
N ILE A 377 -18.55 25.41 23.81
CA ILE A 377 -17.69 24.27 24.11
C ILE A 377 -16.24 24.54 23.63
N TYR A 378 -16.11 25.05 22.41
CA TYR A 378 -14.79 25.40 21.89
C TYR A 378 -14.13 26.39 22.85
N GLY A 379 -14.93 27.29 23.42
CA GLY A 379 -14.42 28.20 24.42
C GLY A 379 -13.76 27.45 25.57
N GLU A 380 -14.47 26.47 26.12
CA GLU A 380 -13.84 25.64 27.17
C GLU A 380 -12.55 24.97 26.68
N CYS A 381 -12.61 24.41 25.48
CA CYS A 381 -11.42 23.78 24.90
C CYS A 381 -10.26 24.76 24.78
N ARG A 382 -10.54 25.98 24.36
CA ARG A 382 -9.52 27.01 24.22
C ARG A 382 -8.94 27.34 25.56
N ARG A 383 -9.80 27.40 26.58
CA ARG A 383 -9.30 27.63 27.93
C ARG A 383 -8.31 26.52 28.31
N LEU A 384 -8.68 25.26 28.07
CA LEU A 384 -7.73 24.17 28.36
C LEU A 384 -6.45 24.14 27.52
N TYR A 385 -6.58 24.42 26.22
CA TYR A 385 -5.47 24.29 25.29
C TYR A 385 -5.19 25.59 24.55
N PRO A 386 -4.59 26.57 25.24
CA PRO A 386 -4.21 27.84 24.60
C PRO A 386 -3.19 27.60 23.50
N ASP A 387 -2.38 26.56 23.69
CA ASP A 387 -1.30 26.20 22.77
C ASP A 387 -1.78 25.58 21.46
N GLN A 388 -3.01 25.07 21.44
CA GLN A 388 -3.52 24.35 20.26
C GLN A 388 -4.81 24.96 19.71
N PRO A 389 -4.69 26.08 18.98
CA PRO A 389 -5.83 26.77 18.35
C PRO A 389 -6.52 25.91 17.31
N ASN A 390 -5.75 25.10 16.59
CA ASN A 390 -6.30 24.28 15.51
C ASN A 390 -6.04 22.79 15.71
N PRO A 391 -6.94 22.10 16.43
CA PRO A 391 -6.70 20.67 16.70
C PRO A 391 -7.04 19.80 15.51
N LEU A 392 -6.51 18.59 15.50
CA LEU A 392 -6.95 17.60 14.53
C LEU A 392 -8.36 17.19 14.93
N GLN A 393 -9.23 17.11 13.94
CA GLN A 393 -10.64 16.83 14.17
C GLN A 393 -11.15 15.77 13.21
N VAL A 394 -11.95 14.84 13.74
CA VAL A 394 -12.70 13.90 12.90
C VAL A 394 -14.08 14.47 12.64
N THR A 395 -14.37 14.69 11.36
CA THR A 395 -15.61 15.31 10.89
C THR A 395 -16.49 14.29 10.18
N ALA A 396 -17.78 14.31 10.51
CA ALA A 396 -18.76 13.47 9.83
C ALA A 396 -19.03 13.99 8.42
N ILE A 397 -18.81 13.14 7.42
CA ILE A 397 -18.93 13.56 6.03
C ILE A 397 -20.37 13.99 5.71
N VAL A 398 -21.35 13.18 6.11
CA VAL A 398 -22.76 13.55 6.05
C VAL A 398 -23.27 13.69 7.49
N LYS A 399 -23.72 14.90 7.84
CA LYS A 399 -24.10 15.18 9.21
C LYS A 399 -25.36 14.43 9.64
N TYR A 400 -25.47 14.20 10.94
CA TYR A 400 -26.55 13.41 11.52
C TYR A 400 -27.96 13.96 11.29
N ASP A 401 -28.09 15.28 11.13
CA ASP A 401 -29.40 15.87 10.92
C ASP A 401 -29.98 15.46 9.56
N SER A 402 -29.12 14.99 8.67
CA SER A 402 -29.55 14.46 7.37
C SER A 402 -29.52 12.93 7.42
N PHE A 403 -29.41 12.41 8.64
CA PHE A 403 -29.38 10.97 8.91
C PHE A 403 -28.15 10.26 8.37
N GLY A 404 -26.99 10.88 8.56
CA GLY A 404 -25.73 10.19 8.42
C GLY A 404 -25.59 9.23 9.60
N PRO A 405 -24.70 8.24 9.47
CA PRO A 405 -24.51 7.19 10.47
C PRO A 405 -23.97 7.72 11.79
N ASP A 406 -23.15 8.77 11.73
CA ASP A 406 -22.45 9.28 12.90
C ASP A 406 -23.19 10.45 13.54
N PRO A 407 -23.65 10.29 14.79
CA PRO A 407 -24.35 11.41 15.46
C PRO A 407 -23.43 12.50 16.03
N LEU A 408 -22.15 12.20 16.23
CA LEU A 408 -21.20 13.22 16.68
C LEU A 408 -20.65 13.94 15.46
N ASP A 409 -21.02 15.20 15.29
CA ASP A 409 -20.62 15.97 14.11
C ASP A 409 -19.12 16.11 14.03
N TYR A 410 -18.50 16.41 15.17
CA TYR A 410 -17.06 16.55 15.26
C TYR A 410 -16.51 15.82 16.48
N VAL A 411 -15.30 15.32 16.33
CA VAL A 411 -14.51 14.86 17.46
C VAL A 411 -13.14 15.52 17.43
N SER A 412 -12.84 16.33 18.45
CA SER A 412 -11.54 17.01 18.52
C SER A 412 -10.55 16.14 19.28
N MET A 413 -9.32 16.11 18.77
CA MET A 413 -8.23 15.34 19.39
C MET A 413 -7.07 16.25 19.76
N TYR A 414 -6.78 16.31 21.06
CA TYR A 414 -5.71 17.17 21.57
C TYR A 414 -4.55 16.34 22.09
N ARG A 415 -3.37 16.95 22.16
CA ARG A 415 -2.25 16.35 22.81
C ARG A 415 -2.10 17.02 24.16
N ASN A 416 -2.20 16.21 25.19
CA ASN A 416 -2.14 16.65 26.58
C ASN A 416 -0.85 16.20 27.25
N VAL A 417 -0.03 17.16 27.65
CA VAL A 417 1.29 16.86 28.20
C VAL A 417 1.22 16.21 29.58
N GLY A 418 0.02 16.19 30.18
CA GLY A 418 -0.13 15.60 31.50
C GLY A 418 0.65 16.41 32.51
N SER A 419 0.96 15.79 33.64
CA SER A 419 1.81 16.42 34.64
C SER A 419 2.91 15.41 34.95
N PRO A 420 4.16 15.72 34.56
CA PRO A 420 5.28 14.81 34.87
C PRO A 420 5.57 14.75 36.36
N SER A 421 5.34 15.87 37.04
CA SER A 421 5.51 15.93 38.48
C SER A 421 4.50 15.03 39.18
N ALA A 422 3.27 15.05 38.68
CA ALA A 422 2.19 14.25 39.24
C ALA A 422 2.28 12.80 38.77
N ASN A 423 3.28 12.49 37.94
CA ASN A 423 3.41 11.17 37.35
C ASN A 423 2.19 10.82 36.47
N ILE A 424 1.65 11.84 35.82
CA ILE A 424 0.52 11.66 34.91
C ILE A 424 1.09 11.67 33.50
N PRO A 425 0.97 10.54 32.79
CA PRO A 425 1.65 10.43 31.49
C PRO A 425 1.02 11.30 30.41
N GLU A 426 1.75 11.50 29.34
CA GLU A 426 1.27 12.21 28.16
C GLU A 426 0.24 11.37 27.48
N HIS A 427 -0.78 11.99 26.92
CA HIS A 427 -1.89 11.25 26.31
C HIS A 427 -2.66 12.09 25.31
N TRP A 428 -3.51 11.44 24.53
CA TRP A 428 -4.37 12.11 23.58
C TRP A 428 -5.74 12.30 24.22
N HIS A 429 -6.30 13.49 24.07
CA HIS A 429 -7.57 13.86 24.68
C HIS A 429 -8.64 14.09 23.62
N TYR A 430 -9.62 13.20 23.60
CA TYR A 430 -10.72 13.25 22.66
C TYR A 430 -11.92 13.92 23.29
N ILE A 431 -12.53 14.84 22.56
CA ILE A 431 -13.74 15.54 23.01
C ILE A 431 -14.76 15.48 21.88
N SER A 432 -16.01 15.12 22.22
CA SER A 432 -17.05 14.97 21.20
C SER A 432 -17.98 16.17 21.07
N PHE A 433 -18.58 16.32 19.88
CA PHE A 433 -19.60 17.34 19.66
C PHE A 433 -20.82 16.77 18.92
N GLY A 434 -21.98 16.78 19.58
CA GLY A 434 -23.19 16.25 18.97
C GLY A 434 -24.25 15.78 19.95
N LEU A 435 -23.83 15.26 21.10
CA LEU A 435 -24.76 14.80 22.12
C LEU A 435 -25.44 15.99 22.78
N SER A 436 -24.76 17.13 22.78
CA SER A 436 -25.36 18.37 23.25
C SER A 436 -25.98 19.14 22.07
N ASP A 437 -26.64 20.25 22.38
CA ASP A 437 -27.29 21.06 21.35
C ASP A 437 -26.32 22.13 20.85
N LEU A 438 -25.71 21.85 19.70
CA LEU A 438 -24.74 22.75 19.10
C LEU A 438 -25.34 23.96 18.41
N TYR A 439 -26.41 23.73 17.63
CA TYR A 439 -26.92 24.74 16.71
C TYR A 439 -28.21 25.39 17.21
N GLY A 440 -29.00 24.64 17.96
CA GLY A 440 -30.18 25.17 18.60
C GLY A 440 -31.36 25.45 17.68
N ASP A 441 -31.32 24.94 16.45
CA ASP A 441 -32.40 25.15 15.49
C ASP A 441 -33.27 23.91 15.34
N ASN A 442 -33.15 23.00 16.31
CA ASN A 442 -33.98 21.81 16.38
C ASN A 442 -33.80 20.79 15.26
N ARG A 443 -32.64 20.82 14.61
CA ARG A 443 -32.33 19.86 13.55
C ARG A 443 -32.13 18.47 14.15
N VAL A 444 -31.61 18.41 15.38
CA VAL A 444 -31.40 17.15 16.09
C VAL A 444 -32.00 17.16 17.50
N HIS A 445 -31.91 18.29 18.19
CA HIS A 445 -32.29 18.38 19.61
C HIS A 445 -33.46 19.34 19.85
N GLU A 446 -34.29 19.10 20.86
CA GLU A 446 -35.34 20.07 21.19
C GLU A 446 -34.73 21.27 21.91
N PHE A 447 -34.98 22.48 21.40
CA PHE A 447 -34.48 23.71 22.02
C PHE A 447 -35.48 24.34 23.02
N THR A 448 -35.08 24.42 24.28
CA THR A 448 -35.96 24.92 25.36
C THR A 448 -35.49 26.24 25.97
N GLY A 449 -34.31 26.71 25.54
CA GLY A 449 -33.74 27.94 26.05
C GLY A 449 -32.68 27.67 27.10
N THR A 450 -32.14 28.74 27.69
CA THR A 450 -31.06 28.61 28.65
C THR A 450 -31.58 27.86 29.87
N ASP A 451 -30.65 27.24 30.60
CA ASP A 451 -30.92 26.50 31.83
C ASP A 451 -31.46 25.13 31.44
N GLY A 452 -31.08 24.10 32.20
CA GLY A 452 -31.48 22.75 31.88
C GLY A 452 -30.41 22.16 30.99
N PRO A 453 -30.54 20.87 30.63
CA PRO A 453 -29.45 20.27 29.85
C PRO A 453 -29.50 20.63 28.36
N SER A 454 -28.33 20.91 27.79
CA SER A 454 -28.22 21.13 26.36
C SER A 454 -28.18 19.75 25.70
N GLY A 455 -29.17 19.48 24.84
CA GLY A 455 -29.35 18.15 24.29
C GLY A 455 -29.48 17.13 25.41
N PHE A 456 -28.67 16.08 25.37
CA PHE A 456 -28.64 15.10 26.45
C PHE A 456 -27.92 15.69 27.67
N GLY A 457 -27.37 16.90 27.51
CA GLY A 457 -26.80 17.62 28.63
C GLY A 457 -25.34 17.34 28.90
N PHE A 458 -24.67 16.59 28.02
CA PHE A 458 -23.26 16.27 28.22
C PHE A 458 -22.55 15.97 26.91
N GLU A 459 -21.23 16.00 26.95
CA GLU A 459 -20.41 15.51 25.85
C GLU A 459 -19.45 14.44 26.36
N LEU A 460 -19.05 13.54 25.47
CA LEU A 460 -18.12 12.48 25.79
C LEU A 460 -16.68 12.93 25.60
N THR A 461 -15.81 12.45 26.49
CA THR A 461 -14.37 12.64 26.33
C THR A 461 -13.62 11.34 26.55
N PHE A 462 -12.37 11.30 26.11
CA PHE A 462 -11.55 10.09 26.28
C PHE A 462 -10.07 10.45 26.35
N ARG A 463 -9.34 9.78 27.24
CA ARG A 463 -7.91 10.01 27.39
C ARG A 463 -7.13 8.73 27.10
N LEU A 464 -6.38 8.76 26.00
CA LEU A 464 -5.66 7.59 25.53
C LEU A 464 -4.16 7.79 25.67
N LYS A 465 -3.51 6.91 26.43
CA LYS A 465 -2.07 6.97 26.63
C LYS A 465 -1.32 7.11 25.31
N ARG A 466 -0.40 8.08 25.26
CA ARG A 466 0.38 8.29 24.06
C ARG A 466 1.52 7.29 24.02
N GLU A 467 1.61 6.56 22.91
CA GLU A 467 2.70 5.63 22.67
C GLU A 467 3.93 6.34 22.15
N THR A 468 5.08 5.72 22.37
CA THR A 468 6.35 6.30 21.94
C THR A 468 6.36 6.44 20.42
N GLY A 469 6.92 7.54 19.93
CA GLY A 469 6.99 7.76 18.50
C GLY A 469 5.72 8.32 17.86
N GLU A 470 4.63 8.41 18.61
CA GLU A 470 3.35 8.83 18.04
C GLU A 470 3.29 10.33 17.73
N SER A 471 3.23 10.65 16.45
CA SER A 471 3.13 12.03 16.02
C SER A 471 1.71 12.56 16.10
N ALA A 472 0.73 11.70 15.84
CA ALA A 472 -0.67 12.13 15.82
C ALA A 472 -1.58 11.21 16.62
N PRO A 473 -2.72 11.73 17.08
CA PRO A 473 -3.67 10.91 17.83
C PRO A 473 -4.35 9.91 16.91
N PRO A 474 -4.45 8.63 17.31
CA PRO A 474 -5.23 7.70 16.48
C PRO A 474 -6.70 8.11 16.45
N THR A 475 -7.42 7.72 15.41
CA THR A 475 -8.79 8.18 15.18
C THR A 475 -9.89 7.21 15.65
N TRP A 476 -9.53 5.97 15.97
CA TRP A 476 -10.54 4.97 16.34
C TRP A 476 -11.41 5.33 17.55
N PRO A 477 -10.85 6.04 18.54
CA PRO A 477 -11.72 6.40 19.67
C PRO A 477 -12.90 7.26 19.24
N ALA A 478 -12.75 7.97 18.13
CA ALA A 478 -13.84 8.78 17.61
C ALA A 478 -14.99 7.87 17.21
N GLU A 479 -14.68 6.82 16.45
CA GLU A 479 -15.69 5.85 16.05
C GLU A 479 -16.31 5.18 17.28
N LEU A 480 -15.47 4.86 18.26
CA LEU A 480 -15.97 4.32 19.51
C LEU A 480 -17.01 5.26 20.12
N MET A 481 -16.64 6.54 20.19
CA MET A 481 -17.55 7.56 20.71
C MET A 481 -18.82 7.61 19.88
N GLN A 482 -18.67 7.45 18.56
CA GLN A 482 -19.84 7.40 17.68
C GLN A 482 -20.76 6.26 18.07
N GLY A 483 -20.18 5.10 18.34
CA GLY A 483 -20.96 3.95 18.79
C GLY A 483 -21.73 4.28 20.05
N LEU A 484 -21.01 4.78 21.06
CA LEU A 484 -21.65 5.20 22.29
C LEU A 484 -22.77 6.22 22.05
N ALA A 485 -22.52 7.18 21.18
CA ALA A 485 -23.51 8.20 20.86
C ALA A 485 -24.75 7.57 20.21
N ARG A 486 -24.52 6.63 19.30
CA ARG A 486 -25.63 5.91 18.66
C ARG A 486 -26.46 5.24 19.73
N TYR A 487 -25.79 4.57 20.67
CA TYR A 487 -26.52 3.96 21.79
C TYR A 487 -27.35 5.01 22.54
N VAL A 488 -26.71 6.10 22.96
CA VAL A 488 -27.41 7.13 23.73
C VAL A 488 -28.64 7.66 23.00
N PHE A 489 -28.49 8.00 21.71
CA PHE A 489 -29.62 8.52 20.95
C PHE A 489 -30.73 7.48 20.81
N GLN A 490 -30.36 6.25 20.46
CA GLN A 490 -31.37 5.20 20.26
C GLN A 490 -32.08 4.77 21.54
N SER A 491 -31.33 4.64 22.63
CA SER A 491 -31.89 4.10 23.86
C SER A 491 -32.63 5.16 24.64
N GLU A 492 -32.30 6.42 24.38
CA GLU A 492 -32.84 7.58 25.09
C GLU A 492 -32.37 7.67 26.55
N ASN A 493 -31.37 6.88 26.94
CA ASN A 493 -30.89 6.93 28.31
C ASN A 493 -29.65 7.80 28.42
N THR A 494 -29.73 8.84 29.23
CA THR A 494 -28.58 9.71 29.45
C THR A 494 -27.56 8.96 30.29
N PHE A 495 -26.28 9.23 30.04
CA PHE A 495 -25.20 8.62 30.81
C PHE A 495 -24.91 9.44 32.05
N CYS A 496 -24.48 8.75 33.09
CA CYS A 496 -24.10 9.39 34.34
C CYS A 496 -22.77 8.85 34.84
N SER A 497 -22.11 9.62 35.67
CA SER A 497 -20.86 9.18 36.29
C SER A 497 -21.14 8.01 37.22
N GLY A 498 -20.34 6.96 37.07
CA GLY A 498 -20.48 5.76 37.87
C GLY A 498 -21.04 4.63 37.05
N ASP A 499 -21.68 4.97 35.93
CA ASP A 499 -22.22 3.94 35.05
C ASP A 499 -21.12 3.13 34.39
N HIS A 500 -21.48 1.95 33.91
CA HIS A 500 -20.57 1.11 33.14
C HIS A 500 -21.24 0.78 31.83
N VAL A 501 -20.45 0.38 30.85
CA VAL A 501 -20.97 0.03 29.55
C VAL A 501 -20.30 -1.24 29.06
N SER A 502 -21.06 -2.32 28.94
CA SER A 502 -20.54 -3.56 28.40
C SER A 502 -20.44 -3.46 26.88
N TRP A 503 -19.22 -3.61 26.36
CA TRP A 503 -18.91 -3.54 24.94
C TRP A 503 -18.59 -4.92 24.34
N HIS A 504 -17.87 -5.74 25.09
CA HIS A 504 -17.56 -7.13 24.72
C HIS A 504 -16.63 -7.34 23.52
N SER A 505 -15.88 -6.30 23.17
CA SER A 505 -14.83 -6.42 22.16
C SER A 505 -13.75 -5.44 22.58
N PRO A 506 -12.48 -5.75 22.28
CA PRO A 506 -11.46 -4.74 22.60
C PRO A 506 -11.77 -3.46 21.84
N LEU A 507 -11.71 -2.34 22.55
CA LEU A 507 -12.24 -1.07 22.04
C LEU A 507 -11.58 -0.63 20.75
N ASP A 508 -10.31 -0.97 20.60
CA ASP A 508 -9.53 -0.56 19.43
C ASP A 508 -9.42 -1.67 18.37
N ASN A 509 -10.17 -2.74 18.56
CA ASN A 509 -10.19 -3.86 17.62
C ASN A 509 -8.83 -4.56 17.52
N SER A 510 -8.01 -4.39 18.55
CA SER A 510 -6.75 -5.10 18.68
C SER A 510 -6.98 -6.39 19.47
N GLU A 511 -5.93 -6.87 20.13
CA GLU A 511 -6.03 -8.03 21.03
C GLU A 511 -6.16 -7.57 22.48
N SER A 512 -6.34 -6.27 22.69
CA SER A 512 -6.27 -5.67 24.03
C SER A 512 -7.23 -6.29 25.04
N ARG A 513 -6.82 -6.29 26.30
CA ARG A 513 -7.62 -6.84 27.39
C ARG A 513 -8.67 -5.83 27.84
N ILE A 514 -8.52 -4.59 27.39
CA ILE A 514 -9.47 -3.53 27.70
C ILE A 514 -10.67 -3.66 26.77
N GLN A 515 -11.71 -4.34 27.24
CA GLN A 515 -12.88 -4.63 26.41
C GLN A 515 -14.15 -3.95 26.91
N HIS A 516 -14.04 -3.11 27.94
CA HIS A 516 -15.22 -2.49 28.54
C HIS A 516 -14.96 -1.06 29.00
N MET A 517 -16.03 -0.38 29.41
CA MET A 517 -15.96 1.03 29.76
C MET A 517 -16.72 1.39 31.03
N LEU A 518 -16.10 2.27 31.82
CA LEU A 518 -16.76 2.93 32.93
C LEU A 518 -16.81 4.40 32.54
N LEU A 519 -17.73 5.15 33.14
CA LEU A 519 -17.90 6.57 32.82
C LEU A 519 -17.69 7.41 34.06
N THR A 520 -16.90 8.48 33.94
CA THR A 520 -16.66 9.37 35.08
C THR A 520 -16.61 10.82 34.63
N GLU A 521 -16.68 11.74 35.59
CA GLU A 521 -16.53 13.15 35.29
C GLU A 521 -15.12 13.41 34.80
N ASP A 522 -15.00 14.19 33.73
CA ASP A 522 -13.69 14.55 33.21
C ASP A 522 -12.90 15.33 34.27
N PRO A 523 -11.63 14.96 34.49
CA PRO A 523 -10.80 15.58 35.53
C PRO A 523 -10.42 17.05 35.27
N GLN A 524 -10.41 17.49 34.01
CA GLN A 524 -10.03 18.86 33.68
C GLN A 524 -11.18 19.73 33.15
N MET A 525 -12.02 19.13 32.31
CA MET A 525 -13.12 19.85 31.67
C MET A 525 -14.22 20.27 32.64
N GLN A 526 -14.49 21.58 32.68
CA GLN A 526 -15.53 22.13 33.54
C GLN A 526 -16.84 22.31 32.78
N PRO A 527 -17.98 22.05 33.45
CA PRO A 527 -19.27 22.20 32.78
C PRO A 527 -19.45 23.60 32.20
N VAL A 528 -20.25 23.71 31.14
CA VAL A 528 -20.36 24.96 30.39
C VAL A 528 -21.79 25.39 30.24
N GLN A 529 -22.00 26.70 30.19
CA GLN A 529 -23.31 27.28 29.99
C GLN A 529 -23.37 27.76 28.55
N THR A 530 -24.41 27.33 27.84
CA THR A 530 -24.61 27.69 26.45
C THR A 530 -26.00 28.27 26.39
N PRO A 531 -26.31 29.04 25.34
CA PRO A 531 -27.68 29.55 25.24
C PRO A 531 -28.73 28.44 25.17
N PHE A 532 -28.30 27.22 24.85
CA PHE A 532 -29.19 26.09 24.68
C PHE A 532 -29.23 25.16 25.90
N GLY A 533 -28.42 25.44 26.91
CA GLY A 533 -28.42 24.68 28.14
C GLY A 533 -27.03 24.50 28.70
N VAL A 534 -26.92 23.64 29.72
CA VAL A 534 -25.64 23.34 30.35
C VAL A 534 -25.08 22.03 29.82
N VAL A 535 -23.76 22.00 29.62
CA VAL A 535 -23.05 20.82 29.14
C VAL A 535 -21.98 20.38 30.13
N THR A 536 -22.07 19.13 30.57
CA THR A 536 -21.01 18.52 31.36
C THR A 536 -20.19 17.63 30.45
N PHE A 537 -19.10 17.09 30.98
CA PHE A 537 -18.21 16.25 30.17
C PHE A 537 -17.92 14.92 30.83
N LEU A 538 -18.42 13.85 30.21
CA LEU A 538 -18.23 12.50 30.73
C LEU A 538 -17.06 11.84 30.05
N GLN A 539 -16.04 11.54 30.84
CA GLN A 539 -14.89 10.81 30.32
C GLN A 539 -15.15 9.31 30.35
N ILE A 540 -14.70 8.67 29.27
CA ILE A 540 -14.76 7.23 29.12
C ILE A 540 -13.51 6.63 29.75
N VAL A 541 -13.66 5.52 30.44
CA VAL A 541 -12.51 4.84 31.03
C VAL A 541 -12.53 3.35 30.69
N GLY A 542 -11.53 2.90 29.95
CA GLY A 542 -11.44 1.51 29.54
C GLY A 542 -11.10 0.60 30.71
N VAL A 543 -11.77 -0.55 30.78
CA VAL A 543 -11.56 -1.52 31.84
C VAL A 543 -11.61 -2.95 31.32
N CYS A 544 -11.15 -3.89 32.14
CA CYS A 544 -11.21 -5.30 31.81
C CYS A 544 -12.55 -5.87 32.27
N THR A 545 -12.89 -7.05 31.76
CA THR A 545 -14.18 -7.66 32.06
C THR A 545 -14.28 -7.90 33.57
N GLU A 546 -13.16 -8.27 34.17
CA GLU A 546 -13.12 -8.54 35.60
C GLU A 546 -13.49 -7.27 36.36
N GLU A 547 -12.95 -6.15 35.91
CA GLU A 547 -13.22 -4.86 36.54
C GLU A 547 -14.67 -4.42 36.32
N LEU A 548 -15.19 -4.65 35.11
CA LEU A 548 -16.59 -4.37 34.83
C LEU A 548 -17.47 -5.18 35.76
N HIS A 549 -17.15 -6.47 35.89
CA HIS A 549 -17.95 -7.33 36.75
C HIS A 549 -17.88 -6.84 38.18
N SER A 550 -16.68 -6.47 38.63
CA SER A 550 -16.54 -5.91 39.97
C SER A 550 -17.34 -4.61 40.15
N ALA A 551 -17.36 -3.77 39.12
CA ALA A 551 -18.16 -2.54 39.19
C ALA A 551 -19.65 -2.88 39.30
N GLN A 552 -20.10 -3.86 38.53
CA GLN A 552 -21.49 -4.29 38.60
C GLN A 552 -21.83 -4.87 39.96
N GLN A 553 -21.04 -5.84 40.40
CA GLN A 553 -21.31 -6.57 41.64
C GLN A 553 -21.16 -5.70 42.88
N TRP A 554 -20.21 -4.78 42.84
CA TRP A 554 -19.93 -3.91 43.99
C TRP A 554 -20.42 -2.50 43.66
N ASN A 555 -19.52 -1.62 43.21
CA ASN A 555 -19.94 -0.32 42.69
C ASN A 555 -18.92 0.29 41.71
N GLY A 556 -19.41 1.15 40.82
CA GLY A 556 -18.55 1.76 39.83
C GLY A 556 -17.58 2.76 40.45
N GLN A 557 -18.07 3.57 41.37
CA GLN A 557 -17.27 4.62 41.98
C GLN A 557 -16.06 4.06 42.72
N GLY A 558 -16.27 2.96 43.45
CA GLY A 558 -15.19 2.31 44.16
C GLY A 558 -14.12 1.84 43.20
N ILE A 559 -14.54 1.14 42.15
CA ILE A 559 -13.61 0.63 41.15
C ILE A 559 -12.86 1.79 40.50
N LEU A 560 -13.56 2.90 40.25
CA LEU A 560 -12.89 4.06 39.70
C LEU A 560 -11.80 4.56 40.65
N GLU A 561 -12.14 4.71 41.94
CA GLU A 561 -11.13 5.13 42.89
C GLU A 561 -9.92 4.17 42.90
N LEU A 562 -10.19 2.87 42.94
CA LEU A 562 -9.11 1.90 42.85
C LEU A 562 -8.28 2.15 41.61
N LEU A 563 -8.95 2.38 40.48
CA LEU A 563 -8.24 2.68 39.24
C LEU A 563 -7.40 3.95 39.37
N ARG A 564 -7.89 4.93 40.12
CA ARG A 564 -7.08 6.12 40.37
C ARG A 564 -5.85 5.82 41.21
N THR A 565 -5.99 4.96 42.22
CA THR A 565 -4.85 4.63 43.08
C THR A 565 -3.77 3.81 42.36
N VAL A 566 -4.11 3.22 41.22
CA VAL A 566 -3.15 2.44 40.44
C VAL A 566 -2.86 3.19 39.12
N PRO A 567 -1.69 3.85 39.04
CA PRO A 567 -1.42 4.77 37.93
C PRO A 567 -1.39 4.13 36.54
N ILE A 568 -0.82 2.95 36.42
CA ILE A 568 -0.71 2.28 35.12
C ILE A 568 -2.10 1.86 34.65
N ALA A 569 -3.08 1.90 35.55
CA ALA A 569 -4.44 1.48 35.26
C ALA A 569 -5.36 2.69 35.06
N GLY A 570 -4.83 3.88 35.24
CA GLY A 570 -5.64 5.09 35.15
C GLY A 570 -4.97 6.30 35.77
N GLY A 571 -4.70 6.22 37.07
CA GLY A 571 -4.14 7.36 37.78
C GLY A 571 -5.22 8.38 38.06
N PRO A 572 -4.83 9.55 38.60
CA PRO A 572 -5.78 10.61 38.99
C PRO A 572 -6.72 11.04 37.87
N TRP A 573 -6.25 11.04 36.62
CA TRP A 573 -7.09 11.45 35.50
C TRP A 573 -7.69 10.27 34.75
N LEU A 574 -7.43 9.05 35.24
CA LEU A 574 -8.05 7.85 34.69
C LEU A 574 -7.79 7.73 33.19
N ILE A 575 -6.52 7.78 32.82
CA ILE A 575 -6.08 7.57 31.43
C ILE A 575 -6.15 6.09 31.04
N THR A 576 -6.60 5.82 29.82
CA THR A 576 -6.70 4.45 29.33
C THR A 576 -5.43 4.01 28.60
N ASP A 577 -4.88 2.88 29.05
CA ASP A 577 -3.74 2.23 28.38
C ASP A 577 -4.20 0.92 27.76
N MET A 578 -4.33 0.89 26.44
CA MET A 578 -4.84 -0.27 25.75
C MET A 578 -3.88 -1.46 25.87
N ARG A 579 -2.60 -1.18 26.14
CA ARG A 579 -1.61 -2.24 26.19
C ARG A 579 -1.49 -2.84 27.58
N ARG A 580 -2.26 -2.33 28.52
CA ARG A 580 -2.24 -2.84 29.88
C ARG A 580 -2.65 -4.30 29.84
N GLY A 581 -1.87 -5.16 30.51
CA GLY A 581 -2.03 -6.60 30.43
C GLY A 581 -2.58 -7.26 31.67
N GLU A 582 -2.55 -6.53 32.79
CA GLU A 582 -3.02 -7.05 34.06
C GLU A 582 -4.18 -6.23 34.62
N THR A 583 -5.10 -6.92 35.27
CA THR A 583 -6.17 -6.26 35.99
C THR A 583 -5.57 -5.72 37.27
N ILE A 584 -6.27 -4.80 37.90
CA ILE A 584 -5.81 -4.22 39.16
C ILE A 584 -5.75 -5.29 40.24
N PHE A 585 -6.47 -6.39 40.03
CA PHE A 585 -6.53 -7.48 40.99
C PHE A 585 -5.30 -8.35 40.88
N GLU A 586 -4.74 -8.43 39.68
CA GLU A 586 -3.49 -9.15 39.44
C GLU A 586 -2.29 -8.34 39.94
N ILE A 587 -2.47 -7.03 40.00
CA ILE A 587 -1.40 -6.11 40.45
C ILE A 587 -1.30 -6.08 41.98
N ASP A 588 -2.45 -6.21 42.64
CA ASP A 588 -2.53 -6.19 44.10
C ASP A 588 -3.53 -7.25 44.52
N PRO A 589 -3.06 -8.46 44.86
CA PRO A 589 -4.03 -9.52 45.18
C PRO A 589 -5.07 -9.10 46.23
N HIS A 590 -4.58 -8.59 47.36
CA HIS A 590 -5.47 -8.27 48.49
C HIS A 590 -6.61 -7.35 48.14
N LEU A 591 -6.43 -6.52 47.13
CA LEU A 591 -7.44 -5.51 46.81
C LEU A 591 -8.75 -6.22 46.51
N GLN A 592 -8.66 -7.40 45.90
CA GLN A 592 -9.83 -8.16 45.54
C GLN A 592 -10.60 -8.47 46.81
N GLU A 593 -9.87 -8.77 47.88
CA GLU A 593 -10.49 -9.04 49.16
C GLU A 593 -11.33 -7.83 49.60
N ARG A 594 -10.89 -6.63 49.25
CA ARG A 594 -11.60 -5.44 49.70
C ARG A 594 -12.96 -5.38 49.02
N VAL A 595 -12.99 -5.79 47.76
CA VAL A 595 -14.22 -5.77 46.98
C VAL A 595 -15.12 -6.86 47.55
N ASP A 596 -14.54 -8.04 47.73
CA ASP A 596 -15.28 -9.19 48.23
C ASP A 596 -15.87 -8.89 49.61
N LYS A 597 -15.09 -8.26 50.48
CA LYS A 597 -15.60 -7.82 51.77
C LYS A 597 -16.77 -6.85 51.55
N GLY A 598 -16.59 -5.93 50.61
CA GLY A 598 -17.61 -4.95 50.31
C GLY A 598 -18.90 -5.56 49.79
N ILE A 599 -18.80 -6.47 48.83
CA ILE A 599 -19.97 -7.11 48.24
C ILE A 599 -20.81 -7.84 49.30
N GLU A 600 -20.17 -8.64 50.14
CA GLU A 600 -20.90 -9.44 51.13
C GLU A 600 -21.60 -8.56 52.17
N THR A 601 -20.96 -7.47 52.60
CA THR A 601 -21.52 -6.59 53.62
C THR A 601 -22.42 -5.45 53.11
N ASP A 602 -22.06 -4.85 51.98
CA ASP A 602 -22.79 -3.70 51.44
C ASP A 602 -23.62 -4.00 50.19
N GLY A 603 -23.25 -5.06 49.47
CA GLY A 603 -23.96 -5.44 48.27
C GLY A 603 -23.61 -4.64 47.01
N SER A 604 -24.57 -4.56 46.10
CA SER A 604 -24.40 -3.88 44.82
C SER A 604 -24.96 -2.46 44.81
N ASN A 605 -24.32 -1.59 44.03
CA ASN A 605 -24.68 -0.19 43.92
C ASN A 605 -25.63 0.09 42.76
N LEU A 606 -25.88 -0.94 41.97
CA LEU A 606 -26.60 -0.80 40.70
C LEU A 606 -28.10 -0.73 40.89
N SER A 607 -28.66 0.45 40.65
CA SER A 607 -30.10 0.62 40.82
C SER A 607 -30.81 -0.17 39.73
N GLY A 608 -30.19 -0.24 38.56
CA GLY A 608 -30.80 -0.90 37.42
C GLY A 608 -29.87 -0.99 36.23
N VAL A 609 -30.36 -1.61 35.16
CA VAL A 609 -29.57 -1.80 33.96
C VAL A 609 -30.48 -1.77 32.74
N SER A 610 -29.96 -1.27 31.64
CA SER A 610 -30.68 -1.27 30.37
C SER A 610 -30.21 -2.46 29.55
N ALA A 611 -31.15 -3.32 29.18
CA ALA A 611 -30.81 -4.59 28.56
C ALA A 611 -31.95 -5.09 27.69
N LYS A 612 -31.68 -6.14 26.92
CA LYS A 612 -32.70 -6.81 26.14
C LYS A 612 -33.55 -7.69 27.04
N CYS A 613 -34.79 -7.26 27.26
CA CYS A 613 -35.71 -7.96 28.15
C CYS A 613 -37.15 -7.60 27.83
N ALA A 614 -38.08 -8.32 28.43
CA ALA A 614 -39.50 -8.06 28.24
C ALA A 614 -40.29 -8.84 29.28
N TRP A 615 -41.57 -8.52 29.43
CA TRP A 615 -42.42 -9.28 30.34
C TRP A 615 -43.85 -9.34 29.81
N ASP A 616 -44.62 -10.33 30.24
CA ASP A 616 -46.01 -10.45 29.83
C ASP A 616 -46.72 -11.50 30.70
N ASP A 617 -47.96 -11.86 30.35
CA ASP A 617 -48.73 -12.78 31.19
C ASP A 617 -48.40 -14.23 30.87
N ARG A 627 -53.62 3.70 33.92
CA ARG A 627 -53.87 2.26 33.80
C ARG A 627 -52.92 1.51 34.71
N THR A 628 -53.32 1.39 35.97
CA THR A 628 -52.58 0.57 36.93
C THR A 628 -53.23 -0.80 36.97
N ARG A 629 -52.42 -1.85 36.83
CA ARG A 629 -52.95 -3.21 36.69
C ARG A 629 -52.30 -4.26 37.58
N GLN A 630 -53.15 -5.02 38.27
CA GLN A 630 -52.71 -6.20 39.00
C GLN A 630 -52.82 -7.47 38.12
N LEU A 631 -51.85 -8.38 38.26
CA LEU A 631 -51.80 -9.60 37.43
C LEU A 631 -51.76 -10.87 38.29
N GLU A 632 -52.51 -11.90 37.88
CA GLU A 632 -52.44 -13.19 38.55
C GLU A 632 -51.20 -13.96 38.16
N SER A 633 -50.81 -13.83 36.90
CA SER A 633 -49.64 -14.51 36.38
C SER A 633 -48.66 -13.51 35.77
N VAL A 634 -47.39 -13.87 35.77
CA VAL A 634 -46.35 -13.05 35.17
C VAL A 634 -45.33 -13.94 34.50
N HIS A 635 -44.84 -13.44 33.38
CA HIS A 635 -43.86 -14.16 32.60
C HIS A 635 -42.75 -13.20 32.21
N LEU A 636 -41.55 -13.43 32.76
CA LEU A 636 -40.42 -12.52 32.51
C LEU A 636 -39.48 -13.11 31.46
N LYS A 637 -38.92 -12.21 30.65
CA LYS A 637 -38.04 -12.59 29.56
C LYS A 637 -36.77 -11.75 29.56
N PHE A 638 -35.64 -12.43 29.44
CA PHE A 638 -34.34 -11.78 29.47
C PHE A 638 -33.46 -12.40 28.39
N ASN A 639 -32.41 -11.67 28.00
CA ASN A 639 -31.35 -12.25 27.18
C ASN A 639 -30.32 -12.85 28.12
N GLN A 640 -29.31 -13.52 27.58
CA GLN A 640 -28.30 -14.17 28.40
C GLN A 640 -27.61 -13.22 29.38
N GLU A 641 -27.18 -12.07 28.88
CA GLU A 641 -26.42 -11.12 29.67
C GLU A 641 -27.24 -10.61 30.86
N SER A 642 -28.46 -10.17 30.59
CA SER A 642 -29.37 -9.74 31.65
C SER A 642 -29.63 -10.93 32.55
N GLY A 643 -29.77 -12.10 31.94
CA GLY A 643 -29.98 -13.33 32.68
C GLY A 643 -28.86 -13.57 33.66
N ALA A 644 -27.64 -13.26 33.26
CA ALA A 644 -26.48 -13.41 34.13
C ALA A 644 -26.48 -12.39 35.28
N LEU A 645 -27.28 -11.34 35.14
CA LEU A 645 -27.41 -10.32 36.19
C LEU A 645 -28.55 -10.64 37.16
N ILE A 646 -29.40 -11.60 36.81
CA ILE A 646 -30.50 -11.98 37.69
C ILE A 646 -29.95 -12.37 39.07
N PRO A 647 -28.91 -13.20 39.11
CA PRO A 647 -28.30 -13.50 40.42
C PRO A 647 -27.79 -12.25 41.15
N LEU A 648 -27.32 -11.25 40.41
CA LEU A 648 -26.91 -9.99 41.01
C LEU A 648 -28.13 -9.28 41.58
N CYS A 649 -29.20 -9.22 40.78
CA CYS A 649 -30.43 -8.56 41.20
C CYS A 649 -30.97 -9.13 42.50
N LEU A 650 -31.04 -10.46 42.58
CA LEU A 650 -31.61 -11.14 43.74
C LEU A 650 -30.68 -11.07 44.95
N ARG A 651 -29.49 -11.66 44.82
CA ARG A 651 -28.52 -11.67 45.92
C ARG A 651 -27.96 -10.28 46.24
N GLY A 652 -27.69 -9.51 45.20
CA GLY A 652 -27.00 -8.24 45.35
C GLY A 652 -27.82 -7.11 45.93
N ARG A 653 -29.15 -7.18 45.79
CA ARG A 653 -30.01 -6.07 46.22
C ARG A 653 -31.22 -6.49 47.03
N LEU A 654 -31.99 -7.45 46.53
CA LEU A 654 -33.22 -7.84 47.21
C LEU A 654 -32.90 -8.31 48.63
N LEU A 655 -31.81 -9.07 48.79
CA LEU A 655 -31.37 -9.53 50.10
C LEU A 655 -30.80 -8.41 50.98
N HIS A 656 -30.57 -7.24 50.39
CA HIS A 656 -30.14 -6.04 51.11
C HIS A 656 -31.27 -5.01 51.18
N GLY A 657 -32.51 -5.46 50.95
CA GLY A 657 -33.67 -4.60 51.08
C GLY A 657 -33.75 -3.51 50.01
N ARG A 658 -33.03 -3.73 48.92
CA ARG A 658 -32.98 -2.79 47.80
C ARG A 658 -33.74 -3.33 46.58
N HIS A 659 -34.05 -2.43 45.65
CA HIS A 659 -34.77 -2.78 44.43
C HIS A 659 -33.82 -2.85 43.23
N PHE A 660 -34.27 -3.49 42.15
CA PHE A 660 -33.48 -3.54 40.92
C PHE A 660 -34.37 -3.46 39.69
N THR A 661 -33.95 -2.67 38.70
CA THR A 661 -34.78 -2.43 37.52
C THR A 661 -34.05 -2.78 36.22
N TYR A 662 -34.65 -3.70 35.47
CA TYR A 662 -34.22 -3.94 34.09
C TYR A 662 -35.07 -3.04 33.22
N LYS A 663 -34.44 -2.20 32.42
CA LYS A 663 -35.16 -1.39 31.44
C LYS A 663 -34.80 -1.82 30.03
N SER A 664 -35.82 -2.00 29.20
CA SER A 664 -35.58 -2.30 27.81
C SER A 664 -35.25 -1.02 27.07
N ILE A 665 -34.27 -1.14 26.18
CA ILE A 665 -33.81 -0.02 25.37
C ILE A 665 -34.66 0.15 24.12
N THR A 666 -35.04 -0.97 23.51
CA THR A 666 -35.93 -0.99 22.34
C THR A 666 -37.43 -0.61 22.49
N GLY A 667 -38.11 -1.17 23.49
CA GLY A 667 -39.51 -0.86 23.74
C GLY A 667 -39.57 0.14 24.87
N ASP A 668 -40.75 0.30 25.46
CA ASP A 668 -40.90 1.20 26.61
C ASP A 668 -41.01 0.43 27.93
N MET A 669 -40.80 -0.89 27.87
CA MET A 669 -40.97 -1.76 29.04
C MET A 669 -39.87 -1.64 30.10
N ALA A 670 -40.23 -1.98 31.32
CA ALA A 670 -39.31 -2.05 32.44
C ALA A 670 -39.79 -3.12 33.41
N ILE A 671 -38.85 -3.73 34.14
CA ILE A 671 -39.17 -4.72 35.15
C ILE A 671 -38.39 -4.39 36.42
N THR A 672 -39.10 -4.08 37.49
CA THR A 672 -38.46 -3.75 38.77
C THR A 672 -38.68 -4.81 39.83
N PHE A 673 -37.61 -5.48 40.23
CA PHE A 673 -37.64 -6.40 41.35
C PHE A 673 -37.59 -5.64 42.68
N VAL A 674 -38.53 -6.00 43.56
CA VAL A 674 -38.71 -5.38 44.87
C VAL A 674 -38.88 -6.47 45.93
N SER A 675 -38.36 -6.23 47.14
CA SER A 675 -38.57 -7.15 48.27
C SER A 675 -39.52 -6.53 49.30
N THR A 676 -39.70 -7.23 50.42
CA THR A 676 -40.62 -6.79 51.47
C THR A 676 -40.15 -5.44 52.02
N GLY A 677 -41.09 -4.65 52.53
CA GLY A 677 -40.80 -3.30 52.98
C GLY A 677 -40.68 -2.26 51.89
N VAL A 678 -39.67 -1.41 52.04
CA VAL A 678 -39.33 -0.29 51.15
C VAL A 678 -40.45 0.72 50.82
N GLU A 679 -41.62 0.62 51.47
CA GLU A 679 -42.64 1.68 51.41
C GLU A 679 -43.07 2.07 49.99
N GLY A 680 -42.14 2.62 49.22
CA GLY A 680 -42.41 3.16 47.90
C GLY A 680 -43.07 2.21 46.91
N ALA A 681 -42.85 0.91 47.09
CA ALA A 681 -43.37 -0.07 46.13
C ALA A 681 -44.89 -0.13 46.15
N PHE A 682 -45.48 -0.22 44.97
CA PHE A 682 -46.92 -0.48 44.83
C PHE A 682 -47.21 -1.98 44.82
N ALA A 683 -46.15 -2.77 44.68
CA ALA A 683 -46.28 -4.22 44.76
C ALA A 683 -46.29 -4.59 46.24
N THR A 684 -47.36 -5.25 46.67
CA THR A 684 -47.44 -5.78 48.03
C THR A 684 -47.29 -7.29 47.95
N GLU A 685 -46.94 -7.91 49.07
CA GLU A 685 -46.84 -9.37 49.11
C GLU A 685 -48.22 -9.97 48.82
N GLU A 686 -49.27 -9.29 49.26
CA GLU A 686 -50.64 -9.73 49.03
C GLU A 686 -50.95 -9.76 47.52
N HIS A 687 -50.45 -8.76 46.80
CA HIS A 687 -50.56 -8.72 45.33
C HIS A 687 -49.14 -8.53 44.74
N PRO A 688 -48.42 -9.64 44.52
CA PRO A 688 -47.01 -9.59 44.11
C PRO A 688 -46.70 -8.82 42.83
N TYR A 689 -47.55 -8.92 41.82
CA TYR A 689 -47.25 -8.41 40.49
C TYR A 689 -48.15 -7.21 40.18
N ALA A 690 -47.54 -6.07 39.86
CA ALA A 690 -48.32 -4.87 39.53
C ALA A 690 -47.66 -4.09 38.42
N ALA A 691 -48.48 -3.38 37.64
CA ALA A 691 -47.96 -2.68 36.46
C ALA A 691 -48.57 -1.29 36.21
N HIS A 692 -47.69 -0.30 36.06
CA HIS A 692 -48.10 1.04 35.64
C HIS A 692 -47.80 1.16 34.16
N GLY A 693 -48.60 0.52 33.32
CA GLY A 693 -48.32 0.49 31.90
C GLY A 693 -47.24 -0.54 31.62
N PRO A 694 -46.24 -0.18 30.80
CA PRO A 694 -45.12 -1.10 30.55
C PRO A 694 -44.20 -1.27 31.76
N TRP A 695 -44.34 -0.42 32.78
CA TRP A 695 -43.57 -0.57 34.01
C TRP A 695 -44.19 -1.66 34.85
N LEU A 696 -43.40 -2.70 35.12
CA LEU A 696 -43.83 -3.83 35.93
C LEU A 696 -42.98 -3.85 37.18
N GLN A 697 -43.67 -3.95 38.30
CA GLN A 697 -43.05 -4.11 39.59
C GLN A 697 -43.51 -5.44 40.15
N ILE A 698 -42.55 -6.28 40.55
CA ILE A 698 -42.85 -7.56 41.17
C ILE A 698 -42.17 -7.68 42.53
N LEU A 699 -42.93 -8.16 43.52
CA LEU A 699 -42.41 -8.32 44.87
C LEU A 699 -42.07 -9.79 45.16
N LEU A 700 -40.83 -10.01 45.60
CA LEU A 700 -40.36 -11.34 45.96
C LEU A 700 -39.95 -11.35 47.43
N THR A 701 -40.20 -12.49 48.09
CA THR A 701 -39.89 -12.65 49.50
C THR A 701 -38.52 -13.29 49.66
N GLU A 702 -37.87 -13.05 50.81
CA GLU A 702 -36.51 -13.55 51.03
C GLU A 702 -36.46 -15.06 50.81
N GLU A 703 -37.44 -15.77 51.35
CA GLU A 703 -37.52 -17.23 51.18
C GLU A 703 -37.54 -17.59 49.70
N PHE A 704 -38.44 -16.97 48.95
CA PHE A 704 -38.53 -17.27 47.53
C PHE A 704 -37.30 -16.82 46.74
N VAL A 705 -36.70 -15.71 47.17
CA VAL A 705 -35.46 -15.24 46.55
C VAL A 705 -34.39 -16.30 46.71
N GLU A 706 -34.26 -16.82 47.92
CA GLU A 706 -33.26 -17.85 48.19
C GLU A 706 -33.56 -19.06 47.31
N LYS A 707 -34.83 -19.48 47.30
CA LYS A 707 -35.23 -20.60 46.46
C LYS A 707 -34.90 -20.35 44.99
N MET A 708 -35.17 -19.14 44.52
CA MET A 708 -34.93 -18.78 43.13
C MET A 708 -33.45 -18.89 42.84
N LEU A 709 -32.64 -18.38 43.76
CA LEU A 709 -31.19 -18.49 43.63
C LEU A 709 -30.77 -19.95 43.53
N GLU A 710 -31.38 -20.81 44.35
CA GLU A 710 -31.07 -22.23 44.24
C GLU A 710 -31.46 -22.83 42.88
N ASP A 711 -32.63 -22.48 42.36
CA ASP A 711 -33.07 -23.03 41.07
C ASP A 711 -32.18 -22.63 39.88
N LEU A 712 -31.70 -21.39 39.86
CA LEU A 712 -31.00 -20.82 38.70
C LEU A 712 -29.51 -21.17 38.63
N GLU A 713 -29.14 -21.97 37.64
CA GLU A 713 -27.74 -22.37 37.46
C GLU A 713 -27.35 -22.30 35.99
N ASP A 714 -27.14 -21.08 35.48
CA ASP A 714 -26.75 -20.88 34.10
C ASP A 714 -25.47 -20.06 34.01
N ALA A 718 -25.56 -23.66 30.56
CA ALA A 718 -26.89 -24.11 30.15
C ALA A 718 -27.14 -23.72 28.70
N ALA A 719 -27.92 -24.51 27.99
CA ALA A 719 -28.33 -24.17 26.62
C ALA A 719 -29.68 -23.45 26.52
N LEU A 720 -29.78 -22.55 25.54
CA LEU A 720 -30.98 -21.75 25.32
C LEU A 720 -31.85 -22.36 24.22
N PRO A 721 -33.19 -22.16 24.28
CA PRO A 721 -33.90 -21.40 25.31
C PRO A 721 -33.97 -22.16 26.63
N LYS A 722 -33.76 -21.45 27.73
CA LYS A 722 -33.88 -22.06 29.06
C LYS A 722 -35.08 -21.56 29.79
N GLU A 723 -35.82 -22.47 30.41
CA GLU A 723 -37.10 -22.12 31.02
C GLU A 723 -37.20 -22.43 32.52
N TYR A 724 -37.68 -21.45 33.27
CA TYR A 724 -38.01 -21.63 34.68
C TYR A 724 -39.49 -21.40 34.91
N SER A 725 -40.10 -22.21 35.76
CA SER A 725 -41.52 -22.11 36.05
C SER A 725 -41.82 -22.34 37.52
N TRP A 726 -42.91 -21.73 37.98
CA TRP A 726 -43.42 -21.91 39.33
C TRP A 726 -44.93 -21.80 39.12
N PRO A 727 -45.75 -22.16 40.11
CA PRO A 727 -47.20 -22.04 39.83
C PRO A 727 -47.69 -20.63 39.50
N GLU A 728 -47.00 -19.59 39.96
CA GLU A 728 -47.50 -18.23 39.78
C GLU A 728 -46.81 -17.53 38.63
N LYS A 729 -45.66 -18.05 38.22
CA LYS A 729 -44.76 -17.29 37.36
C LYS A 729 -43.75 -18.12 36.56
N LYS A 730 -43.35 -17.57 35.42
CA LYS A 730 -42.36 -18.17 34.54
C LYS A 730 -41.25 -17.20 34.19
N LEU A 731 -40.07 -17.72 33.90
CA LEU A 731 -38.90 -16.91 33.58
C LEU A 731 -38.08 -17.55 32.47
N LYS A 732 -38.07 -16.89 31.31
CA LYS A 732 -37.33 -17.38 30.13
C LYS A 732 -36.06 -16.58 29.87
N VAL A 733 -35.05 -17.32 29.42
CA VAL A 733 -33.83 -16.77 28.87
C VAL A 733 -33.87 -17.17 27.41
N SER A 734 -33.59 -16.20 26.54
CA SER A 734 -33.86 -16.33 25.10
C SER A 734 -32.66 -15.92 24.24
N ILE A 735 -32.75 -16.21 22.94
CA ILE A 735 -31.65 -16.07 21.99
C ILE A 735 -31.82 -14.81 21.16
N LEU A 736 -32.23 -13.73 21.83
CA LEU A 736 -32.40 -12.43 21.21
C LEU A 736 -33.61 -12.40 20.26
N PRO A 737 -34.74 -13.04 20.66
CA PRO A 737 -35.95 -12.76 19.87
C PRO A 737 -36.27 -11.28 19.99
N ASP A 738 -35.88 -10.70 21.13
CA ASP A 738 -36.19 -9.33 21.47
C ASP A 738 -35.67 -8.42 20.34
N VAL A 739 -36.57 -7.88 19.51
CA VAL A 739 -36.15 -7.04 18.37
C VAL A 739 -37.12 -5.90 18.08
N VAL A 740 -36.71 -5.05 17.12
CA VAL A 740 -37.51 -3.91 16.60
C VAL A 740 -38.60 -3.36 17.53
N HIS A 748 -36.34 2.35 18.24
CA HIS A 748 -36.19 3.00 16.94
C HIS A 748 -36.49 4.49 17.05
N HIS A 749 -35.71 5.16 17.87
CA HIS A 749 -35.84 6.58 18.08
C HIS A 749 -34.68 7.28 17.46
N HIS A 750 -34.96 8.44 16.90
CA HIS A 750 -34.00 9.27 16.20
C HIS A 750 -34.07 10.68 16.76
N HIS A 751 -32.90 11.28 17.02
CA HIS A 751 -32.85 12.68 17.45
C HIS A 751 -33.45 12.89 18.84
N HIS A 752 -33.64 14.15 19.22
CA HIS A 752 -34.26 14.52 20.50
C HIS A 752 -35.62 15.20 20.33
N HIS A 753 -36.08 15.28 19.10
CA HIS A 753 -37.34 15.90 18.72
C HIS A 753 -38.51 15.67 19.68
N GLU B 5 -58.56 -25.59 21.91
CA GLU B 5 -58.46 -24.21 22.35
C GLU B 5 -59.77 -23.46 22.15
N GLY B 6 -60.20 -22.71 23.16
CA GLY B 6 -61.37 -21.86 23.06
C GLY B 6 -60.98 -20.40 22.86
N LYS B 7 -59.73 -20.14 22.51
CA LYS B 7 -59.27 -18.78 22.26
C LYS B 7 -58.99 -18.52 20.78
N LEU B 8 -58.70 -17.26 20.43
CA LEU B 8 -58.40 -16.88 19.06
C LEU B 8 -57.12 -16.06 18.99
N VAL B 9 -56.13 -16.53 18.24
CA VAL B 9 -54.92 -15.76 17.94
C VAL B 9 -54.83 -15.19 16.52
N ILE B 10 -54.51 -13.91 16.40
CA ILE B 10 -54.49 -13.22 15.11
C ILE B 10 -53.11 -12.57 14.90
N TRP B 11 -52.55 -12.74 13.71
CA TRP B 11 -51.31 -12.06 13.31
C TRP B 11 -51.57 -11.00 12.25
N ILE B 12 -51.08 -9.79 12.51
CA ILE B 12 -51.19 -8.70 11.57
C ILE B 12 -49.91 -7.87 11.66
N ASN B 13 -49.50 -7.24 10.56
CA ASN B 13 -48.24 -6.51 10.55
C ASN B 13 -48.29 -5.27 11.43
N GLY B 14 -47.15 -4.94 12.03
CA GLY B 14 -47.02 -3.84 12.98
C GLY B 14 -47.32 -2.44 12.44
N ASP B 15 -47.37 -2.30 11.12
CA ASP B 15 -47.70 -1.02 10.50
C ASP B 15 -49.21 -0.85 10.31
N LYS B 16 -49.98 -1.88 10.70
CA LYS B 16 -51.44 -1.89 10.55
C LYS B 16 -52.13 -1.53 11.86
N GLY B 17 -53.44 -1.31 11.77
CA GLY B 17 -54.25 -0.87 12.89
C GLY B 17 -54.58 -1.99 13.86
N TYR B 18 -53.57 -2.50 14.56
CA TYR B 18 -53.73 -3.69 15.40
C TYR B 18 -54.46 -3.42 16.72
N ASN B 19 -54.40 -2.20 17.22
CA ASN B 19 -55.21 -1.81 18.37
C ASN B 19 -56.70 -1.73 18.04
N GLY B 20 -57.03 -1.20 16.86
CA GLY B 20 -58.40 -1.21 16.40
C GLY B 20 -58.91 -2.62 16.20
N LEU B 21 -58.08 -3.46 15.60
CA LEU B 21 -58.42 -4.86 15.47
C LEU B 21 -58.58 -5.49 16.86
N ALA B 22 -57.75 -5.06 17.81
CA ALA B 22 -57.88 -5.55 19.18
C ALA B 22 -59.21 -5.06 19.80
N GLU B 23 -59.65 -3.87 19.41
CA GLU B 23 -60.96 -3.39 19.84
C GLU B 23 -62.07 -4.24 19.24
N VAL B 24 -61.93 -4.60 17.97
CA VAL B 24 -62.88 -5.54 17.36
C VAL B 24 -62.85 -6.89 18.06
N GLY B 25 -61.66 -7.33 18.47
CA GLY B 25 -61.60 -8.57 19.21
C GLY B 25 -62.25 -8.41 20.57
N LYS B 26 -62.08 -7.24 21.16
CA LYS B 26 -62.71 -6.93 22.44
C LYS B 26 -64.24 -6.95 22.37
N LYS B 27 -64.81 -6.38 21.31
CA LYS B 27 -66.26 -6.42 21.12
C LYS B 27 -66.69 -7.86 20.87
N PHE B 28 -65.94 -8.59 20.04
CA PHE B 28 -66.24 -10.00 19.83
C PHE B 28 -66.25 -10.79 21.13
N GLU B 29 -65.24 -10.55 21.96
CA GLU B 29 -65.15 -11.24 23.25
C GLU B 29 -66.26 -10.84 24.18
N LYS B 30 -66.56 -9.54 24.18
CA LYS B 30 -67.64 -9.00 24.98
C LYS B 30 -68.95 -9.71 24.63
N ASP B 31 -69.22 -9.81 23.33
CA ASP B 31 -70.49 -10.38 22.87
C ASP B 31 -70.50 -11.89 23.01
N THR B 32 -69.36 -12.54 22.83
CA THR B 32 -69.34 -14.00 22.75
C THR B 32 -68.66 -14.62 24.01
N GLY B 33 -67.80 -13.85 24.68
CA GLY B 33 -67.06 -14.36 25.83
C GLY B 33 -65.75 -15.06 25.47
N ILE B 34 -65.48 -15.12 24.18
CA ILE B 34 -64.30 -15.77 23.61
C ILE B 34 -63.15 -14.78 23.44
N LYS B 35 -62.00 -15.10 24.04
CA LYS B 35 -60.85 -14.21 23.99
C LYS B 35 -60.16 -14.17 22.63
N VAL B 36 -59.75 -12.95 22.28
CA VAL B 36 -59.07 -12.65 21.04
C VAL B 36 -57.73 -12.00 21.33
N THR B 37 -56.64 -12.63 20.89
CA THR B 37 -55.31 -12.10 21.11
C THR B 37 -54.72 -11.63 19.78
N VAL B 38 -54.54 -10.32 19.63
CA VAL B 38 -53.96 -9.75 18.42
C VAL B 38 -52.46 -9.54 18.62
N GLU B 39 -51.66 -10.06 17.69
CA GLU B 39 -50.22 -9.94 17.77
C GLU B 39 -49.62 -9.39 16.48
N HIS B 40 -48.47 -8.75 16.56
CA HIS B 40 -47.81 -8.29 15.36
C HIS B 40 -46.35 -8.65 15.38
N PRO B 41 -46.01 -9.93 15.20
CA PRO B 41 -44.57 -10.21 15.20
C PRO B 41 -43.85 -9.70 13.95
N ASP B 42 -42.55 -9.47 14.04
CA ASP B 42 -41.78 -8.98 12.90
C ASP B 42 -41.64 -10.17 11.95
N LYS B 43 -41.64 -9.90 10.65
CA LYS B 43 -41.44 -10.95 9.65
C LYS B 43 -42.44 -12.09 9.82
N LEU B 44 -43.69 -11.74 10.11
CA LEU B 44 -44.72 -12.73 10.40
C LEU B 44 -45.04 -13.57 9.17
N GLU B 45 -44.87 -12.98 7.99
CA GLU B 45 -45.09 -13.67 6.72
C GLU B 45 -44.08 -14.80 6.48
N GLU B 46 -42.89 -14.66 7.02
CA GLU B 46 -41.88 -15.71 6.96
C GLU B 46 -42.04 -16.70 8.11
N LYS B 47 -42.42 -16.17 9.27
CA LYS B 47 -42.58 -17.01 10.45
C LYS B 47 -43.78 -17.94 10.33
N PHE B 48 -44.88 -17.46 9.77
CA PHE B 48 -46.11 -18.24 9.66
C PHE B 48 -45.89 -19.67 9.12
N PRO B 49 -45.28 -19.81 7.93
CA PRO B 49 -45.05 -21.16 7.35
C PRO B 49 -44.15 -22.05 8.22
N GLN B 50 -43.26 -21.41 8.97
CA GLN B 50 -42.30 -22.03 9.90
C GLN B 50 -43.00 -22.68 11.10
N VAL B 51 -43.93 -21.93 11.67
CA VAL B 51 -44.71 -22.25 12.87
C VAL B 51 -45.80 -23.26 12.49
N ALA B 52 -46.32 -23.15 11.28
CA ALA B 52 -47.34 -24.07 10.82
C ALA B 52 -46.76 -25.48 10.93
N ALA B 53 -45.46 -25.66 10.72
CA ALA B 53 -44.93 -27.00 10.84
C ALA B 53 -45.03 -27.53 12.27
N THR B 54 -44.93 -26.68 13.30
CA THR B 54 -45.14 -27.23 14.64
C THR B 54 -46.61 -27.33 15.03
N GLY B 55 -47.48 -26.83 14.16
CA GLY B 55 -48.92 -26.88 14.39
C GLY B 55 -49.36 -25.65 15.18
N ASP B 56 -48.43 -24.73 15.43
CA ASP B 56 -48.68 -23.55 16.28
C ASP B 56 -48.79 -22.17 15.64
N GLY B 57 -49.21 -22.10 14.39
CA GLY B 57 -49.35 -20.82 13.73
C GLY B 57 -50.66 -20.24 14.24
N PRO B 58 -50.99 -19.01 13.85
CA PRO B 58 -52.18 -18.34 14.38
C PRO B 58 -53.42 -18.93 13.77
N ASP B 59 -54.58 -18.61 14.32
CA ASP B 59 -55.83 -19.06 13.74
C ASP B 59 -56.06 -18.25 12.47
N ILE B 60 -55.77 -16.95 12.54
CA ILE B 60 -55.95 -16.03 11.42
C ILE B 60 -54.65 -15.27 11.17
N ILE B 61 -54.27 -15.15 9.89
CA ILE B 61 -53.10 -14.38 9.50
C ILE B 61 -53.50 -13.29 8.51
N PHE B 62 -53.15 -12.05 8.84
CA PHE B 62 -53.37 -10.93 7.93
C PHE B 62 -52.12 -10.60 7.14
N TRP B 63 -52.27 -10.44 5.83
CA TRP B 63 -51.19 -9.92 4.99
C TRP B 63 -51.76 -9.51 3.64
N ALA B 64 -51.01 -8.76 2.85
CA ALA B 64 -51.39 -8.54 1.46
C ALA B 64 -51.53 -9.89 0.75
N HIS B 65 -52.39 -9.92 -0.26
CA HIS B 65 -52.79 -11.16 -0.92
C HIS B 65 -51.66 -11.90 -1.63
N ASP B 66 -50.56 -11.20 -1.92
CA ASP B 66 -49.54 -11.77 -2.77
C ASP B 66 -48.84 -12.99 -2.17
N ARG B 67 -48.83 -13.09 -0.84
CA ARG B 67 -48.20 -14.24 -0.19
C ARG B 67 -49.13 -15.45 -0.14
N PHE B 68 -50.44 -15.23 -0.29
CA PHE B 68 -51.39 -16.28 0.10
C PHE B 68 -51.46 -17.46 -0.84
N GLY B 69 -51.12 -17.21 -2.08
CA GLY B 69 -51.10 -18.28 -3.05
C GLY B 69 -50.03 -19.27 -2.62
N GLY B 70 -48.91 -18.79 -2.10
CA GLY B 70 -47.93 -19.73 -1.59
C GLY B 70 -48.36 -20.62 -0.45
N TYR B 71 -48.96 -20.00 0.56
CA TYR B 71 -49.42 -20.73 1.76
C TYR B 71 -50.46 -21.76 1.34
N ALA B 72 -51.34 -21.32 0.48
CA ALA B 72 -52.36 -22.16 -0.08
C ALA B 72 -51.76 -23.35 -0.82
N GLN B 73 -50.76 -23.08 -1.67
CA GLN B 73 -50.14 -24.16 -2.44
C GLN B 73 -49.59 -25.21 -1.50
N SER B 74 -49.09 -24.75 -0.34
CA SER B 74 -48.52 -25.62 0.66
C SER B 74 -49.55 -26.26 1.59
N GLY B 75 -50.83 -25.95 1.38
CA GLY B 75 -51.90 -26.54 2.17
C GLY B 75 -52.03 -25.99 3.57
N LEU B 76 -51.72 -24.70 3.75
CA LEU B 76 -51.62 -24.10 5.08
C LEU B 76 -52.85 -23.27 5.41
N LEU B 77 -53.75 -23.13 4.43
CA LEU B 77 -54.89 -22.23 4.56
C LEU B 77 -56.15 -23.05 4.37
N ALA B 78 -57.15 -22.79 5.21
CA ALA B 78 -58.47 -23.36 5.02
C ALA B 78 -59.21 -22.59 3.92
N GLU B 79 -59.98 -23.31 3.11
CA GLU B 79 -60.83 -22.66 2.13
C GLU B 79 -61.95 -21.90 2.81
N ILE B 80 -62.19 -20.67 2.39
CA ILE B 80 -63.26 -19.87 2.97
C ILE B 80 -64.51 -20.00 2.08
N THR B 81 -65.68 -20.07 2.70
CA THR B 81 -66.91 -20.29 1.95
C THR B 81 -68.01 -19.29 2.29
N PRO B 82 -67.91 -18.07 1.78
CA PRO B 82 -68.97 -17.07 1.99
C PRO B 82 -70.24 -17.38 1.18
N ASP B 83 -71.40 -17.10 1.77
CA ASP B 83 -72.68 -17.19 1.05
C ASP B 83 -72.80 -16.01 0.09
N LYS B 84 -73.64 -16.13 -0.93
CA LYS B 84 -73.72 -15.07 -1.93
C LYS B 84 -73.92 -13.65 -1.38
N ALA B 85 -74.79 -13.50 -0.39
CA ALA B 85 -75.05 -12.19 0.22
C ALA B 85 -73.79 -11.51 0.74
N PHE B 86 -72.95 -12.29 1.42
CA PHE B 86 -71.70 -11.74 1.91
C PHE B 86 -70.73 -11.46 0.78
N GLN B 87 -70.61 -12.36 -0.19
CA GLN B 87 -69.73 -12.08 -1.31
C GLN B 87 -70.24 -10.81 -2.00
N ASP B 88 -71.57 -10.67 -2.06
CA ASP B 88 -72.21 -9.49 -2.63
C ASP B 88 -71.81 -8.25 -1.85
N LYS B 89 -71.54 -8.42 -0.56
CA LYS B 89 -71.14 -7.25 0.23
C LYS B 89 -69.75 -6.69 -0.13
N LEU B 90 -68.86 -7.47 -0.74
CA LEU B 90 -67.52 -6.98 -1.12
C LEU B 90 -67.36 -6.85 -2.62
N TYR B 91 -66.42 -5.99 -3.03
CA TYR B 91 -66.17 -5.75 -4.45
C TYR B 91 -65.58 -7.03 -5.06
N PRO B 92 -66.07 -7.46 -6.24
CA PRO B 92 -65.54 -8.66 -6.91
C PRO B 92 -64.03 -8.73 -7.12
N PHE B 93 -63.38 -7.63 -7.51
CA PHE B 93 -61.92 -7.59 -7.68
C PHE B 93 -61.16 -7.97 -6.41
N THR B 94 -61.70 -7.61 -5.25
CA THR B 94 -61.03 -7.91 -4.01
C THR B 94 -61.16 -9.41 -3.78
N TRP B 95 -62.30 -10.00 -4.14
CA TRP B 95 -62.42 -11.46 -4.09
C TRP B 95 -61.46 -12.10 -5.10
N ASP B 96 -61.38 -11.52 -6.29
CA ASP B 96 -60.42 -11.94 -7.31
C ASP B 96 -59.00 -12.03 -6.76
N ALA B 97 -58.61 -11.04 -5.98
CA ALA B 97 -57.25 -11.02 -5.44
C ALA B 97 -56.95 -12.23 -4.54
N VAL B 98 -57.98 -12.74 -3.87
CA VAL B 98 -57.82 -13.82 -2.90
C VAL B 98 -58.27 -15.18 -3.46
N ARG B 99 -58.17 -15.31 -4.78
CA ARG B 99 -58.59 -16.52 -5.47
C ARG B 99 -57.36 -17.23 -5.98
N TYR B 100 -57.25 -18.51 -5.66
CA TYR B 100 -56.14 -19.33 -6.10
C TYR B 100 -56.67 -20.69 -6.55
N ASN B 101 -56.30 -21.05 -7.77
CA ASN B 101 -56.71 -22.29 -8.42
C ASN B 101 -58.20 -22.53 -8.23
N GLY B 102 -59.00 -21.52 -8.54
CA GLY B 102 -60.44 -21.64 -8.49
C GLY B 102 -61.05 -21.71 -7.09
N LYS B 103 -60.26 -21.41 -6.07
CA LYS B 103 -60.74 -21.44 -4.69
C LYS B 103 -60.49 -20.09 -4.03
N LEU B 104 -61.39 -19.71 -3.13
CA LEU B 104 -61.17 -18.57 -2.24
C LEU B 104 -60.39 -18.97 -0.99
N ILE B 105 -59.25 -18.33 -0.75
CA ILE B 105 -58.33 -18.74 0.30
C ILE B 105 -58.10 -17.70 1.39
N ALA B 106 -58.80 -16.56 1.31
CA ALA B 106 -58.68 -15.53 2.35
C ALA B 106 -59.83 -14.55 2.20
N TYR B 107 -60.10 -13.81 3.26
CA TYR B 107 -61.05 -12.70 3.18
C TYR B 107 -60.32 -11.41 2.81
N PRO B 108 -60.77 -10.75 1.73
CA PRO B 108 -60.16 -9.45 1.40
C PRO B 108 -60.68 -8.33 2.29
N ILE B 109 -59.79 -7.42 2.69
CA ILE B 109 -60.15 -6.36 3.63
C ILE B 109 -60.11 -4.99 2.97
N ALA B 110 -58.98 -4.67 2.34
CA ALA B 110 -58.77 -3.35 1.76
C ALA B 110 -57.67 -3.31 0.68
N VAL B 111 -57.86 -2.40 -0.28
CA VAL B 111 -56.88 -2.13 -1.34
C VAL B 111 -55.86 -1.08 -0.92
N GLU B 112 -54.59 -1.42 -1.09
CA GLU B 112 -53.45 -0.60 -0.75
C GLU B 112 -52.66 -0.26 -2.01
N ALA B 113 -52.17 0.97 -2.05
CA ALA B 113 -51.19 1.41 -3.05
C ALA B 113 -50.37 2.57 -2.49
N LEU B 114 -49.12 2.66 -2.93
CA LEU B 114 -48.26 3.76 -2.52
C LEU B 114 -48.70 5.03 -3.23
N SER B 115 -48.53 6.16 -2.55
CA SER B 115 -48.76 7.48 -3.15
C SER B 115 -47.61 8.39 -2.78
N LEU B 116 -47.45 9.49 -3.51
CA LEU B 116 -46.51 10.52 -3.10
C LEU B 116 -47.09 11.36 -1.97
N ILE B 117 -46.44 11.39 -0.82
CA ILE B 117 -46.88 12.27 0.26
C ILE B 117 -45.92 13.44 0.35
N TYR B 118 -46.47 14.65 0.47
CA TYR B 118 -45.65 15.86 0.44
C TYR B 118 -46.09 16.93 1.42
N ASN B 119 -45.09 17.63 1.97
CA ASN B 119 -45.31 18.75 2.86
C ASN B 119 -45.68 19.99 2.05
N LYS B 120 -46.91 20.44 2.21
CA LYS B 120 -47.42 21.60 1.47
C LYS B 120 -46.69 22.89 1.82
N ASP B 121 -46.23 23.00 3.07
CA ASP B 121 -45.51 24.19 3.52
C ASP B 121 -44.11 24.34 2.96
N LEU B 122 -43.33 23.26 2.98
CA LEU B 122 -41.99 23.27 2.41
C LEU B 122 -42.06 23.26 0.89
N LEU B 123 -43.13 22.70 0.36
CA LEU B 123 -43.26 22.47 -1.07
C LEU B 123 -44.75 22.52 -1.45
N PRO B 124 -45.27 23.71 -1.75
CA PRO B 124 -46.68 23.90 -2.12
C PRO B 124 -47.04 23.29 -3.46
N ASN B 125 -46.08 23.27 -4.38
CA ASN B 125 -46.25 22.61 -5.68
C ASN B 125 -45.34 21.37 -5.81
N PRO B 126 -45.90 20.17 -5.64
CA PRO B 126 -45.09 18.95 -5.74
C PRO B 126 -44.70 18.59 -7.19
N PRO B 127 -43.52 17.97 -7.38
CA PRO B 127 -43.02 17.65 -8.72
C PRO B 127 -43.80 16.57 -9.44
N LYS B 128 -44.05 16.76 -10.73
CA LYS B 128 -44.78 15.77 -11.52
C LYS B 128 -43.82 14.70 -12.04
N THR B 129 -42.53 15.01 -12.03
CA THR B 129 -41.50 14.10 -12.56
C THR B 129 -40.41 13.83 -11.52
N TRP B 130 -39.79 12.66 -11.64
CA TRP B 130 -38.67 12.27 -10.79
C TRP B 130 -37.41 13.12 -11.03
N GLU B 131 -37.17 13.48 -12.28
CA GLU B 131 -35.99 14.24 -12.69
C GLU B 131 -35.85 15.60 -12.00
N GLU B 132 -36.98 16.19 -11.64
CA GLU B 132 -37.04 17.46 -10.91
C GLU B 132 -36.42 17.37 -9.51
N ILE B 133 -36.58 16.19 -8.92
CA ILE B 133 -36.40 16.00 -7.49
C ILE B 133 -34.98 16.36 -7.02
N PRO B 134 -33.95 15.96 -7.79
CA PRO B 134 -32.56 16.33 -7.49
C PRO B 134 -32.31 17.85 -7.42
N ALA B 135 -32.92 18.61 -8.32
CA ALA B 135 -32.80 20.07 -8.31
C ALA B 135 -33.55 20.55 -7.08
N LEU B 136 -34.68 19.93 -6.81
CA LEU B 136 -35.43 20.29 -5.62
C LEU B 136 -34.63 19.98 -4.37
N ASP B 137 -33.88 18.89 -4.41
CA ASP B 137 -33.05 18.56 -3.27
C ASP B 137 -32.00 19.63 -3.12
N LYS B 138 -31.41 20.05 -4.24
CA LYS B 138 -30.42 21.12 -4.19
C LYS B 138 -31.00 22.35 -3.51
N GLU B 139 -32.18 22.78 -3.96
CA GLU B 139 -32.85 23.92 -3.34
C GLU B 139 -33.12 23.77 -1.83
N LEU B 140 -33.70 22.65 -1.45
CA LEU B 140 -34.03 22.39 -0.03
C LEU B 140 -32.81 22.23 0.87
N LYS B 141 -31.75 21.67 0.31
CA LYS B 141 -30.49 21.50 1.03
C LYS B 141 -29.90 22.85 1.42
N ALA B 142 -30.07 23.86 0.56
CA ALA B 142 -29.59 25.21 0.85
C ALA B 142 -30.20 25.73 2.16
N LYS B 143 -31.46 25.37 2.45
CA LYS B 143 -32.11 25.78 3.69
C LYS B 143 -32.25 24.61 4.67
N GLY B 144 -31.26 23.73 4.66
CA GLY B 144 -31.13 22.67 5.65
C GLY B 144 -32.17 21.57 5.63
N LYS B 145 -32.67 21.22 4.45
CA LYS B 145 -33.73 20.22 4.32
C LYS B 145 -33.38 19.27 3.19
N SER B 146 -34.16 18.20 3.07
CA SER B 146 -34.02 17.26 1.96
C SER B 146 -35.33 17.14 1.20
N ALA B 147 -35.25 16.76 -0.07
CA ALA B 147 -36.41 16.64 -0.94
C ALA B 147 -37.25 15.40 -0.65
N LEU B 148 -36.61 14.24 -0.66
CA LEU B 148 -37.30 12.96 -0.58
C LEU B 148 -36.55 11.95 0.29
N MET B 149 -37.30 11.29 1.16
CA MET B 149 -36.79 10.18 1.96
C MET B 149 -37.86 9.09 2.02
N PHE B 150 -37.47 7.86 1.70
CA PHE B 150 -38.38 6.73 1.84
C PHE B 150 -37.66 5.41 2.02
N ASN B 151 -38.43 4.36 2.36
CA ASN B 151 -37.88 3.06 2.71
C ASN B 151 -37.20 2.37 1.53
N LEU B 152 -35.87 2.28 1.60
CA LEU B 152 -35.07 1.64 0.56
C LEU B 152 -34.70 0.20 0.91
N GLN B 153 -35.19 -0.28 2.04
CA GLN B 153 -34.87 -1.62 2.49
C GLN B 153 -35.89 -2.65 2.00
N GLU B 154 -37.07 -2.17 1.60
CA GLU B 154 -38.10 -3.07 1.10
C GLU B 154 -38.34 -2.67 -0.36
N PRO B 155 -38.19 -3.62 -1.31
CA PRO B 155 -38.31 -3.31 -2.75
C PRO B 155 -39.68 -2.80 -3.19
N TYR B 156 -40.69 -3.10 -2.38
CA TYR B 156 -42.03 -2.57 -2.54
C TYR B 156 -42.09 -1.07 -2.80
N PHE B 157 -41.24 -0.31 -2.11
CA PHE B 157 -41.29 1.14 -2.19
C PHE B 157 -40.55 1.70 -3.39
N THR B 158 -39.54 0.97 -3.84
CA THR B 158 -38.71 1.37 -4.99
C THR B 158 -39.28 0.82 -6.29
N TRP B 159 -40.10 -0.22 -6.21
CA TRP B 159 -40.66 -0.88 -7.38
C TRP B 159 -41.44 0.04 -8.33
N PRO B 160 -42.21 1.01 -7.80
CA PRO B 160 -42.94 1.90 -8.70
C PRO B 160 -42.04 2.62 -9.71
N LEU B 161 -40.87 3.04 -9.25
CA LEU B 161 -39.88 3.63 -10.13
C LEU B 161 -39.28 2.62 -11.11
N ILE B 162 -38.91 1.45 -10.60
CA ILE B 162 -38.34 0.38 -11.43
C ILE B 162 -39.28 -0.05 -12.55
N ALA B 163 -40.56 -0.20 -12.22
CA ALA B 163 -41.58 -0.61 -13.17
C ALA B 163 -41.93 0.45 -14.20
N ALA B 164 -41.60 1.70 -13.91
CA ALA B 164 -42.01 2.84 -14.73
C ALA B 164 -41.68 2.70 -16.22
N ASP B 165 -40.43 2.42 -16.57
CA ASP B 165 -40.02 2.36 -17.98
C ASP B 165 -40.13 0.95 -18.55
N GLY B 166 -40.68 0.01 -17.79
CA GLY B 166 -40.99 -1.30 -18.34
C GLY B 166 -40.47 -2.47 -17.53
N GLY B 167 -40.20 -2.27 -16.25
CA GLY B 167 -39.94 -3.39 -15.36
C GLY B 167 -41.25 -4.08 -15.05
N TYR B 168 -41.20 -5.40 -14.92
CA TYR B 168 -42.33 -6.18 -14.47
C TYR B 168 -41.89 -7.43 -13.72
N ALA B 169 -42.82 -8.06 -13.01
CA ALA B 169 -42.53 -9.23 -12.18
C ALA B 169 -42.54 -10.46 -13.07
N PHE B 170 -43.73 -10.89 -13.47
CA PHE B 170 -43.89 -12.03 -14.38
C PHE B 170 -44.86 -11.64 -15.48
N LYS B 171 -44.60 -12.12 -16.69
CA LYS B 171 -45.40 -11.71 -17.85
C LYS B 171 -46.77 -12.38 -17.80
N TYR B 172 -47.81 -11.56 -17.69
CA TYR B 172 -49.20 -12.01 -17.74
C TYR B 172 -49.74 -12.12 -19.16
N GLU B 173 -50.06 -13.31 -19.66
CA GLU B 173 -50.47 -13.41 -21.06
C GLU B 173 -51.48 -14.52 -21.22
N ASN B 174 -52.57 -14.24 -21.93
CA ASN B 174 -53.59 -15.24 -22.17
C ASN B 174 -54.09 -15.91 -20.88
N GLY B 175 -54.34 -15.08 -19.87
CA GLY B 175 -54.85 -15.52 -18.58
C GLY B 175 -53.95 -16.22 -17.56
N LYS B 176 -52.64 -16.25 -17.77
CA LYS B 176 -51.72 -16.84 -16.77
C LYS B 176 -50.35 -16.18 -16.74
N TYR B 177 -49.63 -16.45 -15.66
CA TYR B 177 -48.23 -16.04 -15.48
C TYR B 177 -47.16 -17.00 -16.00
N ASP B 178 -46.17 -16.46 -16.71
CA ASP B 178 -45.02 -17.26 -17.14
C ASP B 178 -43.95 -17.14 -16.05
N ILE B 179 -43.71 -18.21 -15.29
CA ILE B 179 -42.88 -18.11 -14.09
C ILE B 179 -41.39 -18.03 -14.40
N LYS B 180 -41.03 -18.28 -15.66
CA LYS B 180 -39.65 -18.13 -16.10
C LYS B 180 -39.36 -16.79 -16.81
N ASP B 181 -40.43 -16.14 -17.28
CA ASP B 181 -40.31 -14.81 -17.89
C ASP B 181 -40.42 -13.71 -16.83
N VAL B 182 -39.25 -13.30 -16.33
CA VAL B 182 -39.14 -12.25 -15.32
C VAL B 182 -38.58 -10.96 -15.94
N GLY B 183 -39.22 -9.83 -15.62
CA GLY B 183 -38.85 -8.54 -16.20
C GLY B 183 -38.02 -7.61 -15.32
N VAL B 184 -37.10 -8.18 -14.54
CA VAL B 184 -36.25 -7.37 -13.65
C VAL B 184 -34.92 -6.89 -14.27
N ASP B 185 -34.48 -7.48 -15.39
CA ASP B 185 -33.15 -7.14 -15.95
C ASP B 185 -33.30 -6.50 -17.32
N ASN B 186 -34.46 -5.90 -17.59
CA ASN B 186 -34.64 -5.18 -18.84
C ASN B 186 -34.22 -3.72 -18.71
N ALA B 187 -34.14 -3.04 -19.85
CA ALA B 187 -33.65 -1.68 -19.89
C ALA B 187 -34.45 -0.74 -18.98
N GLY B 188 -35.76 -0.98 -18.87
CA GLY B 188 -36.59 -0.15 -18.01
C GLY B 188 -36.28 -0.30 -16.52
N ALA B 189 -36.01 -1.52 -16.09
CA ALA B 189 -35.68 -1.77 -14.70
C ALA B 189 -34.30 -1.20 -14.40
N LYS B 190 -33.36 -1.44 -15.32
CA LYS B 190 -32.03 -0.87 -15.18
C LYS B 190 -32.11 0.64 -15.12
N ALA B 191 -32.93 1.25 -15.97
CA ALA B 191 -33.06 2.69 -15.97
C ALA B 191 -33.62 3.22 -14.65
N GLY B 192 -34.70 2.60 -14.17
CA GLY B 192 -35.28 3.00 -12.89
C GLY B 192 -34.35 2.87 -11.71
N LEU B 193 -33.68 1.73 -11.63
CA LEU B 193 -32.78 1.50 -10.52
C LEU B 193 -31.55 2.37 -10.64
N THR B 194 -31.01 2.49 -11.85
CA THR B 194 -29.91 3.41 -12.10
C THR B 194 -30.25 4.82 -11.64
N PHE B 195 -31.48 5.27 -11.91
CA PHE B 195 -31.89 6.59 -11.43
C PHE B 195 -31.88 6.65 -9.91
N LEU B 196 -32.43 5.61 -9.29
CA LEU B 196 -32.42 5.56 -7.83
C LEU B 196 -31.00 5.63 -7.30
N VAL B 197 -30.12 4.81 -7.86
CA VAL B 197 -28.73 4.77 -7.41
C VAL B 197 -28.01 6.10 -7.67
N ASP B 198 -28.39 6.79 -8.75
CA ASP B 198 -27.81 8.10 -9.03
C ASP B 198 -28.24 9.11 -7.98
N LEU B 199 -29.50 9.09 -7.55
CA LEU B 199 -29.92 9.97 -6.44
C LEU B 199 -29.03 9.84 -5.19
N ILE B 200 -28.65 8.60 -4.86
CA ILE B 200 -27.81 8.33 -3.71
C ILE B 200 -26.33 8.69 -3.90
N LYS B 201 -25.79 8.35 -5.07
CA LYS B 201 -24.42 8.71 -5.45
C LYS B 201 -24.21 10.21 -5.27
N ASN B 202 -25.17 10.99 -5.76
CA ASN B 202 -25.13 12.46 -5.72
C ASN B 202 -25.65 13.07 -4.40
N LYS B 203 -25.84 12.19 -3.40
CA LYS B 203 -26.16 12.56 -2.01
C LYS B 203 -27.51 13.26 -1.83
N HIS B 204 -28.48 12.93 -2.66
CA HIS B 204 -29.86 13.40 -2.45
C HIS B 204 -30.64 12.45 -1.56
N MET B 205 -30.16 11.21 -1.49
CA MET B 205 -30.69 10.21 -0.57
C MET B 205 -29.58 9.38 0.05
N ASN B 206 -29.91 8.69 1.14
CA ASN B 206 -28.97 7.81 1.81
C ASN B 206 -29.44 6.37 1.66
N ALA B 207 -28.48 5.50 1.39
CA ALA B 207 -28.72 4.08 1.10
C ALA B 207 -29.33 3.38 2.30
N ASP B 208 -28.99 3.88 3.49
CA ASP B 208 -29.41 3.28 4.75
C ASP B 208 -30.82 3.68 5.16
N THR B 209 -31.49 4.52 4.37
CA THR B 209 -32.82 4.97 4.75
C THR B 209 -33.81 3.83 4.80
N ASP B 210 -34.51 3.75 5.94
CA ASP B 210 -35.52 2.73 6.17
C ASP B 210 -36.87 3.37 6.53
N TYR B 211 -37.84 2.54 6.85
CA TYR B 211 -39.18 3.00 7.16
C TYR B 211 -39.29 4.05 8.29
N SER B 212 -38.66 3.76 9.43
CA SER B 212 -38.77 4.63 10.59
C SER B 212 -38.05 5.96 10.41
N ILE B 213 -36.90 5.92 9.75
CA ILE B 213 -36.12 7.12 9.47
C ILE B 213 -36.87 8.04 8.50
N ALA B 214 -37.35 7.46 7.41
CA ALA B 214 -38.15 8.20 6.44
C ALA B 214 -39.38 8.79 7.09
N GLU B 215 -40.05 7.98 7.90
CA GLU B 215 -41.26 8.42 8.57
C GLU B 215 -40.93 9.59 9.47
N HIS B 216 -39.90 9.42 10.33
CA HIS B 216 -39.43 10.47 11.23
C HIS B 216 -39.15 11.75 10.46
N ALA B 217 -38.40 11.59 9.37
CA ALA B 217 -37.92 12.74 8.59
C ALA B 217 -39.13 13.52 8.11
N PHE B 218 -40.07 12.82 7.50
CA PHE B 218 -41.24 13.54 7.01
C PHE B 218 -42.11 14.10 8.14
N ASN B 219 -42.36 13.33 9.18
CA ASN B 219 -43.24 13.80 10.25
C ASN B 219 -42.64 14.91 11.10
N HIS B 220 -41.32 15.07 11.06
CA HIS B 220 -40.70 16.23 11.73
C HIS B 220 -40.35 17.40 10.81
N GLY B 221 -40.72 17.31 9.53
CA GLY B 221 -40.53 18.41 8.61
C GLY B 221 -39.10 18.52 8.12
N GLU B 222 -38.35 17.45 8.31
CA GLU B 222 -36.96 17.42 7.93
C GLU B 222 -36.84 17.20 6.42
N THR B 223 -37.82 16.49 5.84
CA THR B 223 -37.87 16.20 4.41
C THR B 223 -39.19 16.65 3.78
N ALA B 224 -39.11 17.12 2.53
CA ALA B 224 -40.29 17.69 1.87
C ALA B 224 -41.27 16.63 1.37
N MET B 225 -40.75 15.44 1.05
CA MET B 225 -41.59 14.36 0.54
C MET B 225 -41.26 12.99 1.11
N THR B 226 -42.23 12.10 1.00
CA THR B 226 -42.01 10.68 1.25
C THR B 226 -42.94 9.85 0.38
N ILE B 227 -42.68 8.54 0.33
CA ILE B 227 -43.50 7.60 -0.41
C ILE B 227 -43.96 6.54 0.58
N ASN B 228 -45.28 6.42 0.75
CA ASN B 228 -45.84 5.48 1.71
C ASN B 228 -47.30 5.17 1.38
N GLY B 229 -47.90 4.30 2.18
CA GLY B 229 -49.29 3.90 2.01
C GLY B 229 -50.22 4.51 3.04
N PRO B 230 -51.54 4.24 2.92
CA PRO B 230 -52.59 4.79 3.80
C PRO B 230 -52.29 4.62 5.29
N TRP B 231 -51.81 3.45 5.67
CA TRP B 231 -51.44 3.17 7.06
C TRP B 231 -50.58 4.26 7.68
N ALA B 232 -49.75 4.91 6.86
CA ALA B 232 -48.84 5.94 7.34
C ALA B 232 -49.54 7.25 7.74
N TRP B 233 -50.76 7.51 7.25
CA TRP B 233 -51.36 8.83 7.47
C TRP B 233 -51.65 9.20 8.92
N SER B 234 -52.05 8.21 9.70
CA SER B 234 -52.41 8.39 11.09
C SER B 234 -51.27 9.04 11.88
N ASN B 235 -50.05 8.56 11.65
CA ASN B 235 -48.87 9.13 12.30
C ASN B 235 -48.59 10.53 11.80
N ILE B 236 -48.93 10.82 10.55
CA ILE B 236 -48.70 12.18 10.05
C ILE B 236 -49.65 13.18 10.68
N ASP B 237 -50.92 12.81 10.77
CA ASP B 237 -51.93 13.62 11.44
C ASP B 237 -51.47 14.05 12.83
N THR B 238 -50.92 13.11 13.59
CA THR B 238 -50.45 13.40 14.92
C THR B 238 -49.29 14.40 14.90
N SER B 239 -48.47 14.35 13.86
CA SER B 239 -47.31 15.24 13.77
C SER B 239 -47.76 16.66 13.44
N LYS B 240 -49.00 16.79 13.01
CA LYS B 240 -49.57 18.08 12.63
C LYS B 240 -48.84 18.73 11.45
N VAL B 241 -48.17 17.91 10.65
CA VAL B 241 -47.59 18.40 9.41
C VAL B 241 -48.73 18.61 8.41
N ASN B 242 -48.71 19.76 7.76
CA ASN B 242 -49.68 20.09 6.73
C ASN B 242 -49.26 19.37 5.45
N TYR B 243 -49.91 18.25 5.16
CA TYR B 243 -49.49 17.38 4.07
C TYR B 243 -50.56 17.08 3.05
N GLY B 244 -50.10 16.74 1.84
CA GLY B 244 -50.98 16.27 0.78
C GLY B 244 -50.55 14.92 0.26
N VAL B 245 -51.52 14.13 -0.18
CA VAL B 245 -51.29 12.84 -0.82
C VAL B 245 -51.61 12.93 -2.31
N THR B 246 -50.62 12.64 -3.14
CA THR B 246 -50.75 12.83 -4.58
C THR B 246 -50.17 11.68 -5.40
N VAL B 247 -50.32 11.81 -6.72
CA VAL B 247 -49.79 10.86 -7.68
C VAL B 247 -48.28 10.79 -7.61
N LEU B 248 -47.73 9.59 -7.76
CA LEU B 248 -46.29 9.42 -7.77
C LEU B 248 -45.72 10.11 -9.00
N PRO B 249 -44.48 10.59 -8.92
CA PRO B 249 -43.89 11.29 -10.06
C PRO B 249 -43.67 10.36 -11.25
N THR B 250 -43.71 10.91 -12.46
CA THR B 250 -43.43 10.13 -13.65
C THR B 250 -41.91 9.91 -13.77
N PHE B 251 -41.54 8.90 -14.55
CA PHE B 251 -40.15 8.64 -14.89
C PHE B 251 -40.09 8.42 -16.39
N LYS B 252 -39.22 9.19 -17.04
CA LYS B 252 -39.15 9.28 -18.49
C LYS B 252 -40.51 9.47 -19.12
N GLY B 253 -41.30 10.37 -18.52
CA GLY B 253 -42.59 10.71 -19.08
C GLY B 253 -43.62 9.63 -18.83
N GLN B 254 -43.18 8.51 -18.25
CA GLN B 254 -44.09 7.41 -17.99
C GLN B 254 -44.46 7.34 -16.50
N PRO B 255 -45.69 6.90 -16.19
CA PRO B 255 -46.13 6.85 -14.79
C PRO B 255 -45.48 5.77 -13.93
N SER B 256 -45.26 6.07 -12.66
CA SER B 256 -44.85 5.06 -11.70
C SER B 256 -45.91 3.97 -11.57
N LYS B 257 -45.47 2.72 -11.47
CA LYS B 257 -46.37 1.57 -11.44
C LYS B 257 -46.23 0.84 -10.11
N PRO B 258 -46.93 1.30 -9.07
CA PRO B 258 -46.81 0.57 -7.80
C PRO B 258 -47.56 -0.74 -7.81
N PHE B 259 -47.03 -1.78 -7.17
CA PHE B 259 -47.80 -3.00 -7.03
C PHE B 259 -48.96 -2.74 -6.07
N VAL B 260 -50.18 -3.01 -6.52
CA VAL B 260 -51.39 -2.91 -5.68
C VAL B 260 -51.56 -4.13 -4.78
N GLY B 261 -51.73 -3.89 -3.48
CA GLY B 261 -51.95 -4.96 -2.53
C GLY B 261 -53.36 -4.96 -1.95
N VAL B 262 -53.91 -6.14 -1.72
CA VAL B 262 -55.19 -6.29 -1.05
C VAL B 262 -54.94 -6.96 0.28
N LEU B 263 -55.10 -6.20 1.36
CA LEU B 263 -55.01 -6.77 2.70
C LEU B 263 -56.03 -7.86 2.89
N SER B 264 -55.54 -9.04 3.25
CA SER B 264 -56.35 -10.24 3.33
C SER B 264 -56.12 -10.95 4.65
N ALA B 265 -57.13 -11.69 5.09
CA ALA B 265 -57.08 -12.47 6.30
C ALA B 265 -57.31 -13.93 5.95
N GLY B 266 -56.28 -14.74 6.11
CA GLY B 266 -56.40 -16.17 5.88
C GLY B 266 -56.58 -16.93 7.17
N ILE B 267 -57.22 -18.08 7.08
CA ILE B 267 -57.42 -18.97 8.22
C ILE B 267 -56.50 -20.19 8.14
N ASN B 268 -55.67 -20.37 9.16
CA ASN B 268 -54.79 -21.54 9.25
C ASN B 268 -55.58 -22.83 9.06
N ALA B 269 -55.11 -23.69 8.16
CA ALA B 269 -55.76 -24.99 7.95
C ALA B 269 -55.72 -25.88 9.19
N ALA B 270 -54.73 -25.69 10.05
CA ALA B 270 -54.56 -26.48 11.27
C ALA B 270 -55.29 -25.90 12.47
N SER B 271 -55.94 -24.76 12.28
CA SER B 271 -56.67 -24.10 13.37
C SER B 271 -57.88 -24.93 13.80
N PRO B 272 -58.07 -25.12 15.11
CA PRO B 272 -59.32 -25.72 15.60
C PRO B 272 -60.43 -24.71 15.84
N ASN B 273 -60.22 -23.47 15.40
CA ASN B 273 -61.17 -22.39 15.68
C ASN B 273 -61.65 -21.75 14.37
N LYS B 274 -61.79 -22.56 13.33
CA LYS B 274 -62.06 -22.05 12.00
C LYS B 274 -63.40 -21.32 11.92
N GLU B 275 -64.41 -21.88 12.60
CA GLU B 275 -65.72 -21.25 12.73
C GLU B 275 -65.74 -19.95 13.55
N LEU B 276 -65.07 -19.94 14.69
CA LEU B 276 -64.92 -18.73 15.49
C LEU B 276 -64.20 -17.69 14.63
N ALA B 277 -63.22 -18.15 13.85
CA ALA B 277 -62.47 -17.26 12.98
C ALA B 277 -63.35 -16.68 11.88
N LYS B 278 -64.15 -17.55 11.27
CA LYS B 278 -65.10 -17.12 10.25
C LYS B 278 -66.13 -16.13 10.77
N GLU B 279 -66.69 -16.45 11.93
CA GLU B 279 -67.68 -15.58 12.57
C GLU B 279 -67.04 -14.23 12.82
N PHE B 280 -65.85 -14.26 13.42
CA PHE B 280 -65.12 -13.03 13.72
C PHE B 280 -64.88 -12.20 12.47
N LEU B 281 -64.34 -12.82 11.43
CA LEU B 281 -63.98 -12.09 10.24
C LEU B 281 -65.23 -11.55 9.54
N GLU B 282 -66.22 -12.41 9.32
CA GLU B 282 -67.43 -12.01 8.60
C GLU B 282 -68.37 -11.06 9.35
N ASN B 283 -68.67 -11.39 10.61
CA ASN B 283 -69.74 -10.69 11.32
C ASN B 283 -69.24 -9.61 12.27
N TYR B 284 -67.92 -9.50 12.45
CA TYR B 284 -67.36 -8.53 13.38
C TYR B 284 -66.35 -7.58 12.73
N LEU B 285 -65.33 -8.14 12.07
CA LEU B 285 -64.34 -7.31 11.40
C LEU B 285 -64.90 -6.66 10.14
N LEU B 286 -65.43 -7.48 9.23
CA LEU B 286 -65.92 -6.99 7.94
C LEU B 286 -67.31 -6.38 8.02
N THR B 287 -67.42 -5.35 8.86
CA THR B 287 -68.62 -4.53 8.97
C THR B 287 -68.20 -3.06 9.01
N ASP B 288 -69.15 -2.14 8.85
CA ASP B 288 -68.84 -0.72 8.94
C ASP B 288 -68.15 -0.39 10.24
N GLU B 289 -68.66 -0.90 11.36
CA GLU B 289 -68.10 -0.57 12.66
C GLU B 289 -66.70 -1.18 12.86
N GLY B 290 -66.52 -2.41 12.40
CA GLY B 290 -65.21 -3.04 12.52
C GLY B 290 -64.14 -2.37 11.68
N LEU B 291 -64.43 -2.21 10.38
CA LEU B 291 -63.49 -1.54 9.50
C LEU B 291 -63.28 -0.09 9.92
N GLU B 292 -64.33 0.53 10.45
CA GLU B 292 -64.19 1.89 10.95
C GLU B 292 -63.23 1.91 12.15
N ALA B 293 -63.39 0.93 13.04
CA ALA B 293 -62.53 0.81 14.21
C ALA B 293 -61.08 0.62 13.81
N VAL B 294 -60.84 -0.20 12.79
CA VAL B 294 -59.47 -0.42 12.32
C VAL B 294 -58.92 0.82 11.57
N ASN B 295 -59.73 1.39 10.69
CA ASN B 295 -59.34 2.56 9.91
C ASN B 295 -59.02 3.76 10.79
N LYS B 296 -59.77 3.93 11.87
CA LYS B 296 -59.44 5.00 12.81
C LYS B 296 -58.02 4.86 13.36
N ASP B 297 -57.60 3.65 13.68
CA ASP B 297 -56.25 3.44 14.14
C ASP B 297 -55.26 3.78 13.03
N LYS B 298 -55.23 2.96 11.97
CA LYS B 298 -54.37 3.27 10.84
C LYS B 298 -55.24 3.07 9.57
N PRO B 299 -55.33 4.11 8.70
CA PRO B 299 -56.20 3.96 7.52
C PRO B 299 -55.88 2.75 6.67
N LEU B 300 -56.93 2.02 6.27
CA LEU B 300 -56.79 0.79 5.51
C LEU B 300 -56.64 1.03 3.99
N GLY B 301 -57.06 2.21 3.54
CA GLY B 301 -57.13 2.52 2.12
C GLY B 301 -58.54 2.39 1.60
N ALA B 302 -58.69 1.76 0.43
CA ALA B 302 -60.01 1.54 -0.15
C ALA B 302 -60.53 0.17 0.25
N VAL B 303 -61.42 0.16 1.25
CA VAL B 303 -61.91 -1.08 1.83
C VAL B 303 -62.74 -1.92 0.87
N ALA B 304 -62.67 -3.24 1.03
CA ALA B 304 -63.39 -4.15 0.16
C ALA B 304 -64.90 -4.11 0.37
N LEU B 305 -65.33 -3.76 1.60
CA LEU B 305 -66.74 -3.65 1.91
C LEU B 305 -67.30 -2.39 1.23
N LYS B 306 -68.18 -2.60 0.25
CA LYS B 306 -68.73 -1.53 -0.57
C LYS B 306 -69.30 -0.35 0.21
N SER B 307 -70.13 -0.67 1.20
CA SER B 307 -70.87 0.33 1.96
C SER B 307 -69.96 1.35 2.62
N TYR B 308 -68.89 0.87 3.25
CA TYR B 308 -67.97 1.75 3.94
C TYR B 308 -66.98 2.39 2.96
N GLU B 309 -66.70 1.69 1.86
CA GLU B 309 -65.82 2.24 0.85
C GLU B 309 -66.48 3.46 0.21
N GLU B 310 -67.78 3.39 -0.08
CA GLU B 310 -68.48 4.54 -0.62
C GLU B 310 -68.42 5.68 0.40
N GLU B 311 -68.58 5.34 1.67
CA GLU B 311 -68.50 6.32 2.74
C GLU B 311 -67.11 6.95 2.82
N LEU B 312 -66.07 6.18 2.49
CA LEU B 312 -64.70 6.69 2.60
C LEU B 312 -64.20 7.20 1.25
N ALA B 313 -64.92 6.90 0.18
CA ALA B 313 -64.47 7.21 -1.17
C ALA B 313 -64.32 8.72 -1.43
N LYS B 314 -65.03 9.54 -0.65
CA LYS B 314 -64.92 11.00 -0.78
C LYS B 314 -63.51 11.53 -0.53
N ASP B 315 -62.83 10.94 0.44
CA ASP B 315 -61.46 11.31 0.79
C ASP B 315 -60.52 11.40 -0.43
N PRO B 316 -59.95 12.60 -0.70
CA PRO B 316 -59.06 12.75 -1.88
C PRO B 316 -57.75 11.99 -1.72
N ARG B 317 -57.41 11.62 -0.48
CA ARG B 317 -56.25 10.79 -0.23
C ARG B 317 -56.54 9.40 -0.77
N ILE B 318 -57.76 8.91 -0.55
CA ILE B 318 -58.16 7.62 -1.10
C ILE B 318 -58.24 7.74 -2.62
N ALA B 319 -58.78 8.85 -3.12
CA ALA B 319 -58.83 9.08 -4.56
C ALA B 319 -57.45 9.04 -5.20
N ALA B 320 -56.47 9.64 -4.52
CA ALA B 320 -55.10 9.63 -5.02
C ALA B 320 -54.49 8.24 -4.92
N THR B 321 -54.79 7.55 -3.82
CA THR B 321 -54.39 6.15 -3.67
C THR B 321 -54.90 5.34 -4.85
N MET B 322 -56.18 5.51 -5.18
CA MET B 322 -56.77 4.76 -6.27
C MET B 322 -56.27 5.21 -7.63
N GLU B 323 -55.91 6.48 -7.77
CA GLU B 323 -55.31 6.93 -9.01
C GLU B 323 -53.96 6.22 -9.22
N ASN B 324 -53.16 6.18 -8.16
CA ASN B 324 -51.88 5.49 -8.26
C ASN B 324 -52.05 3.97 -8.43
N ALA B 325 -53.00 3.40 -7.69
CA ALA B 325 -53.32 1.98 -7.85
C ALA B 325 -53.72 1.63 -9.28
N GLN B 326 -54.57 2.48 -9.85
CA GLN B 326 -55.02 2.28 -11.23
C GLN B 326 -53.83 2.36 -12.18
N LYS B 327 -52.92 3.28 -11.89
CA LYS B 327 -51.71 3.48 -12.70
C LYS B 327 -50.87 2.21 -12.68
N GLY B 328 -50.86 1.54 -11.54
CA GLY B 328 -50.00 0.39 -11.32
C GLY B 328 -50.70 -0.91 -11.71
N GLU B 329 -50.18 -2.02 -11.19
CA GLU B 329 -50.76 -3.32 -11.45
C GLU B 329 -50.97 -4.06 -10.14
N ILE B 330 -52.05 -4.81 -10.05
CA ILE B 330 -52.32 -5.64 -8.88
C ILE B 330 -51.28 -6.76 -8.85
N MET B 331 -50.78 -7.06 -7.65
CA MET B 331 -49.83 -8.16 -7.50
C MET B 331 -50.42 -9.51 -7.87
N PRO B 332 -49.64 -10.34 -8.58
CA PRO B 332 -49.97 -11.76 -8.65
C PRO B 332 -49.89 -12.37 -7.28
N ASN B 333 -50.61 -13.47 -7.09
CA ASN B 333 -50.55 -14.24 -5.87
C ASN B 333 -49.87 -15.59 -6.06
N ILE B 334 -49.23 -15.81 -7.20
CA ILE B 334 -48.60 -17.11 -7.46
C ILE B 334 -47.51 -17.37 -6.42
N PRO B 335 -47.25 -18.66 -6.10
CA PRO B 335 -46.23 -19.03 -5.11
C PRO B 335 -44.85 -18.43 -5.36
N GLN B 336 -44.52 -18.17 -6.62
CA GLN B 336 -43.18 -17.71 -6.98
C GLN B 336 -42.93 -16.25 -6.64
N MET B 337 -43.93 -15.55 -6.12
CA MET B 337 -43.75 -14.14 -5.79
C MET B 337 -42.75 -13.85 -4.67
N SER B 338 -42.69 -14.73 -3.67
CA SER B 338 -41.75 -14.50 -2.57
C SER B 338 -40.32 -14.63 -3.05
N ALA B 339 -40.12 -15.53 -3.98
CA ALA B 339 -38.82 -15.67 -4.62
C ALA B 339 -38.53 -14.38 -5.37
N PHE B 340 -39.54 -13.83 -6.03
CA PHE B 340 -39.39 -12.56 -6.74
C PHE B 340 -38.99 -11.40 -5.82
N TRP B 341 -39.66 -11.28 -4.69
CA TRP B 341 -39.39 -10.23 -3.72
C TRP B 341 -38.03 -10.32 -3.05
N TYR B 342 -37.62 -11.53 -2.66
CA TYR B 342 -36.30 -11.74 -2.09
C TYR B 342 -35.21 -11.29 -3.08
N ALA B 343 -35.37 -11.68 -4.33
CA ALA B 343 -34.39 -11.38 -5.38
C ALA B 343 -34.19 -9.89 -5.54
N VAL B 344 -35.31 -9.19 -5.66
CA VAL B 344 -35.33 -7.74 -5.86
C VAL B 344 -34.85 -6.99 -4.62
N ARG B 345 -35.25 -7.47 -3.43
CA ARG B 345 -34.80 -6.82 -2.20
C ARG B 345 -33.28 -6.72 -2.17
N THR B 346 -32.61 -7.83 -2.45
CA THR B 346 -31.15 -7.87 -2.39
C THR B 346 -30.58 -6.96 -3.46
N ALA B 347 -31.19 -6.98 -4.65
CA ALA B 347 -30.73 -6.16 -5.76
C ALA B 347 -30.80 -4.67 -5.45
N VAL B 348 -31.93 -4.21 -4.93
CA VAL B 348 -32.06 -2.78 -4.61
C VAL B 348 -31.09 -2.34 -3.50
N ILE B 349 -30.95 -3.16 -2.47
CA ILE B 349 -30.05 -2.84 -1.35
C ILE B 349 -28.58 -2.80 -1.79
N ASN B 350 -28.18 -3.80 -2.57
CA ASN B 350 -26.79 -3.91 -3.02
C ASN B 350 -26.40 -2.82 -4.00
N ALA B 351 -27.31 -2.45 -4.90
CA ALA B 351 -27.04 -1.36 -5.82
C ALA B 351 -27.00 -0.02 -5.09
N ALA B 352 -27.93 0.21 -4.18
CA ALA B 352 -27.94 1.45 -3.42
C ALA B 352 -26.72 1.59 -2.51
N SER B 353 -26.22 0.47 -1.99
CA SER B 353 -25.04 0.45 -1.14
C SER B 353 -23.70 0.55 -1.88
N GLY B 354 -23.70 0.25 -3.18
CA GLY B 354 -22.48 0.19 -3.94
C GLY B 354 -21.74 -1.14 -3.82
N ARG B 355 -22.41 -2.14 -3.25
CA ARG B 355 -21.82 -3.46 -3.05
C ARG B 355 -21.75 -4.18 -4.38
N GLN B 356 -22.73 -3.90 -5.23
CA GLN B 356 -22.82 -4.46 -6.56
C GLN B 356 -23.20 -3.38 -7.56
N THR B 357 -22.89 -3.61 -8.83
CA THR B 357 -23.28 -2.70 -9.88
C THR B 357 -24.78 -2.93 -10.06
N VAL B 358 -25.44 -2.00 -10.73
CA VAL B 358 -26.87 -2.13 -11.01
C VAL B 358 -27.12 -3.36 -11.89
N ASP B 359 -26.28 -3.49 -12.90
CA ASP B 359 -26.35 -4.58 -13.85
C ASP B 359 -26.18 -5.96 -13.20
N ALA B 360 -25.16 -6.10 -12.36
CA ALA B 360 -24.88 -7.38 -11.72
C ALA B 360 -25.99 -7.73 -10.73
N ALA B 361 -26.45 -6.72 -9.99
CA ALA B 361 -27.52 -6.92 -9.03
C ALA B 361 -28.80 -7.38 -9.72
N LEU B 362 -29.18 -6.71 -10.81
CA LEU B 362 -30.45 -7.06 -11.43
C LEU B 362 -30.36 -8.34 -12.27
N ALA B 363 -29.20 -8.59 -12.88
CA ALA B 363 -28.99 -9.87 -13.55
C ALA B 363 -29.07 -11.05 -12.58
N ALA B 364 -28.41 -10.89 -11.44
CA ALA B 364 -28.51 -11.93 -10.45
C ALA B 364 -29.93 -12.04 -9.96
N ALA B 365 -30.63 -10.93 -9.75
CA ALA B 365 -32.02 -11.01 -9.33
C ALA B 365 -32.96 -11.72 -10.30
N GLN B 366 -32.81 -11.44 -11.60
CA GLN B 366 -33.60 -12.09 -12.64
C GLN B 366 -33.38 -13.61 -12.56
N THR B 367 -32.11 -14.02 -12.53
CA THR B 367 -31.78 -15.45 -12.44
C THR B 367 -32.26 -16.09 -11.15
N ASN B 368 -32.01 -15.36 -10.08
CA ASN B 368 -32.38 -15.70 -8.72
C ASN B 368 -33.88 -15.99 -8.56
N ALA B 369 -34.74 -15.10 -9.05
CA ALA B 369 -36.18 -15.32 -8.93
C ALA B 369 -36.61 -16.62 -9.61
N ALA B 370 -36.06 -16.90 -10.80
CA ALA B 370 -36.41 -18.11 -11.55
C ALA B 370 -35.76 -19.41 -11.04
N ALA B 371 -35.32 -19.45 -9.79
CA ALA B 371 -34.45 -20.53 -9.30
C ALA B 371 -34.96 -21.21 -8.03
N PRO B 372 -35.77 -22.28 -8.19
CA PRO B 372 -36.40 -22.94 -7.03
C PRO B 372 -35.42 -23.55 -6.03
N GLY B 373 -34.37 -24.19 -6.57
CA GLY B 373 -33.39 -24.85 -5.75
C GLY B 373 -32.63 -23.87 -4.88
N LEU B 374 -32.35 -22.71 -5.47
CA LEU B 374 -31.68 -21.64 -4.76
C LEU B 374 -32.56 -21.09 -3.64
N HIS B 375 -33.84 -20.93 -3.96
CA HIS B 375 -34.80 -20.29 -3.06
C HIS B 375 -35.10 -21.19 -1.87
N ALA B 376 -35.13 -22.49 -2.09
CA ALA B 376 -35.30 -23.45 -0.99
C ALA B 376 -34.15 -23.35 0.03
N ILE B 377 -32.92 -23.38 -0.46
CA ILE B 377 -31.77 -23.27 0.40
C ILE B 377 -31.79 -21.93 1.12
N TYR B 378 -32.02 -20.86 0.36
CA TYR B 378 -32.12 -19.53 0.98
C TYR B 378 -33.19 -19.54 2.06
N GLY B 379 -34.29 -20.24 1.82
CA GLY B 379 -35.31 -20.40 2.84
C GLY B 379 -34.74 -20.98 4.12
N GLU B 380 -34.02 -22.10 4.00
CA GLU B 380 -33.38 -22.65 5.20
C GLU B 380 -32.39 -21.67 5.85
N CYS B 381 -31.56 -21.02 5.05
CA CYS B 381 -30.62 -20.03 5.58
C CYS B 381 -31.36 -18.95 6.34
N ARG B 382 -32.48 -18.52 5.78
CA ARG B 382 -33.30 -17.49 6.40
C ARG B 382 -33.86 -18.02 7.71
N ARG B 383 -34.24 -19.30 7.73
CA ARG B 383 -34.72 -19.90 8.97
C ARG B 383 -33.62 -19.80 10.02
N LEU B 384 -32.39 -20.14 9.63
CA LEU B 384 -31.25 -20.05 10.56
C LEU B 384 -30.87 -18.64 10.98
N TYR B 385 -30.89 -17.70 10.03
CA TYR B 385 -30.44 -16.34 10.29
C TYR B 385 -31.49 -15.31 9.89
N PRO B 386 -32.55 -15.18 10.71
CA PRO B 386 -33.54 -14.14 10.46
C PRO B 386 -32.91 -12.75 10.57
N ASP B 387 -31.91 -12.63 11.44
CA ASP B 387 -31.24 -11.36 11.68
C ASP B 387 -30.40 -10.87 10.49
N GLN B 388 -30.12 -11.75 9.54
CA GLN B 388 -29.24 -11.42 8.41
C GLN B 388 -29.91 -11.60 7.04
N PRO B 389 -30.76 -10.62 6.63
CA PRO B 389 -31.47 -10.63 5.35
C PRO B 389 -30.56 -10.62 4.13
N ASN B 390 -29.48 -9.85 4.19
CA ASN B 390 -28.53 -9.78 3.08
C ASN B 390 -27.11 -10.12 3.54
N PRO B 391 -26.75 -11.39 3.49
CA PRO B 391 -25.41 -11.76 3.95
C PRO B 391 -24.39 -11.39 2.90
N LEU B 392 -23.13 -11.32 3.30
CA LEU B 392 -22.06 -11.21 2.33
C LEU B 392 -21.95 -12.51 1.56
N GLN B 393 -21.76 -12.39 0.25
CA GLN B 393 -21.70 -13.53 -0.64
C GLN B 393 -20.50 -13.42 -1.55
N VAL B 394 -19.79 -14.53 -1.73
CA VAL B 394 -18.76 -14.61 -2.74
C VAL B 394 -19.40 -15.19 -3.98
N THR B 395 -19.41 -14.37 -5.04
CA THR B 395 -20.06 -14.71 -6.30
C THR B 395 -19.04 -14.92 -7.41
N ALA B 396 -19.18 -16.02 -8.15
CA ALA B 396 -18.37 -16.25 -9.33
C ALA B 396 -18.88 -15.35 -10.45
N ILE B 397 -18.03 -14.46 -10.97
CA ILE B 397 -18.47 -13.54 -12.03
C ILE B 397 -18.86 -14.27 -13.30
N VAL B 398 -18.08 -15.28 -13.68
CA VAL B 398 -18.41 -16.13 -14.83
C VAL B 398 -18.89 -17.46 -14.30
N LYS B 399 -20.16 -17.77 -14.56
CA LYS B 399 -20.79 -18.96 -14.02
C LYS B 399 -20.27 -20.26 -14.61
N TYR B 400 -20.34 -21.31 -13.81
CA TYR B 400 -19.84 -22.62 -14.19
C TYR B 400 -20.53 -23.21 -15.42
N ASP B 401 -21.78 -22.87 -15.64
CA ASP B 401 -22.51 -23.42 -16.78
C ASP B 401 -21.91 -22.84 -18.06
N SER B 402 -21.19 -21.74 -17.93
CA SER B 402 -20.46 -21.15 -19.05
C SER B 402 -18.98 -21.52 -18.91
N PHE B 403 -18.70 -22.47 -18.01
CA PHE B 403 -17.34 -22.94 -17.75
C PHE B 403 -16.41 -21.89 -17.15
N GLY B 404 -16.92 -21.16 -16.16
CA GLY B 404 -16.06 -20.40 -15.28
C GLY B 404 -15.34 -21.42 -14.41
N PRO B 405 -14.21 -21.02 -13.81
CA PRO B 405 -13.41 -21.96 -13.02
C PRO B 405 -14.13 -22.47 -11.77
N ASP B 406 -15.01 -21.64 -11.23
CA ASP B 406 -15.67 -21.94 -9.96
C ASP B 406 -17.03 -22.60 -10.17
N PRO B 407 -17.21 -23.84 -9.71
CA PRO B 407 -18.51 -24.50 -9.88
C PRO B 407 -19.58 -24.05 -8.89
N LEU B 408 -19.19 -23.44 -7.78
CA LEU B 408 -20.15 -22.91 -6.82
C LEU B 408 -20.50 -21.48 -7.22
N ASP B 409 -21.73 -21.28 -7.66
CA ASP B 409 -22.16 -19.97 -8.14
C ASP B 409 -22.08 -18.93 -7.04
N TYR B 410 -22.50 -19.31 -5.84
CA TYR B 410 -22.42 -18.43 -4.69
C TYR B 410 -21.88 -19.20 -3.49
N VAL B 411 -21.18 -18.47 -2.64
CA VAL B 411 -20.87 -18.94 -1.30
C VAL B 411 -21.31 -17.86 -0.33
N SER B 412 -22.31 -18.17 0.48
CA SER B 412 -22.85 -17.23 1.44
C SER B 412 -22.09 -17.33 2.75
N MET B 413 -21.78 -16.17 3.34
CA MET B 413 -21.10 -16.13 4.63
C MET B 413 -21.97 -15.44 5.66
N TYR B 414 -22.20 -16.13 6.77
CA TYR B 414 -22.98 -15.62 7.88
C TYR B 414 -22.14 -15.49 9.15
N ARG B 415 -22.60 -14.63 10.04
CA ARG B 415 -22.03 -14.53 11.38
C ARG B 415 -22.92 -15.30 12.34
N ASN B 416 -22.37 -16.32 12.99
CA ASN B 416 -23.11 -17.09 13.99
C ASN B 416 -22.56 -16.72 15.36
N VAL B 417 -23.38 -16.05 16.16
CA VAL B 417 -22.90 -15.52 17.43
C VAL B 417 -22.63 -16.62 18.45
N GLY B 418 -23.12 -17.82 18.16
CA GLY B 418 -22.93 -18.96 19.04
C GLY B 418 -23.55 -18.71 20.40
N SER B 419 -23.20 -19.56 21.36
CA SER B 419 -23.60 -19.40 22.74
C SER B 419 -22.41 -19.71 23.66
N PRO B 420 -21.93 -18.74 24.44
CA PRO B 420 -20.83 -19.09 25.37
C PRO B 420 -21.32 -20.08 26.42
N SER B 421 -22.61 -20.00 26.75
CA SER B 421 -23.23 -20.94 27.67
C SER B 421 -23.20 -22.32 27.02
N ALA B 422 -23.38 -22.37 25.71
CA ALA B 422 -23.33 -23.62 24.97
C ALA B 422 -21.88 -24.07 24.84
N ASN B 423 -20.97 -23.24 25.35
CA ASN B 423 -19.52 -23.45 25.26
C ASN B 423 -19.09 -23.53 23.79
N ILE B 424 -19.88 -22.84 22.96
CA ILE B 424 -19.65 -22.75 21.53
C ILE B 424 -19.19 -21.35 21.11
N PRO B 425 -17.97 -21.22 20.56
CA PRO B 425 -17.43 -19.88 20.26
C PRO B 425 -18.12 -19.22 19.07
N GLU B 426 -17.94 -17.90 18.94
CA GLU B 426 -18.45 -17.16 17.79
C GLU B 426 -17.64 -17.54 16.56
N HIS B 427 -18.30 -17.63 15.41
CA HIS B 427 -17.65 -18.11 14.21
C HIS B 427 -18.38 -17.66 12.94
N TRP B 428 -17.73 -17.85 11.80
CA TRP B 428 -18.33 -17.54 10.51
C TRP B 428 -18.87 -18.84 9.89
N HIS B 429 -20.07 -18.76 9.33
CA HIS B 429 -20.73 -19.92 8.75
C HIS B 429 -20.85 -19.75 7.25
N TYR B 430 -20.12 -20.60 6.53
CA TYR B 430 -20.10 -20.58 5.08
C TYR B 430 -21.07 -21.63 4.56
N ILE B 431 -21.83 -21.23 3.54
CA ILE B 431 -22.80 -22.09 2.87
C ILE B 431 -22.57 -22.00 1.36
N SER B 432 -22.51 -23.15 0.69
CA SER B 432 -22.23 -23.16 -0.75
C SER B 432 -23.49 -23.32 -1.61
N PHE B 433 -23.42 -22.84 -2.85
CA PHE B 433 -24.47 -23.05 -3.82
C PHE B 433 -23.91 -23.48 -5.19
N GLY B 434 -24.26 -24.71 -5.61
CA GLY B 434 -23.78 -25.23 -6.88
C GLY B 434 -23.72 -26.74 -6.99
N LEU B 435 -23.43 -27.42 -5.88
CA LEU B 435 -23.35 -28.87 -5.87
C LEU B 435 -24.73 -29.53 -6.01
N SER B 436 -25.77 -28.83 -5.56
CA SER B 436 -27.13 -29.27 -5.78
C SER B 436 -27.67 -28.62 -7.06
N ASP B 437 -28.90 -28.96 -7.43
CA ASP B 437 -29.52 -28.40 -8.62
C ASP B 437 -30.33 -27.16 -8.26
N LEU B 438 -29.74 -25.99 -8.51
CA LEU B 438 -30.38 -24.72 -8.20
C LEU B 438 -31.49 -24.35 -9.18
N TYR B 439 -31.23 -24.56 -10.47
CA TYR B 439 -32.08 -24.01 -11.53
C TYR B 439 -32.97 -25.06 -12.22
N GLY B 440 -32.50 -26.30 -12.29
CA GLY B 440 -33.32 -27.38 -12.81
C GLY B 440 -33.54 -27.35 -14.31
N ASP B 441 -32.74 -26.54 -15.01
CA ASP B 441 -32.87 -26.43 -16.47
C ASP B 441 -31.76 -27.18 -17.19
N ASN B 442 -31.11 -28.09 -16.49
CA ASN B 442 -30.09 -28.94 -17.09
C ASN B 442 -28.86 -28.19 -17.59
N ARG B 443 -28.63 -26.99 -17.07
CA ARG B 443 -27.46 -26.22 -17.46
C ARG B 443 -26.18 -26.84 -16.90
N VAL B 444 -26.26 -27.43 -15.71
CA VAL B 444 -25.12 -28.12 -15.09
C VAL B 444 -25.49 -29.52 -14.64
N HIS B 445 -26.71 -29.70 -14.14
CA HIS B 445 -27.14 -30.96 -13.51
C HIS B 445 -28.30 -31.59 -14.29
N GLU B 446 -28.36 -32.92 -14.33
CA GLU B 446 -29.48 -33.61 -14.95
C GLU B 446 -30.71 -33.53 -14.05
N PHE B 447 -31.85 -33.16 -14.63
CA PHE B 447 -33.10 -33.02 -13.88
C PHE B 447 -33.81 -34.36 -13.73
N THR B 448 -33.99 -34.80 -12.48
CA THR B 448 -34.54 -36.13 -12.19
C THR B 448 -35.92 -36.10 -11.54
N GLY B 449 -36.39 -34.92 -11.16
CA GLY B 449 -37.68 -34.79 -10.50
C GLY B 449 -37.54 -34.68 -8.99
N THR B 450 -38.67 -34.66 -8.30
CA THR B 450 -38.70 -34.43 -6.85
C THR B 450 -38.01 -35.55 -6.08
N ASP B 451 -38.24 -36.80 -6.49
CA ASP B 451 -37.56 -37.94 -5.88
C ASP B 451 -36.10 -37.99 -6.26
N GLY B 452 -35.27 -38.42 -5.31
CA GLY B 452 -33.84 -38.50 -5.52
C GLY B 452 -33.13 -37.22 -5.14
N PRO B 453 -31.79 -37.23 -5.22
CA PRO B 453 -30.97 -36.09 -4.80
C PRO B 453 -30.92 -34.97 -5.84
N SER B 454 -30.99 -33.74 -5.36
CA SER B 454 -30.86 -32.57 -6.23
C SER B 454 -29.40 -32.35 -6.54
N GLY B 455 -29.05 -32.38 -7.83
CA GLY B 455 -27.67 -32.38 -8.24
C GLY B 455 -26.95 -33.53 -7.56
N PHE B 456 -25.85 -33.24 -6.89
CA PHE B 456 -25.16 -34.26 -6.10
C PHE B 456 -25.86 -34.55 -4.78
N GLY B 457 -26.91 -33.78 -4.47
CA GLY B 457 -27.74 -34.07 -3.32
C GLY B 457 -27.27 -33.42 -2.03
N PHE B 458 -26.26 -32.56 -2.12
CA PHE B 458 -25.77 -31.89 -0.93
C PHE B 458 -25.10 -30.57 -1.26
N GLU B 459 -24.98 -29.73 -0.24
CA GLU B 459 -24.16 -28.53 -0.34
C GLU B 459 -23.12 -28.50 0.78
N LEU B 460 -22.03 -27.81 0.51
CA LEU B 460 -20.95 -27.70 1.48
C LEU B 460 -21.20 -26.54 2.42
N THR B 461 -20.84 -26.74 3.68
CA THR B 461 -20.81 -25.66 4.66
C THR B 461 -19.52 -25.70 5.44
N PHE B 462 -19.20 -24.60 6.12
CA PHE B 462 -17.98 -24.53 6.92
C PHE B 462 -18.13 -23.57 8.09
N ARG B 463 -17.60 -23.94 9.25
CA ARG B 463 -17.67 -23.09 10.44
C ARG B 463 -16.28 -22.70 10.93
N LEU B 464 -15.96 -21.41 10.80
CA LEU B 464 -14.62 -20.91 11.13
C LEU B 464 -14.62 -20.03 12.37
N LYS B 465 -13.81 -20.41 13.37
CA LYS B 465 -13.68 -19.64 14.59
C LYS B 465 -13.42 -18.18 14.26
N ARG B 466 -14.19 -17.28 14.83
CA ARG B 466 -14.00 -15.86 14.56
C ARG B 466 -12.86 -15.34 15.43
N GLU B 467 -11.84 -14.80 14.78
CA GLU B 467 -10.76 -14.13 15.48
C GLU B 467 -11.15 -12.70 15.80
N THR B 468 -10.58 -12.17 16.88
CA THR B 468 -10.83 -10.81 17.29
C THR B 468 -10.25 -9.87 16.23
N GLY B 469 -10.94 -8.76 15.99
CA GLY B 469 -10.50 -7.79 15.01
C GLY B 469 -11.19 -7.98 13.67
N GLU B 470 -11.90 -9.09 13.52
CA GLU B 470 -12.58 -9.40 12.27
C GLU B 470 -13.90 -8.64 12.17
N SER B 471 -13.92 -7.65 11.28
CA SER B 471 -15.15 -6.90 11.01
C SER B 471 -16.04 -7.75 10.11
N ALA B 472 -15.40 -8.46 9.19
CA ALA B 472 -16.09 -9.23 8.16
C ALA B 472 -15.48 -10.63 8.06
N PRO B 473 -16.23 -11.59 7.51
CA PRO B 473 -15.73 -12.95 7.34
C PRO B 473 -14.64 -13.05 6.27
N PRO B 474 -13.52 -13.75 6.55
CA PRO B 474 -12.51 -13.98 5.50
C PRO B 474 -13.06 -14.79 4.34
N THR B 475 -12.48 -14.65 3.15
CA THR B 475 -13.03 -15.24 1.95
C THR B 475 -12.40 -16.57 1.48
N TRP B 476 -11.25 -16.93 2.03
CA TRP B 476 -10.54 -18.13 1.56
C TRP B 476 -11.33 -19.46 1.65
N PRO B 477 -12.18 -19.61 2.69
CA PRO B 477 -12.93 -20.88 2.74
C PRO B 477 -13.83 -21.08 1.53
N ALA B 478 -14.23 -19.98 0.89
CA ALA B 478 -15.05 -20.05 -0.30
C ALA B 478 -14.23 -20.73 -1.41
N GLU B 479 -13.01 -20.26 -1.60
CA GLU B 479 -12.13 -20.85 -2.60
C GLU B 479 -11.87 -22.32 -2.27
N LEU B 480 -11.67 -22.60 -0.98
CA LEU B 480 -11.51 -23.98 -0.53
C LEU B 480 -12.69 -24.82 -0.99
N MET B 481 -13.89 -24.32 -0.73
CA MET B 481 -15.11 -24.98 -1.16
C MET B 481 -15.15 -25.15 -2.68
N GLN B 482 -14.69 -24.13 -3.40
CA GLN B 482 -14.63 -24.23 -4.86
C GLN B 482 -13.71 -25.39 -5.27
N GLY B 483 -12.56 -25.50 -4.62
CA GLY B 483 -11.65 -26.61 -4.88
C GLY B 483 -12.33 -27.94 -4.66
N LEU B 484 -12.95 -28.08 -3.48
CA LEU B 484 -13.67 -29.30 -3.14
C LEU B 484 -14.74 -29.61 -4.19
N ALA B 485 -15.47 -28.59 -4.61
CA ALA B 485 -16.52 -28.75 -5.61
C ALA B 485 -15.92 -29.23 -6.93
N ARG B 486 -14.80 -28.62 -7.33
CA ARG B 486 -14.10 -29.02 -8.54
C ARG B 486 -13.73 -30.49 -8.45
N TYR B 487 -13.19 -30.90 -7.31
CA TYR B 487 -12.89 -32.32 -7.11
C TYR B 487 -14.14 -33.17 -7.32
N VAL B 488 -15.23 -32.80 -6.64
CA VAL B 488 -16.46 -33.57 -6.73
C VAL B 488 -16.91 -33.71 -8.18
N PHE B 489 -16.93 -32.61 -8.92
CA PHE B 489 -17.35 -32.66 -10.32
C PHE B 489 -16.43 -33.53 -11.17
N GLN B 490 -15.13 -33.36 -11.02
CA GLN B 490 -14.16 -34.12 -11.82
C GLN B 490 -14.17 -35.63 -11.51
N SER B 491 -14.27 -35.96 -10.22
CA SER B 491 -14.18 -37.36 -9.80
C SER B 491 -15.51 -38.12 -9.86
N GLU B 492 -16.62 -37.41 -9.92
CA GLU B 492 -17.98 -37.99 -9.84
C GLU B 492 -18.27 -38.62 -8.49
N ASN B 493 -17.42 -38.37 -7.49
CA ASN B 493 -17.59 -39.04 -6.20
C ASN B 493 -18.31 -38.12 -5.22
N THR B 494 -19.51 -38.51 -4.82
CA THR B 494 -20.29 -37.73 -3.86
C THR B 494 -19.64 -37.84 -2.50
N PHE B 495 -19.73 -36.78 -1.70
CA PHE B 495 -19.20 -36.82 -0.35
C PHE B 495 -20.31 -37.35 0.55
N CYS B 496 -19.90 -38.04 1.61
CA CYS B 496 -20.84 -38.57 2.59
C CYS B 496 -20.30 -38.22 3.96
N SER B 497 -21.15 -38.22 4.97
CA SER B 497 -20.69 -37.98 6.33
C SER B 497 -19.79 -39.12 6.76
N GLY B 498 -18.63 -38.77 7.28
CA GLY B 498 -17.65 -39.75 7.72
C GLY B 498 -16.48 -39.79 6.78
N ASP B 499 -16.68 -39.30 5.55
CA ASP B 499 -15.58 -39.26 4.60
C ASP B 499 -14.53 -38.27 5.07
N HIS B 500 -13.30 -38.46 4.58
CA HIS B 500 -12.21 -37.54 4.88
C HIS B 500 -11.60 -37.07 3.57
N VAL B 501 -10.89 -35.95 3.64
CA VAL B 501 -10.25 -35.36 2.47
C VAL B 501 -8.83 -34.96 2.77
N SER B 502 -7.89 -35.66 2.14
CA SER B 502 -6.49 -35.30 2.25
C SER B 502 -6.20 -34.11 1.34
N TRP B 503 -5.74 -33.02 1.93
CA TRP B 503 -5.45 -31.78 1.19
C TRP B 503 -3.95 -31.52 1.08
N HIS B 504 -3.22 -31.85 2.15
CA HIS B 504 -1.75 -31.75 2.19
C HIS B 504 -1.23 -30.32 2.11
N SER B 505 -2.09 -29.36 2.43
CA SER B 505 -1.71 -27.97 2.49
C SER B 505 -2.52 -27.31 3.60
N PRO B 506 -1.95 -26.29 4.26
CA PRO B 506 -2.80 -25.59 5.24
C PRO B 506 -3.99 -24.99 4.49
N LEU B 507 -5.19 -25.17 5.03
CA LEU B 507 -6.40 -24.86 4.28
C LEU B 507 -6.45 -23.38 3.88
N ASP B 508 -5.89 -22.52 4.71
CA ASP B 508 -5.90 -21.07 4.45
C ASP B 508 -4.58 -20.56 3.88
N ASN B 509 -3.67 -21.48 3.55
CA ASN B 509 -2.36 -21.12 3.01
C ASN B 509 -1.53 -20.34 4.04
N SER B 510 -1.87 -20.52 5.32
CA SER B 510 -1.11 -19.93 6.42
C SER B 510 0.00 -20.89 6.87
N GLU B 511 0.39 -20.76 8.14
CA GLU B 511 1.35 -21.67 8.75
C GLU B 511 0.59 -22.75 9.50
N SER B 512 -0.72 -22.75 9.39
CA SER B 512 -1.59 -23.60 10.20
C SER B 512 -1.30 -25.09 10.09
N ARG B 513 -1.53 -25.79 11.19
CA ARG B 513 -1.34 -27.23 11.26
C ARG B 513 -2.57 -27.96 10.72
N ILE B 514 -3.65 -27.21 10.51
CA ILE B 514 -4.88 -27.75 9.96
C ILE B 514 -4.73 -27.86 8.45
N GLN B 515 -4.34 -29.04 7.99
CA GLN B 515 -4.01 -29.26 6.59
C GLN B 515 -4.97 -30.24 5.93
N HIS B 516 -6.01 -30.64 6.65
CA HIS B 516 -6.89 -31.71 6.18
C HIS B 516 -8.34 -31.49 6.59
N MET B 517 -9.23 -32.31 6.04
CA MET B 517 -10.66 -32.14 6.25
C MET B 517 -11.42 -33.45 6.49
N LEU B 518 -12.36 -33.40 7.43
CA LEU B 518 -13.34 -34.46 7.62
C LEU B 518 -14.69 -33.84 7.28
N LEU B 519 -15.65 -34.69 6.94
CA LEU B 519 -16.98 -34.22 6.55
C LEU B 519 -18.04 -34.77 7.49
N THR B 520 -18.91 -33.89 7.95
CA THR B 520 -19.99 -34.29 8.87
C THR B 520 -21.27 -33.57 8.53
N GLU B 521 -22.38 -34.04 9.10
CA GLU B 521 -23.65 -33.36 8.91
C GLU B 521 -23.59 -32.02 9.61
N ASP B 522 -24.08 -30.98 8.95
CA ASP B 522 -24.12 -29.66 9.57
C ASP B 522 -25.04 -29.72 10.79
N PRO B 523 -24.58 -29.18 11.94
CA PRO B 523 -25.33 -29.26 13.20
C PRO B 523 -26.63 -28.45 13.24
N GLN B 524 -26.74 -27.41 12.42
CA GLN B 524 -27.94 -26.56 12.43
C GLN B 524 -28.75 -26.73 11.15
N MET B 525 -28.06 -26.81 10.01
CA MET B 525 -28.74 -26.90 8.72
C MET B 525 -29.47 -28.23 8.58
N GLN B 526 -30.78 -28.16 8.40
CA GLN B 526 -31.60 -29.35 8.23
C GLN B 526 -31.82 -29.56 6.73
N PRO B 527 -31.85 -30.83 6.28
CA PRO B 527 -32.02 -31.12 4.85
C PRO B 527 -33.29 -30.49 4.29
N VAL B 528 -33.32 -30.22 2.99
CA VAL B 528 -34.42 -29.49 2.36
C VAL B 528 -34.97 -30.24 1.15
N GLN B 529 -36.27 -30.08 0.93
CA GLN B 529 -36.94 -30.70 -0.21
C GLN B 529 -37.20 -29.61 -1.24
N THR B 530 -36.75 -29.85 -2.47
CA THR B 530 -36.90 -28.89 -3.55
C THR B 530 -37.55 -29.64 -4.69
N PRO B 531 -38.17 -28.93 -5.65
CA PRO B 531 -38.77 -29.64 -6.77
C PRO B 531 -37.75 -30.45 -7.58
N PHE B 532 -36.47 -30.14 -7.40
CA PHE B 532 -35.40 -30.80 -8.15
C PHE B 532 -34.71 -31.90 -7.36
N GLY B 533 -35.10 -32.08 -6.11
CA GLY B 533 -34.57 -33.16 -5.28
C GLY B 533 -34.33 -32.75 -3.84
N VAL B 534 -33.68 -33.64 -3.09
CA VAL B 534 -33.36 -33.38 -1.69
C VAL B 534 -31.91 -32.95 -1.56
N VAL B 535 -31.68 -31.97 -0.72
CA VAL B 535 -30.35 -31.44 -0.46
C VAL B 535 -30.02 -31.55 1.02
N THR B 536 -28.91 -32.23 1.32
CA THR B 536 -28.38 -32.24 2.68
C THR B 536 -27.22 -31.24 2.74
N PHE B 537 -26.70 -31.03 3.94
CA PHE B 537 -25.63 -30.06 4.13
C PHE B 537 -24.46 -30.68 4.85
N LEU B 538 -23.36 -30.80 4.12
CA LEU B 538 -22.14 -31.39 4.65
C LEU B 538 -21.20 -30.31 5.13
N GLN B 539 -20.96 -30.30 6.43
CA GLN B 539 -19.99 -29.39 7.00
C GLN B 539 -18.59 -29.95 6.90
N ILE B 540 -17.66 -29.06 6.55
CA ILE B 540 -16.25 -29.37 6.47
C ILE B 540 -15.62 -29.14 7.84
N VAL B 541 -14.71 -30.03 8.23
CA VAL B 541 -14.02 -29.90 9.51
C VAL B 541 -12.52 -30.01 9.30
N GLY B 542 -11.79 -28.94 9.59
CA GLY B 542 -10.35 -28.95 9.42
C GLY B 542 -9.68 -29.80 10.48
N VAL B 543 -8.69 -30.60 10.06
CA VAL B 543 -7.99 -31.50 10.98
C VAL B 543 -6.49 -31.59 10.67
N CYS B 544 -5.74 -32.15 11.62
CA CYS B 544 -4.31 -32.40 11.45
C CYS B 544 -4.09 -33.75 10.78
N THR B 545 -2.87 -33.97 10.30
CA THR B 545 -2.53 -35.19 9.56
C THR B 545 -2.73 -36.44 10.44
N GLU B 546 -2.36 -36.32 11.71
CA GLU B 546 -2.44 -37.44 12.64
C GLU B 546 -3.89 -37.90 12.84
N GLU B 547 -4.78 -36.92 12.97
CA GLU B 547 -6.20 -37.20 13.17
C GLU B 547 -6.78 -37.81 11.91
N LEU B 548 -6.32 -37.31 10.76
CA LEU B 548 -6.73 -37.86 9.48
C LEU B 548 -6.34 -39.33 9.45
N HIS B 549 -5.08 -39.62 9.79
CA HIS B 549 -4.59 -41.00 9.80
C HIS B 549 -5.36 -41.89 10.78
N SER B 550 -5.62 -41.37 11.97
CA SER B 550 -6.40 -42.12 12.95
C SER B 550 -7.80 -42.38 12.40
N ALA B 551 -8.37 -41.40 11.71
CA ALA B 551 -9.67 -41.56 11.06
C ALA B 551 -9.60 -42.63 9.98
N GLN B 552 -8.50 -42.63 9.23
CA GLN B 552 -8.30 -43.63 8.19
C GLN B 552 -8.24 -45.03 8.80
N GLN B 553 -7.41 -45.18 9.84
CA GLN B 553 -7.15 -46.50 10.43
C GLN B 553 -8.39 -47.04 11.13
N TRP B 554 -9.15 -46.13 11.75
CA TRP B 554 -10.32 -46.50 12.55
C TRP B 554 -11.63 -46.11 11.86
N ASN B 555 -12.18 -44.95 12.21
CA ASN B 555 -13.36 -44.42 11.54
C ASN B 555 -13.46 -42.90 11.63
N GLY B 556 -14.14 -42.30 10.66
CA GLY B 556 -14.27 -40.85 10.64
C GLY B 556 -15.16 -40.37 11.78
N GLN B 557 -16.29 -41.05 11.96
CA GLN B 557 -17.26 -40.67 12.98
C GLN B 557 -16.70 -40.72 14.39
N GLY B 558 -15.90 -41.73 14.69
CA GLY B 558 -15.31 -41.82 16.02
C GLY B 558 -14.45 -40.59 16.24
N ILE B 559 -13.55 -40.29 15.30
CA ILE B 559 -12.67 -39.14 15.42
C ILE B 559 -13.47 -37.84 15.48
N LEU B 560 -14.56 -37.78 14.72
CA LEU B 560 -15.43 -36.62 14.77
C LEU B 560 -15.98 -36.47 16.19
N GLU B 561 -16.48 -37.57 16.74
CA GLU B 561 -16.98 -37.59 18.11
C GLU B 561 -15.90 -37.17 19.10
N LEU B 562 -14.70 -37.71 18.95
CA LEU B 562 -13.57 -37.32 19.78
C LEU B 562 -13.33 -35.82 19.67
N LEU B 563 -13.36 -35.32 18.44
CA LEU B 563 -13.20 -33.90 18.19
C LEU B 563 -14.29 -33.07 18.84
N ARG B 564 -15.48 -33.63 18.94
CA ARG B 564 -16.57 -32.94 19.65
C ARG B 564 -16.29 -32.71 21.14
N THR B 565 -15.65 -33.66 21.81
CA THR B 565 -15.39 -33.54 23.24
C THR B 565 -14.38 -32.46 23.61
N VAL B 566 -13.61 -32.00 22.63
CA VAL B 566 -12.61 -30.95 22.85
C VAL B 566 -13.03 -29.67 22.12
N PRO B 567 -13.48 -28.65 22.86
CA PRO B 567 -14.10 -27.49 22.22
C PRO B 567 -13.16 -26.74 21.25
N ILE B 568 -11.90 -26.59 21.64
CA ILE B 568 -10.93 -25.88 20.80
C ILE B 568 -10.60 -26.66 19.53
N ALA B 569 -10.97 -27.94 19.51
CA ALA B 569 -10.64 -28.82 18.39
C ALA B 569 -11.84 -29.03 17.49
N GLY B 570 -12.99 -28.47 17.90
CA GLY B 570 -14.22 -28.66 17.17
C GLY B 570 -15.41 -28.33 18.02
N GLY B 571 -15.56 -29.06 19.12
CA GLY B 571 -16.70 -28.93 19.99
C GLY B 571 -17.90 -29.60 19.37
N PRO B 572 -19.08 -29.48 19.99
CA PRO B 572 -20.29 -30.15 19.51
C PRO B 572 -20.63 -29.83 18.05
N TRP B 573 -20.37 -28.60 17.62
CA TRP B 573 -20.66 -28.19 16.24
C TRP B 573 -19.42 -28.28 15.36
N LEU B 574 -18.32 -28.75 15.95
CA LEU B 574 -17.09 -29.00 15.20
C LEU B 574 -16.62 -27.76 14.44
N ILE B 575 -16.47 -26.66 15.16
CA ILE B 575 -15.92 -25.44 14.58
C ILE B 575 -14.41 -25.58 14.39
N THR B 576 -13.92 -25.12 13.24
CA THR B 576 -12.50 -25.21 12.93
C THR B 576 -11.74 -23.97 13.40
N ASP B 577 -10.67 -24.22 14.16
CA ASP B 577 -9.76 -23.18 14.59
C ASP B 577 -8.42 -23.34 13.88
N MET B 578 -8.15 -22.46 12.93
CA MET B 578 -6.90 -22.54 12.16
C MET B 578 -5.67 -22.27 13.01
N ARG B 579 -5.84 -21.57 14.13
CA ARG B 579 -4.71 -21.19 14.97
C ARG B 579 -4.38 -22.25 16.00
N ARG B 580 -5.14 -23.33 15.99
CA ARG B 580 -4.90 -24.48 16.85
C ARG B 580 -3.52 -25.04 16.52
N GLY B 581 -2.71 -25.29 17.54
CA GLY B 581 -1.33 -25.69 17.34
C GLY B 581 -1.05 -27.13 17.72
N GLU B 582 -1.97 -27.74 18.46
CA GLU B 582 -1.80 -29.11 18.93
C GLU B 582 -2.91 -30.02 18.41
N THR B 583 -2.56 -31.28 18.16
CA THR B 583 -3.54 -32.29 17.78
C THR B 583 -4.28 -32.61 19.06
N ILE B 584 -5.42 -33.28 18.95
CA ILE B 584 -6.18 -33.60 20.15
C ILE B 584 -5.34 -34.53 21.02
N PHE B 585 -4.40 -35.24 20.41
CA PHE B 585 -3.64 -36.27 21.11
C PHE B 585 -2.59 -35.66 22.03
N GLU B 586 -2.13 -34.48 21.66
CA GLU B 586 -1.21 -33.74 22.51
C GLU B 586 -1.97 -33.12 23.68
N ILE B 587 -3.28 -32.96 23.52
CA ILE B 587 -4.11 -32.34 24.55
C ILE B 587 -4.50 -33.28 25.70
N ASP B 588 -4.84 -34.53 25.40
CA ASP B 588 -5.17 -35.51 26.43
C ASP B 588 -4.70 -36.89 25.95
N PRO B 589 -3.51 -37.34 26.38
CA PRO B 589 -2.96 -38.59 25.83
C PRO B 589 -3.94 -39.77 25.70
N HIS B 590 -4.78 -39.98 26.72
CA HIS B 590 -5.71 -41.12 26.77
C HIS B 590 -6.49 -41.26 25.49
N LEU B 591 -6.72 -40.12 24.85
CA LEU B 591 -7.49 -40.05 23.62
C LEU B 591 -7.00 -41.11 22.65
N GLN B 592 -5.68 -41.23 22.53
CA GLN B 592 -5.08 -42.16 21.59
C GLN B 592 -5.54 -43.55 21.96
N GLU B 593 -5.59 -43.82 23.27
CA GLU B 593 -5.93 -45.14 23.76
C GLU B 593 -7.28 -45.54 23.21
N ARG B 594 -8.16 -44.56 23.02
CA ARG B 594 -9.50 -44.88 22.54
C ARG B 594 -9.41 -45.33 21.08
N VAL B 595 -8.47 -44.75 20.35
CA VAL B 595 -8.36 -45.00 18.91
C VAL B 595 -7.88 -46.41 18.59
N ASP B 596 -6.79 -46.83 19.22
CA ASP B 596 -6.22 -48.14 18.96
C ASP B 596 -7.22 -49.25 19.29
N LYS B 597 -7.89 -49.09 20.42
CA LYS B 597 -8.93 -50.02 20.85
C LYS B 597 -10.04 -50.14 19.81
N GLY B 598 -10.45 -49.00 19.28
CA GLY B 598 -11.50 -48.97 18.29
C GLY B 598 -11.06 -49.79 17.10
N ILE B 599 -9.80 -49.59 16.69
CA ILE B 599 -9.23 -50.32 15.58
C ILE B 599 -9.27 -51.83 15.85
N GLU B 600 -8.79 -52.26 17.01
CA GLU B 600 -8.71 -53.69 17.30
C GLU B 600 -10.13 -54.31 17.38
N THR B 601 -11.08 -53.56 17.93
CA THR B 601 -12.44 -54.06 18.11
C THR B 601 -13.34 -53.89 16.89
N ASP B 602 -13.20 -52.78 16.16
CA ASP B 602 -14.05 -52.51 15.00
C ASP B 602 -13.29 -52.66 13.69
N GLY B 603 -11.97 -52.54 13.75
CA GLY B 603 -11.19 -52.60 12.52
C GLY B 603 -11.26 -51.28 11.78
N SER B 604 -11.17 -51.33 10.44
CA SER B 604 -11.20 -50.10 9.64
C SER B 604 -12.61 -49.85 9.12
N ASN B 605 -12.97 -48.58 9.02
CA ASN B 605 -14.31 -48.18 8.62
C ASN B 605 -14.42 -47.90 7.13
N LEU B 606 -13.28 -47.86 6.47
CA LEU B 606 -13.20 -47.37 5.10
C LEU B 606 -13.47 -48.40 4.00
N SER B 607 -14.55 -48.20 3.25
CA SER B 607 -14.92 -49.12 2.17
C SER B 607 -13.95 -49.04 0.97
N GLY B 608 -13.43 -47.86 0.68
CA GLY B 608 -12.56 -47.69 -0.49
C GLY B 608 -11.92 -46.32 -0.61
N VAL B 609 -11.09 -46.09 -1.64
CA VAL B 609 -10.40 -44.80 -1.77
C VAL B 609 -10.22 -44.39 -3.21
N SER B 610 -10.23 -43.08 -3.42
CA SER B 610 -9.93 -42.54 -4.73
C SER B 610 -8.46 -42.14 -4.69
N ALA B 611 -7.67 -42.74 -5.58
CA ALA B 611 -6.22 -42.54 -5.55
C ALA B 611 -5.63 -42.80 -6.93
N LYS B 612 -4.36 -42.44 -7.09
CA LYS B 612 -3.62 -42.77 -8.29
C LYS B 612 -3.16 -44.23 -8.25
N CYS B 613 -3.76 -45.07 -9.09
CA CYS B 613 -3.44 -46.49 -9.11
C CYS B 613 -3.83 -47.14 -10.43
N ALA B 614 -3.36 -48.37 -10.66
CA ALA B 614 -3.69 -49.10 -11.89
C ALA B 614 -3.30 -50.58 -11.86
N TRP B 615 -3.79 -51.36 -12.82
CA TRP B 615 -3.41 -52.77 -12.94
C TRP B 615 -3.41 -53.22 -14.41
N ASP B 616 -2.78 -54.36 -14.67
CA ASP B 616 -2.70 -54.91 -16.03
C ASP B 616 -2.29 -56.38 -15.99
N SER B 633 -2.08 -64.49 -13.40
CA SER B 633 -1.11 -63.52 -12.92
C SER B 633 -1.71 -62.12 -12.91
N VAL B 634 -1.24 -61.28 -11.99
CA VAL B 634 -1.73 -59.91 -11.87
C VAL B 634 -0.59 -58.98 -11.49
N HIS B 635 -0.62 -57.77 -12.04
CA HIS B 635 0.34 -56.73 -11.69
C HIS B 635 -0.33 -55.42 -11.31
N LEU B 636 -0.17 -55.04 -10.04
CA LEU B 636 -0.79 -53.84 -9.48
C LEU B 636 0.20 -52.67 -9.37
N LYS B 637 -0.32 -51.46 -9.54
CA LYS B 637 0.47 -50.23 -9.53
C LYS B 637 -0.19 -49.20 -8.61
N PHE B 638 0.62 -48.57 -7.75
CA PHE B 638 0.13 -47.61 -6.75
C PHE B 638 0.95 -46.33 -6.58
N ASN B 639 0.30 -45.34 -5.97
CA ASN B 639 0.94 -44.11 -5.49
C ASN B 639 1.41 -44.32 -4.04
N GLN B 640 2.15 -43.35 -3.51
CA GLN B 640 2.63 -43.44 -2.12
C GLN B 640 1.48 -43.58 -1.13
N GLU B 641 0.45 -42.76 -1.29
CA GLU B 641 -0.68 -42.77 -0.37
C GLU B 641 -1.38 -44.12 -0.38
N SER B 642 -1.74 -44.56 -1.58
CA SER B 642 -2.39 -45.85 -1.75
C SER B 642 -1.50 -46.97 -1.22
N GLY B 643 -0.20 -46.86 -1.48
CA GLY B 643 0.74 -47.84 -0.95
C GLY B 643 0.74 -47.81 0.57
N ALA B 644 0.65 -46.61 1.13
CA ALA B 644 0.59 -46.46 2.58
C ALA B 644 -0.76 -46.93 3.09
N LEU B 645 -1.73 -46.98 2.18
CA LEU B 645 -3.05 -47.50 2.53
C LEU B 645 -3.16 -49.02 2.29
N ILE B 646 -2.23 -49.59 1.54
CA ILE B 646 -2.22 -51.05 1.37
C ILE B 646 -2.18 -51.82 2.70
N PRO B 647 -1.27 -51.46 3.63
CA PRO B 647 -1.29 -52.16 4.92
C PRO B 647 -2.61 -52.01 5.67
N LEU B 648 -3.24 -50.84 5.55
CA LEU B 648 -4.54 -50.60 6.16
C LEU B 648 -5.57 -51.47 5.44
N CYS B 649 -5.47 -51.51 4.12
CA CYS B 649 -6.36 -52.31 3.29
C CYS B 649 -6.37 -53.76 3.73
N LEU B 650 -5.18 -54.31 3.95
CA LEU B 650 -5.05 -55.71 4.32
C LEU B 650 -5.47 -55.93 5.78
N ARG B 651 -4.77 -55.31 6.72
CA ARG B 651 -5.07 -55.49 8.14
C ARG B 651 -6.41 -54.92 8.56
N GLY B 652 -6.78 -53.78 7.99
CA GLY B 652 -7.98 -53.08 8.38
C GLY B 652 -9.26 -53.81 8.04
N ARG B 653 -9.30 -54.42 6.86
CA ARG B 653 -10.52 -55.06 6.36
C ARG B 653 -10.46 -56.57 6.12
N LEU B 654 -9.37 -57.05 5.54
CA LEU B 654 -9.31 -58.45 5.10
C LEU B 654 -9.40 -59.37 6.32
N LEU B 655 -8.74 -58.97 7.41
CA LEU B 655 -8.75 -59.71 8.68
C LEU B 655 -10.08 -59.67 9.41
N HIS B 656 -10.96 -58.78 9.01
CA HIS B 656 -12.25 -58.64 9.67
C HIS B 656 -13.39 -59.08 8.75
N GLY B 657 -13.06 -59.86 7.74
CA GLY B 657 -14.06 -60.38 6.83
C GLY B 657 -14.63 -59.33 5.91
N ARG B 658 -13.91 -58.22 5.74
CA ARG B 658 -14.35 -57.14 4.85
C ARG B 658 -13.53 -57.02 3.57
N HIS B 659 -14.11 -56.37 2.56
CA HIS B 659 -13.43 -56.08 1.30
C HIS B 659 -13.02 -54.60 1.19
N PHE B 660 -12.13 -54.29 0.26
CA PHE B 660 -11.65 -52.92 0.08
C PHE B 660 -11.44 -52.54 -1.38
N THR B 661 -11.81 -51.32 -1.76
CA THR B 661 -11.72 -50.89 -3.17
C THR B 661 -10.92 -49.60 -3.38
N TYR B 662 -9.85 -49.69 -4.18
CA TYR B 662 -9.18 -48.50 -4.69
C TYR B 662 -9.82 -48.21 -6.03
N LYS B 663 -10.37 -47.01 -6.19
CA LYS B 663 -10.91 -46.61 -7.49
C LYS B 663 -10.10 -45.44 -8.03
N SER B 664 -9.75 -45.52 -9.30
CA SER B 664 -9.04 -44.43 -9.95
C SER B 664 -9.96 -43.29 -10.39
N ILE B 665 -9.50 -42.06 -10.16
CA ILE B 665 -10.20 -40.86 -10.58
C ILE B 665 -9.83 -40.57 -12.02
N THR B 666 -8.58 -40.88 -12.34
CA THR B 666 -8.01 -40.63 -13.66
C THR B 666 -8.59 -41.65 -14.66
N GLY B 667 -8.62 -42.92 -14.25
CA GLY B 667 -9.18 -43.98 -15.07
C GLY B 667 -10.60 -44.38 -14.67
N ASP B 668 -11.09 -45.46 -15.27
CA ASP B 668 -12.31 -46.12 -14.83
C ASP B 668 -11.93 -47.38 -14.05
N MET B 669 -10.62 -47.52 -13.85
CA MET B 669 -10.02 -48.72 -13.28
C MET B 669 -10.38 -48.81 -11.81
N ALA B 670 -10.37 -50.02 -11.28
CA ALA B 670 -10.57 -50.23 -9.85
C ALA B 670 -9.86 -51.51 -9.40
N ILE B 671 -9.45 -51.54 -8.14
CA ILE B 671 -8.85 -52.72 -7.55
C ILE B 671 -9.54 -52.99 -6.23
N THR B 672 -10.24 -54.11 -6.15
CA THR B 672 -10.94 -54.50 -4.94
C THR B 672 -10.30 -55.71 -4.26
N PHE B 673 -9.73 -55.48 -3.08
CA PHE B 673 -9.20 -56.56 -2.26
C PHE B 673 -10.33 -57.26 -1.52
N THR B 676 -11.45 -64.00 1.94
CA THR B 676 -12.30 -65.18 2.08
C THR B 676 -13.45 -64.90 3.06
N GLY B 677 -14.62 -65.47 2.77
CA GLY B 677 -15.78 -65.29 3.62
C GLY B 677 -16.75 -64.18 3.25
N VAL B 678 -16.38 -63.31 2.31
CA VAL B 678 -17.29 -62.26 1.84
C VAL B 678 -18.09 -62.75 0.62
N GLU B 679 -19.34 -62.29 0.51
CA GLU B 679 -20.21 -62.70 -0.58
C GLU B 679 -20.29 -61.73 -1.74
N GLY B 680 -21.00 -62.16 -2.79
CA GLY B 680 -21.19 -61.38 -4.00
C GLY B 680 -20.00 -61.33 -4.94
N ALA B 681 -18.84 -61.73 -4.45
CA ALA B 681 -17.61 -61.69 -5.25
C ALA B 681 -17.61 -62.78 -6.32
N PHE B 682 -17.10 -62.43 -7.50
CA PHE B 682 -16.90 -63.42 -8.55
C PHE B 682 -15.54 -64.09 -8.34
N ALA B 683 -14.74 -63.52 -7.45
CA ALA B 683 -13.43 -64.08 -7.14
C ALA B 683 -13.53 -65.23 -6.14
N THR B 684 -13.09 -66.41 -6.59
CA THR B 684 -12.98 -67.59 -5.74
C THR B 684 -11.50 -67.90 -5.52
N GLU B 685 -11.20 -68.69 -4.49
CA GLU B 685 -9.82 -69.11 -4.24
C GLU B 685 -9.22 -69.89 -5.40
N GLU B 686 -10.06 -70.65 -6.11
CA GLU B 686 -9.59 -71.46 -7.24
C GLU B 686 -8.94 -70.58 -8.29
N HIS B 687 -9.51 -69.40 -8.52
CA HIS B 687 -8.95 -68.42 -9.45
C HIS B 687 -8.76 -67.06 -8.78
N ALA B 691 -12.20 -58.70 -11.98
CA ALA B 691 -12.02 -58.62 -13.42
C ALA B 691 -13.33 -58.69 -14.20
N HIS B 692 -14.30 -57.89 -13.80
CA HIS B 692 -15.55 -57.74 -14.56
C HIS B 692 -15.52 -56.46 -15.41
N GLY B 693 -14.32 -56.11 -15.87
CA GLY B 693 -14.14 -54.88 -16.63
C GLY B 693 -12.88 -54.15 -16.19
N PRO B 694 -12.96 -52.81 -16.04
CA PRO B 694 -11.79 -52.12 -15.49
C PRO B 694 -11.66 -52.43 -14.00
N TRP B 695 -12.71 -53.02 -13.43
CA TRP B 695 -12.73 -53.41 -12.03
C TRP B 695 -12.06 -54.76 -11.85
N LEU B 696 -11.06 -54.81 -10.98
CA LEU B 696 -10.30 -56.03 -10.72
C LEU B 696 -10.54 -56.44 -9.28
N GLN B 697 -10.86 -57.71 -9.09
CA GLN B 697 -11.04 -58.27 -7.77
C GLN B 697 -9.98 -59.33 -7.55
N ILE B 698 -9.25 -59.22 -6.44
CA ILE B 698 -8.28 -60.24 -6.06
C ILE B 698 -8.62 -60.75 -4.66
N LEU B 699 -8.62 -62.07 -4.53
CA LEU B 699 -8.93 -62.72 -3.27
C LEU B 699 -7.62 -63.18 -2.63
N LEU B 700 -7.42 -62.77 -1.38
CA LEU B 700 -6.21 -63.05 -0.64
C LEU B 700 -6.49 -63.82 0.65
N THR B 701 -5.57 -64.70 1.02
CA THR B 701 -5.70 -65.50 2.23
C THR B 701 -5.01 -64.83 3.40
N GLU B 702 -5.48 -65.11 4.61
CA GLU B 702 -4.97 -64.49 5.83
C GLU B 702 -3.46 -64.64 5.95
N GLU B 703 -2.98 -65.85 5.70
CA GLU B 703 -1.55 -66.13 5.77
C GLU B 703 -0.80 -65.21 4.83
N PHE B 704 -1.25 -65.16 3.58
CA PHE B 704 -0.59 -64.39 2.52
C PHE B 704 -0.68 -62.88 2.80
N VAL B 705 -1.78 -62.47 3.41
CA VAL B 705 -1.96 -61.10 3.85
C VAL B 705 -0.86 -60.78 4.86
N GLU B 706 -0.70 -61.71 5.81
CA GLU B 706 0.32 -61.58 6.83
C GLU B 706 1.67 -61.54 6.13
N LYS B 707 1.88 -62.42 5.15
CA LYS B 707 3.14 -62.47 4.41
C LYS B 707 3.49 -61.12 3.79
N MET B 708 2.51 -60.49 3.15
CA MET B 708 2.77 -59.19 2.52
C MET B 708 3.09 -58.09 3.53
N LEU B 709 2.27 -58.00 4.58
CA LEU B 709 2.53 -57.02 5.63
C LEU B 709 3.93 -57.23 6.20
N GLU B 710 4.30 -58.50 6.37
CA GLU B 710 5.64 -58.87 6.82
C GLU B 710 6.73 -58.46 5.83
N ASP B 711 6.46 -58.63 4.55
CA ASP B 711 7.48 -58.42 3.50
C ASP B 711 8.06 -57.00 3.41
N LEU B 712 7.21 -55.97 3.50
CA LEU B 712 7.70 -54.59 3.34
C LEU B 712 7.83 -53.74 4.63
N GLU B 713 6.73 -53.62 5.39
CA GLU B 713 6.77 -52.97 6.70
C GLU B 713 7.39 -51.58 6.59
N ASP B 714 7.06 -50.87 5.54
CA ASP B 714 7.73 -49.61 5.21
C ASP B 714 7.76 -48.67 6.42
N ALA B 719 13.13 -43.43 -2.62
CA ALA B 719 13.35 -44.88 -2.58
C ALA B 719 12.46 -45.59 -3.61
N LEU B 720 12.00 -44.83 -4.60
CA LEU B 720 11.13 -45.31 -5.67
C LEU B 720 11.84 -45.33 -7.03
N PRO B 721 11.43 -46.22 -7.96
CA PRO B 721 10.34 -47.21 -7.85
C PRO B 721 10.75 -48.37 -6.97
N LYS B 722 9.83 -48.83 -6.14
CA LYS B 722 10.11 -50.00 -5.33
C LYS B 722 9.17 -51.10 -5.82
N GLU B 723 9.71 -52.27 -6.16
CA GLU B 723 8.91 -53.36 -6.71
C GLU B 723 9.00 -54.63 -5.89
N TYR B 724 7.83 -55.22 -5.66
CA TYR B 724 7.74 -56.47 -4.94
C TYR B 724 7.17 -57.58 -5.82
N SER B 725 7.62 -58.81 -5.59
CA SER B 725 7.24 -59.98 -6.40
C SER B 725 6.86 -61.22 -5.57
N TRP B 726 6.02 -62.06 -6.17
CA TRP B 726 5.51 -63.28 -5.53
C TRP B 726 5.34 -64.34 -6.62
N PRO B 727 5.06 -65.60 -6.24
CA PRO B 727 4.90 -66.58 -7.33
C PRO B 727 3.77 -66.30 -8.33
N GLU B 728 2.65 -65.72 -7.88
CA GLU B 728 1.51 -65.44 -8.75
C GLU B 728 1.10 -63.97 -8.83
N LYS B 729 1.95 -63.05 -8.38
CA LYS B 729 1.53 -61.67 -8.23
C LYS B 729 2.74 -60.73 -8.28
N LYS B 730 2.52 -59.52 -8.76
CA LYS B 730 3.54 -58.47 -8.76
C LYS B 730 2.94 -57.17 -8.24
N LEU B 731 3.73 -56.38 -7.51
CA LEU B 731 3.21 -55.12 -6.99
C LEU B 731 4.24 -53.99 -6.90
N LYS B 732 4.03 -52.94 -7.72
CA LYS B 732 4.90 -51.76 -7.78
C LYS B 732 4.33 -50.52 -7.10
N VAL B 733 5.24 -49.73 -6.54
CA VAL B 733 4.95 -48.38 -6.09
C VAL B 733 5.76 -47.45 -6.99
N SER B 734 5.04 -46.46 -7.51
CA SER B 734 5.53 -45.60 -8.55
C SER B 734 5.17 -44.15 -8.33
N ILE B 735 5.88 -43.27 -9.04
CA ILE B 735 5.72 -41.83 -8.89
C ILE B 735 5.03 -41.21 -10.12
N LEU B 736 3.74 -40.89 -9.94
CA LEU B 736 2.94 -40.27 -11.00
C LEU B 736 3.05 -41.00 -12.35
N PRO B 737 3.09 -42.34 -12.35
CA PRO B 737 3.09 -43.08 -13.62
C PRO B 737 1.81 -42.95 -14.44
N ASP B 738 0.68 -42.85 -13.73
CA ASP B 738 -0.65 -42.93 -14.35
C ASP B 738 -0.92 -41.88 -15.41
N VAL B 739 -0.51 -40.64 -15.15
CA VAL B 739 -0.73 -39.54 -16.10
C VAL B 739 -0.30 -39.89 -17.52
N GLU B 747 -10.78 -36.07 -21.43
CA GLU B 747 -10.38 -37.17 -20.55
C GLU B 747 -10.90 -36.86 -19.13
N HIS B 748 -11.23 -35.61 -18.89
CA HIS B 748 -11.70 -35.16 -17.57
C HIS B 748 -13.22 -35.14 -17.56
N HIS B 749 -13.81 -34.77 -16.41
CA HIS B 749 -15.27 -34.72 -16.30
C HIS B 749 -15.75 -33.27 -16.19
N HIS B 750 -16.76 -32.93 -16.99
CA HIS B 750 -17.33 -31.58 -16.94
C HIS B 750 -18.83 -31.65 -16.66
N HIS B 751 -19.26 -30.82 -15.70
CA HIS B 751 -20.66 -30.69 -15.33
C HIS B 751 -21.19 -32.00 -14.73
N HIS B 752 -22.50 -32.01 -14.44
CA HIS B 752 -23.19 -33.20 -13.94
C HIS B 752 -24.24 -33.69 -14.93
N HIS B 753 -23.97 -33.51 -16.21
CA HIS B 753 -24.86 -33.98 -17.27
C HIS B 753 -24.96 -35.51 -17.27
N GLY C 6 10.34 -60.32 -34.61
CA GLY C 6 10.39 -59.65 -33.32
C GLY C 6 9.02 -59.19 -32.86
N LYS C 7 8.80 -57.88 -32.85
CA LYS C 7 7.52 -57.31 -32.47
C LYS C 7 7.39 -55.93 -33.09
N LEU C 8 6.20 -55.31 -32.97
CA LEU C 8 6.00 -53.97 -33.50
C LEU C 8 5.35 -53.13 -32.42
N VAL C 9 6.01 -52.06 -32.02
CA VAL C 9 5.41 -51.05 -31.16
C VAL C 9 5.07 -49.78 -31.94
N ILE C 10 3.84 -49.28 -31.80
CA ILE C 10 3.42 -48.13 -32.60
C ILE C 10 2.95 -47.05 -31.64
N TRP C 11 3.40 -45.82 -31.87
CA TRP C 11 2.91 -44.67 -31.11
C TRP C 11 2.06 -43.75 -31.98
N ILE C 12 0.88 -43.44 -31.47
CA ILE C 12 -0.02 -42.50 -32.14
C ILE C 12 -0.74 -41.67 -31.08
N ASN C 13 -1.10 -40.43 -31.41
CA ASN C 13 -1.70 -39.53 -30.44
C ASN C 13 -3.09 -40.01 -30.01
N GLY C 14 -3.43 -39.74 -28.75
CA GLY C 14 -4.69 -40.20 -28.17
C GLY C 14 -5.98 -39.67 -28.79
N ASP C 15 -5.88 -38.62 -29.58
CA ASP C 15 -7.06 -38.07 -30.28
C ASP C 15 -7.28 -38.73 -31.65
N LYS C 16 -6.39 -39.64 -32.00
CA LYS C 16 -6.43 -40.34 -33.30
C LYS C 16 -7.07 -41.74 -33.18
N GLY C 17 -7.33 -42.36 -34.33
CA GLY C 17 -8.03 -43.63 -34.40
C GLY C 17 -7.23 -44.88 -34.08
N TYR C 18 -6.82 -45.01 -32.82
CA TYR C 18 -5.91 -46.08 -32.39
C TYR C 18 -6.52 -47.49 -32.25
N ASN C 19 -7.82 -47.60 -32.00
CA ASN C 19 -8.48 -48.91 -32.04
C ASN C 19 -8.56 -49.50 -33.45
N GLY C 20 -8.86 -48.67 -34.44
CA GLY C 20 -8.85 -49.11 -35.81
C GLY C 20 -7.45 -49.52 -36.25
N LEU C 21 -6.47 -48.72 -35.87
CA LEU C 21 -5.08 -49.10 -36.12
C LEU C 21 -4.74 -50.41 -35.41
N ALA C 22 -5.29 -50.61 -34.21
CA ALA C 22 -5.05 -51.87 -33.51
C ALA C 22 -5.72 -53.03 -34.26
N GLU C 23 -6.84 -52.75 -34.91
CA GLU C 23 -7.48 -53.76 -35.76
C GLU C 23 -6.60 -54.09 -36.98
N VAL C 24 -6.01 -53.06 -37.58
CA VAL C 24 -5.05 -53.30 -38.67
C VAL C 24 -3.85 -54.09 -38.18
N GLY C 25 -3.41 -53.83 -36.96
CA GLY C 25 -2.32 -54.61 -36.40
C GLY C 25 -2.73 -56.04 -36.14
N LYS C 26 -3.98 -56.24 -35.73
CA LYS C 26 -4.51 -57.58 -35.49
C LYS C 26 -4.52 -58.39 -36.78
N LYS C 27 -4.91 -57.77 -37.89
CA LYS C 27 -4.89 -58.44 -39.18
C LYS C 27 -3.42 -58.75 -39.54
N PHE C 28 -2.52 -57.79 -39.28
CA PHE C 28 -1.09 -58.06 -39.49
C PHE C 28 -0.66 -59.31 -38.71
N GLU C 29 -1.08 -59.40 -37.46
CA GLU C 29 -0.72 -60.54 -36.62
C GLU C 29 -1.32 -61.84 -37.16
N LYS C 30 -2.56 -61.77 -37.61
CA LYS C 30 -3.21 -62.95 -38.19
C LYS C 30 -2.39 -63.49 -39.35
N ASP C 31 -2.03 -62.60 -40.26
CA ASP C 31 -1.32 -63.05 -41.46
C ASP C 31 0.17 -63.37 -41.28
N THR C 32 0.84 -62.63 -40.39
CA THR C 32 2.30 -62.71 -40.30
C THR C 32 2.78 -63.39 -39.02
N GLY C 33 1.95 -63.36 -37.97
CA GLY C 33 2.33 -63.90 -36.67
C GLY C 33 3.10 -62.96 -35.77
N ILE C 34 3.37 -61.75 -36.26
CA ILE C 34 4.12 -60.74 -35.53
C ILE C 34 3.14 -59.85 -34.76
N LYS C 35 3.29 -59.79 -33.45
CA LYS C 35 2.37 -59.01 -32.62
C LYS C 35 2.60 -57.52 -32.75
N VAL C 36 1.50 -56.79 -32.76
CA VAL C 36 1.50 -55.33 -32.89
C VAL C 36 0.80 -54.69 -31.70
N THR C 37 1.55 -53.88 -30.95
CA THR C 37 1.01 -53.19 -29.78
C THR C 37 0.90 -51.70 -30.09
N VAL C 38 -0.33 -51.20 -30.15
CA VAL C 38 -0.57 -49.78 -30.40
C VAL C 38 -0.74 -49.08 -29.05
N GLU C 39 0.06 -48.05 -28.81
CA GLU C 39 -0.01 -47.27 -27.59
C GLU C 39 -0.21 -45.79 -27.89
N HIS C 40 -0.87 -45.08 -26.98
CA HIS C 40 -1.09 -43.65 -27.13
C HIS C 40 -0.68 -42.84 -25.91
N PRO C 41 0.62 -42.82 -25.61
CA PRO C 41 1.13 -42.07 -24.45
C PRO C 41 0.95 -40.56 -24.63
N ASP C 42 0.83 -39.83 -23.53
CA ASP C 42 0.71 -38.38 -23.59
C ASP C 42 2.07 -37.80 -23.97
N LYS C 43 2.07 -36.66 -24.67
CA LYS C 43 3.32 -36.01 -25.08
C LYS C 43 4.30 -36.91 -25.82
N LEU C 44 3.79 -37.80 -26.66
CA LEU C 44 4.61 -38.79 -27.32
C LEU C 44 5.61 -38.08 -28.22
N GLU C 45 5.21 -36.91 -28.72
CA GLU C 45 6.07 -36.10 -29.56
C GLU C 45 7.27 -35.56 -28.78
N GLU C 46 7.11 -35.34 -27.47
CA GLU C 46 8.26 -34.93 -26.65
C GLU C 46 9.04 -36.14 -26.14
N LYS C 47 8.34 -37.21 -25.80
CA LYS C 47 9.04 -38.38 -25.27
C LYS C 47 9.86 -39.12 -26.31
N PHE C 48 9.35 -39.26 -27.53
CA PHE C 48 10.07 -40.02 -28.55
C PHE C 48 11.54 -39.63 -28.66
N PRO C 49 11.83 -38.34 -28.89
CA PRO C 49 13.24 -37.99 -29.03
C PRO C 49 14.06 -38.26 -27.76
N GLN C 50 13.43 -38.21 -26.59
CA GLN C 50 14.11 -38.45 -25.33
C GLN C 50 14.52 -39.92 -25.16
N VAL C 51 13.55 -40.81 -25.41
CA VAL C 51 13.71 -42.25 -25.25
C VAL C 51 14.43 -43.00 -26.39
N ALA C 52 14.18 -42.57 -27.61
CA ALA C 52 14.81 -43.18 -28.79
C ALA C 52 16.33 -43.18 -28.87
N ALA C 53 17.01 -42.16 -28.35
CA ALA C 53 18.46 -42.18 -28.45
C ALA C 53 19.03 -43.32 -27.61
N THR C 54 18.33 -43.68 -26.53
CA THR C 54 18.72 -44.82 -25.71
C THR C 54 18.24 -46.16 -26.26
N GLY C 55 17.50 -46.16 -27.37
CA GLY C 55 17.02 -47.41 -27.93
C GLY C 55 15.66 -47.88 -27.44
N ASP C 56 14.96 -47.05 -26.66
CA ASP C 56 13.69 -47.49 -26.08
C ASP C 56 12.42 -46.90 -26.68
N GLY C 57 12.51 -46.37 -27.89
CA GLY C 57 11.34 -45.79 -28.53
C GLY C 57 10.60 -46.87 -29.30
N PRO C 58 9.44 -46.52 -29.87
CA PRO C 58 8.57 -47.47 -30.56
C PRO C 58 9.17 -47.81 -31.92
N ASP C 59 8.65 -48.84 -32.58
CA ASP C 59 9.11 -49.18 -33.92
C ASP C 59 8.58 -48.15 -34.92
N ILE C 60 7.34 -47.73 -34.72
CA ILE C 60 6.68 -46.75 -35.59
C ILE C 60 6.15 -45.61 -34.74
N ILE C 61 6.36 -44.38 -35.21
CA ILE C 61 5.80 -43.21 -34.53
C ILE C 61 4.91 -42.44 -35.49
N PHE C 62 3.67 -42.21 -35.07
CA PHE C 62 2.75 -41.38 -35.84
C PHE C 62 2.70 -39.96 -35.31
N TRP C 63 2.81 -39.00 -36.21
CA TRP C 63 2.57 -37.59 -35.87
C TRP C 63 2.40 -36.77 -37.14
N ALA C 64 1.90 -35.55 -36.99
CA ALA C 64 1.93 -34.59 -38.09
C ALA C 64 3.39 -34.43 -38.52
N HIS C 65 3.61 -34.11 -39.79
CA HIS C 65 4.96 -34.12 -40.35
C HIS C 65 5.98 -33.14 -39.75
N ASP C 66 5.51 -32.11 -39.05
CA ASP C 66 6.41 -31.04 -38.63
C ASP C 66 7.47 -31.44 -37.62
N ARG C 67 7.22 -32.50 -36.85
CA ARG C 67 8.20 -32.95 -35.90
C ARG C 67 9.25 -33.81 -36.57
N PHE C 68 8.93 -34.35 -37.74
CA PHE C 68 9.76 -35.46 -38.23
C PHE C 68 11.07 -34.95 -38.78
N GLY C 69 11.05 -33.71 -39.22
CA GLY C 69 12.27 -33.09 -39.68
C GLY C 69 13.23 -32.97 -38.52
N GLY C 70 12.72 -32.64 -37.33
CA GLY C 70 13.57 -32.62 -36.17
C GLY C 70 14.18 -33.96 -35.83
N TYR C 71 13.33 -34.98 -35.78
CA TYR C 71 13.73 -36.34 -35.43
C TYR C 71 14.74 -36.80 -36.45
N ALA C 72 14.43 -36.50 -37.70
CA ALA C 72 15.30 -36.81 -38.80
C ALA C 72 16.67 -36.14 -38.63
N GLN C 73 16.68 -34.84 -38.30
CA GLN C 73 17.95 -34.14 -38.14
C GLN C 73 18.80 -34.81 -37.07
N SER C 74 18.12 -35.34 -36.06
CA SER C 74 18.78 -35.99 -34.93
C SER C 74 19.14 -37.45 -35.18
N GLY C 75 18.82 -37.97 -36.36
CA GLY C 75 19.18 -39.33 -36.71
C GLY C 75 18.31 -40.37 -36.02
N LEU C 76 17.05 -40.03 -35.79
CA LEU C 76 16.16 -40.85 -34.98
C LEU C 76 15.22 -41.65 -35.88
N LEU C 77 15.29 -41.38 -37.18
CA LEU C 77 14.36 -41.96 -38.13
C LEU C 77 15.16 -42.71 -39.17
N ALA C 78 14.68 -43.90 -39.52
CA ALA C 78 15.21 -44.65 -40.63
C ALA C 78 14.71 -44.07 -41.95
N GLU C 79 15.57 -44.07 -42.95
CA GLU C 79 15.15 -43.67 -44.29
C GLU C 79 14.20 -44.72 -44.84
N ILE C 80 13.11 -44.25 -45.43
CA ILE C 80 12.11 -45.13 -46.01
C ILE C 80 12.42 -45.28 -47.48
N THR C 81 12.25 -46.49 -47.99
CA THR C 81 12.73 -46.85 -49.31
C THR C 81 11.61 -47.51 -50.11
N PRO C 82 10.54 -46.74 -50.38
CA PRO C 82 9.44 -47.29 -51.18
C PRO C 82 9.78 -47.35 -52.67
N ASP C 83 9.32 -48.37 -53.37
CA ASP C 83 9.48 -48.40 -54.82
C ASP C 83 8.57 -47.35 -55.46
N LYS C 84 8.78 -47.07 -56.75
CA LYS C 84 7.99 -46.07 -57.45
C LYS C 84 6.51 -46.45 -57.47
N ALA C 85 6.25 -47.74 -57.68
CA ALA C 85 4.89 -48.29 -57.74
C ALA C 85 4.09 -47.89 -56.51
N PHE C 86 4.72 -47.97 -55.35
CA PHE C 86 4.11 -47.57 -54.10
C PHE C 86 3.95 -46.06 -54.03
N GLN C 87 4.98 -45.37 -54.49
CA GLN C 87 4.98 -43.91 -54.56
C GLN C 87 3.83 -43.38 -55.41
N ASP C 88 3.43 -44.16 -56.41
CA ASP C 88 2.37 -43.76 -57.33
C ASP C 88 1.04 -43.57 -56.60
N LYS C 89 0.75 -44.41 -55.62
CA LYS C 89 -0.56 -44.37 -54.95
C LYS C 89 -0.85 -43.11 -54.13
N LEU C 90 0.19 -42.39 -53.72
CA LEU C 90 0.00 -41.19 -52.92
C LEU C 90 0.33 -39.91 -53.67
N TYR C 91 -0.27 -38.82 -53.19
CA TYR C 91 -0.10 -37.50 -53.79
C TYR C 91 1.33 -37.00 -53.59
N PRO C 92 1.95 -36.44 -54.64
CA PRO C 92 3.31 -35.90 -54.52
C PRO C 92 3.50 -34.91 -53.36
N PHE C 93 2.54 -34.00 -53.16
CA PHE C 93 2.59 -33.03 -52.07
C PHE C 93 2.73 -33.66 -50.67
N THR C 94 2.10 -34.81 -50.46
CA THR C 94 2.16 -35.44 -49.15
C THR C 94 3.56 -36.01 -49.00
N TRP C 95 4.13 -36.52 -50.08
CA TRP C 95 5.52 -36.95 -50.04
C TRP C 95 6.44 -35.74 -49.81
N ASP C 96 6.16 -34.62 -50.49
CA ASP C 96 6.86 -33.37 -50.27
C ASP C 96 6.89 -33.01 -48.80
N ALA C 97 5.75 -33.19 -48.13
CA ALA C 97 5.64 -32.84 -46.72
C ALA C 97 6.60 -33.66 -45.84
N VAL C 98 6.89 -34.88 -46.27
CA VAL C 98 7.73 -35.81 -45.50
C VAL C 98 9.13 -35.90 -46.10
N ARG C 99 9.60 -34.83 -46.74
CA ARG C 99 10.91 -34.86 -47.38
C ARG C 99 11.82 -33.94 -46.58
N TYR C 100 12.98 -34.46 -46.18
CA TYR C 100 13.96 -33.67 -45.45
C TYR C 100 15.36 -33.92 -45.97
N ASN C 101 16.00 -32.83 -46.34
CA ASN C 101 17.34 -32.80 -46.90
C ASN C 101 17.51 -33.89 -47.95
N GLY C 102 16.56 -33.95 -48.88
CA GLY C 102 16.64 -34.91 -49.97
C GLY C 102 16.38 -36.35 -49.57
N LYS C 103 15.90 -36.59 -48.35
CA LYS C 103 15.63 -37.95 -47.90
C LYS C 103 14.18 -38.08 -47.44
N LEU C 104 13.58 -39.24 -47.63
CA LEU C 104 12.29 -39.58 -47.04
C LEU C 104 12.37 -40.18 -45.63
N ILE C 105 11.79 -39.49 -44.66
CA ILE C 105 11.85 -39.90 -43.25
C ILE C 105 10.55 -40.44 -42.65
N ALA C 106 9.48 -40.47 -43.44
CA ALA C 106 8.19 -40.97 -42.97
C ALA C 106 7.24 -41.27 -44.12
N TYR C 107 6.24 -42.09 -43.84
CA TYR C 107 5.12 -42.34 -44.75
C TYR C 107 3.98 -41.35 -44.52
N PRO C 108 3.53 -40.65 -45.58
CA PRO C 108 2.36 -39.80 -45.30
C PRO C 108 1.06 -40.58 -45.23
N ILE C 109 0.21 -40.20 -44.29
CA ILE C 109 -1.05 -40.89 -44.01
C ILE C 109 -2.25 -40.04 -44.37
N ALA C 110 -2.28 -38.82 -43.85
CA ALA C 110 -3.47 -37.98 -44.08
C ALA C 110 -3.27 -36.49 -43.91
N VAL C 111 -4.04 -35.71 -44.68
CA VAL C 111 -4.05 -34.26 -44.57
C VAL C 111 -5.08 -33.78 -43.55
N GLU C 112 -4.61 -32.94 -42.62
CA GLU C 112 -5.41 -32.37 -41.55
C GLU C 112 -5.44 -30.86 -41.71
N ALA C 113 -6.59 -30.27 -41.44
CA ALA C 113 -6.74 -28.83 -41.30
C ALA C 113 -7.93 -28.54 -40.39
N LEU C 114 -7.88 -27.45 -39.65
CA LEU C 114 -8.99 -27.04 -38.80
C LEU C 114 -10.13 -26.50 -39.67
N SER C 115 -11.36 -26.71 -39.20
CA SER C 115 -12.53 -26.12 -39.83
C SER C 115 -13.46 -25.54 -38.78
N LEU C 116 -14.37 -24.67 -39.21
CA LEU C 116 -15.42 -24.20 -38.31
C LEU C 116 -16.48 -25.29 -38.20
N ILE C 117 -16.70 -25.80 -37.00
CA ILE C 117 -17.78 -26.75 -36.78
C ILE C 117 -18.91 -26.01 -36.07
N TYR C 118 -20.14 -26.20 -36.54
CA TYR C 118 -21.26 -25.43 -36.01
C TYR C 118 -22.55 -26.24 -35.88
N ASN C 119 -23.30 -25.93 -34.83
CA ASN C 119 -24.60 -26.53 -34.58
C ASN C 119 -25.67 -25.88 -35.47
N LYS C 120 -26.21 -26.65 -36.41
CA LYS C 120 -27.21 -26.14 -37.34
C LYS C 120 -28.51 -25.73 -36.68
N ASP C 121 -28.89 -26.41 -35.61
CA ASP C 121 -30.13 -26.10 -34.89
C ASP C 121 -30.05 -24.79 -34.10
N LEU C 122 -28.96 -24.62 -33.36
CA LEU C 122 -28.75 -23.38 -32.62
C LEU C 122 -28.38 -22.24 -33.56
N LEU C 123 -27.76 -22.59 -34.67
CA LEU C 123 -27.22 -21.57 -35.58
C LEU C 123 -27.24 -22.12 -37.00
N PRO C 124 -28.36 -21.95 -37.72
CA PRO C 124 -28.43 -22.46 -39.09
C PRO C 124 -27.53 -21.72 -40.08
N ASN C 125 -27.33 -20.43 -39.86
CA ASN C 125 -26.40 -19.65 -40.66
C ASN C 125 -25.18 -19.18 -39.86
N PRO C 126 -24.04 -19.87 -40.00
CA PRO C 126 -22.83 -19.48 -39.27
C PRO C 126 -22.17 -18.22 -39.82
N PRO C 127 -21.53 -17.42 -38.95
CA PRO C 127 -20.91 -16.17 -39.40
C PRO C 127 -19.68 -16.41 -40.28
N LYS C 128 -19.57 -15.61 -41.33
CA LYS C 128 -18.46 -15.69 -42.28
C LYS C 128 -17.26 -14.91 -41.74
N THR C 129 -17.51 -14.07 -40.75
CA THR C 129 -16.46 -13.21 -40.21
C THR C 129 -16.31 -13.37 -38.71
N TRP C 130 -15.08 -13.24 -38.22
CA TRP C 130 -14.79 -13.31 -36.80
C TRP C 130 -15.48 -12.16 -36.07
N GLU C 131 -15.51 -11.01 -36.72
CA GLU C 131 -16.07 -9.78 -36.16
C GLU C 131 -17.55 -9.89 -35.76
N GLU C 132 -18.31 -10.76 -36.44
CA GLU C 132 -19.70 -11.00 -36.09
C GLU C 132 -19.88 -11.61 -34.69
N ILE C 133 -18.92 -12.42 -34.26
CA ILE C 133 -19.12 -13.35 -33.14
C ILE C 133 -19.49 -12.72 -31.79
N PRO C 134 -18.85 -11.60 -31.41
CA PRO C 134 -19.22 -10.92 -30.16
C PRO C 134 -20.70 -10.55 -30.11
N ALA C 135 -21.24 -10.08 -31.22
CA ALA C 135 -22.65 -9.75 -31.33
C ALA C 135 -23.49 -11.01 -31.26
N LEU C 136 -23.01 -12.06 -31.92
CA LEU C 136 -23.67 -13.35 -31.92
C LEU C 136 -23.72 -14.00 -30.53
N ASP C 137 -22.67 -13.78 -29.74
CA ASP C 137 -22.60 -14.31 -28.38
C ASP C 137 -23.68 -13.72 -27.48
N LYS C 138 -23.91 -12.41 -27.59
CA LYS C 138 -24.96 -11.74 -26.82
C LYS C 138 -26.33 -12.41 -26.95
N GLU C 139 -26.74 -12.65 -28.19
CA GLU C 139 -28.00 -13.32 -28.46
C GLU C 139 -28.08 -14.70 -27.81
N LEU C 140 -27.04 -15.51 -27.99
CA LEU C 140 -27.06 -16.86 -27.41
C LEU C 140 -27.00 -16.84 -25.88
N LYS C 141 -26.28 -15.87 -25.32
CA LYS C 141 -26.21 -15.71 -23.86
C LYS C 141 -27.58 -15.34 -23.29
N ALA C 142 -28.33 -14.57 -24.05
CA ALA C 142 -29.68 -14.21 -23.63
C ALA C 142 -30.50 -15.48 -23.38
N LYS C 143 -30.27 -16.53 -24.16
CA LYS C 143 -30.98 -17.80 -23.96
C LYS C 143 -30.05 -18.87 -23.36
N GLY C 144 -29.13 -18.43 -22.50
CA GLY C 144 -28.32 -19.34 -21.72
C GLY C 144 -27.31 -20.19 -22.47
N LYS C 145 -26.74 -19.65 -23.55
CA LYS C 145 -25.80 -20.39 -24.40
C LYS C 145 -24.61 -19.50 -24.73
N SER C 146 -23.59 -20.09 -25.35
CA SER C 146 -22.42 -19.35 -25.83
C SER C 146 -22.20 -19.55 -27.32
N ALA C 147 -21.54 -18.59 -27.96
CA ALA C 147 -21.28 -18.62 -29.39
C ALA C 147 -20.16 -19.58 -29.80
N LEU C 148 -18.99 -19.44 -29.18
CA LEU C 148 -17.80 -20.18 -29.61
C LEU C 148 -16.92 -20.65 -28.46
N MET C 149 -16.51 -21.91 -28.56
CA MET C 149 -15.53 -22.50 -27.64
C MET C 149 -14.53 -23.40 -28.36
N PHE C 150 -13.25 -23.19 -28.13
CA PHE C 150 -12.23 -24.08 -28.69
C PHE C 150 -10.95 -24.07 -27.86
N ASN C 151 -10.05 -24.99 -28.17
CA ASN C 151 -8.84 -25.19 -27.39
C ASN C 151 -7.87 -24.01 -27.46
N LEU C 152 -7.73 -23.31 -26.34
CA LEU C 152 -6.85 -22.15 -26.25
C LEU C 152 -5.51 -22.50 -25.61
N GLN C 153 -5.31 -23.77 -25.29
CA GLN C 153 -4.09 -24.22 -24.64
C GLN C 153 -3.06 -24.65 -25.68
N GLU C 154 -3.52 -24.92 -26.91
CA GLU C 154 -2.62 -25.34 -27.97
C GLU C 154 -2.67 -24.27 -29.08
N PRO C 155 -1.51 -23.69 -29.44
CA PRO C 155 -1.44 -22.60 -30.43
C PRO C 155 -1.94 -22.98 -31.81
N TYR C 156 -1.93 -24.27 -32.09
CA TYR C 156 -2.51 -24.85 -33.29
C TYR C 156 -3.90 -24.31 -33.61
N PHE C 157 -4.73 -24.13 -32.60
CA PHE C 157 -6.13 -23.75 -32.79
C PHE C 157 -6.31 -22.24 -32.96
N THR C 158 -5.42 -21.46 -32.35
CA THR C 158 -5.49 -20.00 -32.40
C THR C 158 -4.67 -19.44 -33.57
N TRP C 159 -3.73 -20.23 -34.08
CA TRP C 159 -2.85 -19.78 -35.16
C TRP C 159 -3.56 -19.31 -36.43
N PRO C 160 -4.67 -19.98 -36.82
CA PRO C 160 -5.40 -19.55 -38.02
C PRO C 160 -5.83 -18.09 -37.98
N LEU C 161 -6.26 -17.63 -36.81
CA LEU C 161 -6.59 -16.24 -36.60
C LEU C 161 -5.37 -15.32 -36.65
N ILE C 162 -4.31 -15.73 -35.96
CA ILE C 162 -3.05 -14.98 -35.91
C ILE C 162 -2.47 -14.81 -37.32
N ALA C 163 -2.51 -15.91 -38.06
CA ALA C 163 -2.01 -15.96 -39.43
C ALA C 163 -2.85 -15.20 -40.44
N ALA C 164 -4.10 -14.90 -40.09
CA ALA C 164 -5.03 -14.31 -41.05
C ALA C 164 -4.48 -13.07 -41.76
N ASP C 165 -4.01 -12.07 -41.02
CA ASP C 165 -3.55 -10.83 -41.66
C ASP C 165 -2.06 -10.75 -42.02
N GLY C 166 -1.31 -11.82 -41.82
CA GLY C 166 0.06 -11.86 -42.30
C GLY C 166 1.01 -12.28 -41.20
N GLY C 167 0.49 -12.96 -40.19
CA GLY C 167 1.36 -13.60 -39.23
C GLY C 167 1.90 -14.81 -39.93
N TYR C 168 3.16 -15.13 -39.63
CA TYR C 168 3.76 -16.35 -40.13
C TYR C 168 4.84 -16.93 -39.21
N ALA C 169 5.16 -18.19 -39.48
CA ALA C 169 6.11 -18.93 -38.67
C ALA C 169 7.51 -18.55 -39.14
N PHE C 170 7.88 -19.04 -40.32
CA PHE C 170 9.17 -18.68 -40.90
C PHE C 170 8.93 -18.30 -42.35
N LYS C 171 9.69 -17.30 -42.78
CA LYS C 171 9.51 -16.74 -44.11
C LYS C 171 10.09 -17.75 -45.09
N TYR C 172 9.22 -18.23 -45.96
CA TYR C 172 9.59 -19.13 -47.05
C TYR C 172 10.13 -18.30 -48.20
N GLU C 173 11.41 -18.46 -48.50
CA GLU C 173 12.09 -17.63 -49.48
C GLU C 173 13.15 -18.42 -50.21
N ASN C 174 13.15 -18.25 -51.53
CA ASN C 174 14.09 -18.93 -52.42
C ASN C 174 14.06 -20.43 -52.20
N GLY C 175 12.87 -21.01 -52.06
CA GLY C 175 12.80 -22.45 -51.90
C GLY C 175 13.22 -22.92 -50.52
N LYS C 176 13.38 -22.00 -49.57
CA LYS C 176 13.73 -22.38 -48.20
C LYS C 176 13.16 -21.46 -47.14
N TYR C 177 13.20 -21.94 -45.91
CA TYR C 177 12.81 -21.18 -44.74
C TYR C 177 13.93 -20.33 -44.16
N ASP C 178 13.64 -19.06 -43.86
CA ASP C 178 14.61 -18.20 -43.18
C ASP C 178 14.46 -18.25 -41.66
N ILE C 179 15.41 -18.87 -40.97
CA ILE C 179 15.32 -19.07 -39.53
C ILE C 179 15.27 -17.71 -38.82
N LYS C 180 16.06 -16.77 -39.32
CA LYS C 180 16.13 -15.44 -38.73
C LYS C 180 14.78 -14.74 -38.82
N ASP C 181 14.08 -14.90 -39.93
CA ASP C 181 12.84 -14.19 -40.16
C ASP C 181 11.65 -14.98 -39.61
N VAL C 182 11.15 -14.52 -38.48
CA VAL C 182 9.95 -15.07 -37.84
C VAL C 182 8.84 -14.03 -37.89
N GLY C 183 7.63 -14.44 -38.27
CA GLY C 183 6.52 -13.51 -38.41
C GLY C 183 5.50 -13.49 -37.27
N VAL C 184 5.95 -13.63 -36.03
CA VAL C 184 5.02 -13.63 -34.89
C VAL C 184 4.73 -12.26 -34.23
N ASP C 185 5.53 -11.21 -34.48
CA ASP C 185 5.35 -9.92 -33.78
C ASP C 185 4.98 -8.87 -34.81
N ASN C 186 4.42 -9.28 -35.94
CA ASN C 186 3.97 -8.29 -36.90
C ASN C 186 2.53 -7.88 -36.60
N ALA C 187 2.10 -6.81 -37.25
CA ALA C 187 0.79 -6.22 -36.98
C ALA C 187 -0.39 -7.16 -37.12
N GLY C 188 -0.33 -8.08 -38.09
CA GLY C 188 -1.42 -9.02 -38.28
C GLY C 188 -1.59 -9.99 -37.13
N ALA C 189 -0.46 -10.46 -36.60
CA ALA C 189 -0.48 -11.38 -35.48
C ALA C 189 -0.93 -10.66 -34.22
N LYS C 190 -0.41 -9.46 -34.01
CA LYS C 190 -0.85 -8.64 -32.88
C LYS C 190 -2.34 -8.37 -32.96
N ALA C 191 -2.82 -8.05 -34.15
CA ALA C 191 -4.25 -7.78 -34.31
C ALA C 191 -5.11 -9.00 -33.99
N GLY C 192 -4.72 -10.15 -34.55
CA GLY C 192 -5.44 -11.39 -34.28
C GLY C 192 -5.47 -11.78 -32.81
N LEU C 193 -4.30 -11.70 -32.17
CA LEU C 193 -4.23 -12.09 -30.79
C LEU C 193 -4.93 -11.06 -29.91
N THR C 194 -4.75 -9.79 -30.20
CA THR C 194 -5.50 -8.73 -29.52
C THR C 194 -7.00 -8.99 -29.60
N PHE C 195 -7.47 -9.42 -30.76
CA PHE C 195 -8.89 -9.75 -30.93
C PHE C 195 -9.30 -10.92 -30.02
N LEU C 196 -8.48 -11.97 -30.00
CA LEU C 196 -8.77 -13.11 -29.14
C LEU C 196 -8.84 -12.65 -27.66
N VAL C 197 -7.84 -11.87 -27.26
CA VAL C 197 -7.77 -11.38 -25.89
C VAL C 197 -8.96 -10.46 -25.61
N ASP C 198 -9.41 -9.72 -26.63
CA ASP C 198 -10.59 -8.90 -26.43
C ASP C 198 -11.83 -9.79 -26.24
N LEU C 199 -11.94 -10.87 -27.02
CA LEU C 199 -13.02 -11.84 -26.80
C LEU C 199 -13.05 -12.32 -25.36
N ILE C 200 -11.86 -12.55 -24.79
CA ILE C 200 -11.78 -13.01 -23.40
C ILE C 200 -12.10 -11.89 -22.41
N LYS C 201 -11.56 -10.71 -22.66
CA LYS C 201 -11.83 -9.50 -21.87
C LYS C 201 -13.33 -9.21 -21.72
N ASN C 202 -14.05 -9.28 -22.83
CA ASN C 202 -15.48 -9.00 -22.86
C ASN C 202 -16.33 -10.22 -22.50
N LYS C 203 -15.65 -11.26 -22.00
CA LYS C 203 -16.30 -12.44 -21.42
C LYS C 203 -17.13 -13.23 -22.43
N HIS C 204 -16.72 -13.22 -23.70
CA HIS C 204 -17.31 -14.08 -24.71
C HIS C 204 -16.61 -15.44 -24.77
N MET C 205 -15.38 -15.49 -24.27
CA MET C 205 -14.64 -16.74 -24.11
C MET C 205 -13.86 -16.78 -22.79
N ASN C 206 -13.43 -17.97 -22.38
CA ASN C 206 -12.62 -18.14 -21.17
C ASN C 206 -11.22 -18.62 -21.52
N ALA C 207 -10.21 -18.03 -20.87
CA ALA C 207 -8.80 -18.29 -21.16
C ALA C 207 -8.34 -19.72 -20.88
N ASP C 208 -8.97 -20.36 -19.90
CA ASP C 208 -8.60 -21.72 -19.47
C ASP C 208 -9.21 -22.82 -20.33
N THR C 209 -10.00 -22.46 -21.33
CA THR C 209 -10.67 -23.44 -22.18
C THR C 209 -9.68 -24.31 -22.94
N ASP C 210 -9.91 -25.62 -22.83
CA ASP C 210 -9.10 -26.63 -23.48
C ASP C 210 -9.94 -27.55 -24.37
N TYR C 211 -9.29 -28.57 -24.93
CA TYR C 211 -9.93 -29.51 -25.86
C TYR C 211 -11.19 -30.16 -25.31
N SER C 212 -11.10 -30.73 -24.10
CA SER C 212 -12.21 -31.48 -23.51
C SER C 212 -13.37 -30.58 -23.11
N ILE C 213 -13.06 -29.39 -22.61
CA ILE C 213 -14.10 -28.45 -22.23
C ILE C 213 -14.85 -27.98 -23.46
N ALA C 214 -14.11 -27.56 -24.49
CA ALA C 214 -14.70 -27.15 -25.76
C ALA C 214 -15.53 -28.27 -26.37
N GLU C 215 -14.98 -29.50 -26.35
CA GLU C 215 -15.68 -30.64 -26.93
C GLU C 215 -16.99 -30.87 -26.17
N HIS C 216 -16.90 -30.98 -24.86
CA HIS C 216 -18.07 -31.15 -24.03
C HIS C 216 -19.10 -30.05 -24.29
N ALA C 217 -18.62 -28.82 -24.38
CA ALA C 217 -19.50 -27.68 -24.58
C ALA C 217 -20.26 -27.85 -25.88
N PHE C 218 -19.56 -28.13 -26.97
CA PHE C 218 -20.21 -28.28 -28.26
C PHE C 218 -21.11 -29.52 -28.34
N ASN C 219 -20.65 -30.67 -27.86
CA ASN C 219 -21.42 -31.91 -27.97
C ASN C 219 -22.67 -31.95 -27.09
N HIS C 220 -22.73 -31.09 -26.08
CA HIS C 220 -23.93 -30.96 -25.26
C HIS C 220 -24.82 -29.79 -25.71
N GLY C 221 -24.38 -29.07 -26.74
CA GLY C 221 -25.20 -27.99 -27.28
C GLY C 221 -25.11 -26.74 -26.44
N GLU C 222 -24.11 -26.66 -25.59
CA GLU C 222 -23.92 -25.50 -24.72
C GLU C 222 -23.25 -24.36 -25.47
N THR C 223 -22.57 -24.69 -26.55
CA THR C 223 -21.96 -23.67 -27.40
C THR C 223 -22.37 -23.91 -28.85
N ALA C 224 -22.57 -22.81 -29.58
CA ALA C 224 -23.08 -22.86 -30.95
C ALA C 224 -22.04 -23.27 -31.98
N MET C 225 -20.77 -22.97 -31.69
CA MET C 225 -19.69 -23.28 -32.62
C MET C 225 -18.47 -23.83 -31.89
N THR C 226 -17.62 -24.52 -32.63
CA THR C 226 -16.30 -24.89 -32.18
C THR C 226 -15.32 -24.96 -33.35
N ILE C 227 -14.04 -25.07 -33.04
CA ILE C 227 -12.98 -25.19 -34.05
C ILE C 227 -12.21 -26.48 -33.78
N ASN C 228 -12.22 -27.39 -34.74
CA ASN C 228 -11.54 -28.67 -34.55
C ASN C 228 -11.25 -29.34 -35.89
N GLY C 229 -10.61 -30.51 -35.81
CA GLY C 229 -10.25 -31.27 -36.99
C GLY C 229 -11.13 -32.50 -37.19
N PRO C 230 -10.92 -33.22 -38.29
CA PRO C 230 -11.69 -34.41 -38.66
C PRO C 230 -11.84 -35.42 -37.53
N TRP C 231 -10.74 -35.69 -36.84
CA TRP C 231 -10.71 -36.60 -35.70
C TRP C 231 -11.84 -36.35 -34.71
N ALA C 232 -12.23 -35.09 -34.57
CA ALA C 232 -13.28 -34.71 -33.62
C ALA C 232 -14.69 -35.16 -33.99
N TRP C 233 -14.95 -35.44 -35.27
CA TRP C 233 -16.32 -35.70 -35.72
C TRP C 233 -16.98 -36.93 -35.11
N SER C 234 -16.19 -37.99 -34.89
CA SER C 234 -16.71 -39.25 -34.39
C SER C 234 -17.47 -39.06 -33.09
N ASN C 235 -16.89 -38.27 -32.19
CA ASN C 235 -17.54 -37.99 -30.93
C ASN C 235 -18.78 -37.10 -31.13
N ILE C 236 -18.76 -36.25 -32.15
CA ILE C 236 -19.91 -35.39 -32.42
C ILE C 236 -21.07 -36.22 -32.94
N ASP C 237 -20.75 -37.13 -33.86
CA ASP C 237 -21.72 -38.09 -34.39
C ASP C 237 -22.43 -38.78 -33.26
N THR C 238 -21.67 -39.21 -32.26
CA THR C 238 -22.23 -39.90 -31.10
C THR C 238 -23.16 -38.99 -30.29
N SER C 239 -22.87 -37.69 -30.27
CA SER C 239 -23.68 -36.77 -29.48
C SER C 239 -25.03 -36.55 -30.17
N LYS C 240 -25.10 -36.97 -31.43
CA LYS C 240 -26.31 -36.83 -32.25
C LYS C 240 -26.69 -35.37 -32.45
N VAL C 241 -25.73 -34.47 -32.32
CA VAL C 241 -25.95 -33.07 -32.64
C VAL C 241 -25.96 -32.90 -34.15
N ASN C 242 -26.95 -32.17 -34.64
CA ASN C 242 -27.04 -31.86 -36.06
C ASN C 242 -26.05 -30.74 -36.33
N TYR C 243 -24.90 -31.10 -36.89
CA TYR C 243 -23.79 -30.18 -37.04
C TYR C 243 -23.30 -30.10 -38.47
N GLY C 244 -22.67 -28.98 -38.80
CA GLY C 244 -22.02 -28.82 -40.08
C GLY C 244 -20.57 -28.42 -39.90
N VAL C 245 -19.74 -28.87 -40.84
CA VAL C 245 -18.34 -28.49 -40.88
C VAL C 245 -18.15 -27.56 -42.06
N THR C 246 -17.66 -26.35 -41.78
CA THR C 246 -17.57 -25.31 -42.78
C THR C 246 -16.25 -24.56 -42.71
N VAL C 247 -16.10 -23.62 -43.65
CA VAL C 247 -14.93 -22.75 -43.72
C VAL C 247 -14.82 -21.88 -42.48
N LEU C 248 -13.58 -21.68 -42.02
CA LEU C 248 -13.31 -20.82 -40.88
C LEU C 248 -13.65 -19.37 -41.20
N PRO C 249 -14.04 -18.59 -40.18
CA PRO C 249 -14.42 -17.19 -40.43
C PRO C 249 -13.25 -16.34 -40.89
N THR C 250 -13.55 -15.32 -41.68
CA THR C 250 -12.52 -14.38 -42.10
C THR C 250 -12.22 -13.44 -40.93
N PHE C 251 -11.06 -12.81 -40.97
CA PHE C 251 -10.69 -11.79 -40.01
C PHE C 251 -10.12 -10.60 -40.77
N LYS C 252 -10.67 -9.41 -40.52
CA LYS C 252 -10.34 -8.23 -41.30
C LYS C 252 -10.41 -8.50 -42.80
N GLY C 253 -11.46 -9.20 -43.21
CA GLY C 253 -11.72 -9.49 -44.61
C GLY C 253 -10.85 -10.58 -45.20
N GLN C 254 -9.89 -11.08 -44.42
CA GLN C 254 -8.93 -12.09 -44.90
C GLN C 254 -9.12 -13.44 -44.20
N PRO C 255 -9.07 -14.53 -44.97
CA PRO C 255 -9.39 -15.85 -44.45
C PRO C 255 -8.45 -16.31 -43.35
N SER C 256 -8.98 -17.06 -42.38
CA SER C 256 -8.12 -17.70 -41.40
C SER C 256 -7.19 -18.66 -42.12
N LYS C 257 -5.93 -18.71 -41.70
CA LYS C 257 -4.92 -19.51 -42.37
C LYS C 257 -4.43 -20.59 -41.42
N PRO C 258 -5.15 -21.72 -41.33
CA PRO C 258 -4.69 -22.77 -40.44
C PRO C 258 -3.50 -23.50 -41.00
N PHE C 259 -2.57 -23.91 -40.15
CA PHE C 259 -1.49 -24.74 -40.61
C PHE C 259 -2.03 -26.11 -41.00
N VAL C 260 -1.73 -26.52 -42.22
CA VAL C 260 -2.08 -27.84 -42.71
C VAL C 260 -1.06 -28.83 -42.19
N GLY C 261 -1.55 -29.89 -41.56
CA GLY C 261 -0.70 -30.95 -41.04
C GLY C 261 -0.91 -32.22 -41.82
N VAL C 262 0.15 -32.97 -42.05
CA VAL C 262 0.02 -34.27 -42.68
C VAL C 262 0.38 -35.34 -41.68
N LEU C 263 -0.64 -36.08 -41.23
CA LEU C 263 -0.39 -37.22 -40.38
C LEU C 263 0.51 -38.19 -41.12
N SER C 264 1.63 -38.47 -40.47
CA SER C 264 2.76 -39.23 -41.01
C SER C 264 3.19 -40.33 -40.03
N ALA C 265 3.79 -41.39 -40.58
CA ALA C 265 4.31 -42.50 -39.79
C ALA C 265 5.81 -42.69 -40.06
N GLY C 266 6.62 -42.42 -39.04
CA GLY C 266 8.06 -42.61 -39.13
C GLY C 266 8.55 -43.90 -38.50
N ILE C 267 9.69 -44.38 -39.00
CA ILE C 267 10.35 -45.58 -38.49
C ILE C 267 11.59 -45.25 -37.67
N ASN C 268 11.61 -45.69 -36.41
CA ASN C 268 12.75 -45.52 -35.53
C ASN C 268 14.04 -46.00 -36.18
N ALA C 269 15.06 -45.16 -36.16
CA ALA C 269 16.38 -45.51 -36.67
C ALA C 269 17.02 -46.69 -35.94
N ALA C 270 16.66 -46.87 -34.67
CA ALA C 270 17.23 -47.95 -33.87
C ALA C 270 16.43 -49.26 -33.95
N SER C 271 15.33 -49.27 -34.68
CA SER C 271 14.51 -50.47 -34.80
C SER C 271 15.18 -51.61 -35.58
N PRO C 272 15.15 -52.85 -35.03
CA PRO C 272 15.58 -54.02 -35.79
C PRO C 272 14.43 -54.61 -36.61
N ASN C 273 13.31 -53.90 -36.69
CA ASN C 273 12.12 -54.43 -37.33
C ASN C 273 11.67 -53.52 -38.47
N LYS C 274 12.64 -52.93 -39.16
CA LYS C 274 12.36 -51.92 -40.15
C LYS C 274 11.58 -52.56 -41.29
N GLU C 275 11.88 -53.84 -41.54
CA GLU C 275 11.20 -54.61 -42.57
C GLU C 275 9.78 -54.97 -42.14
N LEU C 276 9.63 -55.46 -40.92
CA LEU C 276 8.30 -55.73 -40.38
C LEU C 276 7.50 -54.44 -40.42
N ALA C 277 8.18 -53.35 -40.10
CA ALA C 277 7.56 -52.02 -40.09
C ALA C 277 7.16 -51.57 -41.48
N LYS C 278 8.06 -51.76 -42.43
CA LYS C 278 7.79 -51.44 -43.81
C LYS C 278 6.61 -52.25 -44.36
N GLU C 279 6.63 -53.55 -44.11
CA GLU C 279 5.54 -54.42 -44.53
C GLU C 279 4.20 -53.94 -43.94
N PHE C 280 4.16 -53.74 -42.63
CA PHE C 280 2.96 -53.29 -41.96
C PHE C 280 2.47 -51.96 -42.57
N LEU C 281 3.38 -51.00 -42.66
CA LEU C 281 3.00 -49.66 -43.12
C LEU C 281 2.59 -49.62 -44.58
N GLU C 282 3.41 -50.18 -45.46
CA GLU C 282 3.11 -50.12 -46.89
C GLU C 282 1.93 -50.99 -47.32
N ASN C 283 1.90 -52.24 -46.86
CA ASN C 283 0.97 -53.20 -47.43
C ASN C 283 -0.33 -53.46 -46.63
N TYR C 284 -0.44 -52.86 -45.45
CA TYR C 284 -1.60 -53.02 -44.56
C TYR C 284 -2.34 -51.77 -44.12
N LEU C 285 -1.62 -50.86 -43.45
CA LEU C 285 -2.19 -49.57 -43.06
C LEU C 285 -2.49 -48.67 -44.27
N LEU C 286 -1.54 -48.62 -45.22
CA LEU C 286 -1.68 -47.81 -46.41
C LEU C 286 -2.39 -48.55 -47.54
N THR C 287 -3.61 -48.98 -47.23
CA THR C 287 -4.53 -49.57 -48.21
C THR C 287 -5.89 -48.94 -47.97
N ASP C 288 -6.84 -49.16 -48.88
CA ASP C 288 -8.17 -48.60 -48.73
C ASP C 288 -8.89 -49.11 -47.48
N GLU C 289 -8.76 -50.40 -47.20
CA GLU C 289 -9.44 -51.03 -46.06
C GLU C 289 -8.85 -50.66 -44.70
N GLY C 290 -7.52 -50.60 -44.63
CA GLY C 290 -6.85 -50.24 -43.40
C GLY C 290 -7.13 -48.79 -43.04
N LEU C 291 -6.91 -47.92 -44.02
CA LEU C 291 -7.16 -46.51 -43.80
C LEU C 291 -8.66 -46.31 -43.57
N GLU C 292 -9.50 -47.13 -44.18
CA GLU C 292 -10.93 -47.03 -43.89
C GLU C 292 -11.28 -47.37 -42.44
N ALA C 293 -10.68 -48.44 -41.91
CA ALA C 293 -10.91 -48.85 -40.52
C ALA C 293 -10.47 -47.76 -39.54
N VAL C 294 -9.32 -47.18 -39.88
CA VAL C 294 -8.77 -46.11 -39.06
C VAL C 294 -9.68 -44.92 -39.25
N ASN C 295 -10.09 -44.61 -40.48
CA ASN C 295 -10.95 -43.45 -40.67
C ASN C 295 -12.33 -43.55 -39.96
N LYS C 296 -12.92 -44.74 -39.92
CA LYS C 296 -14.18 -44.95 -39.22
C LYS C 296 -14.06 -44.70 -37.72
N ASP C 297 -12.97 -45.16 -37.11
CA ASP C 297 -12.77 -44.95 -35.67
C ASP C 297 -12.70 -43.41 -35.52
N LYS C 298 -11.67 -42.76 -36.03
CA LYS C 298 -11.56 -41.30 -36.02
C LYS C 298 -11.14 -40.85 -37.41
N PRO C 299 -11.93 -39.95 -38.01
CA PRO C 299 -11.66 -39.50 -39.37
C PRO C 299 -10.25 -38.95 -39.52
N LEU C 300 -9.58 -39.37 -40.58
CA LEU C 300 -8.22 -38.99 -40.83
C LEU C 300 -8.18 -37.63 -41.51
N GLY C 301 -9.29 -37.27 -42.14
CA GLY C 301 -9.35 -36.10 -42.99
C GLY C 301 -9.23 -36.51 -44.45
N ALA C 302 -8.42 -35.78 -45.20
CA ALA C 302 -8.18 -36.09 -46.60
C ALA C 302 -6.95 -36.98 -46.74
N VAL C 303 -7.18 -38.28 -46.90
CA VAL C 303 -6.10 -39.26 -46.91
C VAL C 303 -5.14 -39.10 -48.08
N ALA C 304 -3.88 -39.45 -47.83
CA ALA C 304 -2.82 -39.35 -48.83
C ALA C 304 -3.02 -40.37 -49.95
N LEU C 305 -3.66 -41.50 -49.61
CA LEU C 305 -3.94 -42.55 -50.59
C LEU C 305 -5.03 -42.18 -51.60
N LYS C 306 -4.65 -42.05 -52.87
CA LYS C 306 -5.57 -41.63 -53.93
C LYS C 306 -6.86 -42.45 -53.97
N SER C 307 -6.69 -43.77 -53.93
CA SER C 307 -7.80 -44.70 -54.09
C SER C 307 -8.88 -44.44 -53.06
N TYR C 308 -8.48 -44.23 -51.81
CA TYR C 308 -9.42 -43.97 -50.74
C TYR C 308 -9.88 -42.51 -50.72
N GLU C 309 -9.02 -41.63 -51.23
CA GLU C 309 -9.36 -40.23 -51.34
C GLU C 309 -10.50 -39.97 -52.31
N GLU C 310 -10.48 -40.66 -53.43
CA GLU C 310 -11.55 -40.55 -54.39
C GLU C 310 -12.82 -41.03 -53.70
N GLU C 311 -12.69 -42.11 -52.94
CA GLU C 311 -13.84 -42.59 -52.19
C GLU C 311 -14.37 -41.64 -51.11
N LEU C 312 -13.50 -40.88 -50.45
CA LEU C 312 -13.99 -40.00 -49.36
C LEU C 312 -14.21 -38.55 -49.77
N ALA C 313 -13.72 -38.16 -50.95
CA ALA C 313 -13.75 -36.76 -51.36
C ALA C 313 -15.16 -36.20 -51.54
N LYS C 314 -16.13 -37.08 -51.77
CA LYS C 314 -17.52 -36.66 -51.90
C LYS C 314 -18.04 -35.96 -50.65
N ASP C 315 -17.62 -36.47 -49.49
CA ASP C 315 -17.96 -35.92 -48.17
C ASP C 315 -17.73 -34.40 -48.10
N PRO C 316 -18.80 -33.61 -47.85
CA PRO C 316 -18.60 -32.15 -47.80
C PRO C 316 -17.76 -31.68 -46.61
N ARG C 317 -17.63 -32.53 -45.60
CA ARG C 317 -16.76 -32.25 -44.48
C ARG C 317 -15.30 -32.29 -44.92
N ILE C 318 -14.96 -33.27 -45.74
CA ILE C 318 -13.61 -33.35 -46.28
C ILE C 318 -13.41 -32.17 -47.23
N ALA C 319 -14.42 -31.84 -48.02
CA ALA C 319 -14.36 -30.69 -48.91
C ALA C 319 -14.09 -29.39 -48.13
N ALA C 320 -14.73 -29.24 -46.98
CA ALA C 320 -14.52 -28.05 -46.15
C ALA C 320 -13.12 -28.08 -45.52
N THR C 321 -12.71 -29.27 -45.10
CA THR C 321 -11.36 -29.48 -44.61
C THR C 321 -10.37 -29.01 -45.67
N MET C 322 -10.60 -29.43 -46.91
CA MET C 322 -9.71 -29.09 -48.00
C MET C 322 -9.81 -27.62 -48.39
N GLU C 323 -10.98 -27.00 -48.21
CA GLU C 323 -11.09 -25.56 -48.46
C GLU C 323 -10.24 -24.78 -47.47
N ASN C 324 -10.32 -25.15 -46.19
CA ASN C 324 -9.49 -24.47 -45.20
C ASN C 324 -8.03 -24.81 -45.42
N ALA C 325 -7.75 -26.07 -45.74
CA ALA C 325 -6.39 -26.48 -46.09
C ALA C 325 -5.87 -25.64 -47.25
N GLN C 326 -6.71 -25.46 -48.27
CA GLN C 326 -6.38 -24.60 -49.41
C GLN C 326 -6.02 -23.20 -48.93
N LYS C 327 -6.84 -22.64 -48.05
CA LYS C 327 -6.58 -21.27 -47.60
C LYS C 327 -5.43 -21.13 -46.59
N GLY C 328 -4.98 -22.25 -46.02
CA GLY C 328 -3.86 -22.19 -45.10
C GLY C 328 -2.52 -22.49 -45.74
N GLU C 329 -1.56 -22.85 -44.89
CA GLU C 329 -0.21 -23.12 -45.35
C GLU C 329 0.17 -24.48 -44.81
N ILE C 330 0.93 -25.24 -45.60
CA ILE C 330 1.48 -26.48 -45.10
C ILE C 330 2.55 -26.12 -44.07
N MET C 331 2.56 -26.87 -42.98
CA MET C 331 3.55 -26.69 -41.93
C MET C 331 4.93 -26.99 -42.48
N PRO C 332 5.91 -26.14 -42.12
CA PRO C 332 7.30 -26.58 -42.31
C PRO C 332 7.60 -27.79 -41.46
N ASN C 333 8.59 -28.56 -41.88
CA ASN C 333 9.08 -29.67 -41.10
C ASN C 333 10.47 -29.38 -40.58
N ILE C 334 10.93 -28.14 -40.70
CA ILE C 334 12.28 -27.82 -40.25
C ILE C 334 12.38 -28.08 -38.75
N PRO C 335 13.59 -28.44 -38.28
CA PRO C 335 13.81 -28.72 -36.86
C PRO C 335 13.38 -27.65 -35.86
N GLN C 336 13.42 -26.39 -36.26
CA GLN C 336 13.14 -25.29 -35.34
C GLN C 336 11.66 -25.11 -35.03
N MET C 337 10.80 -25.91 -35.67
CA MET C 337 9.37 -25.74 -35.46
C MET C 337 8.94 -26.00 -34.04
N SER C 338 9.59 -26.94 -33.38
CA SER C 338 9.24 -27.23 -32.02
C SER C 338 9.60 -26.02 -31.18
N ALA C 339 10.67 -25.35 -31.55
CA ALA C 339 11.00 -24.11 -30.88
C ALA C 339 9.93 -23.06 -31.12
N PHE C 340 9.45 -23.00 -32.36
CA PHE C 340 8.38 -22.10 -32.75
C PHE C 340 7.09 -22.33 -31.97
N TRP C 341 6.70 -23.60 -31.87
CA TRP C 341 5.48 -23.97 -31.18
C TRP C 341 5.50 -23.72 -29.67
N TYR C 342 6.60 -24.04 -29.01
CA TYR C 342 6.75 -23.73 -27.59
C TYR C 342 6.59 -22.23 -27.37
N ALA C 343 7.27 -21.46 -28.21
CA ALA C 343 7.29 -20.00 -28.10
C ALA C 343 5.87 -19.43 -28.21
N VAL C 344 5.15 -19.85 -29.24
CA VAL C 344 3.79 -19.36 -29.52
C VAL C 344 2.81 -19.85 -28.46
N ARG C 345 2.96 -21.09 -28.03
CA ARG C 345 2.08 -21.63 -26.99
C ARG C 345 2.07 -20.75 -25.76
N THR C 346 3.23 -20.38 -25.26
CA THR C 346 3.29 -19.59 -24.04
C THR C 346 2.67 -18.21 -24.25
N ALA C 347 2.97 -17.59 -25.38
CA ALA C 347 2.48 -16.24 -25.68
C ALA C 347 0.97 -16.23 -25.71
N VAL C 348 0.38 -17.19 -26.41
CA VAL C 348 -1.06 -17.26 -26.47
C VAL C 348 -1.59 -17.48 -25.05
N ILE C 349 -0.93 -18.34 -24.28
CA ILE C 349 -1.41 -18.61 -22.94
C ILE C 349 -1.32 -17.40 -22.01
N ASN C 350 -0.17 -16.74 -22.06
CA ASN C 350 0.09 -15.59 -21.23
C ASN C 350 -0.73 -14.35 -21.60
N ALA C 351 -0.91 -14.14 -22.90
CA ALA C 351 -1.74 -13.03 -23.34
C ALA C 351 -3.21 -13.29 -22.98
N ALA C 352 -3.69 -14.50 -23.21
CA ALA C 352 -5.08 -14.81 -22.88
C ALA C 352 -5.38 -14.76 -21.38
N SER C 353 -4.39 -15.10 -20.57
CA SER C 353 -4.50 -15.07 -19.10
C SER C 353 -4.38 -13.66 -18.53
N GLY C 354 -3.80 -12.76 -19.31
CA GLY C 354 -3.49 -11.42 -18.82
C GLY C 354 -2.17 -11.38 -18.07
N ARG C 355 -1.37 -12.45 -18.16
CA ARG C 355 -0.10 -12.49 -17.47
C ARG C 355 0.87 -11.57 -18.20
N GLN C 356 0.70 -11.50 -19.51
CA GLN C 356 1.51 -10.61 -20.34
C GLN C 356 0.61 -9.89 -21.33
N THR C 357 1.08 -8.74 -21.82
CA THR C 357 0.36 -8.01 -22.85
C THR C 357 0.57 -8.77 -24.15
N VAL C 358 -0.24 -8.45 -25.15
CA VAL C 358 -0.10 -9.09 -26.45
C VAL C 358 1.26 -8.73 -27.08
N ASP C 359 1.61 -7.44 -27.00
CA ASP C 359 2.87 -6.96 -27.54
C ASP C 359 4.08 -7.62 -26.90
N ALA C 360 4.09 -7.65 -25.57
CA ALA C 360 5.21 -8.22 -24.83
C ALA C 360 5.30 -9.71 -25.07
N ALA C 361 4.15 -10.36 -25.08
CA ALA C 361 4.07 -11.80 -25.32
C ALA C 361 4.60 -12.18 -26.70
N LEU C 362 4.16 -11.46 -27.73
CA LEU C 362 4.58 -11.84 -29.07
C LEU C 362 6.00 -11.40 -29.39
N ALA C 363 6.44 -10.28 -28.83
CA ALA C 363 7.84 -9.91 -28.96
C ALA C 363 8.73 -10.97 -28.32
N ALA C 364 8.34 -11.41 -27.12
CA ALA C 364 9.11 -12.46 -26.48
C ALA C 364 9.03 -13.76 -27.26
N ALA C 365 7.86 -14.10 -27.79
CA ALA C 365 7.78 -15.32 -28.59
C ALA C 365 8.66 -15.31 -29.83
N GLN C 366 8.67 -14.15 -30.49
CA GLN C 366 9.51 -13.92 -31.65
C GLN C 366 10.98 -14.14 -31.36
N THR C 367 11.47 -13.48 -30.32
CA THR C 367 12.88 -13.62 -29.94
C THR C 367 13.20 -15.04 -29.50
N ASN C 368 12.33 -15.56 -28.65
CA ASN C 368 12.39 -16.91 -28.11
C ASN C 368 12.45 -18.05 -29.15
N ALA C 369 11.55 -18.04 -30.13
CA ALA C 369 11.54 -19.07 -31.16
C ALA C 369 12.86 -19.14 -31.92
N ALA C 370 13.45 -18.00 -32.24
CA ALA C 370 14.71 -17.99 -32.99
C ALA C 370 15.94 -18.35 -32.13
N ALA C 371 15.73 -19.00 -30.99
CA ALA C 371 16.79 -19.14 -29.96
C ALA C 371 17.02 -20.60 -29.54
N PRO C 372 17.93 -21.32 -30.24
CA PRO C 372 18.16 -22.74 -29.97
C PRO C 372 18.70 -23.10 -28.57
N GLY C 373 19.65 -22.33 -28.04
CA GLY C 373 20.22 -22.62 -26.74
C GLY C 373 19.19 -22.52 -25.63
N LEU C 374 18.34 -21.51 -25.75
CA LEU C 374 17.26 -21.29 -24.81
C LEU C 374 16.29 -22.46 -24.83
N HIS C 375 15.98 -22.93 -26.04
CA HIS C 375 15.01 -23.99 -26.22
C HIS C 375 15.61 -25.29 -25.71
N ALA C 376 16.90 -25.44 -25.93
CA ALA C 376 17.65 -26.58 -25.40
C ALA C 376 17.60 -26.62 -23.88
N ILE C 377 17.86 -25.49 -23.23
CA ILE C 377 17.77 -25.43 -21.77
C ILE C 377 16.33 -25.71 -21.30
N TYR C 378 15.36 -25.08 -21.96
CA TYR C 378 13.96 -25.31 -21.62
C TYR C 378 13.60 -26.79 -21.71
N GLY C 379 14.14 -27.49 -22.70
CA GLY C 379 13.94 -28.92 -22.80
C GLY C 379 14.31 -29.68 -21.52
N GLU C 380 15.51 -29.40 -21.01
CA GLU C 380 15.97 -30.02 -19.78
C GLU C 380 14.99 -29.65 -18.67
N CYS C 381 14.62 -28.37 -18.62
CA CYS C 381 13.62 -27.93 -17.63
C CYS C 381 12.30 -28.70 -17.75
N ARG C 382 11.86 -28.94 -18.98
CA ARG C 382 10.61 -29.68 -19.20
C ARG C 382 10.74 -31.11 -18.71
N ARG C 383 11.88 -31.71 -19.00
CA ARG C 383 12.16 -33.05 -18.51
C ARG C 383 12.12 -33.12 -16.98
N LEU C 384 12.76 -32.15 -16.33
CA LEU C 384 12.76 -32.10 -14.87
C LEU C 384 11.36 -31.82 -14.25
N TYR C 385 10.61 -30.89 -14.83
CA TYR C 385 9.31 -30.46 -14.30
C TYR C 385 8.22 -30.52 -15.35
N PRO C 386 7.72 -31.73 -15.65
CA PRO C 386 6.64 -31.86 -16.63
C PRO C 386 5.36 -31.19 -16.13
N ASP C 387 5.23 -31.12 -14.81
CA ASP C 387 4.05 -30.56 -14.16
C ASP C 387 3.89 -29.04 -14.32
N GLN C 388 4.97 -28.34 -14.66
CA GLN C 388 4.95 -26.88 -14.75
C GLN C 388 5.39 -26.38 -16.12
N PRO C 389 4.49 -26.35 -17.06
CA PRO C 389 4.74 -25.85 -18.41
C PRO C 389 5.07 -24.36 -18.54
N ASN C 390 4.46 -23.49 -17.76
CA ASN C 390 4.71 -22.07 -17.96
C ASN C 390 5.07 -21.44 -16.65
N PRO C 391 6.29 -21.71 -16.17
CA PRO C 391 6.59 -21.22 -14.84
C PRO C 391 6.79 -19.74 -14.75
N LEU C 392 6.81 -19.22 -13.52
CA LEU C 392 7.01 -17.79 -13.35
C LEU C 392 8.47 -17.47 -13.65
N GLN C 393 8.69 -16.35 -14.32
CA GLN C 393 10.02 -16.00 -14.81
C GLN C 393 10.36 -14.55 -14.46
N VAL C 394 11.61 -14.30 -14.05
CA VAL C 394 12.10 -12.92 -13.95
C VAL C 394 12.77 -12.57 -15.26
N THR C 395 12.19 -11.59 -15.94
CA THR C 395 12.63 -11.16 -17.27
C THR C 395 13.21 -9.75 -17.25
N ALA C 396 14.37 -9.58 -17.88
CA ALA C 396 14.98 -8.26 -18.05
C ALA C 396 14.21 -7.49 -19.12
N ILE C 397 13.68 -6.33 -18.73
CA ILE C 397 12.85 -5.52 -19.62
C ILE C 397 13.70 -5.07 -20.82
N VAL C 398 14.93 -4.66 -20.53
CA VAL C 398 15.92 -4.33 -21.56
C VAL C 398 17.02 -5.39 -21.56
N LYS C 399 17.15 -6.10 -22.68
CA LYS C 399 18.10 -7.20 -22.77
C LYS C 399 19.55 -6.72 -22.77
N TYR C 400 20.42 -7.58 -22.27
CA TYR C 400 21.83 -7.28 -22.12
C TYR C 400 22.54 -6.95 -23.42
N ASP C 401 22.05 -7.51 -24.52
CA ASP C 401 22.67 -7.26 -25.82
C ASP C 401 22.50 -5.80 -26.25
N SER C 402 21.54 -5.12 -25.66
CA SER C 402 21.32 -3.70 -25.88
C SER C 402 21.87 -2.93 -24.68
N PHE C 403 22.63 -3.63 -23.85
CA PHE C 403 23.22 -3.09 -22.63
C PHE C 403 22.22 -2.68 -21.57
N GLY C 404 21.24 -3.56 -21.33
CA GLY C 404 20.46 -3.49 -20.12
C GLY C 404 21.40 -3.92 -19.01
N PRO C 405 21.06 -3.57 -17.75
CA PRO C 405 21.95 -3.83 -16.62
C PRO C 405 22.15 -5.32 -16.32
N ASP C 406 21.12 -6.11 -16.59
CA ASP C 406 21.11 -7.53 -16.22
C ASP C 406 21.52 -8.45 -17.36
N PRO C 407 22.61 -9.22 -17.19
CA PRO C 407 23.04 -10.12 -18.27
C PRO C 407 22.23 -11.42 -18.42
N LEU C 408 21.46 -11.82 -17.41
CA LEU C 408 20.62 -13.01 -17.53
C LEU C 408 19.26 -12.60 -18.10
N ASP C 409 18.99 -13.03 -19.33
CA ASP C 409 17.76 -12.62 -20.01
C ASP C 409 16.51 -13.09 -19.25
N TYR C 410 16.54 -14.33 -18.80
CA TYR C 410 15.45 -14.90 -18.01
C TYR C 410 16.02 -15.62 -16.81
N VAL C 411 15.25 -15.61 -15.72
CA VAL C 411 15.51 -16.50 -14.60
C VAL C 411 14.23 -17.25 -14.27
N SER C 412 14.24 -18.56 -14.45
CA SER C 412 13.08 -19.40 -14.20
C SER C 412 13.06 -19.89 -12.76
N MET C 413 11.88 -19.86 -12.17
CA MET C 413 11.68 -20.28 -10.79
C MET C 413 10.65 -21.41 -10.72
N TYR C 414 11.09 -22.57 -10.25
CA TYR C 414 10.24 -23.74 -10.14
C TYR C 414 9.99 -24.09 -8.69
N ARG C 415 8.90 -24.82 -8.46
CA ARG C 415 8.63 -25.40 -7.16
C ARG C 415 9.08 -26.85 -7.24
N ASN C 416 10.07 -27.22 -6.42
CA ASN C 416 10.55 -28.59 -6.36
C ASN C 416 10.10 -29.18 -5.04
N VAL C 417 9.24 -30.18 -5.12
CA VAL C 417 8.62 -30.75 -3.92
C VAL C 417 9.60 -31.53 -3.06
N GLY C 418 10.79 -31.79 -3.58
CA GLY C 418 11.79 -32.53 -2.83
C GLY C 418 11.31 -33.95 -2.58
N SER C 419 11.93 -34.62 -1.62
CA SER C 419 11.51 -35.96 -1.21
C SER C 419 11.41 -36.08 0.32
N PRO C 420 10.21 -36.34 0.85
CA PRO C 420 10.10 -36.51 2.31
C PRO C 420 10.82 -37.76 2.82
N SER C 421 10.82 -38.81 2.01
CA SER C 421 11.53 -40.04 2.33
C SER C 421 13.04 -39.81 2.33
N ALA C 422 13.52 -39.02 1.38
CA ALA C 422 14.95 -38.76 1.24
C ALA C 422 15.46 -37.77 2.28
N ASN C 423 14.55 -37.27 3.12
CA ASN C 423 14.87 -36.26 4.12
C ASN C 423 15.40 -34.97 3.47
N ILE C 424 14.94 -34.71 2.24
CA ILE C 424 15.30 -33.49 1.52
C ILE C 424 14.05 -32.59 1.43
N PRO C 425 14.11 -31.39 2.03
CA PRO C 425 12.91 -30.55 2.17
C PRO C 425 12.41 -29.94 0.85
N GLU C 426 11.18 -29.43 0.88
CA GLU C 426 10.61 -28.72 -0.26
C GLU C 426 11.31 -27.38 -0.42
N HIS C 427 11.52 -26.96 -1.67
CA HIS C 427 12.31 -25.77 -1.96
C HIS C 427 11.99 -25.19 -3.34
N TRP C 428 12.50 -23.98 -3.58
CA TRP C 428 12.35 -23.32 -4.87
C TRP C 428 13.62 -23.51 -5.69
N HIS C 429 13.46 -23.81 -6.97
CA HIS C 429 14.58 -24.09 -7.86
C HIS C 429 14.72 -22.98 -8.90
N TYR C 430 15.79 -22.22 -8.80
CA TYR C 430 16.08 -21.14 -9.74
C TYR C 430 17.04 -21.63 -10.80
N ILE C 431 16.74 -21.26 -12.04
CA ILE C 431 17.57 -21.58 -13.20
C ILE C 431 17.78 -20.30 -14.01
N SER C 432 19.03 -20.03 -14.40
CA SER C 432 19.32 -18.80 -15.14
C SER C 432 19.43 -19.01 -16.65
N PHE C 433 19.18 -17.93 -17.41
CA PHE C 433 19.37 -17.97 -18.86
C PHE C 433 20.13 -16.73 -19.33
N GLY C 434 21.34 -16.93 -19.86
CA GLY C 434 22.16 -15.82 -20.33
C GLY C 434 23.66 -16.05 -20.33
N LEU C 435 24.15 -16.84 -19.38
CA LEU C 435 25.58 -17.14 -19.29
C LEU C 435 26.04 -18.07 -20.41
N SER C 436 25.11 -18.88 -20.91
CA SER C 436 25.37 -19.70 -22.10
C SER C 436 24.94 -18.92 -23.33
N ASP C 437 25.16 -19.51 -24.50
CA ASP C 437 24.80 -18.87 -25.77
C ASP C 437 23.39 -19.28 -26.18
N LEU C 438 22.44 -18.39 -25.92
CA LEU C 438 21.04 -18.65 -26.23
C LEU C 438 20.75 -18.49 -27.73
N TYR C 439 21.29 -17.45 -28.35
CA TYR C 439 20.89 -17.07 -29.71
C TYR C 439 21.94 -17.38 -30.80
N GLY C 440 23.21 -17.33 -30.44
CA GLY C 440 24.27 -17.76 -31.35
C GLY C 440 24.56 -16.83 -32.51
N ASP C 441 24.03 -15.60 -32.46
CA ASP C 441 24.21 -14.61 -33.52
C ASP C 441 25.22 -13.53 -33.14
N ASN C 442 26.08 -13.83 -32.18
CA ASN C 442 27.16 -12.94 -31.76
C ASN C 442 26.66 -11.67 -31.09
N ARG C 443 25.43 -11.66 -30.61
CA ARG C 443 24.91 -10.46 -29.96
C ARG C 443 25.55 -10.20 -28.59
N VAL C 444 25.86 -11.29 -27.87
CA VAL C 444 26.51 -11.19 -26.57
C VAL C 444 27.73 -12.10 -26.48
N HIS C 445 27.64 -13.28 -27.09
CA HIS C 445 28.67 -14.31 -26.97
C HIS C 445 29.31 -14.60 -28.32
N GLU C 446 30.59 -14.96 -28.28
CA GLU C 446 31.29 -15.41 -29.48
C GLU C 446 30.76 -16.79 -29.85
N PHE C 447 30.46 -16.98 -31.13
CA PHE C 447 29.96 -18.25 -31.62
C PHE C 447 31.11 -19.22 -31.83
N THR C 448 31.07 -20.33 -31.09
CA THR C 448 32.18 -21.28 -31.07
C THR C 448 31.83 -22.62 -31.70
N GLY C 449 30.55 -22.85 -31.98
CA GLY C 449 30.13 -24.10 -32.61
C GLY C 449 29.68 -25.16 -31.63
N THR C 450 29.33 -26.33 -32.17
CA THR C 450 28.80 -27.43 -31.38
C THR C 450 29.84 -28.01 -30.42
N ASP C 451 31.09 -28.03 -30.87
CA ASP C 451 32.18 -28.50 -30.04
C ASP C 451 32.58 -27.28 -29.22
N GLY C 452 32.98 -27.49 -27.97
CA GLY C 452 33.32 -26.38 -27.09
C GLY C 452 32.12 -25.90 -26.29
N PRO C 453 32.34 -24.97 -25.37
CA PRO C 453 31.29 -24.51 -24.44
C PRO C 453 30.34 -23.52 -25.07
N SER C 454 29.05 -23.63 -24.75
CA SER C 454 28.09 -22.63 -25.18
C SER C 454 28.22 -21.43 -24.26
N GLY C 455 28.57 -20.28 -24.84
CA GLY C 455 28.90 -19.11 -24.04
C GLY C 455 30.02 -19.45 -23.06
N PHE C 456 29.78 -19.15 -21.79
CA PHE C 456 30.72 -19.52 -20.73
C PHE C 456 30.64 -21.02 -20.43
N GLY C 457 29.71 -21.71 -21.08
CA GLY C 457 29.63 -23.15 -21.01
C GLY C 457 28.78 -23.67 -19.87
N PHE C 458 28.09 -22.78 -19.16
CA PHE C 458 27.25 -23.20 -18.05
C PHE C 458 26.14 -22.20 -17.75
N GLU C 459 25.14 -22.66 -17.01
CA GLU C 459 24.13 -21.78 -16.43
C GLU C 459 24.06 -21.99 -14.92
N LEU C 460 23.63 -20.95 -14.23
CA LEU C 460 23.52 -20.96 -12.78
C LEU C 460 22.18 -21.52 -12.33
N THR C 461 22.22 -22.26 -11.23
CA THR C 461 20.99 -22.68 -10.56
C THR C 461 21.09 -22.42 -9.07
N PHE C 462 19.94 -22.42 -8.39
CA PHE C 462 19.91 -22.20 -6.94
C PHE C 462 18.72 -22.90 -6.31
N ARG C 463 18.93 -23.51 -5.14
CA ARG C 463 17.84 -24.18 -4.42
C ARG C 463 17.62 -23.54 -3.06
N LEU C 464 16.47 -22.89 -2.91
CA LEU C 464 16.16 -22.11 -1.72
C LEU C 464 15.04 -22.75 -0.90
N LYS C 465 15.32 -23.03 0.37
CA LYS C 465 14.32 -23.61 1.26
C LYS C 465 13.03 -22.81 1.25
N ARG C 466 11.94 -23.52 0.99
CA ARG C 466 10.60 -22.94 0.93
C ARG C 466 9.97 -22.81 2.31
N GLU C 467 9.46 -21.63 2.63
CA GLU C 467 8.70 -21.46 3.87
C GLU C 467 7.28 -21.96 3.61
N THR C 468 6.61 -22.48 4.63
CA THR C 468 5.25 -22.99 4.43
C THR C 468 4.27 -21.87 4.07
N GLY C 469 4.52 -20.67 4.58
CA GLY C 469 3.66 -19.53 4.32
C GLY C 469 3.90 -18.92 2.96
N GLU C 470 4.96 -19.35 2.29
CA GLU C 470 5.34 -18.79 1.00
C GLU C 470 4.44 -19.35 -0.09
N SER C 471 3.58 -18.51 -0.65
CA SER C 471 2.71 -18.92 -1.73
C SER C 471 3.50 -19.02 -3.03
N ALA C 472 4.44 -18.10 -3.21
CA ALA C 472 5.23 -18.01 -4.43
C ALA C 472 6.72 -17.85 -4.10
N PRO C 473 7.60 -18.19 -5.05
CA PRO C 473 9.04 -18.06 -4.83
C PRO C 473 9.53 -16.61 -4.76
N PRO C 474 10.37 -16.27 -3.77
CA PRO C 474 10.96 -14.92 -3.75
C PRO C 474 11.87 -14.68 -4.96
N THR C 475 12.05 -13.41 -5.33
CA THR C 475 12.77 -13.06 -6.55
C THR C 475 14.23 -12.65 -6.31
N TRP C 476 14.61 -12.42 -5.06
CA TRP C 476 15.97 -11.94 -4.76
C TRP C 476 17.08 -12.87 -5.26
N PRO C 477 16.85 -14.21 -5.24
CA PRO C 477 17.92 -15.07 -5.76
C PRO C 477 18.24 -14.78 -7.23
N ALA C 478 17.26 -14.27 -7.96
CA ALA C 478 17.47 -13.91 -9.35
C ALA C 478 18.46 -12.75 -9.40
N GLU C 479 18.24 -11.74 -8.56
CA GLU C 479 19.15 -10.60 -8.48
C GLU C 479 20.54 -11.06 -8.05
N LEU C 480 20.59 -12.00 -7.11
CA LEU C 480 21.87 -12.59 -6.70
C LEU C 480 22.58 -13.16 -7.91
N MET C 481 21.84 -13.95 -8.68
CA MET C 481 22.37 -14.52 -9.91
C MET C 481 22.80 -13.46 -10.91
N GLN C 482 22.05 -12.36 -11.00
CA GLN C 482 22.44 -11.26 -11.85
C GLN C 482 23.79 -10.70 -11.41
N GLY C 483 23.96 -10.54 -10.10
CA GLY C 483 25.24 -10.09 -9.56
C GLY C 483 26.37 -11.02 -9.95
N LEU C 484 26.18 -12.31 -9.68
CA LEU C 484 27.17 -13.31 -10.09
C LEU C 484 27.47 -13.27 -11.59
N ALA C 485 26.42 -13.14 -12.39
CA ALA C 485 26.57 -13.09 -13.84
C ALA C 485 27.39 -11.87 -14.23
N ARG C 486 27.10 -10.73 -13.60
CA ARG C 486 27.87 -9.53 -13.84
C ARG C 486 29.33 -9.81 -13.53
N TYR C 487 29.59 -10.44 -12.39
CA TYR C 487 30.97 -10.80 -12.06
C TYR C 487 31.61 -11.62 -13.18
N VAL C 488 30.96 -12.70 -13.59
CA VAL C 488 31.51 -13.57 -14.63
C VAL C 488 31.81 -12.77 -15.89
N PHE C 489 30.87 -11.96 -16.34
CA PHE C 489 31.05 -11.18 -17.56
C PHE C 489 32.19 -10.17 -17.40
N GLN C 490 32.24 -9.48 -16.27
CA GLN C 490 33.27 -8.47 -16.03
C GLN C 490 34.66 -9.11 -15.96
N SER C 491 34.75 -10.24 -15.26
CA SER C 491 36.04 -10.89 -15.02
C SER C 491 36.47 -11.83 -16.15
N GLU C 492 35.51 -12.26 -16.97
CA GLU C 492 35.74 -13.28 -18.00
C GLU C 492 36.09 -14.65 -17.42
N ASN C 493 35.87 -14.83 -16.12
CA ASN C 493 36.26 -16.07 -15.48
C ASN C 493 35.09 -17.02 -15.31
N THR C 494 35.18 -18.17 -15.98
CA THR C 494 34.16 -19.20 -15.94
C THR C 494 34.13 -19.89 -14.59
N PHE C 495 32.95 -20.33 -14.18
CA PHE C 495 32.78 -21.07 -12.95
C PHE C 495 32.88 -22.58 -13.20
N CYS C 496 33.38 -23.28 -12.19
CA CYS C 496 33.48 -24.75 -12.23
C CYS C 496 32.97 -25.27 -10.90
N SER C 497 32.57 -26.54 -10.85
CA SER C 497 32.15 -27.13 -9.60
C SER C 497 33.32 -27.18 -8.63
N GLY C 498 33.09 -26.70 -7.41
CA GLY C 498 34.12 -26.68 -6.38
C GLY C 498 34.65 -25.30 -6.09
N ASP C 499 34.45 -24.37 -7.01
CA ASP C 499 34.91 -23.01 -6.80
C ASP C 499 34.16 -22.36 -5.64
N HIS C 500 34.74 -21.30 -5.10
CA HIS C 500 34.10 -20.52 -4.05
C HIS C 500 33.96 -19.08 -4.48
N VAL C 501 33.03 -18.36 -3.85
CA VAL C 501 32.77 -16.98 -4.18
C VAL C 501 32.61 -16.15 -2.91
N SER C 502 33.54 -15.25 -2.66
CA SER C 502 33.41 -14.36 -1.51
C SER C 502 32.44 -13.24 -1.85
N TRP C 503 31.36 -13.16 -1.09
CA TRP C 503 30.33 -12.14 -1.30
C TRP C 503 30.41 -11.08 -0.20
N HIS C 504 30.67 -11.52 1.03
CA HIS C 504 30.86 -10.61 2.16
C HIS C 504 29.59 -9.84 2.48
N SER C 505 28.46 -10.35 2.02
CA SER C 505 27.16 -9.76 2.30
C SER C 505 26.12 -10.87 2.41
N PRO C 506 25.11 -10.66 3.26
CA PRO C 506 24.04 -11.68 3.28
C PRO C 506 23.40 -11.76 1.91
N LEU C 507 23.20 -12.97 1.40
CA LEU C 507 22.80 -13.14 0.02
C LEU C 507 21.44 -12.49 -0.24
N ASP C 508 20.58 -12.50 0.77
CA ASP C 508 19.24 -11.94 0.65
C ASP C 508 19.11 -10.55 1.28
N ASN C 509 20.25 -9.99 1.69
CA ASN C 509 20.27 -8.66 2.32
C ASN C 509 19.52 -8.60 3.65
N SER C 510 19.35 -9.76 4.29
CA SER C 510 18.78 -9.82 5.64
C SER C 510 19.92 -9.76 6.65
N GLU C 511 19.71 -10.33 7.84
CA GLU C 511 20.77 -10.43 8.84
C GLU C 511 21.46 -11.79 8.78
N SER C 512 21.12 -12.58 7.76
CA SER C 512 21.53 -13.97 7.67
C SER C 512 23.06 -14.14 7.75
N ARG C 513 23.48 -15.27 8.30
CA ARG C 513 24.90 -15.58 8.44
C ARG C 513 25.46 -16.12 7.12
N ILE C 514 24.56 -16.40 6.18
CA ILE C 514 24.95 -16.86 4.85
C ILE C 514 25.42 -15.68 4.03
N GLN C 515 26.73 -15.47 4.03
CA GLN C 515 27.34 -14.33 3.37
C GLN C 515 28.21 -14.74 2.19
N HIS C 516 28.21 -16.02 1.85
CA HIS C 516 29.16 -16.54 0.86
C HIS C 516 28.57 -17.69 0.07
N MET C 517 29.26 -18.10 -0.99
CA MET C 517 28.76 -19.13 -1.90
C MET C 517 29.84 -20.11 -2.34
N LEU C 518 29.45 -21.38 -2.42
CA LEU C 518 30.24 -22.40 -3.08
C LEU C 518 29.43 -22.85 -4.28
N LEU C 519 30.12 -23.39 -5.28
CA LEU C 519 29.48 -23.81 -6.52
C LEU C 519 29.68 -25.30 -6.71
N THR C 520 28.59 -25.98 -7.05
CA THR C 520 28.65 -27.42 -7.28
C THR C 520 27.77 -27.81 -8.45
N GLU C 521 27.91 -29.04 -8.91
CA GLU C 521 27.07 -29.54 -9.99
C GLU C 521 25.63 -29.63 -9.47
N ASP C 522 24.68 -29.21 -10.30
CA ASP C 522 23.27 -29.35 -9.96
C ASP C 522 22.94 -30.85 -9.81
N PRO C 523 22.21 -31.22 -8.74
CA PRO C 523 21.91 -32.63 -8.49
C PRO C 523 20.96 -33.27 -9.50
N GLN C 524 20.14 -32.46 -10.16
CA GLN C 524 19.15 -32.96 -11.11
C GLN C 524 19.39 -32.58 -12.57
N MET C 525 19.77 -31.33 -12.79
CA MET C 525 19.94 -30.83 -14.15
C MET C 525 21.15 -31.48 -14.81
N GLN C 526 20.89 -32.13 -15.94
CA GLN C 526 21.95 -32.82 -16.69
C GLN C 526 22.44 -31.89 -17.80
N PRO C 527 23.76 -31.91 -18.07
CA PRO C 527 24.28 -31.03 -19.12
C PRO C 527 23.61 -31.28 -20.47
N VAL C 528 23.57 -30.25 -21.32
CA VAL C 528 22.83 -30.32 -22.57
C VAL C 528 23.71 -29.90 -23.76
N GLN C 529 23.42 -30.49 -24.91
CA GLN C 529 24.15 -30.21 -26.13
C GLN C 529 23.29 -29.38 -27.07
N THR C 530 23.85 -28.27 -27.54
CA THR C 530 23.15 -27.33 -28.39
C THR C 530 24.01 -27.04 -29.62
N PRO C 531 23.41 -26.49 -30.68
CA PRO C 531 24.26 -26.16 -31.83
C PRO C 531 25.36 -25.15 -31.50
N PHE C 532 25.22 -24.46 -30.38
CA PHE C 532 26.18 -23.43 -29.97
C PHE C 532 27.20 -23.90 -28.94
N GLY C 533 27.07 -25.13 -28.46
CA GLY C 533 28.01 -25.70 -27.51
C GLY C 533 27.34 -26.51 -26.43
N VAL C 534 28.11 -26.86 -25.40
CA VAL C 534 27.59 -27.61 -24.27
C VAL C 534 27.28 -26.69 -23.10
N VAL C 535 26.17 -26.98 -22.42
CA VAL C 535 25.77 -26.21 -21.25
C VAL C 535 25.67 -27.15 -20.06
N THR C 536 26.46 -26.88 -19.02
CA THR C 536 26.33 -27.58 -17.76
C THR C 536 25.57 -26.64 -16.81
N PHE C 537 25.21 -27.15 -15.64
CA PHE C 537 24.42 -26.37 -14.70
C PHE C 537 25.10 -26.37 -13.34
N LEU C 538 25.55 -25.18 -12.95
CA LEU C 538 26.27 -25.02 -11.70
C LEU C 538 25.31 -24.48 -10.64
N GLN C 539 25.08 -25.27 -9.60
CA GLN C 539 24.25 -24.82 -8.49
C GLN C 539 25.05 -24.02 -7.47
N ILE C 540 24.39 -22.97 -6.97
CA ILE C 540 24.94 -22.12 -5.92
C ILE C 540 24.57 -22.71 -4.57
N VAL C 541 25.51 -22.68 -3.64
CA VAL C 541 25.27 -23.15 -2.28
C VAL C 541 25.76 -22.10 -1.28
N GLY C 542 24.83 -21.55 -0.50
CA GLY C 542 25.17 -20.54 0.49
C GLY C 542 25.94 -21.14 1.64
N VAL C 543 26.99 -20.45 2.07
CA VAL C 543 27.83 -20.93 3.17
C VAL C 543 28.25 -19.78 4.06
N CYS C 544 28.76 -20.11 5.24
CA CYS C 544 29.25 -19.11 6.17
C CYS C 544 30.72 -18.79 5.89
N THR C 545 31.21 -17.69 6.45
CA THR C 545 32.57 -17.24 6.18
C THR C 545 33.57 -18.29 6.60
N GLU C 546 33.29 -18.94 7.72
CA GLU C 546 34.17 -19.95 8.29
C GLU C 546 34.29 -21.16 7.36
N GLU C 547 33.15 -21.56 6.79
CA GLU C 547 33.10 -22.68 5.87
C GLU C 547 33.82 -22.31 4.58
N LEU C 548 33.64 -21.06 4.15
CA LEU C 548 34.39 -20.56 3.01
C LEU C 548 35.86 -20.64 3.32
N HIS C 549 36.27 -20.19 4.50
CA HIS C 549 37.67 -20.19 4.86
C HIS C 549 38.17 -21.62 4.82
N SER C 550 37.34 -22.53 5.33
CA SER C 550 37.65 -23.95 5.30
C SER C 550 37.80 -24.45 3.86
N ALA C 551 36.93 -23.97 2.97
CA ALA C 551 37.01 -24.31 1.55
C ALA C 551 38.28 -23.75 0.90
N GLN C 552 38.62 -22.51 1.25
CA GLN C 552 39.82 -21.86 0.72
C GLN C 552 41.04 -22.63 1.15
N GLN C 553 41.12 -22.92 2.44
CA GLN C 553 42.31 -23.56 3.01
C GLN C 553 42.49 -24.99 2.51
N TRP C 554 41.38 -25.71 2.31
CA TRP C 554 41.43 -27.12 1.91
C TRP C 554 40.96 -27.30 0.47
N ASN C 555 39.70 -27.68 0.28
CA ASN C 555 39.11 -27.77 -1.05
C ASN C 555 37.59 -27.65 -1.00
N GLY C 556 36.99 -27.24 -2.10
CA GLY C 556 35.54 -27.07 -2.16
C GLY C 556 34.77 -28.36 -2.05
N GLN C 557 35.25 -29.40 -2.73
CA GLN C 557 34.54 -30.67 -2.83
C GLN C 557 34.30 -31.29 -1.46
N GLY C 558 35.33 -31.26 -0.62
CA GLY C 558 35.24 -31.80 0.73
C GLY C 558 34.20 -31.07 1.54
N ILE C 559 34.30 -29.75 1.55
CA ILE C 559 33.37 -28.91 2.32
C ILE C 559 31.96 -29.15 1.82
N LEU C 560 31.83 -29.34 0.51
CA LEU C 560 30.53 -29.64 -0.07
C LEU C 560 29.97 -30.95 0.46
N GLU C 561 30.76 -32.01 0.41
CA GLU C 561 30.29 -33.30 0.94
C GLU C 561 29.91 -33.17 2.42
N LEU C 562 30.78 -32.54 3.20
CA LEU C 562 30.48 -32.32 4.61
C LEU C 562 29.13 -31.62 4.72
N LEU C 563 28.92 -30.60 3.90
CA LEU C 563 27.63 -29.92 3.85
C LEU C 563 26.50 -30.86 3.43
N ARG C 564 26.78 -31.81 2.55
CA ARG C 564 25.76 -32.79 2.16
C ARG C 564 25.37 -33.69 3.32
N THR C 565 26.35 -34.09 4.13
CA THR C 565 26.07 -34.99 5.27
C THR C 565 25.22 -34.34 6.38
N VAL C 566 25.09 -33.01 6.34
CA VAL C 566 24.31 -32.27 7.32
C VAL C 566 23.05 -31.73 6.64
N PRO C 567 21.88 -32.30 6.97
CA PRO C 567 20.65 -32.04 6.20
C PRO C 567 20.23 -30.58 6.20
N ILE C 568 20.32 -29.95 7.37
CA ILE C 568 19.91 -28.57 7.54
C ILE C 568 20.83 -27.59 6.82
N ALA C 569 21.99 -28.07 6.39
CA ALA C 569 22.99 -27.24 5.74
C ALA C 569 22.95 -27.46 4.23
N GLY C 570 22.11 -28.39 3.79
CA GLY C 570 22.05 -28.75 2.39
C GLY C 570 21.35 -30.06 2.15
N GLY C 571 21.91 -31.12 2.73
CA GLY C 571 21.43 -32.47 2.48
C GLY C 571 21.97 -32.88 1.13
N PRO C 572 21.53 -34.04 0.61
CA PRO C 572 22.05 -34.52 -0.67
C PRO C 572 21.93 -33.53 -1.83
N TRP C 573 20.86 -32.72 -1.84
CA TRP C 573 20.66 -31.76 -2.93
C TRP C 573 21.14 -30.35 -2.59
N LEU C 574 21.75 -30.20 -1.42
CA LEU C 574 22.43 -28.95 -1.08
C LEU C 574 21.54 -27.71 -1.19
N ILE C 575 20.38 -27.77 -0.52
CA ILE C 575 19.47 -26.64 -0.45
C ILE C 575 19.95 -25.58 0.54
N THR C 576 19.81 -24.30 0.15
CA THR C 576 20.22 -23.20 1.00
C THR C 576 19.06 -22.71 1.88
N ASP C 577 19.28 -22.68 3.20
CA ASP C 577 18.31 -22.09 4.13
C ASP C 577 18.89 -20.82 4.73
N MET C 578 18.35 -19.68 4.31
CA MET C 578 18.85 -18.38 4.75
C MET C 578 18.66 -18.13 6.25
N ARG C 579 17.74 -18.86 6.87
CA ARG C 579 17.44 -18.64 8.28
C ARG C 579 18.36 -19.45 9.18
N ARG C 580 19.26 -20.19 8.56
CA ARG C 580 20.26 -21.00 9.26
C ARG C 580 21.18 -20.12 10.11
N GLY C 581 21.40 -20.53 11.36
CA GLY C 581 22.16 -19.73 12.30
C GLY C 581 23.51 -20.29 12.75
N GLU C 582 23.73 -21.59 12.54
CA GLU C 582 24.96 -22.24 12.99
C GLU C 582 25.76 -22.87 11.84
N THR C 583 27.09 -22.81 11.93
CA THR C 583 27.94 -23.49 10.96
C THR C 583 28.02 -24.98 11.27
N ILE C 584 28.47 -25.76 10.29
CA ILE C 584 28.58 -27.21 10.49
C ILE C 584 29.64 -27.55 11.54
N PHE C 585 30.56 -26.62 11.79
CA PHE C 585 31.62 -26.85 12.78
C PHE C 585 31.06 -26.58 14.18
N GLU C 586 30.09 -25.67 14.28
CA GLU C 586 29.40 -25.41 15.53
C GLU C 586 28.41 -26.52 15.83
N ILE C 587 27.92 -27.15 14.78
CA ILE C 587 26.92 -28.20 14.88
C ILE C 587 27.53 -29.57 15.20
N ASP C 588 28.71 -29.83 14.67
CA ASP C 588 29.42 -31.08 14.91
C ASP C 588 30.90 -30.77 15.09
N PRO C 589 31.34 -30.67 16.36
CA PRO C 589 32.74 -30.29 16.64
C PRO C 589 33.72 -31.13 15.85
N HIS C 590 33.54 -32.46 15.89
CA HIS C 590 34.46 -33.38 15.23
C HIS C 590 34.67 -33.01 13.77
N LEU C 591 33.63 -32.50 13.11
CA LEU C 591 33.77 -32.14 11.70
C LEU C 591 34.99 -31.27 11.46
N GLN C 592 35.32 -30.39 12.40
CA GLN C 592 36.48 -29.53 12.20
C GLN C 592 37.68 -30.41 11.94
N GLU C 593 37.77 -31.49 12.70
CA GLU C 593 38.91 -32.37 12.61
C GLU C 593 39.01 -32.82 11.16
N ARG C 594 37.85 -33.00 10.51
CA ARG C 594 37.86 -33.53 9.15
C ARG C 594 38.53 -32.58 8.18
N VAL C 595 38.41 -31.27 8.42
CA VAL C 595 38.97 -30.32 7.49
C VAL C 595 40.49 -30.40 7.61
N ASP C 596 40.97 -30.34 8.84
CA ASP C 596 42.41 -30.42 9.11
C ASP C 596 42.97 -31.78 8.67
N LYS C 597 42.20 -32.85 8.89
CA LYS C 597 42.60 -34.19 8.44
C LYS C 597 42.92 -34.12 6.95
N GLY C 598 42.04 -33.45 6.20
CA GLY C 598 42.23 -33.30 4.77
C GLY C 598 43.44 -32.46 4.40
N ILE C 599 43.58 -31.30 5.05
CA ILE C 599 44.68 -30.37 4.76
C ILE C 599 46.06 -30.99 4.95
N GLU C 600 46.27 -31.60 6.11
CA GLU C 600 47.60 -32.09 6.46
C GLU C 600 48.08 -33.21 5.53
N THR C 601 47.19 -34.16 5.28
CA THR C 601 47.47 -35.30 4.44
C THR C 601 47.70 -34.93 2.98
N ASP C 602 46.81 -34.09 2.44
CA ASP C 602 46.87 -33.72 1.03
C ASP C 602 47.15 -32.25 0.72
N GLY C 603 46.88 -31.35 1.66
CA GLY C 603 47.06 -29.93 1.40
C GLY C 603 45.93 -29.30 0.60
N SER C 604 46.18 -28.14 0.03
CA SER C 604 45.12 -27.33 -0.59
C SER C 604 45.00 -27.65 -2.08
N ASN C 605 43.76 -27.62 -2.59
CA ASN C 605 43.50 -27.96 -3.99
C ASN C 605 43.44 -26.73 -4.90
N LEU C 606 43.55 -25.54 -4.33
CA LEU C 606 43.23 -24.31 -5.06
C LEU C 606 44.34 -23.94 -6.03
N SER C 607 44.08 -24.11 -7.33
CA SER C 607 45.09 -23.83 -8.34
C SER C 607 45.39 -22.34 -8.47
N GLY C 608 44.40 -21.50 -8.24
CA GLY C 608 44.59 -20.07 -8.38
C GLY C 608 43.40 -19.27 -7.93
N VAL C 609 43.50 -17.95 -8.01
CA VAL C 609 42.43 -17.08 -7.53
C VAL C 609 42.34 -15.75 -8.29
N SER C 610 41.12 -15.24 -8.41
CA SER C 610 40.89 -13.93 -9.01
C SER C 610 40.72 -12.92 -7.89
N ALA C 611 41.59 -11.91 -7.88
CA ALA C 611 41.63 -10.97 -6.78
C ALA C 611 42.24 -9.66 -7.27
N LYS C 612 42.18 -8.61 -6.45
CA LYS C 612 42.85 -7.36 -6.82
C LYS C 612 44.35 -7.45 -6.58
N CYS C 613 45.12 -7.44 -7.67
CA CYS C 613 46.57 -7.58 -7.59
C CYS C 613 47.24 -7.01 -8.83
N ALA C 614 48.56 -6.91 -8.79
CA ALA C 614 49.33 -6.39 -9.90
C ALA C 614 50.82 -6.65 -9.69
N TRP C 615 51.62 -6.39 -10.71
CA TRP C 615 53.07 -6.49 -10.61
C TRP C 615 53.70 -5.40 -11.46
N ASP C 616 54.98 -5.11 -11.22
CA ASP C 616 55.64 -4.04 -11.97
C ASP C 616 57.16 -4.09 -11.88
N ASP C 617 57.78 -3.22 -12.66
CA ASP C 617 59.25 -3.10 -12.74
C ASP C 617 59.79 -2.02 -11.81
N LEU C 618 60.89 -2.34 -11.14
CA LEU C 618 61.59 -1.36 -10.32
C LEU C 618 62.45 -0.45 -11.19
N PRO C 625 53.26 -4.66 -19.77
CA PRO C 625 52.52 -4.50 -21.04
C PRO C 625 53.01 -5.44 -22.15
N ILE C 626 53.44 -4.91 -23.28
CA ILE C 626 53.82 -5.69 -24.44
C ILE C 626 55.09 -6.53 -24.18
N ARG C 627 55.28 -7.56 -25.01
CA ARG C 627 56.52 -8.37 -25.09
C ARG C 627 56.76 -9.50 -24.09
N THR C 628 57.67 -10.39 -24.49
CA THR C 628 58.21 -11.43 -23.62
C THR C 628 59.51 -10.94 -23.02
N ARG C 629 59.59 -10.94 -21.69
CA ARG C 629 60.71 -10.32 -20.99
C ARG C 629 61.17 -11.03 -19.71
N GLN C 630 62.47 -11.29 -19.59
CA GLN C 630 63.06 -11.79 -18.36
C GLN C 630 63.52 -10.61 -17.50
N LEU C 631 63.28 -10.68 -16.19
CA LEU C 631 63.54 -9.53 -15.31
C LEU C 631 64.50 -9.84 -14.16
N GLU C 632 65.42 -8.91 -13.89
CA GLU C 632 66.38 -9.04 -12.80
C GLU C 632 65.69 -8.73 -11.48
N SER C 633 64.79 -7.75 -11.52
CA SER C 633 64.05 -7.31 -10.34
C SER C 633 62.55 -7.37 -10.63
N VAL C 634 61.75 -7.53 -9.59
CA VAL C 634 60.29 -7.60 -9.72
C VAL C 634 59.62 -6.91 -8.54
N HIS C 635 58.48 -6.28 -8.81
CA HIS C 635 57.70 -5.65 -7.77
C HIS C 635 56.24 -6.11 -7.78
N LEU C 636 55.83 -6.84 -6.75
CA LEU C 636 54.46 -7.36 -6.69
C LEU C 636 53.57 -6.53 -5.76
N LYS C 637 52.31 -6.40 -6.14
CA LYS C 637 51.31 -5.65 -5.38
C LYS C 637 50.04 -6.48 -5.24
N PHE C 638 49.48 -6.50 -4.03
CA PHE C 638 48.32 -7.33 -3.73
C PHE C 638 47.29 -6.56 -2.93
N ASN C 639 46.06 -7.09 -2.88
CA ASN C 639 45.06 -6.59 -1.96
C ASN C 639 45.26 -7.34 -0.64
N GLN C 640 44.63 -6.88 0.44
CA GLN C 640 44.76 -7.55 1.73
C GLN C 640 44.19 -8.97 1.65
N GLU C 641 43.02 -9.06 1.03
CA GLU C 641 42.29 -10.30 0.87
C GLU C 641 43.12 -11.30 0.07
N SER C 642 43.59 -10.86 -1.09
CA SER C 642 44.48 -11.65 -1.93
C SER C 642 45.78 -11.91 -1.20
N GLY C 643 46.24 -10.89 -0.47
CA GLY C 643 47.46 -10.97 0.32
C GLY C 643 47.40 -12.04 1.38
N ALA C 644 46.23 -12.22 1.98
CA ALA C 644 46.05 -13.22 3.03
C ALA C 644 46.20 -14.65 2.48
N LEU C 645 46.17 -14.80 1.16
CA LEU C 645 46.35 -16.10 0.52
C LEU C 645 47.80 -16.41 0.18
N ILE C 646 48.68 -15.41 0.27
CA ILE C 646 50.10 -15.63 -0.03
C ILE C 646 50.67 -16.77 0.83
N PRO C 647 50.39 -16.76 2.15
CA PRO C 647 50.83 -17.89 2.97
C PRO C 647 50.26 -19.21 2.47
N LEU C 648 49.02 -19.17 1.98
CA LEU C 648 48.40 -20.36 1.41
C LEU C 648 49.11 -20.74 0.11
N CYS C 649 49.39 -19.74 -0.73
CA CYS C 649 50.08 -19.98 -1.99
C CYS C 649 51.43 -20.67 -1.78
N LEU C 650 52.21 -20.14 -0.84
CA LEU C 650 53.55 -20.67 -0.58
C LEU C 650 53.51 -22.02 0.12
N ARG C 651 52.92 -22.08 1.32
CA ARG C 651 52.84 -23.33 2.08
C ARG C 651 51.91 -24.36 1.44
N GLY C 652 50.74 -23.89 0.99
CA GLY C 652 49.68 -24.79 0.55
C GLY C 652 49.93 -25.53 -0.75
N ARG C 653 50.51 -24.83 -1.74
CA ARG C 653 50.70 -25.42 -3.07
C ARG C 653 52.15 -25.58 -3.54
N LEU C 654 53.02 -24.60 -3.30
CA LEU C 654 54.39 -24.63 -3.84
C LEU C 654 55.19 -25.84 -3.35
N LEU C 655 54.98 -26.23 -2.10
CA LEU C 655 55.73 -27.33 -1.51
C LEU C 655 55.45 -28.64 -2.24
N HIS C 656 54.32 -28.72 -2.94
CA HIS C 656 53.87 -29.96 -3.57
C HIS C 656 54.20 -30.07 -5.07
N GLY C 657 55.07 -29.19 -5.56
CA GLY C 657 55.41 -29.20 -6.97
C GLY C 657 54.29 -28.63 -7.81
N ARG C 658 53.40 -27.89 -7.14
CA ARG C 658 52.22 -27.30 -7.76
C ARG C 658 52.43 -25.80 -7.99
N HIS C 659 51.59 -25.19 -8.84
CA HIS C 659 51.76 -23.79 -9.21
C HIS C 659 50.62 -23.03 -8.59
N PHE C 660 50.73 -21.71 -8.55
CA PHE C 660 49.60 -20.92 -8.09
C PHE C 660 49.50 -19.67 -8.95
N THR C 661 48.28 -19.34 -9.36
CA THR C 661 48.05 -18.20 -10.25
C THR C 661 47.06 -17.21 -9.67
N TYR C 662 47.52 -15.98 -9.52
CA TYR C 662 46.64 -14.86 -9.24
C TYR C 662 46.25 -14.17 -10.55
N LYS C 663 44.95 -14.00 -10.79
CA LYS C 663 44.51 -13.17 -11.91
C LYS C 663 43.81 -11.94 -11.36
N SER C 664 44.17 -10.78 -11.90
CA SER C 664 43.46 -9.55 -11.56
C SER C 664 42.20 -9.49 -12.42
N ILE C 665 41.09 -9.05 -11.86
CA ILE C 665 39.84 -8.98 -12.61
C ILE C 665 39.86 -7.71 -13.45
N THR C 666 40.45 -6.68 -12.88
CA THR C 666 40.48 -5.36 -13.49
C THR C 666 41.46 -5.31 -14.66
N GLY C 667 42.64 -5.89 -14.47
CA GLY C 667 43.64 -5.90 -15.51
C GLY C 667 43.61 -7.16 -16.35
N ASP C 668 44.64 -7.29 -17.19
CA ASP C 668 44.88 -8.50 -17.95
C ASP C 668 46.08 -9.17 -17.31
N MET C 669 46.50 -8.61 -16.18
CA MET C 669 47.71 -9.03 -15.50
C MET C 669 47.46 -10.38 -14.84
N ALA C 670 48.51 -11.15 -14.67
CA ALA C 670 48.42 -12.41 -13.95
C ALA C 670 49.78 -12.70 -13.34
N ILE C 671 49.79 -13.41 -12.22
CA ILE C 671 51.05 -13.81 -11.60
C ILE C 671 51.00 -15.28 -11.21
N THR C 672 51.90 -16.08 -11.78
CA THR C 672 52.00 -17.49 -11.41
C THR C 672 53.23 -17.78 -10.58
N PHE C 673 52.98 -18.14 -9.32
CA PHE C 673 54.04 -18.64 -8.47
C PHE C 673 54.31 -20.08 -8.87
N VAL C 674 55.60 -20.39 -9.02
CA VAL C 674 56.09 -21.68 -9.48
C VAL C 674 57.14 -22.20 -8.50
N SER C 675 57.20 -23.52 -8.32
CA SER C 675 58.19 -24.10 -7.42
C SER C 675 59.26 -24.72 -8.27
N THR C 676 60.32 -25.21 -7.65
CA THR C 676 61.28 -26.03 -8.35
C THR C 676 60.61 -27.39 -8.54
N GLY C 677 60.81 -28.03 -9.69
CA GLY C 677 60.17 -29.31 -9.96
C GLY C 677 58.82 -29.22 -10.65
N VAL C 678 58.40 -28.02 -11.05
CA VAL C 678 57.17 -27.87 -11.84
C VAL C 678 57.53 -27.97 -13.29
N GLU C 679 56.64 -28.58 -14.06
CA GLU C 679 56.86 -28.78 -15.48
C GLU C 679 56.22 -27.70 -16.35
N GLY C 680 56.88 -27.40 -17.47
CA GLY C 680 56.40 -26.42 -18.41
C GLY C 680 56.87 -25.00 -18.16
N ALA C 681 57.47 -24.76 -17.00
CA ALA C 681 57.87 -23.41 -16.64
C ALA C 681 59.02 -22.91 -17.50
N PHE C 682 58.96 -21.64 -17.90
CA PHE C 682 60.06 -21.01 -18.60
C PHE C 682 61.06 -20.47 -17.59
N ALA C 683 60.65 -20.48 -16.32
CA ALA C 683 61.51 -20.02 -15.26
C ALA C 683 62.56 -21.07 -14.94
N THR C 684 63.82 -20.66 -15.03
CA THR C 684 64.94 -21.49 -14.66
C THR C 684 65.42 -21.00 -13.31
N GLU C 685 66.13 -21.85 -12.59
CA GLU C 685 66.72 -21.43 -11.34
C GLU C 685 67.68 -20.28 -11.69
N GLU C 686 68.32 -20.42 -12.84
CA GLU C 686 69.26 -19.41 -13.35
C GLU C 686 68.57 -18.07 -13.62
N HIS C 687 67.36 -18.13 -14.17
CA HIS C 687 66.55 -16.92 -14.41
C HIS C 687 65.16 -17.03 -13.79
N PRO C 688 65.03 -16.62 -12.51
CA PRO C 688 63.79 -16.77 -11.74
C PRO C 688 62.53 -16.07 -12.28
N TYR C 689 62.63 -14.84 -12.81
CA TYR C 689 61.43 -14.04 -13.13
C TYR C 689 61.26 -13.75 -14.62
N ALA C 690 60.12 -14.14 -15.21
CA ALA C 690 59.86 -13.80 -16.61
C ALA C 690 58.36 -13.63 -16.95
N ALA C 691 58.09 -12.82 -17.98
CA ALA C 691 56.75 -12.39 -18.34
C ALA C 691 56.51 -12.49 -19.84
N HIS C 692 55.35 -13.02 -20.27
CA HIS C 692 55.02 -13.03 -21.70
C HIS C 692 54.22 -11.81 -22.09
N GLY C 693 54.12 -10.86 -21.17
CA GLY C 693 53.21 -9.74 -21.33
C GLY C 693 52.66 -9.41 -19.96
N PRO C 694 51.34 -9.22 -19.86
CA PRO C 694 50.78 -9.01 -18.52
C PRO C 694 50.96 -10.28 -17.68
N TRP C 695 51.19 -11.40 -18.34
CA TRP C 695 51.35 -12.72 -17.70
C TRP C 695 52.75 -12.84 -17.09
N LEU C 696 52.85 -13.00 -15.77
CA LEU C 696 54.17 -13.13 -15.11
C LEU C 696 54.35 -14.42 -14.30
N GLN C 697 55.49 -15.08 -14.51
CA GLN C 697 55.90 -16.21 -13.66
C GLN C 697 57.17 -15.84 -12.92
N ILE C 698 57.15 -16.07 -11.62
CA ILE C 698 58.34 -15.95 -10.79
C ILE C 698 58.55 -17.30 -10.11
N LEU C 699 59.78 -17.79 -10.16
CA LEU C 699 60.12 -19.08 -9.57
C LEU C 699 60.79 -18.83 -8.25
N LEU C 700 60.27 -19.47 -7.21
CA LEU C 700 60.80 -19.28 -5.87
C LEU C 700 61.30 -20.60 -5.32
N THR C 701 62.35 -20.53 -4.50
CA THR C 701 62.98 -21.73 -3.97
C THR C 701 62.33 -22.05 -2.62
N GLU C 702 62.35 -23.33 -2.26
CA GLU C 702 61.75 -23.79 -1.01
C GLU C 702 62.33 -22.99 0.17
N GLU C 703 63.66 -22.81 0.12
CA GLU C 703 64.38 -22.05 1.14
C GLU C 703 63.78 -20.64 1.24
N PHE C 704 63.67 -20.01 0.07
CA PHE C 704 63.17 -18.65 -0.07
C PHE C 704 61.70 -18.62 0.36
N VAL C 705 60.99 -19.71 0.06
CA VAL C 705 59.60 -19.87 0.49
C VAL C 705 59.51 -19.79 2.00
N GLU C 706 60.35 -20.57 2.68
CA GLU C 706 60.35 -20.55 4.15
C GLU C 706 60.73 -19.18 4.70
N LYS C 707 61.82 -18.60 4.18
CA LYS C 707 62.24 -17.29 4.69
C LYS C 707 61.12 -16.26 4.57
N MET C 708 60.43 -16.19 3.42
CA MET C 708 59.31 -15.27 3.28
C MET C 708 58.13 -15.59 4.18
N LEU C 709 57.79 -16.89 4.24
CA LEU C 709 56.68 -17.31 5.08
C LEU C 709 56.92 -16.78 6.47
N GLU C 710 58.17 -16.86 6.91
CA GLU C 710 58.52 -16.30 8.21
C GLU C 710 58.33 -14.77 8.30
N ASP C 711 58.76 -14.02 7.29
CA ASP C 711 58.55 -12.56 7.31
C ASP C 711 57.05 -12.26 7.23
N ALA C 719 47.39 -2.95 8.57
CA ALA C 719 48.30 -1.83 8.60
C ALA C 719 48.83 -1.59 7.20
N LEU C 720 47.95 -1.31 6.25
CA LEU C 720 48.41 -1.10 4.90
C LEU C 720 48.69 0.39 4.69
N PRO C 721 49.73 0.70 3.90
CA PRO C 721 50.58 -0.31 3.27
C PRO C 721 51.53 -1.00 4.25
N LYS C 722 51.62 -2.32 4.14
CA LYS C 722 52.61 -3.09 4.90
C LYS C 722 53.55 -3.54 3.79
N GLU C 723 54.84 -3.30 3.99
CA GLU C 723 55.80 -3.48 2.90
C GLU C 723 56.83 -4.52 3.21
N TYR C 724 57.04 -5.44 2.27
CA TYR C 724 58.07 -6.45 2.44
C TYR C 724 59.15 -6.27 1.37
N SER C 725 60.41 -6.46 1.75
CA SER C 725 61.53 -6.27 0.83
C SER C 725 62.62 -7.33 0.96
N TRP C 726 63.32 -7.52 -0.16
CA TRP C 726 64.43 -8.46 -0.29
C TRP C 726 65.44 -7.85 -1.24
N PRO C 727 66.65 -8.41 -1.30
CA PRO C 727 67.60 -7.89 -2.28
C PRO C 727 67.11 -8.07 -3.73
N GLU C 728 66.29 -9.09 -3.99
CA GLU C 728 65.90 -9.39 -5.37
C GLU C 728 64.50 -8.88 -5.69
N LYS C 729 63.69 -8.61 -4.67
CA LYS C 729 62.27 -8.36 -4.90
C LYS C 729 61.57 -7.62 -3.77
N LYS C 730 60.51 -6.89 -4.11
CA LYS C 730 59.71 -6.12 -3.16
C LYS C 730 58.23 -6.46 -3.32
N LEU C 731 57.48 -6.39 -2.22
CA LEU C 731 56.07 -6.80 -2.23
C LEU C 731 55.21 -5.85 -1.38
N LYS C 732 54.26 -5.16 -2.02
CA LYS C 732 53.34 -4.24 -1.31
C LYS C 732 51.93 -4.83 -1.23
N VAL C 733 51.24 -4.52 -0.14
CA VAL C 733 49.80 -4.77 -0.02
C VAL C 733 49.08 -3.43 0.12
N SER C 734 48.00 -3.24 -0.63
CA SER C 734 47.38 -1.93 -0.79
C SER C 734 45.85 -1.99 -0.74
N ILE C 735 45.22 -0.84 -0.95
CA ILE C 735 43.76 -0.68 -0.90
C ILE C 735 43.22 -0.15 -2.22
N VAL C 746 40.40 0.51 -13.04
CA VAL C 746 40.25 1.56 -14.05
C VAL C 746 39.54 1.02 -15.30
N GLU C 747 39.44 -0.31 -15.42
CA GLU C 747 38.92 -0.96 -16.63
C GLU C 747 37.63 -1.80 -16.46
N HIS C 748 36.78 -1.79 -17.49
CA HIS C 748 35.53 -2.56 -17.55
C HIS C 748 35.41 -3.44 -18.79
N HIS C 749 34.98 -4.69 -18.60
CA HIS C 749 34.79 -5.63 -19.71
C HIS C 749 33.31 -5.93 -19.94
N HIS C 750 32.92 -5.98 -21.22
CA HIS C 750 31.51 -6.15 -21.60
C HIS C 750 31.31 -7.30 -22.59
N HIS C 751 30.29 -8.10 -22.34
CA HIS C 751 29.90 -9.21 -23.23
C HIS C 751 30.99 -10.29 -23.26
N HIS C 752 30.80 -11.27 -24.14
CA HIS C 752 31.77 -12.35 -24.33
C HIS C 752 32.38 -12.27 -25.72
N HIS C 753 32.09 -11.19 -26.45
CA HIS C 753 32.70 -10.92 -27.76
C HIS C 753 34.17 -11.31 -27.82
N GLY D 6 66.89 16.08 -9.93
CA GLY D 6 65.78 15.18 -9.74
C GLY D 6 65.48 14.32 -10.97
N LYS D 7 64.18 14.18 -11.25
CA LYS D 7 63.62 13.40 -12.37
C LYS D 7 62.22 13.96 -12.72
N LEU D 8 61.63 13.55 -13.84
CA LEU D 8 60.34 14.11 -14.25
C LEU D 8 59.27 13.05 -14.33
N VAL D 9 58.25 13.33 -13.53
CA VAL D 9 56.98 12.62 -13.49
C VAL D 9 55.87 13.42 -14.16
N ILE D 10 55.14 12.76 -15.04
CA ILE D 10 54.11 13.39 -15.86
C ILE D 10 52.78 12.69 -15.65
N TRP D 11 51.73 13.50 -15.47
CA TRP D 11 50.36 13.00 -15.40
C TRP D 11 49.58 13.38 -16.64
N ILE D 12 48.96 12.39 -17.25
CA ILE D 12 48.11 12.59 -18.42
C ILE D 12 46.93 11.64 -18.32
N ASN D 13 45.78 12.02 -18.86
CA ASN D 13 44.59 11.20 -18.71
C ASN D 13 44.71 9.87 -19.45
N GLY D 14 44.08 8.84 -18.87
CA GLY D 14 44.15 7.49 -19.39
C GLY D 14 43.57 7.28 -20.77
N ASP D 15 42.79 8.23 -21.26
CA ASP D 15 42.24 8.13 -22.62
C ASP D 15 43.17 8.74 -23.66
N LYS D 16 44.30 9.28 -23.20
CA LYS D 16 45.28 9.93 -24.08
C LYS D 16 46.45 9.00 -24.40
N GLY D 17 47.28 9.42 -25.36
CA GLY D 17 48.38 8.62 -25.86
C GLY D 17 49.60 8.58 -24.96
N TYR D 18 49.46 7.96 -23.79
CA TYR D 18 50.51 8.00 -22.76
C TYR D 18 51.72 7.09 -23.02
N ASN D 19 51.55 6.02 -23.79
CA ASN D 19 52.70 5.22 -24.23
C ASN D 19 53.61 5.94 -25.23
N GLY D 20 53.01 6.68 -26.16
CA GLY D 20 53.79 7.50 -27.07
C GLY D 20 54.52 8.57 -26.31
N LEU D 21 53.83 9.20 -25.36
CA LEU D 21 54.47 10.15 -24.48
C LEU D 21 55.60 9.48 -23.69
N ALA D 22 55.38 8.23 -23.29
CA ALA D 22 56.45 7.50 -22.60
C ALA D 22 57.63 7.26 -23.54
N GLU D 23 57.37 7.07 -24.83
CA GLU D 23 58.47 6.97 -25.81
C GLU D 23 59.22 8.29 -25.96
N VAL D 24 58.48 9.40 -26.00
CA VAL D 24 59.13 10.71 -26.03
C VAL D 24 59.95 10.91 -24.77
N GLY D 25 59.44 10.41 -23.66
CA GLY D 25 60.20 10.47 -22.42
C GLY D 25 61.41 9.58 -22.53
N LYS D 26 61.25 8.45 -23.21
CA LYS D 26 62.37 7.53 -23.41
C LYS D 26 63.51 8.20 -24.19
N LYS D 27 63.16 8.95 -25.24
CA LYS D 27 64.14 9.68 -26.01
C LYS D 27 64.77 10.77 -25.15
N PHE D 28 63.95 11.46 -24.37
CA PHE D 28 64.49 12.47 -23.45
C PHE D 28 65.53 11.86 -22.52
N GLU D 29 65.22 10.68 -21.97
CA GLU D 29 66.16 10.00 -21.07
C GLU D 29 67.42 9.59 -21.81
N LYS D 30 67.23 9.08 -23.02
CA LYS D 30 68.35 8.68 -23.87
C LYS D 30 69.31 9.85 -24.10
N ASP D 31 68.77 10.99 -24.50
CA ASP D 31 69.58 12.15 -24.85
C ASP D 31 70.13 12.91 -23.65
N THR D 32 69.35 12.95 -22.56
CA THR D 32 69.66 13.83 -21.43
C THR D 32 70.11 13.05 -20.19
N GLY D 33 69.71 11.78 -20.11
CA GLY D 33 69.99 10.94 -18.96
C GLY D 33 68.99 11.06 -17.82
N ILE D 34 68.00 11.93 -18.00
CA ILE D 34 66.98 12.19 -17.00
C ILE D 34 65.78 11.27 -17.29
N LYS D 35 65.40 10.44 -16.32
CA LYS D 35 64.30 9.49 -16.50
C LYS D 35 62.99 10.24 -16.46
N VAL D 36 62.06 9.80 -17.31
CA VAL D 36 60.75 10.41 -17.41
C VAL D 36 59.71 9.34 -17.10
N THR D 37 58.93 9.57 -16.05
CA THR D 37 57.89 8.62 -15.64
C THR D 37 56.50 9.18 -15.92
N VAL D 38 55.81 8.55 -16.86
CA VAL D 38 54.45 8.92 -17.23
C VAL D 38 53.39 8.10 -16.49
N GLU D 39 52.47 8.78 -15.82
CA GLU D 39 51.39 8.11 -15.09
C GLU D 39 50.04 8.65 -15.55
N HIS D 40 49.01 7.81 -15.48
CA HIS D 40 47.66 8.21 -15.85
C HIS D 40 46.64 7.89 -14.76
N PRO D 41 46.75 8.54 -13.60
CA PRO D 41 45.83 8.28 -12.49
C PRO D 41 44.40 8.70 -12.81
N ASP D 42 43.43 8.04 -12.18
CA ASP D 42 42.03 8.41 -12.37
C ASP D 42 41.76 9.73 -11.66
N LYS D 43 40.88 10.55 -12.22
CA LYS D 43 40.49 11.82 -11.58
C LYS D 43 41.71 12.70 -11.27
N LEU D 44 42.67 12.73 -12.18
CA LEU D 44 43.92 13.44 -11.96
C LEU D 44 43.66 14.94 -11.87
N GLU D 45 42.61 15.41 -12.56
CA GLU D 45 42.24 16.82 -12.51
C GLU D 45 41.74 17.23 -11.12
N GLU D 46 41.16 16.30 -10.38
CA GLU D 46 40.76 16.56 -8.99
C GLU D 46 41.91 16.30 -8.03
N LYS D 47 42.72 15.30 -8.30
CA LYS D 47 43.82 14.95 -7.42
C LYS D 47 44.93 16.00 -7.45
N PHE D 48 45.23 16.55 -8.62
CA PHE D 48 46.33 17.51 -8.74
C PHE D 48 46.26 18.64 -7.68
N PRO D 49 45.13 19.36 -7.59
CA PRO D 49 45.03 20.45 -6.60
C PRO D 49 45.16 19.96 -5.15
N GLN D 50 44.76 18.72 -4.92
CA GLN D 50 44.82 18.07 -3.60
C GLN D 50 46.24 17.79 -3.13
N VAL D 51 47.03 17.24 -4.04
CA VAL D 51 48.41 16.81 -3.81
C VAL D 51 49.46 17.93 -3.81
N ALA D 52 49.29 18.94 -4.66
CA ALA D 52 50.24 20.04 -4.70
C ALA D 52 50.37 20.74 -3.35
N ALA D 53 49.30 20.84 -2.56
CA ALA D 53 49.44 21.52 -1.27
C ALA D 53 50.37 20.66 -0.40
N THR D 54 50.32 19.33 -0.60
CA THR D 54 51.23 18.42 0.09
C THR D 54 52.59 18.34 -0.59
N GLY D 55 52.68 18.84 -1.83
CA GLY D 55 53.92 18.84 -2.57
C GLY D 55 54.24 17.58 -3.36
N ASP D 56 53.28 16.66 -3.44
CA ASP D 56 53.48 15.36 -4.05
C ASP D 56 53.02 15.25 -5.51
N GLY D 57 52.64 16.38 -6.11
CA GLY D 57 52.04 16.33 -7.43
C GLY D 57 53.12 16.15 -8.47
N PRO D 58 52.71 15.99 -9.75
CA PRO D 58 53.68 15.70 -10.81
C PRO D 58 54.47 16.94 -11.18
N ASP D 59 55.55 16.77 -11.94
CA ASP D 59 56.33 17.90 -12.43
C ASP D 59 55.52 18.57 -13.53
N ILE D 60 54.89 17.75 -14.37
CA ILE D 60 54.09 18.22 -15.50
C ILE D 60 52.70 17.58 -15.43
N ILE D 61 51.67 18.39 -15.65
CA ILE D 61 50.29 17.89 -15.69
C ILE D 61 49.62 18.21 -17.03
N PHE D 62 49.11 17.17 -17.67
CA PHE D 62 48.34 17.35 -18.91
C PHE D 62 46.84 17.34 -18.64
N TRP D 63 46.15 18.33 -19.20
CA TRP D 63 44.68 18.34 -19.21
C TRP D 63 44.20 19.38 -20.21
N ALA D 64 42.92 19.33 -20.57
CA ALA D 64 42.34 20.44 -21.32
C ALA D 64 42.52 21.73 -20.53
N HIS D 65 42.60 22.85 -21.25
CA HIS D 65 42.96 24.13 -20.67
C HIS D 65 41.99 24.69 -19.63
N ASP D 66 40.77 24.17 -19.62
CA ASP D 66 39.73 24.78 -18.79
C ASP D 66 40.01 24.68 -17.31
N ARG D 67 40.80 23.69 -16.91
CA ARG D 67 41.14 23.55 -15.51
C ARG D 67 42.28 24.45 -15.09
N PHE D 68 43.09 24.92 -16.05
CA PHE D 68 44.38 25.49 -15.66
C PHE D 68 44.24 26.87 -15.06
N GLY D 69 43.17 27.54 -15.44
CA GLY D 69 42.90 28.83 -14.88
C GLY D 69 42.62 28.67 -13.40
N GLY D 70 41.94 27.59 -13.02
CA GLY D 70 41.75 27.34 -11.61
C GLY D 70 43.04 27.11 -10.87
N TYR D 71 43.88 26.25 -11.43
CA TYR D 71 45.17 25.90 -10.83
C TYR D 71 46.03 27.13 -10.69
N ALA D 72 46.03 27.93 -11.74
CA ALA D 72 46.77 29.17 -11.76
C ALA D 72 46.29 30.03 -10.61
N GLN D 73 44.97 30.15 -10.46
CA GLN D 73 44.44 30.96 -9.37
C GLN D 73 44.94 30.46 -8.03
N SER D 74 45.13 29.15 -7.92
CA SER D 74 45.56 28.57 -6.65
C SER D 74 47.06 28.64 -6.45
N GLY D 75 47.76 29.19 -7.44
CA GLY D 75 49.20 29.37 -7.33
C GLY D 75 49.92 28.05 -7.50
N LEU D 76 49.36 27.17 -8.32
CA LEU D 76 49.84 25.80 -8.44
C LEU D 76 50.69 25.64 -9.69
N LEU D 77 50.74 26.68 -10.51
CA LEU D 77 51.39 26.58 -11.81
C LEU D 77 52.48 27.63 -11.90
N ALA D 78 53.63 27.21 -12.44
CA ALA D 78 54.70 28.12 -12.78
C ALA D 78 54.36 28.80 -14.10
N GLU D 79 54.71 30.07 -14.21
CA GLU D 79 54.54 30.78 -15.48
C GLU D 79 55.52 30.22 -16.50
N ILE D 80 55.04 29.96 -17.71
CA ILE D 80 55.88 29.44 -18.77
C ILE D 80 56.41 30.58 -19.62
N THR D 81 57.67 30.47 -20.01
CA THR D 81 58.41 31.57 -20.62
C THR D 81 59.11 31.15 -21.92
N PRO D 82 58.32 30.79 -22.94
CA PRO D 82 58.89 30.41 -24.25
C PRO D 82 59.33 31.68 -24.98
N ASP D 83 60.41 31.63 -25.75
CA ASP D 83 60.75 32.80 -26.55
C ASP D 83 59.74 32.98 -27.68
N LYS D 84 59.77 34.15 -28.32
CA LYS D 84 58.83 34.41 -29.43
C LYS D 84 58.91 33.43 -30.59
N ALA D 85 60.14 33.09 -30.96
CA ALA D 85 60.41 32.18 -32.07
C ALA D 85 59.65 30.90 -31.85
N PHE D 86 59.66 30.42 -30.61
CA PHE D 86 58.94 29.22 -30.25
C PHE D 86 57.43 29.48 -30.26
N GLN D 87 56.99 30.63 -29.75
CA GLN D 87 55.57 30.97 -29.76
C GLN D 87 55.02 30.99 -31.20
N ASP D 88 55.84 31.45 -32.14
CA ASP D 88 55.52 31.47 -33.57
C ASP D 88 55.25 30.09 -34.16
N LYS D 89 55.85 29.06 -33.59
CA LYS D 89 55.68 27.71 -34.10
C LYS D 89 54.28 27.18 -33.85
N LEU D 90 53.58 27.74 -32.86
CA LEU D 90 52.21 27.33 -32.52
C LEU D 90 51.19 28.40 -32.87
N TYR D 91 49.95 27.96 -33.07
CA TYR D 91 48.86 28.85 -33.43
C TYR D 91 48.52 29.80 -32.28
N PRO D 92 48.35 31.11 -32.56
CA PRO D 92 47.99 32.08 -31.52
C PRO D 92 46.76 31.71 -30.65
N PHE D 93 45.70 31.21 -31.28
CA PHE D 93 44.49 30.78 -30.55
C PHE D 93 44.78 29.74 -29.45
N THR D 94 45.73 28.84 -29.71
CA THR D 94 46.04 27.81 -28.73
C THR D 94 46.77 28.47 -27.57
N TRP D 95 47.63 29.44 -27.86
CA TRP D 95 48.24 30.22 -26.78
C TRP D 95 47.17 31.00 -26.01
N ASP D 96 46.24 31.60 -26.74
CA ASP D 96 45.08 32.26 -26.14
C ASP D 96 44.37 31.37 -25.14
N ALA D 97 44.18 30.10 -25.52
CA ALA D 97 43.47 29.16 -24.66
C ALA D 97 44.16 28.96 -23.30
N VAL D 98 45.49 29.09 -23.28
CA VAL D 98 46.29 28.82 -22.08
C VAL D 98 46.75 30.13 -21.41
N ARG D 99 45.96 31.18 -21.60
CA ARG D 99 46.30 32.51 -21.06
C ARG D 99 45.34 32.86 -19.94
N TYR D 100 45.91 33.24 -18.80
CA TYR D 100 45.13 33.64 -17.64
C TYR D 100 45.76 34.88 -17.02
N ASN D 101 44.93 35.91 -16.86
CA ASN D 101 45.33 37.20 -16.32
C ASN D 101 46.64 37.70 -16.93
N GLY D 102 46.71 37.68 -18.27
CA GLY D 102 47.88 38.18 -18.97
C GLY D 102 49.15 37.35 -18.91
N LYS D 103 49.07 36.11 -18.43
CA LYS D 103 50.24 35.25 -18.34
C LYS D 103 49.99 33.92 -19.08
N LEU D 104 51.04 33.35 -19.65
CA LEU D 104 50.98 31.99 -20.16
C LEU D 104 51.29 30.98 -19.05
N ILE D 105 50.34 30.07 -18.83
CA ILE D 105 50.40 29.16 -17.68
C ILE D 105 50.48 27.70 -18.09
N ALA D 106 50.55 27.43 -19.40
CA ALA D 106 50.69 26.06 -19.88
C ALA D 106 51.11 26.07 -21.35
N TYR D 107 51.67 24.96 -21.80
CA TYR D 107 51.93 24.77 -23.22
C TYR D 107 50.71 24.14 -23.88
N PRO D 108 50.18 24.77 -24.95
CA PRO D 108 49.08 24.12 -25.67
C PRO D 108 49.59 23.02 -26.58
N ILE D 109 48.87 21.91 -26.66
CA ILE D 109 49.31 20.75 -27.42
C ILE D 109 48.45 20.50 -28.65
N ALA D 110 47.14 20.41 -28.44
CA ALA D 110 46.20 20.08 -29.51
C ALA D 110 44.78 20.52 -29.21
N VAL D 111 44.06 20.85 -30.28
CA VAL D 111 42.64 21.20 -30.23
C VAL D 111 41.76 19.96 -30.35
N GLU D 112 40.83 19.83 -29.40
CA GLU D 112 39.90 18.72 -29.32
C GLU D 112 38.49 19.27 -29.48
N ALA D 113 37.67 18.49 -30.19
CA ALA D 113 36.23 18.70 -30.25
C ALA D 113 35.55 17.39 -30.56
N LEU D 114 34.34 17.22 -30.06
CA LEU D 114 33.55 16.03 -30.33
C LEU D 114 33.04 16.08 -31.76
N SER D 115 32.89 14.91 -32.38
CA SER D 115 32.27 14.77 -33.69
C SER D 115 31.29 13.60 -33.68
N LEU D 116 30.39 13.56 -34.66
CA LEU D 116 29.56 12.38 -34.84
C LEU D 116 30.39 11.29 -35.50
N ILE D 117 30.55 10.15 -34.84
CA ILE D 117 31.23 9.01 -35.46
C ILE D 117 30.18 7.98 -35.84
N TYR D 118 30.28 7.46 -37.06
CA TYR D 118 29.24 6.56 -37.57
C TYR D 118 29.73 5.40 -38.40
N ASN D 119 29.04 4.27 -38.24
CA ASN D 119 29.27 3.05 -39.01
C ASN D 119 28.68 3.14 -40.40
N LYS D 120 29.54 3.16 -41.41
CA LYS D 120 29.11 3.27 -42.80
C LYS D 120 28.32 2.07 -43.31
N ASP D 121 28.62 0.89 -42.78
CA ASP D 121 27.92 -0.32 -43.22
C ASP D 121 26.48 -0.35 -42.71
N LEU D 122 26.29 -0.07 -41.43
CA LEU D 122 24.94 0.00 -40.87
C LEU D 122 24.18 1.24 -41.31
N LEU D 123 24.93 2.31 -41.59
CA LEU D 123 24.32 3.60 -41.87
C LEU D 123 25.23 4.38 -42.81
N PRO D 124 25.07 4.18 -44.13
CA PRO D 124 25.91 4.87 -45.11
C PRO D 124 25.66 6.37 -45.18
N ASN D 125 24.42 6.78 -44.95
CA ASN D 125 24.07 8.20 -44.86
C ASN D 125 23.66 8.57 -43.44
N PRO D 126 24.56 9.21 -42.68
CA PRO D 126 24.20 9.58 -41.30
C PRO D 126 23.22 10.75 -41.26
N PRO D 127 22.35 10.79 -40.24
CA PRO D 127 21.29 11.79 -40.09
C PRO D 127 21.85 13.18 -39.80
N LYS D 128 21.27 14.19 -40.41
CA LYS D 128 21.73 15.57 -40.22
C LYS D 128 21.12 16.18 -38.98
N THR D 129 20.04 15.57 -38.48
CA THR D 129 19.33 16.10 -37.33
C THR D 129 19.20 15.09 -36.20
N TRP D 130 19.10 15.60 -34.99
CA TRP D 130 18.87 14.80 -33.81
C TRP D 130 17.48 14.20 -33.91
N GLU D 131 16.54 14.99 -34.44
CA GLU D 131 15.14 14.59 -34.56
C GLU D 131 14.96 13.31 -35.38
N GLU D 132 15.86 13.09 -36.34
CA GLU D 132 15.85 11.88 -37.16
C GLU D 132 16.07 10.59 -36.36
N ILE D 133 16.86 10.67 -35.30
CA ILE D 133 17.45 9.51 -34.65
C ILE D 133 16.48 8.44 -34.09
N PRO D 134 15.37 8.85 -33.44
CA PRO D 134 14.39 7.87 -32.95
C PRO D 134 13.79 6.89 -34.00
N ALA D 135 13.47 7.40 -35.19
CA ALA D 135 12.95 6.56 -36.25
C ALA D 135 14.05 5.64 -36.75
N LEU D 136 15.25 6.19 -36.86
CA LEU D 136 16.39 5.41 -37.28
C LEU D 136 16.65 4.33 -36.23
N ASP D 137 16.44 4.66 -34.96
CA ASP D 137 16.62 3.66 -33.92
C ASP D 137 15.60 2.55 -34.08
N LYS D 138 14.35 2.92 -34.35
CA LYS D 138 13.32 1.89 -34.56
C LYS D 138 13.78 0.92 -35.65
N GLU D 139 14.19 1.50 -36.78
CA GLU D 139 14.68 0.68 -37.90
C GLU D 139 15.84 -0.22 -37.49
N LEU D 140 16.83 0.34 -36.81
CA LEU D 140 17.98 -0.47 -36.39
C LEU D 140 17.63 -1.51 -35.32
N LYS D 141 16.68 -1.17 -34.46
CA LYS D 141 16.18 -2.10 -33.43
C LYS D 141 15.52 -3.30 -34.08
N ALA D 142 14.86 -3.08 -35.21
CA ALA D 142 14.26 -4.19 -35.93
C ALA D 142 15.29 -5.27 -36.30
N LYS D 143 16.53 -4.89 -36.60
CA LYS D 143 17.59 -5.87 -36.93
C LYS D 143 18.64 -5.98 -35.80
N GLY D 144 18.16 -5.85 -34.56
CA GLY D 144 18.99 -6.12 -33.39
C GLY D 144 20.13 -5.14 -33.15
N LYS D 145 19.94 -3.88 -33.49
CA LYS D 145 21.00 -2.89 -33.37
C LYS D 145 20.40 -1.61 -32.76
N SER D 146 21.26 -0.66 -32.41
CA SER D 146 20.83 0.65 -31.92
C SER D 146 21.40 1.78 -32.77
N ALA D 147 20.71 2.92 -32.75
CA ALA D 147 21.11 4.08 -33.53
C ALA D 147 22.30 4.77 -32.91
N LEU D 148 22.19 5.11 -31.63
CA LEU D 148 23.18 5.94 -30.95
C LEU D 148 23.46 5.50 -29.52
N MET D 149 24.74 5.46 -29.20
CA MET D 149 25.22 5.23 -27.84
C MET D 149 26.42 6.11 -27.53
N PHE D 150 26.38 6.85 -26.43
CA PHE D 150 27.53 7.63 -26.00
C PHE D 150 27.53 7.88 -24.50
N ASN D 151 28.65 8.40 -24.02
CA ASN D 151 28.87 8.60 -22.58
C ASN D 151 27.94 9.64 -21.96
N LEU D 152 27.02 9.16 -21.12
CA LEU D 152 26.06 10.05 -20.44
C LEU D 152 26.49 10.38 -19.03
N GLN D 153 27.67 9.90 -18.63
CA GLN D 153 28.17 10.12 -17.28
C GLN D 153 29.01 11.38 -17.22
N GLU D 154 29.49 11.84 -18.37
CA GLU D 154 30.29 13.04 -18.40
C GLU D 154 29.53 14.10 -19.24
N PRO D 155 29.25 15.28 -18.64
CA PRO D 155 28.45 16.34 -19.28
C PRO D 155 29.04 16.92 -20.58
N TYR D 156 30.35 16.75 -20.73
CA TYR D 156 31.08 17.09 -21.94
C TYR D 156 30.41 16.59 -23.21
N PHE D 157 29.88 15.37 -23.15
CA PHE D 157 29.35 14.72 -24.33
C PHE D 157 27.92 15.13 -24.69
N THR D 158 27.12 15.50 -23.69
CA THR D 158 25.74 15.91 -23.90
C THR D 158 25.63 17.42 -24.11
N TRP D 159 26.65 18.15 -23.67
CA TRP D 159 26.63 19.60 -23.74
C TRP D 159 26.42 20.16 -25.16
N PRO D 160 26.99 19.53 -26.19
CA PRO D 160 26.75 20.05 -27.54
C PRO D 160 25.26 20.16 -27.87
N LEU D 161 24.50 19.17 -27.42
CA LEU D 161 23.04 19.20 -27.55
C LEU D 161 22.40 20.26 -26.67
N ILE D 162 22.81 20.35 -25.41
CA ILE D 162 22.27 21.34 -24.48
C ILE D 162 22.49 22.79 -24.94
N ALA D 163 23.69 23.07 -25.40
CA ALA D 163 24.07 24.40 -25.88
C ALA D 163 23.40 24.76 -27.20
N ALA D 164 22.96 23.75 -27.94
CA ALA D 164 22.45 23.94 -29.29
C ALA D 164 21.37 25.03 -29.40
N ASP D 165 20.32 24.93 -28.58
CA ASP D 165 19.22 25.87 -28.70
C ASP D 165 19.38 27.11 -27.80
N GLY D 166 20.54 27.23 -27.14
CA GLY D 166 20.87 28.45 -26.41
C GLY D 166 21.32 28.20 -24.98
N GLY D 167 21.78 27.00 -24.69
CA GLY D 167 22.45 26.75 -23.43
C GLY D 167 23.85 27.33 -23.49
N TYR D 168 24.30 27.86 -22.36
CA TYR D 168 25.68 28.32 -22.22
C TYR D 168 26.17 28.19 -20.80
N ALA D 169 27.49 28.29 -20.65
CA ALA D 169 28.17 28.13 -19.36
C ALA D 169 28.05 29.46 -18.64
N PHE D 170 28.82 30.44 -19.09
CA PHE D 170 28.76 31.78 -18.52
C PHE D 170 28.67 32.68 -19.72
N LYS D 171 27.90 33.75 -19.62
CA LYS D 171 27.68 34.56 -20.80
C LYS D 171 28.91 35.40 -21.11
N TYR D 172 29.45 35.11 -22.29
CA TYR D 172 30.56 35.84 -22.89
C TYR D 172 30.17 37.08 -23.70
N GLU D 173 30.53 38.25 -23.21
CA GLU D 173 30.13 39.51 -23.85
C GLU D 173 31.19 40.57 -23.66
N ASN D 174 31.49 41.26 -24.74
CA ASN D 174 32.47 42.33 -24.75
C ASN D 174 33.80 41.85 -24.19
N GLY D 175 34.25 40.67 -24.61
CA GLY D 175 35.55 40.23 -24.14
C GLY D 175 35.64 39.72 -22.72
N LYS D 176 34.52 39.50 -22.04
CA LYS D 176 34.57 39.05 -20.65
C LYS D 176 33.46 38.05 -20.30
N TYR D 177 33.71 37.22 -19.28
CA TYR D 177 32.67 36.37 -18.72
C TYR D 177 31.82 36.95 -17.60
N ASP D 178 30.49 36.84 -17.65
CA ASP D 178 29.72 37.27 -16.48
C ASP D 178 29.53 36.02 -15.59
N ILE D 179 30.20 35.94 -14.43
CA ILE D 179 30.21 34.67 -13.69
C ILE D 179 28.90 34.39 -12.95
N LYS D 180 28.03 35.40 -12.89
CA LYS D 180 26.70 35.23 -12.31
C LYS D 180 25.62 35.00 -13.36
N ASP D 181 25.92 35.35 -14.61
CA ASP D 181 25.02 35.07 -15.72
C ASP D 181 25.35 33.68 -16.27
N VAL D 182 24.63 32.68 -15.76
CA VAL D 182 24.79 31.29 -16.17
C VAL D 182 23.62 30.82 -17.02
N GLY D 183 23.92 30.16 -18.13
CA GLY D 183 22.91 29.71 -19.08
C GLY D 183 22.51 28.25 -19.08
N VAL D 184 22.42 27.61 -17.92
CA VAL D 184 22.04 26.19 -17.85
C VAL D 184 20.52 25.92 -17.72
N ASP D 185 19.74 26.93 -17.31
CA ASP D 185 18.31 26.74 -17.01
C ASP D 185 17.43 27.54 -17.96
N ASN D 186 17.93 27.86 -19.14
CA ASN D 186 17.11 28.55 -20.13
C ASN D 186 16.35 27.55 -21.01
N ALA D 187 15.39 28.08 -21.76
CA ALA D 187 14.52 27.25 -22.57
C ALA D 187 15.29 26.35 -23.54
N GLY D 188 16.40 26.85 -24.09
CA GLY D 188 17.20 26.06 -25.00
C GLY D 188 17.90 24.85 -24.40
N ALA D 189 18.43 25.03 -23.19
CA ALA D 189 19.10 23.93 -22.50
C ALA D 189 18.06 22.92 -22.07
N LYS D 190 16.95 23.41 -21.56
CA LYS D 190 15.84 22.55 -21.19
C LYS D 190 15.36 21.77 -22.40
N ALA D 191 15.26 22.44 -23.54
CA ALA D 191 14.82 21.76 -24.76
C ALA D 191 15.78 20.63 -25.14
N GLY D 192 17.08 20.94 -25.16
CA GLY D 192 18.08 19.95 -25.48
C GLY D 192 18.12 18.74 -24.54
N LEU D 193 18.06 19.03 -23.24
CA LEU D 193 18.12 17.96 -22.26
C LEU D 193 16.81 17.18 -22.29
N THR D 194 15.69 17.87 -22.41
CA THR D 194 14.39 17.21 -22.60
C THR D 194 14.43 16.26 -23.80
N PHE D 195 15.06 16.67 -24.89
CA PHE D 195 15.19 15.77 -26.04
C PHE D 195 16.00 14.53 -25.64
N LEU D 196 17.10 14.77 -24.95
CA LEU D 196 17.91 13.64 -24.47
C LEU D 196 17.08 12.71 -23.58
N VAL D 197 16.37 13.27 -22.61
CA VAL D 197 15.56 12.46 -21.69
C VAL D 197 14.42 11.74 -22.42
N ASP D 198 13.87 12.36 -23.46
CA ASP D 198 12.84 11.69 -24.24
C ASP D 198 13.42 10.49 -25.00
N LEU D 199 14.62 10.62 -25.56
CA LEU D 199 15.25 9.43 -26.17
C LEU D 199 15.33 8.24 -25.21
N ILE D 200 15.65 8.50 -23.95
CA ILE D 200 15.76 7.45 -22.94
C ILE D 200 14.39 6.95 -22.54
N LYS D 201 13.47 7.89 -22.34
CA LYS D 201 12.08 7.57 -22.07
C LYS D 201 11.52 6.61 -23.12
N ASN D 202 11.77 6.92 -24.39
CA ASN D 202 11.29 6.10 -25.51
C ASN D 202 12.20 4.93 -25.85
N LYS D 203 13.17 4.67 -24.97
CA LYS D 203 14.03 3.48 -25.05
C LYS D 203 14.91 3.41 -26.31
N HIS D 204 15.32 4.56 -26.82
CA HIS D 204 16.33 4.64 -27.88
C HIS D 204 17.75 4.69 -27.32
N MET D 205 17.84 5.09 -26.06
CA MET D 205 19.09 5.06 -25.30
C MET D 205 18.90 4.60 -23.86
N ASN D 206 20.00 4.23 -23.20
CA ASN D 206 19.97 3.84 -21.80
C ASN D 206 20.74 4.90 -21.00
N ALA D 207 20.15 5.26 -19.86
CA ALA D 207 20.66 6.33 -18.99
C ALA D 207 22.02 6.05 -18.38
N ASP D 208 22.29 4.76 -18.18
CA ASP D 208 23.50 4.28 -17.53
C ASP D 208 24.71 4.18 -18.46
N THR D 209 24.52 4.52 -19.74
CA THR D 209 25.60 4.40 -20.71
C THR D 209 26.76 5.32 -20.35
N ASP D 210 27.94 4.71 -20.34
CA ASP D 210 29.19 5.38 -20.03
C ASP D 210 30.19 5.23 -21.17
N TYR D 211 31.41 5.73 -20.99
CA TYR D 211 32.43 5.69 -22.04
C TYR D 211 32.72 4.30 -22.62
N SER D 212 32.96 3.34 -21.73
CA SER D 212 33.37 2.00 -22.15
C SER D 212 32.25 1.23 -22.84
N ILE D 213 31.02 1.41 -22.35
CA ILE D 213 29.87 0.74 -22.95
C ILE D 213 29.63 1.27 -24.36
N ALA D 214 29.59 2.60 -24.49
CA ALA D 214 29.43 3.23 -25.79
C ALA D 214 30.54 2.81 -26.73
N GLU D 215 31.76 2.80 -26.23
CA GLU D 215 32.90 2.42 -27.05
C GLU D 215 32.78 0.97 -27.53
N HIS D 216 32.52 0.07 -26.60
CA HIS D 216 32.36 -1.34 -26.94
C HIS D 216 31.26 -1.48 -28.01
N ALA D 217 30.15 -0.79 -27.75
CA ALA D 217 28.99 -0.88 -28.62
C ALA D 217 29.33 -0.44 -30.03
N PHE D 218 29.95 0.73 -30.17
CA PHE D 218 30.28 1.18 -31.52
C PHE D 218 31.36 0.31 -32.16
N ASN D 219 32.40 -0.03 -31.41
CA ASN D 219 33.50 -0.81 -31.97
C ASN D 219 33.16 -2.25 -32.29
N HIS D 220 32.10 -2.79 -31.70
CA HIS D 220 31.62 -4.12 -32.08
C HIS D 220 30.46 -4.11 -33.09
N GLY D 221 30.07 -2.93 -33.56
CA GLY D 221 29.06 -2.79 -34.59
C GLY D 221 27.64 -2.98 -34.11
N GLU D 222 27.47 -2.86 -32.80
CA GLU D 222 26.17 -3.05 -32.16
C GLU D 222 25.32 -1.78 -32.24
N THR D 223 25.99 -0.64 -32.39
CA THR D 223 25.32 0.65 -32.55
C THR D 223 25.83 1.41 -33.76
N ALA D 224 24.94 2.13 -34.44
CA ALA D 224 25.28 2.81 -35.69
C ALA D 224 26.08 4.09 -35.51
N MET D 225 25.92 4.77 -34.38
CA MET D 225 26.62 6.02 -34.14
C MET D 225 27.15 6.13 -32.72
N THR D 226 28.15 6.99 -32.57
CA THR D 226 28.60 7.42 -31.26
C THR D 226 29.13 8.84 -31.36
N ILE D 227 29.36 9.46 -30.20
CA ILE D 227 29.91 10.81 -30.14
C ILE D 227 31.18 10.74 -29.32
N ASN D 228 32.31 11.11 -29.93
CA ASN D 228 33.58 11.05 -29.23
C ASN D 228 34.63 11.95 -29.88
N GLY D 229 35.83 11.97 -29.29
CA GLY D 229 36.93 12.77 -29.78
C GLY D 229 38.00 11.96 -30.48
N PRO D 230 39.02 12.65 -31.02
CA PRO D 230 40.12 12.03 -31.78
C PRO D 230 40.79 10.85 -31.08
N TRP D 231 41.05 11.00 -29.79
CA TRP D 231 41.65 9.94 -28.99
C TRP D 231 40.95 8.60 -29.20
N ALA D 232 39.64 8.65 -29.44
CA ALA D 232 38.86 7.43 -29.62
C ALA D 232 39.11 6.67 -30.92
N TRP D 233 39.65 7.33 -31.96
CA TRP D 233 39.73 6.69 -33.27
C TRP D 233 40.62 5.45 -33.40
N SER D 234 41.75 5.43 -32.68
CA SER D 234 42.73 4.34 -32.77
C SER D 234 42.12 2.99 -32.49
N ASN D 235 41.31 2.94 -31.45
CA ASN D 235 40.64 1.71 -31.07
C ASN D 235 39.62 1.35 -32.12
N ILE D 236 39.05 2.34 -32.81
CA ILE D 236 38.09 2.02 -33.85
C ILE D 236 38.83 1.39 -35.02
N ASP D 237 39.98 1.98 -35.37
CA ASP D 237 40.86 1.43 -36.40
C ASP D 237 41.13 -0.04 -36.12
N THR D 238 41.43 -0.35 -34.87
CA THR D 238 41.71 -1.71 -34.45
C THR D 238 40.49 -2.62 -34.60
N SER D 239 39.29 -2.07 -34.41
CA SER D 239 38.07 -2.86 -34.50
C SER D 239 37.72 -3.23 -35.94
N LYS D 240 38.37 -2.54 -36.87
CA LYS D 240 38.13 -2.74 -38.30
C LYS D 240 36.69 -2.42 -38.68
N VAL D 241 36.02 -1.59 -37.88
CA VAL D 241 34.71 -1.10 -38.26
C VAL D 241 34.92 -0.03 -39.32
N ASN D 242 34.14 -0.10 -40.39
CA ASN D 242 34.20 0.91 -41.44
C ASN D 242 33.45 2.13 -40.97
N TYR D 243 34.18 3.15 -40.52
CA TYR D 243 33.55 4.30 -39.89
C TYR D 243 33.93 5.64 -40.51
N GLY D 244 33.04 6.60 -40.32
CA GLY D 244 33.27 7.98 -40.72
C GLY D 244 33.11 8.93 -39.56
N VAL D 245 33.86 10.02 -39.60
CA VAL D 245 33.75 11.10 -38.63
C VAL D 245 33.14 12.33 -39.29
N THR D 246 32.02 12.79 -38.76
CA THR D 246 31.26 13.86 -39.40
C THR D 246 30.76 14.89 -38.39
N VAL D 247 30.10 15.91 -38.93
CA VAL D 247 29.49 16.97 -38.14
C VAL D 247 28.41 16.41 -37.22
N LEU D 248 28.32 16.95 -36.02
CA LEU D 248 27.28 16.55 -35.08
C LEU D 248 25.93 16.95 -35.65
N PRO D 249 24.87 16.20 -35.30
CA PRO D 249 23.55 16.54 -35.85
C PRO D 249 23.04 17.87 -35.34
N THR D 250 22.23 18.55 -36.14
CA THR D 250 21.61 19.79 -35.72
C THR D 250 20.46 19.44 -34.76
N PHE D 251 20.05 20.43 -33.98
CA PHE D 251 18.88 20.34 -33.12
C PHE D 251 18.06 21.61 -33.34
N LYS D 252 16.81 21.47 -33.76
CA LYS D 252 15.97 22.61 -34.06
C LYS D 252 16.60 23.50 -35.14
N GLY D 253 17.23 22.87 -36.13
CA GLY D 253 17.83 23.62 -37.23
C GLY D 253 19.14 24.28 -36.87
N GLN D 254 19.53 24.19 -35.60
CA GLN D 254 20.75 24.80 -35.11
C GLN D 254 21.86 23.77 -34.87
N PRO D 255 23.13 24.17 -35.08
CA PRO D 255 24.24 23.22 -34.92
C PRO D 255 24.51 22.85 -33.47
N SER D 256 24.92 21.60 -33.25
CA SER D 256 25.40 21.20 -31.93
C SER D 256 26.60 22.06 -31.61
N LYS D 257 26.71 22.49 -30.35
CA LYS D 257 27.76 23.41 -29.95
C LYS D 257 28.67 22.75 -28.93
N PRO D 258 29.65 21.95 -29.40
CA PRO D 258 30.55 21.32 -28.44
C PRO D 258 31.57 22.27 -27.84
N PHE D 259 31.90 22.10 -26.56
CA PHE D 259 32.98 22.87 -26.00
C PHE D 259 34.28 22.39 -26.62
N VAL D 260 35.04 23.32 -27.19
CA VAL D 260 36.36 23.04 -27.74
C VAL D 260 37.39 23.02 -26.63
N GLY D 261 38.17 21.93 -26.54
CA GLY D 261 39.22 21.85 -25.54
C GLY D 261 40.59 21.87 -26.18
N VAL D 262 41.55 22.52 -25.54
CA VAL D 262 42.93 22.50 -25.99
C VAL D 262 43.73 21.74 -24.95
N LEU D 263 44.17 20.55 -25.32
CA LEU D 263 45.06 19.77 -24.46
C LEU D 263 46.30 20.57 -24.17
N SER D 264 46.55 20.76 -22.88
CA SER D 264 47.61 21.63 -22.39
C SER D 264 48.45 20.90 -21.37
N ALA D 265 49.71 21.33 -21.26
CA ALA D 265 50.66 20.79 -20.29
C ALA D 265 51.14 21.91 -19.40
N GLY D 266 50.79 21.83 -18.13
CA GLY D 266 51.23 22.79 -17.14
C GLY D 266 52.38 22.27 -16.31
N ILE D 267 53.17 23.21 -15.78
CA ILE D 267 54.31 22.89 -14.93
C ILE D 267 53.99 23.23 -13.48
N ASN D 268 54.06 22.22 -12.62
CA ASN D 268 53.85 22.39 -11.19
C ASN D 268 54.72 23.51 -10.66
N ALA D 269 54.09 24.44 -9.93
CA ALA D 269 54.81 25.53 -9.30
C ALA D 269 55.85 25.02 -8.30
N ALA D 270 55.60 23.83 -7.73
CA ALA D 270 56.49 23.24 -6.74
C ALA D 270 57.58 22.34 -7.33
N SER D 271 57.60 22.18 -8.65
CA SER D 271 58.61 21.33 -9.29
C SER D 271 60.01 21.95 -9.18
N PRO D 272 61.03 21.16 -8.79
CA PRO D 272 62.42 21.64 -8.87
C PRO D 272 63.05 21.35 -10.23
N ASN D 273 62.22 20.94 -11.19
CA ASN D 273 62.69 20.52 -12.51
C ASN D 273 62.02 21.32 -13.61
N LYS D 274 61.79 22.60 -13.33
CA LYS D 274 60.99 23.46 -14.19
C LYS D 274 61.68 23.62 -15.57
N GLU D 275 63.01 23.73 -15.53
CA GLU D 275 63.84 23.76 -16.76
C GLU D 275 63.86 22.46 -17.57
N LEU D 276 64.04 21.31 -16.91
CA LEU D 276 63.95 20.03 -17.57
C LEU D 276 62.57 19.88 -18.19
N ALA D 277 61.55 20.36 -17.48
CA ALA D 277 60.17 20.29 -17.96
C ALA D 277 60.04 21.15 -19.21
N LYS D 278 60.60 22.36 -19.14
CA LYS D 278 60.59 23.26 -20.30
C LYS D 278 61.31 22.64 -21.49
N GLU D 279 62.50 22.08 -21.25
CA GLU D 279 63.28 21.41 -22.28
C GLU D 279 62.48 20.28 -22.91
N PHE D 280 61.93 19.42 -22.06
CA PHE D 280 61.13 18.29 -22.51
C PHE D 280 59.97 18.75 -23.37
N LEU D 281 59.20 19.70 -22.87
CA LEU D 281 58.00 20.14 -23.56
C LEU D 281 58.34 20.84 -24.87
N GLU D 282 59.24 21.82 -24.82
CA GLU D 282 59.56 22.60 -26.00
C GLU D 282 60.36 21.83 -27.04
N ASN D 283 61.41 21.12 -26.60
CA ASN D 283 62.37 20.54 -27.54
C ASN D 283 62.21 19.05 -27.82
N TYR D 284 61.30 18.39 -27.11
CA TYR D 284 61.10 16.95 -27.30
C TYR D 284 59.66 16.62 -27.64
N LEU D 285 58.73 17.06 -26.81
CA LEU D 285 57.31 16.81 -27.07
C LEU D 285 56.73 17.65 -28.22
N LEU D 286 56.83 18.97 -28.13
CA LEU D 286 56.21 19.83 -29.14
C LEU D 286 57.11 19.92 -30.37
N THR D 287 57.38 18.76 -30.94
CA THR D 287 58.08 18.62 -32.21
C THR D 287 57.36 17.60 -33.07
N ASP D 288 57.71 17.55 -34.34
CA ASP D 288 57.14 16.56 -35.24
C ASP D 288 57.33 15.15 -34.69
N GLU D 289 58.53 14.85 -34.20
CA GLU D 289 58.79 13.49 -33.74
C GLU D 289 58.02 13.15 -32.46
N GLY D 290 57.94 14.09 -31.53
CA GLY D 290 57.20 13.86 -30.30
C GLY D 290 55.69 13.73 -30.50
N LEU D 291 55.13 14.74 -31.16
CA LEU D 291 53.71 14.72 -31.43
C LEU D 291 53.36 13.57 -32.37
N GLU D 292 54.27 13.22 -33.27
CA GLU D 292 53.99 12.06 -34.10
C GLU D 292 53.92 10.78 -33.27
N ALA D 293 54.85 10.61 -32.33
CA ALA D 293 54.82 9.42 -31.48
C ALA D 293 53.53 9.34 -30.65
N VAL D 294 53.11 10.49 -30.12
CA VAL D 294 51.89 10.52 -29.33
C VAL D 294 50.66 10.34 -30.22
N ASN D 295 50.62 11.05 -31.34
CA ASN D 295 49.48 10.94 -32.24
C ASN D 295 49.35 9.51 -32.78
N LYS D 296 50.48 8.86 -33.05
CA LYS D 296 50.47 7.45 -33.44
C LYS D 296 49.84 6.59 -32.35
N ASP D 297 50.14 6.88 -31.09
CA ASP D 297 49.50 6.12 -30.00
C ASP D 297 47.96 6.33 -30.01
N LYS D 298 47.51 7.53 -29.67
CA LYS D 298 46.10 7.98 -29.70
C LYS D 298 46.05 9.37 -30.34
N PRO D 299 45.23 9.55 -31.38
CA PRO D 299 45.18 10.84 -32.09
C PRO D 299 44.91 12.02 -31.16
N LEU D 300 45.71 13.06 -31.34
CA LEU D 300 45.63 14.25 -30.52
C LEU D 300 44.55 15.20 -31.00
N GLY D 301 44.15 15.05 -32.26
CA GLY D 301 43.25 15.99 -32.90
C GLY D 301 44.00 16.97 -33.78
N ALA D 302 43.65 18.25 -33.68
CA ALA D 302 44.33 19.28 -34.46
C ALA D 302 45.45 19.87 -33.61
N VAL D 303 46.67 19.42 -33.87
CA VAL D 303 47.82 19.80 -33.04
C VAL D 303 48.14 21.30 -33.12
N ALA D 304 48.64 21.84 -32.02
CA ALA D 304 48.98 23.25 -31.95
C ALA D 304 50.20 23.60 -32.80
N LEU D 305 51.09 22.64 -32.98
CA LEU D 305 52.29 22.82 -33.81
C LEU D 305 51.97 22.88 -35.30
N LYS D 306 52.18 24.05 -35.89
CA LYS D 306 51.85 24.32 -37.29
C LYS D 306 52.42 23.29 -38.27
N SER D 307 53.70 22.99 -38.12
CA SER D 307 54.43 22.12 -39.05
C SER D 307 53.74 20.77 -39.14
N TYR D 308 53.35 20.20 -38.00
CA TYR D 308 52.69 18.91 -37.97
C TYR D 308 51.19 19.04 -38.30
N GLU D 309 50.60 20.20 -37.99
CA GLU D 309 49.20 20.43 -38.35
C GLU D 309 48.98 20.47 -39.85
N GLU D 310 49.86 21.11 -40.59
CA GLU D 310 49.72 21.09 -42.04
C GLU D 310 49.82 19.63 -42.49
N GLU D 311 50.73 18.88 -41.89
CA GLU D 311 50.88 17.46 -42.22
C GLU D 311 49.63 16.63 -41.88
N LEU D 312 48.90 16.98 -40.82
CA LEU D 312 47.73 16.18 -40.44
C LEU D 312 46.41 16.75 -40.98
N ALA D 313 46.44 17.98 -41.49
CA ALA D 313 45.21 18.67 -41.89
C ALA D 313 44.46 17.98 -43.04
N LYS D 314 45.17 17.19 -43.84
CA LYS D 314 44.55 16.45 -44.94
C LYS D 314 43.48 15.47 -44.46
N ASP D 315 43.75 14.82 -43.33
CA ASP D 315 42.81 13.88 -42.72
C ASP D 315 41.40 14.46 -42.63
N PRO D 316 40.41 13.84 -43.30
CA PRO D 316 39.05 14.36 -43.27
C PRO D 316 38.40 14.24 -41.88
N ARG D 317 38.97 13.38 -41.04
CA ARG D 317 38.55 13.26 -39.66
C ARG D 317 38.93 14.53 -38.91
N ILE D 318 40.13 15.04 -39.17
CA ILE D 318 40.53 16.31 -38.55
C ILE D 318 39.68 17.45 -39.11
N ALA D 319 39.41 17.44 -40.40
CA ALA D 319 38.55 18.46 -40.99
C ALA D 319 37.18 18.48 -40.32
N ALA D 320 36.64 17.29 -40.04
CA ALA D 320 35.36 17.21 -39.36
C ALA D 320 35.46 17.65 -37.89
N THR D 321 36.57 17.26 -37.25
CA THR D 321 36.87 17.73 -35.90
C THR D 321 36.84 19.24 -35.87
N MET D 322 37.52 19.86 -36.83
CA MET D 322 37.61 21.33 -36.89
C MET D 322 36.31 21.99 -37.31
N GLU D 323 35.51 21.30 -38.11
CA GLU D 323 34.19 21.84 -38.46
C GLU D 323 33.34 21.90 -37.19
N ASN D 324 33.38 20.84 -36.40
CA ASN D 324 32.64 20.83 -35.15
C ASN D 324 33.23 21.83 -34.16
N ALA D 325 34.57 21.91 -34.08
CA ALA D 325 35.19 22.93 -33.24
C ALA D 325 34.70 24.33 -33.64
N GLN D 326 34.70 24.59 -34.94
CA GLN D 326 34.17 25.86 -35.47
C GLN D 326 32.73 26.16 -35.07
N LYS D 327 31.82 25.18 -35.16
CA LYS D 327 30.42 25.49 -34.82
C LYS D 327 30.17 25.62 -33.32
N GLY D 328 31.11 25.16 -32.50
CA GLY D 328 30.97 25.29 -31.05
C GLY D 328 31.73 26.51 -30.53
N GLU D 329 32.01 26.50 -29.23
CA GLU D 329 32.72 27.58 -28.52
C GLU D 329 33.89 26.98 -27.78
N ILE D 330 34.99 27.73 -27.71
CA ILE D 330 36.12 27.33 -26.88
C ILE D 330 35.74 27.48 -25.41
N MET D 331 36.16 26.50 -24.62
CA MET D 331 35.92 26.54 -23.18
C MET D 331 36.64 27.72 -22.56
N PRO D 332 35.95 28.42 -21.63
CA PRO D 332 36.62 29.35 -20.71
C PRO D 332 37.60 28.62 -19.81
N ASN D 333 38.60 29.35 -19.32
CA ASN D 333 39.53 28.82 -18.34
C ASN D 333 39.33 29.47 -16.97
N ILE D 334 38.25 30.22 -16.78
CA ILE D 334 38.04 30.90 -15.51
C ILE D 334 37.91 29.86 -14.39
N PRO D 335 38.32 30.24 -13.15
CA PRO D 335 38.26 29.34 -11.99
C PRO D 335 36.90 28.69 -11.73
N GLN D 336 35.82 29.38 -12.12
CA GLN D 336 34.47 28.93 -11.82
C GLN D 336 34.01 27.78 -12.70
N MET D 337 34.84 27.35 -13.65
CA MET D 337 34.45 26.27 -14.55
C MET D 337 34.23 24.87 -13.94
N SER D 338 35.01 24.48 -12.95
CA SER D 338 34.83 23.15 -12.35
C SER D 338 33.51 23.09 -11.62
N ALA D 339 33.15 24.22 -11.04
CA ALA D 339 31.87 24.37 -10.41
C ALA D 339 30.79 24.23 -11.48
N PHE D 340 31.02 24.81 -12.65
CA PHE D 340 30.06 24.65 -13.73
C PHE D 340 29.90 23.18 -14.11
N TRP D 341 31.02 22.48 -14.23
CA TRP D 341 31.01 21.08 -14.60
C TRP D 341 30.41 20.12 -13.58
N TYR D 342 30.74 20.31 -12.30
CA TYR D 342 30.15 19.50 -11.24
C TYR D 342 28.63 19.62 -11.26
N ALA D 343 28.16 20.86 -11.38
CA ALA D 343 26.73 21.14 -11.35
C ALA D 343 26.00 20.41 -12.48
N VAL D 344 26.53 20.53 -13.69
CA VAL D 344 25.95 19.94 -14.88
C VAL D 344 26.06 18.40 -14.91
N ARG D 345 27.19 17.86 -14.47
CA ARG D 345 27.34 16.41 -14.43
C ARG D 345 26.20 15.79 -13.65
N THR D 346 25.95 16.33 -12.47
CA THR D 346 24.93 15.79 -11.60
C THR D 346 23.54 15.97 -12.23
N ALA D 347 23.30 17.12 -12.85
CA ALA D 347 22.01 17.39 -13.47
C ALA D 347 21.69 16.43 -14.60
N VAL D 348 22.64 16.22 -15.49
CA VAL D 348 22.44 15.31 -16.62
C VAL D 348 22.24 13.86 -16.17
N ILE D 349 23.02 13.42 -15.19
CA ILE D 349 22.94 12.05 -14.67
C ILE D 349 21.60 11.77 -14.00
N ASN D 350 21.16 12.70 -13.18
CA ASN D 350 19.90 12.52 -12.45
C ASN D 350 18.69 12.58 -13.36
N ALA D 351 18.73 13.46 -14.35
CA ALA D 351 17.68 13.57 -15.32
C ALA D 351 17.66 12.32 -16.22
N ALA D 352 18.81 11.85 -16.66
CA ALA D 352 18.81 10.64 -17.48
C ALA D 352 18.31 9.43 -16.68
N SER D 353 18.59 9.42 -15.38
CA SER D 353 18.15 8.34 -14.50
C SER D 353 16.68 8.48 -14.10
N GLY D 354 16.12 9.68 -14.25
CA GLY D 354 14.77 9.93 -13.77
C GLY D 354 14.73 10.28 -12.30
N ARG D 355 15.89 10.56 -11.72
CA ARG D 355 15.98 10.89 -10.30
C ARG D 355 15.43 12.28 -10.11
N GLN D 356 15.63 13.12 -11.12
CA GLN D 356 15.11 14.49 -11.11
C GLN D 356 14.53 14.83 -12.47
N THR D 357 13.63 15.81 -12.49
CA THR D 357 13.07 16.29 -13.74
C THR D 357 14.15 17.13 -14.40
N VAL D 358 13.98 17.42 -15.68
CA VAL D 358 14.93 18.24 -16.41
C VAL D 358 14.94 19.65 -15.83
N ASP D 359 13.76 20.17 -15.56
CA ASP D 359 13.60 21.50 -15.00
C ASP D 359 14.28 21.64 -13.64
N ALA D 360 14.00 20.68 -12.75
CA ALA D 360 14.54 20.72 -11.41
C ALA D 360 16.05 20.53 -11.43
N ALA D 361 16.50 19.62 -12.27
CA ALA D 361 17.92 19.34 -12.42
C ALA D 361 18.68 20.55 -12.91
N LEU D 362 18.16 21.20 -13.95
CA LEU D 362 18.90 22.31 -14.52
C LEU D 362 18.77 23.57 -13.66
N ALA D 363 17.63 23.74 -13.01
CA ALA D 363 17.49 24.82 -12.04
C ALA D 363 18.47 24.69 -10.88
N ALA D 364 18.57 23.48 -10.34
CA ALA D 364 19.53 23.27 -9.28
C ALA D 364 20.93 23.46 -9.80
N ALA D 365 21.22 23.00 -11.01
CA ALA D 365 22.54 23.21 -11.57
C ALA D 365 22.90 24.69 -11.74
N GLN D 366 21.93 25.48 -12.22
CA GLN D 366 22.10 26.91 -12.37
C GLN D 366 22.49 27.57 -11.03
N THR D 367 21.70 27.28 -10.00
CA THR D 367 21.98 27.85 -8.67
C THR D 367 23.30 27.35 -8.09
N ASN D 368 23.48 26.04 -8.22
CA ASN D 368 24.67 25.32 -7.79
C ASN D 368 26.00 25.84 -8.35
N ALA D 369 26.10 26.02 -9.66
CA ALA D 369 27.34 26.52 -10.25
C ALA D 369 27.74 27.90 -9.69
N ALA D 370 26.77 28.80 -9.52
CA ALA D 370 27.06 30.15 -9.01
C ALA D 370 27.31 30.24 -7.50
N ALA D 371 27.65 29.14 -6.84
CA ALA D 371 27.64 29.08 -5.37
C ALA D 371 28.97 28.59 -4.78
N PRO D 372 29.90 29.53 -4.50
CA PRO D 372 31.24 29.14 -4.02
C PRO D 372 31.25 28.42 -2.67
N GLY D 373 30.41 28.88 -1.74
CA GLY D 373 30.37 28.32 -0.41
C GLY D 373 29.97 26.85 -0.46
N LEU D 374 29.04 26.55 -1.35
CA LEU D 374 28.59 25.19 -1.57
C LEU D 374 29.72 24.35 -2.15
N HIS D 375 30.43 24.94 -3.11
CA HIS D 375 31.42 24.24 -3.91
C HIS D 375 32.66 23.89 -3.09
N ALA D 376 33.03 24.76 -2.17
CA ALA D 376 34.13 24.45 -1.25
C ALA D 376 33.82 23.21 -0.39
N ILE D 377 32.63 23.21 0.21
CA ILE D 377 32.20 22.10 1.05
C ILE D 377 32.11 20.82 0.23
N TYR D 378 31.48 20.89 -0.95
CA TYR D 378 31.41 19.72 -1.80
C TYR D 378 32.83 19.24 -2.09
N GLY D 379 33.73 20.19 -2.31
CA GLY D 379 35.12 19.85 -2.51
C GLY D 379 35.68 19.00 -1.39
N GLU D 380 35.49 19.45 -0.15
CA GLU D 380 35.94 18.62 0.99
C GLU D 380 35.26 17.23 0.98
N CYS D 381 33.95 17.20 0.76
CA CYS D 381 33.23 15.94 0.67
C CYS D 381 33.82 15.03 -0.40
N ARG D 382 34.17 15.63 -1.55
CA ARG D 382 34.74 14.89 -2.67
C ARG D 382 36.10 14.34 -2.25
N ARG D 383 36.86 15.14 -1.50
CA ARG D 383 38.14 14.67 -1.00
C ARG D 383 37.90 13.42 -0.16
N LEU D 384 36.92 13.48 0.74
CA LEU D 384 36.61 12.31 1.56
C LEU D 384 36.06 11.12 0.78
N TYR D 385 35.17 11.37 -0.18
CA TYR D 385 34.51 10.28 -0.89
C TYR D 385 34.67 10.45 -2.40
N PRO D 386 35.88 10.19 -2.90
CA PRO D 386 36.09 10.21 -4.36
C PRO D 386 35.25 9.15 -5.04
N ASP D 387 34.97 8.09 -4.30
CA ASP D 387 34.20 6.95 -4.80
C ASP D 387 32.73 7.26 -5.05
N GLN D 388 32.22 8.34 -4.45
CA GLN D 388 30.79 8.68 -4.54
C GLN D 388 30.54 10.07 -5.12
N PRO D 389 30.62 10.20 -6.46
CA PRO D 389 30.40 11.46 -7.18
C PRO D 389 29.01 12.06 -6.99
N ASN D 390 27.98 11.21 -6.94
CA ASN D 390 26.60 11.66 -6.78
C ASN D 390 25.94 11.01 -5.56
N PRO D 391 26.06 11.64 -4.39
CA PRO D 391 25.48 11.00 -3.21
C PRO D 391 23.97 11.19 -3.19
N LEU D 392 23.28 10.37 -2.42
CA LEU D 392 21.88 10.64 -2.15
C LEU D 392 21.79 11.86 -1.25
N GLN D 393 20.86 12.74 -1.59
CA GLN D 393 20.71 14.03 -0.94
C GLN D 393 19.26 14.30 -0.53
N VAL D 394 19.09 14.85 0.66
CA VAL D 394 17.77 15.37 1.07
C VAL D 394 17.76 16.87 0.76
N THR D 395 16.88 17.26 -0.15
CA THR D 395 16.79 18.63 -0.63
C THR D 395 15.45 19.24 -0.24
N ALA D 396 15.48 20.46 0.32
CA ALA D 396 14.24 21.18 0.61
C ALA D 396 13.66 21.73 -0.68
N ILE D 397 12.44 21.32 -1.03
CA ILE D 397 11.81 21.80 -2.27
C ILE D 397 11.60 23.30 -2.22
N VAL D 398 11.19 23.80 -1.05
CA VAL D 398 11.08 25.24 -0.86
C VAL D 398 12.25 25.68 0.00
N LYS D 399 13.13 26.47 -0.61
CA LYS D 399 14.37 26.90 0.02
C LYS D 399 14.13 27.90 1.14
N TYR D 400 15.04 27.91 2.10
CA TYR D 400 14.92 28.76 3.29
C TYR D 400 14.89 30.25 2.95
N ASP D 401 15.49 30.63 1.82
CA ASP D 401 15.53 32.03 1.44
C ASP D 401 14.14 32.55 1.07
N SER D 402 13.23 31.63 0.75
CA SER D 402 11.84 31.97 0.45
C SER D 402 10.95 31.61 1.64
N PHE D 403 11.59 31.33 2.77
CA PHE D 403 10.90 30.95 4.00
C PHE D 403 10.16 29.61 3.92
N GLY D 404 10.82 28.63 3.33
CA GLY D 404 10.45 27.24 3.50
C GLY D 404 10.80 26.85 4.93
N PRO D 405 10.20 25.77 5.44
CA PRO D 405 10.37 25.36 6.83
C PRO D 405 11.80 24.93 7.20
N ASP D 406 12.51 24.35 6.24
CA ASP D 406 13.82 23.75 6.49
C ASP D 406 14.96 24.70 6.14
N PRO D 407 15.82 25.05 7.13
CA PRO D 407 16.92 25.97 6.79
C PRO D 407 18.09 25.35 6.04
N LEU D 408 18.23 24.04 6.08
CA LEU D 408 19.30 23.36 5.36
C LEU D 408 18.86 23.04 3.94
N ASP D 409 19.47 23.70 2.97
CA ASP D 409 19.09 23.53 1.57
C ASP D 409 19.32 22.09 1.14
N TYR D 410 20.46 21.54 1.53
CA TYR D 410 20.80 20.16 1.23
C TYR D 410 21.35 19.44 2.45
N VAL D 411 21.07 18.15 2.50
CA VAL D 411 21.78 17.25 3.40
C VAL D 411 22.28 16.07 2.58
N SER D 412 23.61 15.94 2.49
CA SER D 412 24.21 14.85 1.73
C SER D 412 24.43 13.64 2.62
N MET D 413 24.16 12.46 2.06
CA MET D 413 24.33 11.22 2.81
C MET D 413 25.33 10.30 2.11
N TYR D 414 26.43 10.02 2.80
CA TYR D 414 27.50 9.17 2.27
C TYR D 414 27.59 7.84 3.01
N ARG D 415 28.15 6.86 2.32
CA ARG D 415 28.49 5.58 2.93
C ARG D 415 29.96 5.56 3.28
N ASN D 416 30.25 5.43 4.57
CA ASN D 416 31.62 5.38 5.07
C ASN D 416 31.92 3.95 5.50
N VAL D 417 32.87 3.33 4.80
CA VAL D 417 33.18 1.92 5.01
C VAL D 417 33.88 1.67 6.35
N GLY D 418 34.28 2.74 7.03
CA GLY D 418 34.96 2.60 8.30
C GLY D 418 36.32 1.94 8.14
N SER D 419 36.85 1.41 9.25
CA SER D 419 38.12 0.70 9.24
C SER D 419 37.99 -0.66 9.93
N PRO D 420 38.22 -1.75 9.20
CA PRO D 420 38.15 -3.07 9.86
C PRO D 420 39.24 -3.27 10.90
N SER D 421 40.41 -2.69 10.67
CA SER D 421 41.51 -2.79 11.63
C SER D 421 41.23 -2.06 12.93
N ALA D 422 40.66 -0.86 12.81
CA ALA D 422 40.39 0.03 13.96
C ALA D 422 39.16 -0.24 14.82
N ASN D 423 38.40 -1.29 14.52
CA ASN D 423 37.10 -1.54 15.18
C ASN D 423 36.09 -0.42 14.93
N ILE D 424 36.23 0.23 13.77
CA ILE D 424 35.32 1.29 13.39
C ILE D 424 34.34 0.71 12.38
N PRO D 425 33.05 0.61 12.76
CA PRO D 425 32.06 -0.06 11.91
C PRO D 425 31.69 0.76 10.70
N GLU D 426 31.05 0.12 9.73
CA GLU D 426 30.53 0.80 8.56
C GLU D 426 29.36 1.64 9.03
N HIS D 427 29.20 2.84 8.45
CA HIS D 427 28.18 3.77 8.92
C HIS D 427 27.81 4.78 7.86
N TRP D 428 26.72 5.51 8.10
CA TRP D 428 26.26 6.56 7.21
C TRP D 428 26.73 7.91 7.72
N HIS D 429 27.23 8.73 6.80
CA HIS D 429 27.78 10.03 7.14
C HIS D 429 26.90 11.13 6.52
N TYR D 430 26.20 11.85 7.38
CA TYR D 430 25.33 12.94 6.95
C TYR D 430 26.07 14.27 7.10
N ILE D 431 25.97 15.11 6.07
CA ILE D 431 26.56 16.46 6.10
C ILE D 431 25.52 17.48 5.62
N SER D 432 25.40 18.58 6.36
CA SER D 432 24.39 19.60 6.04
C SER D 432 24.93 20.80 5.28
N PHE D 433 24.04 21.47 4.55
CA PHE D 433 24.35 22.70 3.84
C PHE D 433 23.29 23.76 4.09
N GLY D 434 23.66 24.86 4.74
CA GLY D 434 22.71 25.93 5.03
C GLY D 434 23.10 26.77 6.22
N LEU D 435 23.77 26.17 7.20
CA LEU D 435 24.20 26.91 8.38
C LEU D 435 25.36 27.84 8.06
N SER D 436 26.16 27.47 7.06
CA SER D 436 27.21 28.37 6.56
C SER D 436 26.65 29.20 5.41
N ASP D 437 27.44 30.11 4.87
CA ASP D 437 27.01 30.96 3.77
C ASP D 437 27.39 30.32 2.44
N LEU D 438 26.41 29.68 1.80
CA LEU D 438 26.62 28.98 0.55
C LEU D 438 26.73 29.94 -0.65
N TYR D 439 25.86 30.93 -0.71
CA TYR D 439 25.71 31.75 -1.92
C TYR D 439 26.33 33.14 -1.80
N GLY D 440 26.36 33.70 -0.59
CA GLY D 440 27.05 34.95 -0.35
C GLY D 440 26.37 36.18 -0.92
N ASP D 441 25.12 36.04 -1.35
CA ASP D 441 24.38 37.15 -1.94
C ASP D 441 23.37 37.73 -0.95
N ASN D 442 23.58 37.44 0.33
CA ASN D 442 22.75 38.02 1.38
C ASN D 442 21.30 37.56 1.34
N ARG D 443 21.04 36.42 0.71
CA ARG D 443 19.68 35.87 0.67
C ARG D 443 19.27 35.31 2.04
N VAL D 444 20.24 34.77 2.78
CA VAL D 444 20.00 34.24 4.13
C VAL D 444 20.99 34.79 5.15
N HIS D 445 22.25 34.93 4.73
CA HIS D 445 23.36 35.26 5.64
C HIS D 445 23.99 36.60 5.30
N GLU D 446 24.51 37.30 6.30
CA GLU D 446 25.26 38.53 6.05
C GLU D 446 26.65 38.22 5.51
N PHE D 447 27.01 38.85 4.40
CA PHE D 447 28.32 38.65 3.79
C PHE D 447 29.30 39.61 4.46
N THR D 448 30.30 39.05 5.13
CA THR D 448 31.25 39.79 5.96
C THR D 448 32.67 39.79 5.39
N GLY D 449 32.87 39.08 4.28
CA GLY D 449 34.15 38.95 3.63
C GLY D 449 34.81 37.61 3.91
N THR D 450 36.01 37.42 3.37
CA THR D 450 36.70 36.13 3.45
C THR D 450 37.12 35.78 4.87
N ASP D 451 37.53 36.80 5.61
CA ASP D 451 37.91 36.61 7.00
C ASP D 451 36.67 36.44 7.88
N GLY D 452 36.80 35.62 8.91
CA GLY D 452 35.69 35.34 9.82
C GLY D 452 34.90 34.13 9.40
N PRO D 453 33.92 33.72 10.23
CA PRO D 453 33.17 32.50 9.96
C PRO D 453 32.08 32.71 8.91
N SER D 454 31.92 31.74 8.02
CA SER D 454 30.86 31.75 7.01
C SER D 454 29.53 31.34 7.63
N GLY D 455 28.55 32.23 7.55
CA GLY D 455 27.29 32.04 8.25
C GLY D 455 27.55 31.86 9.73
N PHE D 456 27.02 30.79 10.29
CA PHE D 456 27.29 30.47 11.69
C PHE D 456 28.69 29.88 11.85
N GLY D 457 29.39 29.70 10.73
CA GLY D 457 30.79 29.31 10.74
C GLY D 457 31.01 27.82 10.77
N PHE D 458 29.92 27.06 10.66
CA PHE D 458 30.04 25.61 10.66
C PHE D 458 28.87 24.94 9.95
N GLU D 459 29.07 23.67 9.63
CA GLU D 459 27.97 22.82 9.17
C GLU D 459 27.89 21.59 10.07
N LEU D 460 26.69 21.02 10.14
CA LEU D 460 26.47 19.84 10.95
C LEU D 460 26.78 18.58 10.18
N THR D 461 27.33 17.61 10.90
CA THR D 461 27.50 16.27 10.36
C THR D 461 27.00 15.25 11.38
N PHE D 462 26.77 14.03 10.91
CA PHE D 462 26.29 12.97 11.79
C PHE D 462 26.71 11.59 11.28
N ARG D 463 27.11 10.70 12.18
CA ARG D 463 27.52 9.35 11.79
C ARG D 463 26.61 8.28 12.43
N LEU D 464 25.85 7.59 11.58
CA LEU D 464 24.86 6.62 12.04
C LEU D 464 25.31 5.21 11.69
N LYS D 465 25.49 4.36 12.70
CA LYS D 465 25.94 2.99 12.47
C LYS D 465 25.04 2.29 11.47
N ARG D 466 25.65 1.68 10.45
CA ARG D 466 24.88 0.98 9.42
C ARG D 466 24.48 -0.42 9.87
N GLU D 467 23.18 -0.72 9.74
CA GLU D 467 22.67 -2.06 10.00
C GLU D 467 22.99 -2.91 8.77
N THR D 468 23.10 -4.22 8.96
CA THR D 468 23.51 -5.12 7.89
C THR D 468 22.54 -5.18 6.69
N GLY D 469 21.24 -5.15 6.95
CA GLY D 469 20.27 -5.23 5.87
C GLY D 469 20.08 -3.95 5.08
N GLU D 470 20.68 -2.86 5.55
CA GLU D 470 20.47 -1.53 4.95
C GLU D 470 21.22 -1.25 3.65
N SER D 471 20.47 -1.15 2.56
CA SER D 471 20.99 -0.78 1.25
C SER D 471 21.28 0.73 1.15
N ALA D 472 20.41 1.54 1.76
CA ALA D 472 20.50 2.99 1.64
C ALA D 472 20.40 3.68 3.00
N PRO D 473 20.90 4.92 3.09
CA PRO D 473 20.86 5.65 4.37
C PRO D 473 19.44 6.09 4.76
N PRO D 474 19.04 5.88 6.02
CA PRO D 474 17.74 6.41 6.44
C PRO D 474 17.76 7.93 6.37
N THR D 475 16.59 8.56 6.23
CA THR D 475 16.52 10.01 6.02
C THR D 475 16.22 10.82 7.28
N TRP D 476 15.82 10.15 8.36
CA TRP D 476 15.42 10.85 9.58
C TRP D 476 16.49 11.77 10.20
N PRO D 477 17.78 11.39 10.09
CA PRO D 477 18.80 12.29 10.65
C PRO D 477 18.81 13.66 9.97
N ALA D 478 18.36 13.71 8.73
CA ALA D 478 18.29 14.98 8.01
C ALA D 478 17.28 15.90 8.70
N GLU D 479 16.10 15.38 8.99
CA GLU D 479 15.08 16.16 9.70
C GLU D 479 15.61 16.56 11.07
N LEU D 480 16.31 15.64 11.73
CA LEU D 480 16.95 15.99 13.00
C LEU D 480 17.87 17.22 12.82
N MET D 481 18.72 17.16 11.80
CA MET D 481 19.60 18.29 11.48
C MET D 481 18.80 19.55 11.18
N GLN D 482 17.68 19.40 10.48
CA GLN D 482 16.83 20.54 10.20
C GLN D 482 16.32 21.17 11.50
N GLY D 483 15.92 20.32 12.44
CA GLY D 483 15.48 20.79 13.74
C GLY D 483 16.58 21.57 14.45
N LEU D 484 17.76 20.96 14.56
CA LEU D 484 18.90 21.66 15.16
C LEU D 484 19.19 22.99 14.47
N ALA D 485 19.13 22.99 13.15
CA ALA D 485 19.38 24.22 12.40
C ALA D 485 18.33 25.28 12.73
N ARG D 486 17.07 24.87 12.82
CA ARG D 486 16.02 25.79 13.19
C ARG D 486 16.34 26.37 14.55
N TYR D 487 16.74 25.51 15.49
CA TYR D 487 17.11 26.01 16.81
C TYR D 487 18.20 27.08 16.68
N VAL D 488 19.27 26.74 15.97
CA VAL D 488 20.40 27.66 15.83
C VAL D 488 19.97 29.01 15.25
N PHE D 489 19.22 28.97 14.16
CA PHE D 489 18.77 30.21 13.52
C PHE D 489 17.86 31.02 14.45
N GLN D 490 16.92 30.33 15.09
CA GLN D 490 15.95 31.01 15.93
C GLN D 490 16.61 31.66 17.15
N SER D 491 17.57 30.96 17.77
CA SER D 491 18.20 31.46 18.99
C SER D 491 19.40 32.41 18.82
N GLU D 492 20.00 32.45 17.63
CA GLU D 492 21.27 33.18 17.40
C GLU D 492 22.44 32.57 18.19
N ASN D 493 22.25 31.37 18.72
CA ASN D 493 23.28 30.76 19.55
C ASN D 493 24.15 29.77 18.80
N THR D 494 25.42 30.10 18.69
CA THR D 494 26.38 29.22 18.02
C THR D 494 26.69 27.98 18.85
N PHE D 495 26.90 26.88 18.15
CA PHE D 495 27.29 25.63 18.79
C PHE D 495 28.81 25.57 18.84
N CYS D 496 29.32 24.93 19.88
CA CYS D 496 30.76 24.74 20.03
C CYS D 496 31.00 23.28 20.40
N SER D 497 32.21 22.80 20.17
CA SER D 497 32.57 21.44 20.57
C SER D 497 32.56 21.34 22.09
N GLY D 498 31.88 20.33 22.59
CA GLY D 498 31.76 20.11 24.02
C GLY D 498 30.36 20.42 24.52
N ASP D 499 29.63 21.20 23.73
CA ASP D 499 28.26 21.56 24.07
C ASP D 499 27.36 20.35 24.01
N HIS D 500 26.22 20.44 24.69
CA HIS D 500 25.21 19.38 24.65
C HIS D 500 23.89 19.96 24.20
N VAL D 501 23.00 19.08 23.76
CA VAL D 501 21.68 19.49 23.32
C VAL D 501 20.65 18.51 23.88
N SER D 502 19.81 19.00 24.78
CA SER D 502 18.73 18.18 25.31
C SER D 502 17.57 18.12 24.31
N TRP D 503 17.22 16.91 23.87
CA TRP D 503 16.14 16.68 22.91
C TRP D 503 14.90 16.08 23.57
N HIS D 504 15.13 15.19 24.53
CA HIS D 504 14.06 14.57 25.34
C HIS D 504 13.15 13.64 24.55
N SER D 505 13.64 13.19 23.40
CA SER D 505 12.92 12.23 22.58
C SER D 505 13.92 11.33 21.89
N PRO D 506 13.55 10.06 21.63
CA PRO D 506 14.48 9.25 20.84
C PRO D 506 14.67 9.93 19.49
N LEU D 507 15.91 10.08 19.05
CA LEU D 507 16.22 10.91 17.90
C LEU D 507 15.51 10.41 16.64
N ASP D 508 15.31 9.10 16.57
CA ASP D 508 14.68 8.48 15.40
C ASP D 508 13.21 8.18 15.62
N ASN D 509 12.67 8.66 16.74
CA ASN D 509 11.26 8.46 17.09
C ASN D 509 10.93 6.98 17.28
N SER D 510 11.97 6.18 17.54
CA SER D 510 11.82 4.77 17.85
C SER D 510 11.67 4.55 19.35
N GLU D 511 12.06 3.37 19.83
CA GLU D 511 12.07 3.07 21.25
C GLU D 511 13.45 3.36 21.83
N SER D 512 14.33 3.92 21.00
CA SER D 512 15.74 4.06 21.35
C SER D 512 15.99 4.81 22.65
N ARG D 513 17.04 4.42 23.34
CA ARG D 513 17.42 5.05 24.60
C ARG D 513 18.28 6.30 24.34
N ILE D 514 18.69 6.46 23.09
CA ILE D 514 19.47 7.63 22.68
C ILE D 514 18.53 8.81 22.48
N GLN D 515 18.39 9.64 23.51
CA GLN D 515 17.42 10.73 23.48
C GLN D 515 18.03 12.11 23.52
N HIS D 516 19.35 12.21 23.49
CA HIS D 516 20.02 13.51 23.64
C HIS D 516 21.26 13.56 22.78
N MET D 517 21.87 14.74 22.69
CA MET D 517 22.99 14.97 21.79
C MET D 517 24.13 15.77 22.41
N LEU D 518 25.34 15.34 22.07
CA LEU D 518 26.56 16.10 22.35
C LEU D 518 27.14 16.51 21.01
N LEU D 519 27.97 17.54 21.01
CA LEU D 519 28.56 18.06 19.78
C LEU D 519 30.08 18.00 19.83
N THR D 520 30.68 17.51 18.75
CA THR D 520 32.15 17.39 18.69
C THR D 520 32.67 17.75 17.30
N GLU D 521 33.98 17.94 17.18
CA GLU D 521 34.58 18.16 15.88
C GLU D 521 34.46 16.89 15.07
N ASP D 522 34.08 17.03 13.80
CA ASP D 522 34.02 15.86 12.93
C ASP D 522 35.44 15.30 12.80
N PRO D 523 35.60 13.98 12.97
CA PRO D 523 36.93 13.36 12.96
C PRO D 523 37.62 13.38 11.59
N GLN D 524 36.85 13.46 10.51
CA GLN D 524 37.42 13.43 9.16
C GLN D 524 37.29 14.77 8.42
N MET D 525 36.15 15.43 8.53
CA MET D 525 35.95 16.69 7.82
C MET D 525 36.84 17.76 8.44
N GLN D 526 37.74 18.31 7.62
CA GLN D 526 38.66 19.35 8.07
C GLN D 526 38.11 20.72 7.65
N PRO D 527 38.31 21.76 8.48
CA PRO D 527 37.75 23.08 8.17
C PRO D 527 38.14 23.61 6.79
N VAL D 528 37.29 24.43 6.20
CA VAL D 528 37.49 24.90 4.83
C VAL D 528 37.38 26.41 4.72
N GLN D 529 38.15 26.95 3.79
CA GLN D 529 38.20 28.38 3.52
C GLN D 529 37.42 28.68 2.24
N THR D 530 36.48 29.61 2.33
CA THR D 530 35.64 30.00 1.22
C THR D 530 35.71 31.52 1.14
N PRO D 531 35.35 32.09 -0.02
CA PRO D 531 35.37 33.56 -0.09
C PRO D 531 34.43 34.20 0.93
N PHE D 532 33.51 33.42 1.47
CA PHE D 532 32.49 33.93 2.40
C PHE D 532 32.82 33.69 3.88
N GLY D 533 33.94 33.01 4.16
CA GLY D 533 34.38 32.80 5.52
C GLY D 533 34.97 31.42 5.74
N VAL D 534 35.23 31.08 7.00
CA VAL D 534 35.75 29.75 7.33
C VAL D 534 34.60 28.89 7.80
N VAL D 535 34.59 27.63 7.36
CA VAL D 535 33.55 26.67 7.75
C VAL D 535 34.18 25.47 8.43
N THR D 536 33.76 25.21 9.66
CA THR D 536 34.12 23.99 10.37
C THR D 536 32.95 23.02 10.34
N PHE D 537 33.19 21.81 10.84
CA PHE D 537 32.17 20.76 10.82
C PHE D 537 31.94 20.16 12.19
N LEU D 538 30.73 20.38 12.70
CA LEU D 538 30.35 19.85 14.00
C LEU D 538 29.59 18.57 13.83
N GLN D 539 30.16 17.49 14.34
CA GLN D 539 29.48 16.21 14.35
C GLN D 539 28.58 16.10 15.56
N ILE D 540 27.40 15.55 15.32
CA ILE D 540 26.42 15.28 16.35
C ILE D 540 26.68 13.90 16.92
N VAL D 541 26.54 13.76 18.24
CA VAL D 541 26.71 12.48 18.90
C VAL D 541 25.54 12.16 19.81
N GLY D 542 24.81 11.10 19.48
CA GLY D 542 23.67 10.68 20.28
C GLY D 542 24.13 10.06 21.60
N VAL D 543 23.44 10.40 22.68
CA VAL D 543 23.79 9.91 24.00
C VAL D 543 22.53 9.62 24.82
N CYS D 544 22.71 8.90 25.92
CA CYS D 544 21.61 8.63 26.85
C CYS D 544 21.49 9.76 27.84
N THR D 545 20.37 9.82 28.55
CA THR D 545 20.12 10.92 29.48
C THR D 545 21.19 10.95 30.56
N GLU D 546 21.63 9.77 30.98
CA GLU D 546 22.64 9.65 32.02
C GLU D 546 23.94 10.31 31.58
N GLU D 547 24.30 10.08 30.32
CA GLU D 547 25.52 10.63 29.74
C GLU D 547 25.43 12.14 29.56
N LEU D 548 24.27 12.62 29.14
CA LEU D 548 24.03 14.06 29.07
C LEU D 548 24.20 14.66 30.45
N HIS D 549 23.58 14.05 31.45
CA HIS D 549 23.69 14.57 32.80
C HIS D 549 25.16 14.54 33.24
N SER D 550 25.85 13.44 32.95
CA SER D 550 27.27 13.35 33.31
C SER D 550 28.04 14.48 32.63
N ALA D 551 27.67 14.77 31.38
CA ALA D 551 28.27 15.88 30.65
C ALA D 551 27.98 17.20 31.35
N GLN D 552 26.74 17.37 31.82
CA GLN D 552 26.36 18.58 32.54
C GLN D 552 27.17 18.76 33.83
N GLN D 553 27.17 17.72 34.66
CA GLN D 553 27.87 17.75 35.95
C GLN D 553 29.38 17.89 35.86
N TRP D 554 29.99 17.22 34.88
CA TRP D 554 31.44 17.25 34.72
C TRP D 554 31.83 18.16 33.55
N ASN D 555 32.26 17.57 32.44
CA ASN D 555 32.51 18.32 31.23
C ASN D 555 32.22 17.46 30.00
N GLY D 556 31.73 18.07 28.93
CA GLY D 556 31.31 17.34 27.75
C GLY D 556 32.50 16.61 27.16
N GLN D 557 33.63 17.28 27.16
CA GLN D 557 34.85 16.78 26.54
C GLN D 557 35.25 15.45 27.19
N GLY D 558 35.13 15.40 28.51
CA GLY D 558 35.45 14.19 29.25
C GLY D 558 34.56 13.03 28.84
N ILE D 559 33.25 13.28 28.84
CA ILE D 559 32.28 12.25 28.47
C ILE D 559 32.53 11.82 27.03
N LEU D 560 32.91 12.76 26.18
CA LEU D 560 33.24 12.43 24.80
C LEU D 560 34.43 11.48 24.77
N GLU D 561 35.49 11.81 25.51
CA GLU D 561 36.65 10.93 25.59
C GLU D 561 36.22 9.54 26.08
N LEU D 562 35.42 9.50 27.13
CA LEU D 562 34.88 8.22 27.61
C LEU D 562 34.12 7.48 26.52
N LEU D 563 33.27 8.19 25.78
CA LEU D 563 32.53 7.59 24.67
C LEU D 563 33.51 7.06 23.64
N ARG D 564 34.63 7.75 23.47
CA ARG D 564 35.69 7.27 22.58
C ARG D 564 36.33 5.98 23.13
N THR D 565 36.53 5.91 24.44
CA THR D 565 37.14 4.70 25.03
C THR D 565 36.25 3.45 24.94
N VAL D 566 34.95 3.65 24.69
CA VAL D 566 34.00 2.55 24.58
C VAL D 566 33.51 2.41 23.13
N PRO D 567 33.98 1.38 22.40
CA PRO D 567 33.74 1.33 20.96
C PRO D 567 32.26 1.25 20.54
N ILE D 568 31.46 0.44 21.24
CA ILE D 568 30.05 0.28 20.88
C ILE D 568 29.22 1.55 21.16
N ALA D 569 29.81 2.48 21.91
CA ALA D 569 29.11 3.71 22.30
C ALA D 569 29.54 4.90 21.46
N GLY D 570 30.49 4.69 20.54
CA GLY D 570 31.04 5.77 19.77
C GLY D 570 32.32 5.37 19.07
N GLY D 571 33.32 4.97 19.84
CA GLY D 571 34.61 4.62 19.28
C GLY D 571 35.39 5.85 18.89
N PRO D 572 36.52 5.66 18.19
CA PRO D 572 37.39 6.79 17.83
C PRO D 572 36.65 7.89 17.06
N TRP D 573 35.72 7.52 16.20
CA TRP D 573 34.98 8.49 15.39
C TRP D 573 33.58 8.81 15.93
N LEU D 574 33.24 8.24 17.07
CA LEU D 574 31.96 8.53 17.75
C LEU D 574 30.75 8.32 16.84
N ILE D 575 30.65 7.12 16.27
CA ILE D 575 29.48 6.75 15.50
C ILE D 575 28.35 6.50 16.47
N THR D 576 27.16 6.97 16.13
CA THR D 576 25.99 6.84 16.99
C THR D 576 25.25 5.54 16.66
N ASP D 577 25.03 4.71 17.68
CA ASP D 577 24.24 3.49 17.52
C ASP D 577 22.90 3.61 18.25
N MET D 578 21.83 3.78 17.49
CA MET D 578 20.49 3.97 18.04
C MET D 578 19.94 2.71 18.74
N ARG D 579 20.50 1.55 18.40
CA ARG D 579 19.99 0.28 18.93
C ARG D 579 20.65 -0.09 20.25
N ARG D 580 21.58 0.75 20.68
CA ARG D 580 22.28 0.56 21.95
C ARG D 580 21.33 0.62 23.15
N GLY D 581 21.50 -0.33 24.07
CA GLY D 581 20.58 -0.49 25.19
C GLY D 581 21.18 -0.10 26.54
N GLU D 582 22.50 0.02 26.60
CA GLU D 582 23.18 0.37 27.85
C GLU D 582 23.99 1.66 27.76
N THR D 583 24.01 2.41 28.86
CA THR D 583 24.86 3.58 28.96
C THR D 583 26.29 3.12 29.18
N ILE D 584 27.25 4.02 28.98
CA ILE D 584 28.65 3.66 29.13
C ILE D 584 29.01 3.24 30.56
N PHE D 585 28.18 3.65 31.52
CA PHE D 585 28.42 3.35 32.92
C PHE D 585 27.96 1.95 33.28
N GLU D 586 26.94 1.48 32.57
CA GLU D 586 26.45 0.12 32.75
C GLU D 586 27.40 -0.89 32.09
N ILE D 587 28.12 -0.43 31.07
CA ILE D 587 29.04 -1.27 30.33
C ILE D 587 30.38 -1.37 31.08
N ASP D 588 30.79 -0.28 31.69
CA ASP D 588 32.04 -0.20 32.43
C ASP D 588 31.77 0.62 33.69
N PRO D 589 31.45 -0.06 34.81
CA PRO D 589 31.09 0.63 36.05
C PRO D 589 32.14 1.65 36.49
N HIS D 590 33.41 1.24 36.46
CA HIS D 590 34.49 2.07 36.96
C HIS D 590 34.46 3.46 36.38
N LEU D 591 34.10 3.56 35.11
CA LEU D 591 34.07 4.85 34.43
C LEU D 591 33.29 5.85 35.26
N GLN D 592 32.21 5.40 35.89
CA GLN D 592 31.37 6.31 36.63
C GLN D 592 32.25 6.98 37.66
N GLU D 593 33.07 6.20 38.36
CA GLU D 593 33.94 6.78 39.37
C GLU D 593 34.90 7.77 38.74
N ARG D 594 35.29 7.49 37.50
CA ARG D 594 36.26 8.34 36.84
C ARG D 594 35.54 9.67 36.67
N VAL D 595 34.22 9.60 36.46
CA VAL D 595 33.45 10.81 36.27
C VAL D 595 33.37 11.51 37.61
N ASP D 596 32.99 10.75 38.64
CA ASP D 596 32.78 11.31 39.97
C ASP D 596 34.01 11.98 40.55
N LYS D 597 35.18 11.36 40.41
CA LYS D 597 36.43 11.99 40.85
C LYS D 597 36.61 13.30 40.09
N GLY D 598 36.34 13.27 38.78
CA GLY D 598 36.50 14.44 37.95
C GLY D 598 35.61 15.60 38.34
N ILE D 599 34.34 15.32 38.61
CA ILE D 599 33.39 16.37 38.95
C ILE D 599 33.75 17.10 40.24
N GLU D 600 34.18 16.36 41.26
CA GLU D 600 34.48 17.00 42.54
C GLU D 600 35.76 17.84 42.55
N THR D 601 36.79 17.38 41.85
CA THR D 601 38.09 18.03 41.87
C THR D 601 38.10 19.22 40.93
N ASP D 602 37.41 19.09 39.80
CA ASP D 602 37.39 20.13 38.79
C ASP D 602 36.06 20.87 38.73
N GLY D 603 34.99 20.25 39.22
CA GLY D 603 33.68 20.85 39.17
C GLY D 603 33.07 20.66 37.80
N SER D 604 32.21 21.59 37.43
CA SER D 604 31.52 21.56 36.15
C SER D 604 32.22 22.48 35.16
N ASN D 605 32.16 22.10 33.89
CA ASN D 605 32.78 22.84 32.81
C ASN D 605 31.82 23.87 32.21
N LEU D 606 30.56 23.83 32.65
CA LEU D 606 29.49 24.54 31.96
C LEU D 606 29.32 25.97 32.42
N SER D 607 29.67 26.95 31.59
CA SER D 607 29.55 28.34 32.00
C SER D 607 28.09 28.80 32.11
N GLY D 608 27.23 28.22 31.29
CA GLY D 608 25.84 28.63 31.25
C GLY D 608 24.97 27.76 30.36
N VAL D 609 23.69 28.09 30.33
CA VAL D 609 22.70 27.32 29.57
C VAL D 609 21.60 28.24 29.05
N SER D 610 21.05 27.89 27.90
CA SER D 610 19.89 28.60 27.35
C SER D 610 18.65 27.79 27.71
N ALA D 611 17.72 28.42 28.42
CA ALA D 611 16.59 27.70 28.99
C ALA D 611 15.36 28.58 29.18
N LYS D 612 14.24 27.93 29.49
CA LYS D 612 13.02 28.63 29.84
C LYS D 612 13.13 29.12 31.28
N CYS D 613 13.26 30.42 31.46
CA CYS D 613 13.46 31.01 32.77
C CYS D 613 13.04 32.47 32.80
N ALA D 614 13.00 33.05 34.00
CA ALA D 614 12.62 34.46 34.14
C ALA D 614 12.97 35.00 35.52
N TRP D 615 12.88 36.32 35.65
CA TRP D 615 13.13 36.99 36.92
C TRP D 615 12.22 38.20 37.11
N ASP D 616 12.12 38.66 38.36
CA ASP D 616 11.21 39.74 38.71
C ASP D 616 11.59 40.34 40.06
N ILE D 626 20.94 50.92 29.10
CA ILE D 626 19.98 51.63 29.93
C ILE D 626 20.60 52.05 31.27
N ARG D 627 20.46 51.19 32.28
CA ARG D 627 21.00 51.45 33.62
C ARG D 627 21.17 50.19 34.45
N THR D 628 22.11 50.26 35.39
CA THR D 628 22.25 49.24 36.41
C THR D 628 21.48 49.67 37.66
N ARG D 629 20.60 48.80 38.15
CA ARG D 629 19.78 49.09 39.32
C ARG D 629 19.78 47.90 40.26
N GLN D 630 20.07 48.22 41.51
CA GLN D 630 20.13 47.26 42.59
C GLN D 630 18.75 47.07 43.20
N LEU D 631 18.45 45.82 43.57
CA LEU D 631 17.12 45.42 44.03
C LEU D 631 17.16 44.79 45.41
N GLU D 632 16.18 45.15 46.23
CA GLU D 632 16.04 44.60 47.57
C GLU D 632 15.47 43.18 47.48
N SER D 633 14.58 42.97 46.52
CA SER D 633 13.97 41.67 46.30
C SER D 633 14.18 41.22 44.87
N VAL D 634 14.17 39.90 44.69
CA VAL D 634 14.29 39.28 43.38
C VAL D 634 13.39 38.07 43.42
N HIS D 635 12.74 37.78 42.31
CA HIS D 635 11.92 36.59 42.23
C HIS D 635 12.26 35.83 40.97
N LEU D 636 12.85 34.65 41.13
CA LEU D 636 13.29 33.89 39.95
C LEU D 636 12.31 32.78 39.61
N LYS D 637 12.15 32.55 38.31
CA LYS D 637 11.21 31.55 37.81
C LYS D 637 11.91 30.66 36.81
N PHE D 638 11.69 29.35 36.96
CA PHE D 638 12.34 28.36 36.10
C PHE D 638 11.33 27.34 35.63
N ASN D 639 11.66 26.62 34.57
CA ASN D 639 10.90 25.43 34.20
C ASN D 639 11.53 24.27 34.97
N GLN D 640 10.90 23.11 34.91
CA GLN D 640 11.39 21.95 35.63
C GLN D 640 12.83 21.58 35.26
N GLU D 641 13.11 21.52 33.97
CA GLU D 641 14.44 21.14 33.50
C GLU D 641 15.51 22.13 33.96
N SER D 642 15.29 23.42 33.69
CA SER D 642 16.20 24.47 34.13
C SER D 642 16.30 24.51 35.64
N GLY D 643 15.17 24.31 36.31
CA GLY D 643 15.13 24.27 37.76
C GLY D 643 15.97 23.14 38.31
N ALA D 644 15.95 22.00 37.62
CA ALA D 644 16.72 20.84 38.03
C ALA D 644 18.24 21.04 37.96
N LEU D 645 18.68 22.10 37.28
CA LEU D 645 20.10 22.41 37.16
C LEU D 645 20.61 23.30 38.29
N ILE D 646 19.70 23.86 39.09
CA ILE D 646 20.09 24.72 40.19
C ILE D 646 21.06 24.04 41.17
N PRO D 647 20.79 22.79 41.58
CA PRO D 647 21.76 22.12 42.44
C PRO D 647 23.14 22.01 41.78
N LEU D 648 23.17 21.84 40.46
CA LEU D 648 24.42 21.83 39.74
C LEU D 648 25.00 23.24 39.77
N CYS D 649 24.15 24.23 39.50
CA CYS D 649 24.59 25.62 39.47
C CYS D 649 25.26 26.00 40.78
N LEU D 650 24.65 25.61 41.90
CA LEU D 650 25.16 25.94 43.21
C LEU D 650 26.40 25.10 43.54
N ARG D 651 26.19 23.80 43.65
CA ARG D 651 27.29 22.89 43.93
C ARG D 651 28.29 22.85 42.81
N GLY D 652 27.81 22.81 41.57
CA GLY D 652 28.70 22.61 40.44
C GLY D 652 29.63 23.77 40.14
N ARG D 653 29.14 25.00 40.28
CA ARG D 653 29.97 26.16 39.96
C ARG D 653 30.20 27.13 41.12
N LEU D 654 29.14 27.46 41.86
CA LEU D 654 29.24 28.49 42.87
C LEU D 654 30.20 28.02 43.98
N LEU D 655 30.09 26.77 44.40
CA LEU D 655 31.00 26.25 45.42
C LEU D 655 32.45 26.13 44.95
N HIS D 656 32.68 26.26 43.65
CA HIS D 656 34.03 26.16 43.11
C HIS D 656 34.50 27.54 42.65
N GLY D 657 33.84 28.57 43.17
CA GLY D 657 34.21 29.95 42.92
C GLY D 657 33.95 30.42 41.50
N ARG D 658 33.14 29.65 40.78
CA ARG D 658 32.72 30.01 39.42
C ARG D 658 31.27 30.46 39.34
N HIS D 659 30.94 31.09 38.22
CA HIS D 659 29.60 31.64 37.98
C HIS D 659 28.83 30.72 37.04
N PHE D 660 27.52 30.92 36.98
CA PHE D 660 26.65 30.19 36.05
C PHE D 660 25.57 31.11 35.49
N THR D 661 25.34 31.01 34.19
CA THR D 661 24.39 31.88 33.52
C THR D 661 23.24 31.14 32.85
N TYR D 662 22.04 31.55 33.21
CA TYR D 662 20.80 31.17 32.53
C TYR D 662 20.45 32.24 31.51
N LYS D 663 20.29 31.84 30.25
CA LYS D 663 19.87 32.77 29.22
C LYS D 663 18.56 32.27 28.62
N SER D 664 17.58 33.17 28.47
CA SER D 664 16.32 32.78 27.86
C SER D 664 16.55 32.63 26.37
N ILE D 665 15.89 31.63 25.78
CA ILE D 665 16.04 31.35 24.36
C ILE D 665 15.21 32.32 23.54
N THR D 666 14.02 32.60 24.03
CA THR D 666 13.08 33.50 23.38
C THR D 666 13.38 34.96 23.70
N GLY D 667 13.74 35.24 24.95
CA GLY D 667 13.97 36.61 25.40
C GLY D 667 15.40 37.13 25.39
N ASP D 668 15.55 38.31 25.99
CA ASP D 668 16.86 38.93 26.19
C ASP D 668 17.24 38.82 27.66
N MET D 669 16.38 38.16 28.44
CA MET D 669 16.60 38.03 29.87
C MET D 669 17.70 37.06 30.18
N ALA D 670 18.36 37.27 31.31
CA ALA D 670 19.40 36.37 31.77
C ALA D 670 19.53 36.43 33.30
N ILE D 671 19.99 35.33 33.87
CA ILE D 671 20.27 35.27 35.31
C ILE D 671 21.66 34.69 35.49
N THR D 672 22.56 35.48 36.07
CA THR D 672 23.93 35.02 36.30
C THR D 672 24.16 34.83 37.79
N PHE D 673 24.31 33.59 38.20
CA PHE D 673 24.72 33.26 39.56
C PHE D 673 26.21 33.45 39.69
N VAL D 674 26.61 34.13 40.76
CA VAL D 674 28.00 34.47 40.98
C VAL D 674 28.35 34.07 42.41
N SER D 675 29.53 33.49 42.59
CA SER D 675 30.05 33.14 43.92
C SER D 675 31.21 34.03 44.32
N THR D 676 31.72 33.85 45.53
CA THR D 676 32.94 34.54 45.97
C THR D 676 34.15 33.96 45.24
N GLY D 677 35.14 34.82 44.97
CA GLY D 677 36.32 34.43 44.23
C GLY D 677 36.20 34.74 42.76
N VAL D 678 35.11 35.42 42.41
CA VAL D 678 34.86 35.93 41.07
C VAL D 678 35.37 37.36 40.95
N GLU D 679 35.79 37.74 39.75
CA GLU D 679 36.20 39.11 39.50
C GLU D 679 35.44 39.70 38.32
N GLY D 680 35.20 41.00 38.39
CA GLY D 680 34.47 41.71 37.35
C GLY D 680 33.03 41.98 37.69
N ALA D 681 32.53 41.34 38.75
CA ALA D 681 31.12 41.48 39.12
C ALA D 681 30.83 42.87 39.67
N PHE D 682 29.69 43.43 39.28
CA PHE D 682 29.20 44.69 39.85
C PHE D 682 28.38 44.39 41.10
N ALA D 683 28.06 43.12 41.30
CA ALA D 683 27.33 42.66 42.47
C ALA D 683 28.29 42.52 43.64
N THR D 684 27.96 43.17 44.75
CA THR D 684 28.76 43.08 45.96
C THR D 684 28.03 42.12 46.88
N GLU D 685 28.73 41.55 47.85
CA GLU D 685 28.07 40.74 48.87
C GLU D 685 27.02 41.57 49.61
N GLU D 686 27.35 42.83 49.86
CA GLU D 686 26.45 43.75 50.55
C GLU D 686 25.18 43.97 49.75
N HIS D 687 25.33 44.09 48.43
CA HIS D 687 24.18 44.26 47.53
C HIS D 687 24.13 43.02 46.64
N PRO D 688 23.45 41.97 47.11
CA PRO D 688 23.45 40.67 46.44
C PRO D 688 22.94 40.73 45.01
N TYR D 689 21.90 41.52 44.78
CA TYR D 689 21.16 41.50 43.51
C TYR D 689 21.30 42.80 42.72
N ALA D 690 21.75 42.68 41.48
CA ALA D 690 21.90 43.83 40.59
C ALA D 690 21.50 43.43 39.18
N ALA D 691 21.06 44.40 38.38
CA ALA D 691 20.49 44.13 37.04
C ALA D 691 20.87 45.18 36.02
N HIS D 692 21.65 44.80 35.01
CA HIS D 692 22.03 45.72 33.95
C HIS D 692 21.07 45.58 32.76
N GLY D 693 19.77 45.61 33.06
CA GLY D 693 18.73 45.41 32.04
C GLY D 693 17.98 44.10 32.25
N PRO D 694 17.73 43.36 31.16
CA PRO D 694 17.13 42.05 31.35
C PRO D 694 18.14 41.08 31.96
N TRP D 695 19.40 41.50 31.94
CA TRP D 695 20.50 40.71 32.49
C TRP D 695 20.53 40.95 33.99
N LEU D 696 20.38 39.89 34.78
CA LEU D 696 20.38 40.03 36.22
C LEU D 696 21.52 39.22 36.83
N GLN D 697 22.26 39.84 37.74
CA GLN D 697 23.32 39.18 38.52
C GLN D 697 22.98 39.11 40.00
N ILE D 698 23.09 37.90 40.56
CA ILE D 698 22.94 37.70 42.01
C ILE D 698 24.19 37.05 42.58
N LEU D 699 24.66 37.61 43.68
CA LEU D 699 25.82 37.08 44.37
C LEU D 699 25.29 36.33 45.58
N LEU D 700 25.69 35.07 45.70
CA LEU D 700 25.29 34.24 46.82
C LEU D 700 26.53 33.85 47.59
N THR D 701 26.38 33.73 48.90
CA THR D 701 27.51 33.41 49.76
C THR D 701 27.57 31.90 49.91
N GLU D 702 28.78 31.38 50.10
CA GLU D 702 29.02 29.95 50.19
C GLU D 702 28.13 29.32 51.26
N GLU D 703 28.04 30.01 52.39
CA GLU D 703 27.25 29.57 53.53
C GLU D 703 25.80 29.40 53.06
N PHE D 704 25.28 30.45 52.43
CA PHE D 704 23.92 30.45 51.95
C PHE D 704 23.75 29.46 50.80
N VAL D 705 24.80 29.30 50.00
CA VAL D 705 24.77 28.31 48.93
C VAL D 705 24.57 26.91 49.52
N GLU D 706 25.34 26.57 50.56
CA GLU D 706 25.16 25.28 51.23
C GLU D 706 23.78 25.12 51.84
N LYS D 707 23.34 26.13 52.59
CA LYS D 707 22.00 26.09 53.16
C LYS D 707 20.96 25.88 52.08
N MET D 708 21.16 26.58 50.97
CA MET D 708 20.24 26.51 49.86
C MET D 708 20.25 25.08 49.33
N LEU D 709 21.44 24.51 49.16
CA LEU D 709 21.56 23.12 48.73
C LEU D 709 20.86 22.19 49.72
N GLU D 710 21.00 22.49 51.01
CA GLU D 710 20.38 21.70 52.07
C GLU D 710 18.86 21.72 51.90
N ASP D 711 18.31 22.90 51.62
CA ASP D 711 16.87 23.04 51.41
C ASP D 711 16.32 22.35 50.16
N LEU D 712 17.08 22.41 49.07
CA LEU D 712 16.55 21.99 47.76
C LEU D 712 16.60 20.50 47.53
N GLU D 713 15.43 19.88 47.47
CA GLU D 713 15.29 18.48 47.09
C GLU D 713 14.18 18.41 46.06
N ASP D 714 14.49 18.93 44.87
CA ASP D 714 13.49 19.20 43.84
C ASP D 714 13.23 18.02 42.90
N LEU D 715 14.11 17.02 42.93
CA LEU D 715 13.97 15.84 42.09
C LEU D 715 12.65 15.14 42.35
N ALA D 719 6.57 18.13 42.74
CA ALA D 719 5.21 18.66 42.75
C ALA D 719 5.23 20.09 42.20
N LEU D 720 4.40 20.44 41.24
CA LEU D 720 4.45 21.80 40.68
C LEU D 720 3.06 22.41 40.44
N PRO D 721 2.96 23.75 40.46
CA PRO D 721 4.03 24.75 40.68
C PRO D 721 4.53 24.80 42.12
N LYS D 722 5.85 24.99 42.28
CA LYS D 722 6.47 24.95 43.60
C LYS D 722 7.24 26.21 43.92
N GLU D 723 7.02 26.69 45.14
CA GLU D 723 7.50 27.99 45.57
C GLU D 723 8.50 27.82 46.73
N TYR D 724 9.66 28.45 46.57
CA TYR D 724 10.68 28.51 47.62
C TYR D 724 10.92 29.94 48.06
N SER D 725 11.14 30.09 49.36
CA SER D 725 11.29 31.41 49.95
C SER D 725 12.39 31.44 51.00
N TRP D 726 12.97 32.62 51.16
CA TRP D 726 13.99 32.91 52.17
C TRP D 726 13.77 34.36 52.60
N PRO D 727 14.44 34.80 53.68
CA PRO D 727 14.24 36.21 54.05
C PRO D 727 14.65 37.18 52.93
N GLU D 728 15.55 36.77 52.04
CA GLU D 728 16.02 37.69 51.00
C GLU D 728 15.37 37.47 49.63
N LYS D 729 14.85 36.29 49.35
CA LYS D 729 14.47 35.99 47.97
C LYS D 729 13.50 34.80 47.76
N LYS D 730 12.78 34.83 46.63
CA LYS D 730 11.82 33.77 46.28
C LYS D 730 12.09 33.17 44.90
N LEU D 731 11.82 31.86 44.79
CA LEU D 731 12.11 31.06 43.59
C LEU D 731 11.03 30.03 43.25
N LYS D 732 10.44 30.19 42.07
CA LYS D 732 9.40 29.31 41.53
C LYS D 732 9.85 28.39 40.39
N VAL D 733 9.22 27.23 40.29
CA VAL D 733 9.30 26.42 39.07
C VAL D 733 7.93 26.06 38.47
N SER D 734 7.68 26.45 37.23
CA SER D 734 6.49 26.03 36.52
C SER D 734 6.85 25.90 35.04
N ILE D 735 6.06 25.13 34.26
CA ILE D 735 6.44 24.82 32.87
C ILE D 735 5.63 25.55 31.80
N LEU D 736 4.33 25.75 32.03
CA LEU D 736 3.49 26.41 31.03
C LEU D 736 3.76 27.91 30.81
N PRO D 737 3.89 28.72 31.88
CA PRO D 737 3.90 30.18 31.76
C PRO D 737 5.02 30.68 30.86
N ASP D 738 6.18 30.03 30.95
CA ASP D 738 7.32 30.41 30.14
C ASP D 738 7.08 30.26 28.64
N VAL D 739 6.05 29.52 28.23
CA VAL D 739 5.87 29.23 26.81
C VAL D 739 5.21 30.42 26.12
N VAL D 740 4.51 31.23 26.91
CA VAL D 740 3.90 32.48 26.43
C VAL D 740 4.28 33.65 27.34
N GLU D 747 8.47 36.37 20.33
CA GLU D 747 8.86 37.15 19.17
C GLU D 747 9.87 36.30 18.39
N HIS D 748 9.65 36.17 17.08
CA HIS D 748 10.40 35.21 16.27
C HIS D 748 11.67 35.82 15.69
N HIS D 749 12.62 34.97 15.32
CA HIS D 749 13.86 35.39 14.72
C HIS D 749 14.01 34.81 13.36
N HIS D 750 14.31 35.62 12.36
CA HIS D 750 14.36 35.13 10.98
C HIS D 750 15.68 35.41 10.26
N HIS D 751 16.23 34.36 9.64
CA HIS D 751 17.46 34.44 8.84
C HIS D 751 18.64 34.85 9.71
N HIS D 752 19.78 35.08 9.05
CA HIS D 752 20.99 35.55 9.72
C HIS D 752 21.37 36.94 9.24
N HIS D 753 20.49 37.56 8.46
CA HIS D 753 20.65 38.94 8.00
C HIS D 753 21.25 39.86 9.06
N SER E 6 -24.09 4.03 39.05
CA SER E 6 -25.22 3.36 39.65
C SER E 6 -26.13 2.71 38.60
N TYR E 7 -25.77 2.84 37.33
CA TYR E 7 -26.57 2.27 36.25
C TYR E 7 -25.71 1.55 35.21
N GLY E 8 -26.28 0.54 34.57
CA GLY E 8 -25.57 -0.25 33.59
C GLY E 8 -26.21 -0.22 32.21
N HIS E 9 -25.38 -0.05 31.19
CA HIS E 9 -25.83 -0.10 29.81
C HIS E 9 -25.13 -1.27 29.13
N LEU E 10 -25.87 -2.22 28.59
CA LEU E 10 -25.23 -3.45 28.13
C LEU E 10 -25.29 -3.63 26.61
N SER E 11 -24.14 -3.99 26.05
CA SER E 11 -24.02 -4.28 24.62
C SER E 11 -24.48 -3.08 23.81
N ALA E 12 -23.91 -1.93 24.10
CA ALA E 12 -24.31 -0.68 23.46
C ALA E 12 -24.07 -0.74 21.95
N SER E 13 -23.07 -1.50 21.53
CA SER E 13 -22.84 -1.75 20.11
C SER E 13 -23.98 -2.58 19.53
N SER F 6 -17.27 -43.18 5.24
CA SER F 6 -17.00 -44.54 4.78
C SER F 6 -16.24 -44.55 3.45
N TYR F 7 -15.90 -43.37 2.93
CA TYR F 7 -15.12 -43.26 1.70
C TYR F 7 -14.04 -42.20 1.85
N GLY F 8 -12.92 -42.37 1.16
CA GLY F 8 -11.79 -41.45 1.25
C GLY F 8 -11.41 -40.81 -0.06
N HIS F 9 -11.19 -39.49 -0.03
CA HIS F 9 -10.74 -38.74 -1.20
C HIS F 9 -9.38 -38.09 -0.95
N LEU F 10 -8.41 -38.42 -1.80
CA LEU F 10 -7.03 -37.98 -1.60
C LEU F 10 -6.53 -37.03 -2.68
N SER F 11 -5.83 -35.99 -2.24
CA SER F 11 -5.22 -35.01 -3.14
C SER F 11 -6.26 -34.35 -4.03
N ALA F 12 -7.32 -33.84 -3.40
CA ALA F 12 -8.42 -33.20 -4.11
C ALA F 12 -7.98 -31.91 -4.80
N SER F 13 -6.97 -31.25 -4.24
CA SER F 13 -6.39 -30.06 -4.86
C SER F 13 -5.70 -30.41 -6.18
N SER G 6 38.74 -25.81 -7.18
CA SER G 6 40.16 -25.54 -7.41
C SER G 6 40.41 -24.08 -7.78
N TYR G 7 39.35 -23.27 -7.81
CA TYR G 7 39.48 -21.85 -8.13
C TYR G 7 38.66 -20.96 -7.18
N GLY G 8 39.14 -19.75 -6.96
CA GLY G 8 38.49 -18.80 -6.06
C GLY G 8 38.13 -17.50 -6.74
N HIS G 9 36.91 -17.04 -6.51
CA HIS G 9 36.45 -15.75 -7.02
C HIS G 9 36.10 -14.87 -5.82
N LEU G 10 36.74 -13.72 -5.71
CA LEU G 10 36.62 -12.89 -4.51
C LEU G 10 35.94 -11.53 -4.75
N SER G 11 35.00 -11.23 -3.86
CA SER G 11 34.28 -9.95 -3.84
C SER G 11 33.57 -9.67 -5.16
N ALA G 12 32.77 -10.65 -5.59
CA ALA G 12 32.05 -10.57 -6.86
C ALA G 12 31.02 -9.45 -6.88
N SER G 13 30.50 -9.11 -5.69
CA SER G 13 29.57 -8.00 -5.56
C SER G 13 30.23 -6.66 -5.89
N SER H 6 30.95 23.42 27.06
CA SER H 6 30.94 24.54 27.99
C SER H 6 29.61 25.29 27.96
N TYR H 7 28.70 24.85 27.09
CA TYR H 7 27.38 25.46 26.98
C TYR H 7 26.29 24.42 26.81
N GLY H 8 25.09 24.74 27.29
CA GLY H 8 23.95 23.83 27.20
C GLY H 8 22.80 24.45 26.44
N HIS H 9 22.24 23.69 25.52
CA HIS H 9 21.06 24.11 24.77
C HIS H 9 19.95 23.11 25.09
N LEU H 10 18.84 23.59 25.64
CA LEU H 10 17.82 22.66 26.15
C LEU H 10 16.52 22.72 25.36
N SER H 11 15.99 21.54 25.03
CA SER H 11 14.71 21.42 24.34
C SER H 11 14.74 22.19 23.03
N ALA H 12 15.73 21.88 22.20
CA ALA H 12 15.93 22.55 20.92
C ALA H 12 14.73 22.35 20.00
N SER H 13 14.02 21.24 20.17
CA SER H 13 12.78 21.00 19.42
C SER H 13 11.72 22.03 19.81
#